data_2LYX
#
_entry.id   2LYX
#
_entity_poly.entity_id   1
_entity_poly.type   'polypeptide(L)'
_entity_poly.pdbx_seq_one_letter_code
;GEETPLVTARHMSKWEEIAVKEAKKRYPLAQVLFKQKVWDRKRKDEAVKQYHLTLREGSKEFGVFVTISFDPYSQKVNKI
AILEEYQ
;
_entity_poly.pdbx_strand_id   A
#
# COMPACT_ATOMS: atom_id res chain seq x y z
N GLY A 1 -16.07 12.46 2.36
CA GLY A 1 -14.90 13.11 1.78
C GLY A 1 -14.35 12.24 0.67
N GLU A 2 -13.64 12.83 -0.29
CA GLU A 2 -12.93 12.08 -1.31
C GLU A 2 -11.63 11.57 -0.71
N GLU A 3 -11.74 10.56 0.14
CA GLU A 3 -10.61 9.96 0.83
C GLU A 3 -10.06 8.78 0.04
N THR A 4 -10.91 8.10 -0.73
CA THR A 4 -10.55 7.16 -1.78
C THR A 4 -11.72 7.09 -2.77
N PRO A 5 -11.54 6.54 -3.98
CA PRO A 5 -12.61 6.42 -4.97
C PRO A 5 -13.53 5.25 -4.59
N LEU A 6 -14.49 5.50 -3.70
CA LEU A 6 -15.40 4.47 -3.20
C LEU A 6 -16.70 5.11 -2.70
N VAL A 7 -17.33 5.88 -3.58
CA VAL A 7 -18.59 6.58 -3.34
C VAL A 7 -19.73 5.67 -2.84
N THR A 8 -19.60 4.35 -2.98
CA THR A 8 -20.59 3.37 -2.57
C THR A 8 -19.94 1.98 -2.39
N ALA A 9 -18.61 1.90 -2.26
CA ALA A 9 -17.84 0.73 -2.66
C ALA A 9 -16.73 0.33 -1.67
N ARG A 10 -16.91 0.61 -0.38
CA ARG A 10 -16.08 0.10 0.71
C ARG A 10 -15.85 -1.41 0.58
N HIS A 11 -14.64 -1.82 0.24
CA HIS A 11 -14.21 -3.20 0.17
C HIS A 11 -12.68 -3.18 0.23
N MET A 12 -12.13 -3.09 1.44
CA MET A 12 -10.71 -3.01 1.71
C MET A 12 -10.12 -4.42 1.80
N SER A 13 -8.80 -4.55 1.61
CA SER A 13 -8.07 -5.81 1.67
C SER A 13 -7.38 -5.96 3.03
N LYS A 14 -6.78 -7.15 3.25
CA LYS A 14 -6.06 -7.51 4.47
C LYS A 14 -4.94 -6.51 4.76
N TRP A 15 -4.10 -6.24 3.75
CA TRP A 15 -2.87 -5.48 3.92
C TRP A 15 -3.04 -4.06 3.35
N GLU A 16 -4.24 -3.69 2.89
CA GLU A 16 -4.59 -2.39 2.31
C GLU A 16 -4.46 -1.24 3.31
N GLU A 17 -4.11 -1.53 4.57
CA GLU A 17 -3.95 -0.63 5.70
C GLU A 17 -2.51 -0.63 6.25
N ILE A 18 -1.90 -1.80 6.48
CA ILE A 18 -0.48 -1.94 6.81
C ILE A 18 0.36 -1.17 5.78
N ALA A 19 0.00 -1.30 4.49
CA ALA A 19 0.63 -0.52 3.45
C ALA A 19 0.51 0.98 3.67
N VAL A 20 -0.69 1.46 4.03
CA VAL A 20 -0.96 2.88 4.26
C VAL A 20 -0.11 3.39 5.41
N LYS A 21 -0.09 2.64 6.52
CA LYS A 21 0.56 3.08 7.74
C LYS A 21 2.03 3.36 7.47
N GLU A 22 2.70 2.43 6.78
CA GLU A 22 4.08 2.64 6.33
C GLU A 22 4.15 3.79 5.32
N ALA A 23 3.24 3.83 4.35
CA ALA A 23 3.24 4.84 3.29
C ALA A 23 2.96 6.26 3.78
N LYS A 24 2.39 6.50 4.98
CA LYS A 24 2.46 7.85 5.58
C LYS A 24 3.73 8.02 6.38
N LYS A 25 4.21 6.98 7.07
CA LYS A 25 5.16 7.19 8.14
C LYS A 25 6.55 7.45 7.58
N ARG A 26 6.89 6.78 6.48
CA ARG A 26 8.17 6.92 5.79
C ARG A 26 8.26 8.19 4.93
N TYR A 27 7.25 9.06 4.99
CA TYR A 27 7.10 10.18 4.06
C TYR A 27 6.76 11.41 4.89
N PRO A 28 7.75 11.92 5.64
CA PRO A 28 7.53 12.91 6.68
C PRO A 28 7.29 14.31 6.10
N LEU A 29 7.66 14.58 4.85
CA LEU A 29 7.34 15.86 4.21
C LEU A 29 5.95 15.81 3.58
N ALA A 30 5.31 14.63 3.52
CA ALA A 30 4.18 14.36 2.63
C ALA A 30 2.98 13.81 3.41
N GLN A 31 1.89 13.53 2.68
CA GLN A 31 0.63 12.96 3.18
C GLN A 31 0.19 11.90 2.18
N VAL A 32 -0.43 10.79 2.61
CA VAL A 32 -0.91 9.74 1.72
C VAL A 32 -2.43 9.87 1.60
N LEU A 33 -3.00 9.90 0.40
CA LEU A 33 -4.42 10.25 0.17
C LEU A 33 -5.16 9.22 -0.69
N PHE A 34 -4.57 8.06 -1.00
CA PHE A 34 -5.18 7.05 -1.86
C PHE A 34 -4.97 5.66 -1.28
N LYS A 35 -5.68 4.67 -1.82
CA LYS A 35 -5.51 3.24 -1.59
C LYS A 35 -5.97 2.53 -2.87
N GLN A 36 -5.06 2.04 -3.69
CA GLN A 36 -5.37 1.22 -4.87
C GLN A 36 -4.65 -0.12 -4.76
N LYS A 37 -5.26 -1.19 -5.28
CA LYS A 37 -4.61 -2.48 -5.40
C LYS A 37 -3.77 -2.52 -6.67
N VAL A 38 -3.05 -3.62 -6.82
CA VAL A 38 -2.18 -3.96 -7.94
C VAL A 38 -2.40 -5.46 -8.21
N TRP A 39 -1.48 -6.10 -8.94
CA TRP A 39 -1.28 -7.54 -8.94
C TRP A 39 -1.27 -8.12 -7.51
N ASP A 40 -1.50 -9.43 -7.39
CA ASP A 40 -1.08 -10.22 -6.23
C ASP A 40 -1.00 -11.70 -6.62
N ARG A 41 -0.37 -12.50 -5.75
CA ARG A 41 -0.30 -13.95 -5.92
C ARG A 41 -0.07 -14.64 -4.57
N LYS A 42 0.17 -15.96 -4.60
CA LYS A 42 0.98 -16.61 -3.57
C LYS A 42 2.00 -17.56 -4.20
N ARG A 43 2.86 -18.13 -3.37
CA ARG A 43 3.89 -19.12 -3.68
C ARG A 43 3.54 -20.36 -2.86
N LYS A 44 4.47 -21.31 -2.69
CA LYS A 44 4.28 -22.42 -1.74
C LYS A 44 4.07 -21.85 -0.34
N ASP A 45 5.03 -21.06 0.13
CA ASP A 45 5.24 -20.71 1.53
C ASP A 45 5.77 -19.28 1.65
N GLU A 46 5.33 -18.41 0.72
CA GLU A 46 5.25 -16.96 0.87
C GLU A 46 4.06 -16.50 0.01
N ALA A 47 3.65 -15.24 0.14
CA ALA A 47 2.61 -14.59 -0.62
C ALA A 47 2.90 -13.10 -0.65
N VAL A 48 2.35 -12.40 -1.65
CA VAL A 48 2.61 -10.97 -1.85
C VAL A 48 1.31 -10.34 -2.35
N LYS A 49 0.88 -9.26 -1.68
CA LYS A 49 -0.21 -8.37 -2.08
C LYS A 49 0.33 -6.98 -1.79
N GLN A 50 1.03 -6.36 -2.75
CA GLN A 50 1.42 -4.96 -2.61
C GLN A 50 0.20 -4.08 -2.92
N TYR A 51 0.38 -2.76 -2.82
CA TYR A 51 -0.60 -1.73 -3.14
C TYR A 51 0.13 -0.55 -3.75
N HIS A 52 -0.63 0.37 -4.32
CA HIS A 52 -0.13 1.66 -4.76
C HIS A 52 -1.03 2.72 -4.12
N LEU A 53 -0.43 3.69 -3.45
CA LEU A 53 -1.11 4.82 -2.88
C LEU A 53 -0.72 6.07 -3.69
N THR A 54 -1.17 7.26 -3.27
CA THR A 54 -0.70 8.54 -3.78
C THR A 54 -0.25 9.36 -2.57
N LEU A 55 1.05 9.65 -2.48
CA LEU A 55 1.58 10.67 -1.58
C LEU A 55 1.40 12.06 -2.22
N ARG A 56 1.43 13.11 -1.39
CA ARG A 56 1.38 14.52 -1.77
C ARG A 56 2.43 15.26 -0.97
N GLU A 57 3.30 16.01 -1.62
CA GLU A 57 4.43 16.71 -1.01
C GLU A 57 4.57 18.09 -1.67
N GLY A 58 4.20 19.12 -0.94
CA GLY A 58 4.34 20.51 -1.35
C GLY A 58 3.19 20.88 -2.28
N SER A 59 3.32 20.49 -3.54
CA SER A 59 2.23 20.45 -4.51
C SER A 59 2.42 19.33 -5.54
N LYS A 60 3.46 18.50 -5.42
CA LYS A 60 3.56 17.28 -6.21
C LYS A 60 2.66 16.23 -5.59
N GLU A 61 2.11 15.35 -6.40
CA GLU A 61 1.61 14.04 -6.00
C GLU A 61 2.41 12.97 -6.76
N PHE A 62 2.65 11.85 -6.10
CA PHE A 62 3.47 10.75 -6.59
C PHE A 62 3.05 9.44 -5.93
N GLY A 63 3.19 8.33 -6.65
CA GLY A 63 2.87 7.03 -6.12
C GLY A 63 4.08 6.38 -5.45
N VAL A 64 3.87 5.55 -4.44
CA VAL A 64 4.87 4.65 -3.89
C VAL A 64 4.29 3.24 -3.79
N PHE A 65 5.12 2.20 -3.78
CA PHE A 65 4.70 0.79 -3.75
C PHE A 65 5.19 0.16 -2.45
N VAL A 66 4.31 -0.56 -1.76
CA VAL A 66 4.60 -1.12 -0.45
C VAL A 66 4.76 -2.63 -0.58
N THR A 67 6.01 -3.09 -0.54
CA THR A 67 6.39 -4.48 -0.52
C THR A 67 5.91 -5.08 0.80
N ILE A 68 5.06 -6.09 0.78
CA ILE A 68 4.66 -6.86 1.94
C ILE A 68 4.82 -8.31 1.48
N SER A 69 5.77 -9.03 2.07
CA SER A 69 5.88 -10.48 1.96
C SER A 69 5.16 -11.03 3.18
N PHE A 70 4.13 -11.84 2.96
CA PHE A 70 3.40 -12.49 4.01
C PHE A 70 3.33 -13.97 3.73
N ASP A 71 2.67 -14.72 4.60
CA ASP A 71 2.58 -16.17 4.45
C ASP A 71 1.16 -16.56 4.04
N PRO A 72 0.98 -17.58 3.18
CA PRO A 72 -0.35 -18.00 2.79
C PRO A 72 -1.04 -18.80 3.90
N TYR A 73 -0.31 -19.37 4.86
CA TYR A 73 -0.87 -20.23 5.88
C TYR A 73 -1.82 -19.46 6.81
N SER A 74 -1.35 -18.35 7.39
CA SER A 74 -2.04 -17.65 8.48
C SER A 74 -1.74 -16.15 8.46
N GLN A 75 -1.22 -15.61 7.35
CA GLN A 75 -0.88 -14.20 7.21
C GLN A 75 0.13 -13.74 8.28
N LYS A 76 1.14 -14.55 8.59
CA LYS A 76 2.33 -14.02 9.24
C LYS A 76 3.00 -13.14 8.20
N VAL A 77 3.14 -11.84 8.45
CA VAL A 77 3.95 -10.97 7.60
C VAL A 77 5.41 -11.35 7.81
N ASN A 78 6.00 -11.94 6.79
CA ASN A 78 7.40 -12.35 6.78
C ASN A 78 8.26 -11.10 6.83
N LYS A 79 8.03 -10.12 5.93
CA LYS A 79 8.75 -8.85 5.90
C LYS A 79 7.93 -7.77 5.20
N ILE A 80 8.39 -6.52 5.29
CA ILE A 80 7.85 -5.36 4.58
C ILE A 80 9.06 -4.60 4.02
N ALA A 81 8.89 -3.88 2.90
CA ALA A 81 9.81 -2.86 2.41
C ALA A 81 8.99 -1.78 1.67
N ILE A 82 9.63 -0.67 1.28
CA ILE A 82 8.98 0.48 0.62
C ILE A 82 9.81 0.82 -0.63
N LEU A 83 9.14 1.34 -1.68
CA LEU A 83 9.66 1.62 -3.01
C LEU A 83 9.01 2.91 -3.49
N GLU A 84 9.79 3.82 -4.09
CA GLU A 84 9.33 5.14 -4.55
C GLU A 84 9.25 5.14 -6.07
N GLU A 85 8.19 5.71 -6.64
CA GLU A 85 8.16 6.06 -8.06
C GLU A 85 9.00 7.32 -8.28
N TYR A 86 9.53 7.51 -9.49
CA TYR A 86 10.33 8.66 -9.86
C TYR A 86 10.12 8.96 -11.34
N GLN A 87 10.06 10.23 -11.69
CA GLN A 87 9.70 10.76 -13.00
C GLN A 87 10.48 12.05 -13.18
N GLY A 1 -16.17 16.36 3.33
CA GLY A 1 -15.50 15.36 4.19
C GLY A 1 -15.19 14.08 3.44
N GLU A 2 -14.67 14.14 2.22
CA GLU A 2 -14.29 12.95 1.47
C GLU A 2 -12.84 12.60 1.81
N GLU A 3 -12.63 11.48 2.48
CA GLU A 3 -11.31 10.98 2.84
C GLU A 3 -10.51 10.61 1.58
N THR A 4 -11.08 9.77 0.72
CA THR A 4 -10.48 9.31 -0.54
C THR A 4 -11.31 9.84 -1.73
N PRO A 5 -10.79 9.78 -2.97
CA PRO A 5 -11.55 10.01 -4.19
C PRO A 5 -12.25 8.75 -4.75
N LEU A 6 -11.95 7.55 -4.23
CA LEU A 6 -12.51 6.28 -4.70
C LEU A 6 -13.82 6.03 -3.93
N VAL A 7 -14.86 6.79 -4.26
CA VAL A 7 -16.15 6.71 -3.55
C VAL A 7 -16.85 5.36 -3.82
N THR A 8 -16.40 4.61 -4.82
CA THR A 8 -16.55 3.17 -4.88
C THR A 8 -15.18 2.60 -4.55
N ALA A 9 -14.95 2.32 -3.25
CA ALA A 9 -13.98 1.37 -2.73
C ALA A 9 -14.16 1.28 -1.21
N ARG A 10 -14.37 0.06 -0.69
CA ARG A 10 -14.69 -0.25 0.71
C ARG A 10 -14.16 -1.65 1.06
N HIS A 11 -14.60 -2.22 2.18
CA HIS A 11 -14.34 -3.58 2.64
C HIS A 11 -12.84 -3.88 2.70
N MET A 12 -12.13 -3.04 3.45
CA MET A 12 -10.69 -2.94 3.57
C MET A 12 -10.07 -4.31 3.92
N SER A 13 -9.18 -4.80 3.05
CA SER A 13 -8.55 -6.13 3.16
C SER A 13 -7.64 -6.28 4.38
N LYS A 14 -7.17 -7.52 4.61
CA LYS A 14 -6.24 -7.88 5.69
C LYS A 14 -4.99 -7.02 5.64
N TRP A 15 -4.44 -6.79 4.45
CA TRP A 15 -3.17 -6.08 4.31
C TRP A 15 -3.38 -4.61 3.88
N GLU A 16 -4.63 -4.17 3.69
CA GLU A 16 -4.90 -2.85 3.12
C GLU A 16 -4.48 -1.74 4.07
N GLU A 17 -4.78 -1.87 5.37
CA GLU A 17 -4.45 -0.81 6.30
C GLU A 17 -2.95 -0.79 6.54
N ILE A 18 -2.29 -1.95 6.54
CA ILE A 18 -0.84 -2.06 6.71
C ILE A 18 -0.15 -1.27 5.60
N ALA A 19 -0.59 -1.42 4.35
CA ALA A 19 -0.05 -0.65 3.25
C ALA A 19 -0.24 0.87 3.48
N VAL A 20 -1.32 1.28 4.14
CA VAL A 20 -1.69 2.69 4.29
C VAL A 20 -0.94 3.29 5.49
N LYS A 21 -0.86 2.59 6.64
CA LYS A 21 -0.11 3.08 7.79
C LYS A 21 1.36 3.21 7.43
N GLU A 22 1.90 2.30 6.63
CA GLU A 22 3.25 2.44 6.08
C GLU A 22 3.32 3.69 5.18
N ALA A 23 2.49 3.76 4.15
CA ALA A 23 2.50 4.85 3.17
C ALA A 23 2.14 6.23 3.76
N LYS A 24 1.75 6.34 5.04
CA LYS A 24 1.71 7.62 5.74
C LYS A 24 2.88 7.75 6.71
N LYS A 25 3.31 6.70 7.43
CA LYS A 25 4.39 6.81 8.43
C LYS A 25 5.71 7.16 7.76
N ARG A 26 5.98 6.53 6.62
CA ARG A 26 7.21 6.70 5.86
C ARG A 26 7.35 8.11 5.25
N TYR A 27 6.32 8.95 5.29
CA TYR A 27 6.16 10.10 4.40
C TYR A 27 5.75 11.32 5.23
N PRO A 28 6.73 11.99 5.86
CA PRO A 28 6.54 13.09 6.79
C PRO A 28 6.42 14.46 6.09
N LEU A 29 6.73 14.52 4.80
CA LEU A 29 6.68 15.75 3.99
C LEU A 29 5.48 15.77 3.06
N ALA A 30 4.73 14.69 3.03
CA ALA A 30 3.64 14.47 2.12
C ALA A 30 2.48 13.80 2.86
N GLN A 31 1.32 13.72 2.21
CA GLN A 31 0.11 13.11 2.77
C GLN A 31 -0.35 12.02 1.83
N VAL A 32 -0.91 10.91 2.32
CA VAL A 32 -1.40 9.84 1.45
C VAL A 32 -2.92 9.99 1.31
N LEU A 33 -3.43 10.10 0.09
CA LEU A 33 -4.86 10.26 -0.24
C LEU A 33 -5.35 9.18 -1.21
N PHE A 34 -4.45 8.31 -1.65
CA PHE A 34 -4.72 7.34 -2.70
C PHE A 34 -4.50 5.91 -2.24
N LYS A 35 -5.41 4.98 -2.55
CA LYS A 35 -5.41 3.59 -2.07
C LYS A 35 -5.75 2.63 -3.23
N GLN A 36 -4.92 2.58 -4.28
CA GLN A 36 -5.17 1.77 -5.46
C GLN A 36 -4.83 0.30 -5.15
N LYS A 37 -5.36 -0.63 -5.96
CA LYS A 37 -4.87 -2.00 -5.92
C LYS A 37 -3.51 -2.09 -6.63
N VAL A 38 -2.85 -3.23 -6.48
CA VAL A 38 -1.74 -3.67 -7.28
C VAL A 38 -2.01 -5.15 -7.64
N TRP A 39 -1.11 -5.76 -8.41
CA TRP A 39 -1.10 -7.20 -8.67
C TRP A 39 -1.04 -7.96 -7.35
N ASP A 40 -1.52 -9.20 -7.36
CA ASP A 40 -1.29 -10.12 -6.25
C ASP A 40 -1.21 -11.55 -6.74
N ARG A 41 -0.53 -12.40 -5.97
CA ARG A 41 -0.10 -13.72 -6.41
C ARG A 41 0.23 -14.59 -5.20
N LYS A 42 0.47 -15.88 -5.42
CA LYS A 42 0.93 -16.81 -4.37
C LYS A 42 2.04 -17.69 -4.87
N ARG A 43 2.80 -18.27 -3.94
CA ARG A 43 3.89 -19.20 -4.16
C ARG A 43 3.76 -20.33 -3.14
N LYS A 44 4.61 -21.36 -3.25
CA LYS A 44 4.51 -22.58 -2.44
C LYS A 44 4.38 -22.28 -0.96
N ASP A 45 5.30 -21.52 -0.37
CA ASP A 45 5.26 -21.19 1.06
C ASP A 45 5.37 -19.66 1.22
N GLU A 46 4.85 -18.88 0.26
CA GLU A 46 4.88 -17.41 0.30
C GLU A 46 3.67 -16.84 -0.43
N ALA A 47 3.32 -15.59 -0.13
CA ALA A 47 2.20 -14.87 -0.73
C ALA A 47 2.54 -13.38 -0.79
N VAL A 48 1.95 -12.69 -1.77
CA VAL A 48 2.30 -11.31 -2.11
C VAL A 48 1.01 -10.59 -2.46
N LYS A 49 0.62 -9.63 -1.62
CA LYS A 49 -0.59 -8.83 -1.69
C LYS A 49 -0.26 -7.48 -1.09
N GLN A 50 -0.14 -6.46 -1.94
CA GLN A 50 -0.03 -5.09 -1.47
C GLN A 50 -1.12 -4.28 -2.17
N TYR A 51 -0.97 -2.97 -2.04
CA TYR A 51 -1.74 -1.90 -2.61
C TYR A 51 -0.68 -0.87 -3.05
N HIS A 52 -1.03 -0.01 -3.98
CA HIS A 52 -0.17 1.08 -4.45
C HIS A 52 -0.90 2.37 -4.10
N LEU A 53 -0.18 3.37 -3.63
CA LEU A 53 -0.76 4.58 -3.07
C LEU A 53 -0.13 5.78 -3.79
N THR A 54 -0.65 6.99 -3.61
CA THR A 54 -0.06 8.21 -4.15
C THR A 54 0.02 9.17 -2.97
N LEU A 55 1.23 9.66 -2.73
CA LEU A 55 1.48 10.74 -1.78
C LEU A 55 1.31 12.08 -2.46
N ARG A 56 1.14 13.14 -1.66
CA ARG A 56 0.96 14.51 -2.11
C ARG A 56 1.91 15.38 -1.29
N GLU A 57 3.01 15.84 -1.88
CA GLU A 57 3.93 16.80 -1.26
C GLU A 57 3.64 18.15 -1.91
N GLY A 58 2.97 19.03 -1.19
CA GLY A 58 2.73 20.39 -1.62
C GLY A 58 1.95 20.40 -2.93
N SER A 59 2.63 20.73 -4.02
CA SER A 59 2.10 20.84 -5.38
C SER A 59 2.57 19.70 -6.29
N LYS A 60 3.19 18.65 -5.74
CA LYS A 60 3.48 17.41 -6.45
C LYS A 60 2.64 16.29 -5.86
N GLU A 61 2.36 15.28 -6.67
CA GLU A 61 1.77 14.01 -6.31
C GLU A 61 2.61 12.95 -7.02
N PHE A 62 2.92 11.87 -6.31
CA PHE A 62 3.84 10.82 -6.74
C PHE A 62 3.34 9.47 -6.23
N GLY A 63 3.35 8.47 -7.11
CA GLY A 63 2.91 7.13 -6.77
C GLY A 63 3.97 6.42 -5.95
N VAL A 64 3.55 5.65 -4.95
CA VAL A 64 4.43 4.85 -4.11
C VAL A 64 3.94 3.41 -4.04
N PHE A 65 4.81 2.46 -4.39
CA PHE A 65 4.55 1.05 -4.08
C PHE A 65 4.85 0.76 -2.61
N VAL A 66 4.51 -0.46 -2.21
CA VAL A 66 4.60 -0.99 -0.86
C VAL A 66 5.11 -2.43 -1.05
N THR A 67 6.01 -2.88 -0.19
CA THR A 67 6.48 -4.26 -0.14
C THR A 67 5.95 -4.86 1.15
N ILE A 68 5.11 -5.88 1.03
CA ILE A 68 4.66 -6.72 2.12
C ILE A 68 4.82 -8.12 1.53
N SER A 69 5.66 -8.95 2.15
CA SER A 69 5.84 -10.34 1.78
C SER A 69 5.42 -11.14 3.01
N PHE A 70 4.50 -12.09 2.85
CA PHE A 70 3.96 -12.86 3.96
C PHE A 70 3.82 -14.31 3.56
N ASP A 71 3.37 -15.10 4.52
CA ASP A 71 3.35 -16.54 4.45
C ASP A 71 1.91 -17.04 4.36
N PRO A 72 1.61 -18.10 3.59
CA PRO A 72 0.25 -18.56 3.38
C PRO A 72 -0.30 -19.35 4.56
N TYR A 73 0.56 -19.83 5.48
CA TYR A 73 0.16 -20.73 6.54
C TYR A 73 -0.78 -20.02 7.51
N SER A 74 -0.41 -18.81 7.92
CA SER A 74 -1.09 -18.12 9.02
C SER A 74 -1.00 -16.59 8.86
N GLN A 75 -0.54 -16.08 7.72
CA GLN A 75 -0.05 -14.71 7.60
C GLN A 75 1.03 -14.46 8.67
N LYS A 76 2.14 -15.22 8.65
CA LYS A 76 3.38 -14.66 9.21
C LYS A 76 3.73 -13.57 8.23
N VAL A 77 3.97 -12.37 8.72
CA VAL A 77 4.72 -11.38 7.97
C VAL A 77 6.09 -12.01 7.78
N ASN A 78 6.59 -12.08 6.55
CA ASN A 78 7.97 -12.44 6.30
C ASN A 78 8.77 -11.16 6.37
N LYS A 79 8.49 -10.20 5.47
CA LYS A 79 9.27 -8.97 5.32
C LYS A 79 8.40 -7.80 4.88
N ILE A 80 8.89 -6.58 5.07
CA ILE A 80 8.25 -5.34 4.70
C ILE A 80 9.34 -4.36 4.22
N ALA A 81 9.02 -3.55 3.21
CA ALA A 81 9.72 -2.31 2.82
C ALA A 81 8.71 -1.36 2.16
N ILE A 82 9.17 -0.18 1.74
CA ILE A 82 8.42 0.79 0.94
C ILE A 82 9.27 1.08 -0.30
N LEU A 83 8.65 1.62 -1.35
CA LEU A 83 9.28 2.06 -2.59
C LEU A 83 8.62 3.40 -2.94
N GLU A 84 9.22 4.19 -3.82
CA GLU A 84 8.70 5.49 -4.23
C GLU A 84 9.14 5.71 -5.68
N GLU A 85 8.31 6.41 -6.45
CA GLU A 85 8.51 6.55 -7.88
C GLU A 85 9.43 7.72 -8.23
N TYR A 86 10.24 7.53 -9.26
CA TYR A 86 11.21 8.50 -9.75
C TYR A 86 11.38 8.39 -11.26
N GLN A 87 11.54 9.53 -11.92
CA GLN A 87 11.57 9.73 -13.36
C GLN A 87 11.93 11.18 -13.66
N GLY A 1 -10.25 17.95 -4.71
CA GLY A 1 -11.19 17.18 -5.51
C GLY A 1 -11.76 16.05 -4.70
N GLU A 2 -11.60 14.81 -5.14
CA GLU A 2 -12.13 13.62 -4.49
C GLU A 2 -11.04 12.98 -3.63
N GLU A 3 -11.38 11.89 -2.92
CA GLU A 3 -10.51 11.25 -1.93
C GLU A 3 -9.88 9.96 -2.46
N THR A 4 -10.63 9.15 -3.19
CA THR A 4 -10.14 8.04 -4.01
C THR A 4 -11.20 7.79 -5.09
N PRO A 5 -10.90 7.07 -6.18
CA PRO A 5 -11.90 6.62 -7.13
C PRO A 5 -12.81 5.49 -6.56
N LEU A 6 -12.58 5.10 -5.31
CA LEU A 6 -13.30 4.06 -4.57
C LEU A 6 -14.59 4.65 -4.02
N VAL A 7 -15.45 5.17 -4.90
CA VAL A 7 -16.74 5.78 -4.52
C VAL A 7 -17.72 4.77 -3.91
N THR A 8 -17.37 3.48 -3.91
CA THR A 8 -18.13 2.38 -3.35
C THR A 8 -17.60 2.08 -1.95
N ALA A 9 -18.50 1.92 -0.98
CA ALA A 9 -18.20 1.43 0.36
C ALA A 9 -17.88 -0.07 0.27
N ARG A 10 -16.64 -0.38 -0.11
CA ARG A 10 -16.02 -1.67 0.09
C ARG A 10 -15.70 -1.89 1.57
N HIS A 11 -14.99 -2.96 1.90
CA HIS A 11 -14.42 -3.18 3.22
C HIS A 11 -12.93 -2.86 3.18
N MET A 12 -12.30 -2.74 4.36
CA MET A 12 -10.86 -2.80 4.51
C MET A 12 -10.39 -4.25 4.54
N SER A 13 -9.09 -4.47 4.69
CA SER A 13 -8.45 -5.77 4.55
C SER A 13 -7.31 -5.91 5.58
N LYS A 14 -6.64 -7.08 5.59
CA LYS A 14 -5.60 -7.39 6.57
C LYS A 14 -4.39 -6.49 6.35
N TRP A 15 -3.88 -6.44 5.13
CA TRP A 15 -2.63 -5.77 4.78
C TRP A 15 -2.87 -4.29 4.45
N GLU A 16 -4.13 -3.88 4.26
CA GLU A 16 -4.56 -2.48 4.09
C GLU A 16 -3.95 -1.64 5.21
N GLU A 17 -4.33 -1.93 6.45
CA GLU A 17 -3.95 -1.14 7.61
C GLU A 17 -2.43 -1.00 7.75
N ILE A 18 -1.67 -2.00 7.32
CA ILE A 18 -0.22 -1.98 7.39
C ILE A 18 0.28 -1.09 6.26
N ALA A 19 -0.13 -1.34 5.02
CA ALA A 19 0.24 -0.53 3.87
C ALA A 19 0.03 0.95 4.19
N VAL A 20 -1.11 1.31 4.77
CA VAL A 20 -1.36 2.71 5.12
C VAL A 20 -0.51 3.18 6.28
N LYS A 21 -0.47 2.46 7.39
CA LYS A 21 0.33 2.92 8.53
C LYS A 21 1.79 3.09 8.13
N GLU A 22 2.27 2.34 7.14
CA GLU A 22 3.67 2.24 6.80
C GLU A 22 4.05 3.28 5.76
N ALA A 23 3.19 3.52 4.77
CA ALA A 23 3.30 4.68 3.91
C ALA A 23 3.19 5.99 4.73
N LYS A 24 2.25 6.11 5.67
CA LYS A 24 2.10 7.40 6.37
C LYS A 24 3.30 7.67 7.30
N LYS A 25 3.76 6.67 8.06
CA LYS A 25 4.89 6.89 8.97
C LYS A 25 6.19 7.15 8.22
N ARG A 26 6.40 6.46 7.10
CA ARG A 26 7.66 6.56 6.38
C ARG A 26 7.77 7.84 5.52
N TYR A 27 6.78 8.72 5.51
CA TYR A 27 6.73 9.90 4.65
C TYR A 27 6.20 11.07 5.48
N PRO A 28 7.06 11.72 6.26
CA PRO A 28 6.67 12.77 7.17
C PRO A 28 6.39 14.11 6.49
N LEU A 29 6.90 14.36 5.28
CA LEU A 29 6.70 15.65 4.58
C LEU A 29 5.38 15.69 3.81
N ALA A 30 4.69 14.56 3.68
CA ALA A 30 3.57 14.37 2.77
C ALA A 30 2.45 13.58 3.45
N GLN A 31 1.27 13.49 2.84
CA GLN A 31 0.13 12.71 3.35
C GLN A 31 -0.18 11.56 2.41
N VAL A 32 -0.73 10.47 2.94
CA VAL A 32 -1.17 9.32 2.16
C VAL A 32 -2.63 9.49 1.72
N LEU A 33 -2.89 9.42 0.40
CA LEU A 33 -4.18 9.66 -0.21
C LEU A 33 -4.33 8.87 -1.50
N PHE A 34 -4.27 7.54 -1.45
CA PHE A 34 -4.86 6.66 -2.46
C PHE A 34 -4.87 5.24 -1.87
N LYS A 35 -5.66 4.29 -2.38
CA LYS A 35 -5.72 2.93 -1.80
C LYS A 35 -5.99 1.92 -2.91
N GLN A 36 -5.17 1.94 -3.95
CA GLN A 36 -5.37 1.28 -5.23
C GLN A 36 -4.78 -0.12 -5.19
N LYS A 37 -5.08 -0.95 -6.19
CA LYS A 37 -4.62 -2.35 -6.19
C LYS A 37 -3.19 -2.49 -6.68
N VAL A 38 -2.67 -3.71 -6.66
CA VAL A 38 -1.31 -4.09 -7.07
C VAL A 38 -1.34 -5.36 -7.91
N TRP A 39 -0.17 -5.94 -8.17
CA TRP A 39 0.01 -7.34 -8.54
C TRP A 39 -0.39 -8.23 -7.35
N ASP A 40 -1.63 -8.71 -7.35
CA ASP A 40 -2.11 -9.66 -6.34
C ASP A 40 -1.60 -11.03 -6.76
N ARG A 41 -0.67 -11.66 -6.04
CA ARG A 41 -0.19 -13.02 -6.33
C ARG A 41 -0.11 -13.86 -5.05
N LYS A 42 -0.24 -15.19 -5.14
CA LYS A 42 -0.04 -16.13 -4.05
C LYS A 42 0.54 -17.43 -4.59
N ARG A 43 1.22 -18.18 -3.72
CA ARG A 43 2.05 -19.35 -4.02
C ARG A 43 1.66 -20.53 -3.14
N LYS A 44 2.48 -21.59 -3.10
CA LYS A 44 2.32 -22.67 -2.13
C LYS A 44 2.40 -22.09 -0.72
N ASP A 45 3.49 -21.37 -0.49
CA ASP A 45 4.07 -21.03 0.80
C ASP A 45 4.79 -19.69 0.61
N GLU A 46 4.05 -18.73 0.05
CA GLU A 46 4.19 -17.28 0.19
C GLU A 46 2.91 -16.69 -0.41
N ALA A 47 2.67 -15.41 -0.16
CA ALA A 47 1.64 -14.60 -0.76
C ALA A 47 2.06 -13.12 -0.70
N VAL A 48 1.35 -12.29 -1.45
CA VAL A 48 1.63 -10.88 -1.65
C VAL A 48 0.30 -10.18 -1.92
N LYS A 49 -0.11 -9.32 -0.98
CA LYS A 49 -1.36 -8.58 -0.95
C LYS A 49 -1.01 -7.16 -0.51
N GLN A 50 -0.67 -6.28 -1.44
CA GLN A 50 -0.31 -4.91 -1.13
C GLN A 50 -1.39 -4.00 -1.70
N TYR A 51 -1.21 -2.69 -1.56
CA TYR A 51 -2.04 -1.66 -2.15
C TYR A 51 -1.06 -0.56 -2.58
N HIS A 52 -1.25 0.04 -3.76
CA HIS A 52 -0.56 1.23 -4.23
C HIS A 52 -1.27 2.42 -3.61
N LEU A 53 -0.52 3.27 -2.92
CA LEU A 53 -1.00 4.54 -2.39
C LEU A 53 -0.21 5.63 -3.09
N THR A 54 -0.75 6.85 -3.15
CA THR A 54 -0.01 7.98 -3.67
C THR A 54 0.11 8.88 -2.45
N LEU A 55 1.14 9.71 -2.43
CA LEU A 55 1.27 10.82 -1.48
C LEU A 55 1.22 12.15 -2.21
N ARG A 56 0.98 13.22 -1.45
CA ARG A 56 1.18 14.58 -1.93
C ARG A 56 1.94 15.38 -0.89
N GLU A 57 3.05 15.98 -1.32
CA GLU A 57 3.89 16.91 -0.58
C GLU A 57 3.52 18.27 -1.14
N GLY A 58 2.90 19.12 -0.32
CA GLY A 58 2.43 20.44 -0.69
C GLY A 58 1.67 20.37 -2.02
N SER A 59 2.29 20.87 -3.08
CA SER A 59 1.69 21.09 -4.38
C SER A 59 2.05 20.01 -5.43
N LYS A 60 2.82 18.96 -5.07
CA LYS A 60 3.09 17.81 -5.95
C LYS A 60 2.42 16.57 -5.38
N GLU A 61 1.76 15.82 -6.25
CA GLU A 61 1.35 14.43 -6.03
C GLU A 61 2.38 13.52 -6.73
N PHE A 62 2.69 12.37 -6.12
CA PHE A 62 3.59 11.33 -6.66
C PHE A 62 3.14 9.99 -6.07
N GLY A 63 3.47 8.87 -6.71
CA GLY A 63 3.12 7.54 -6.27
C GLY A 63 4.19 6.88 -5.38
N VAL A 64 3.78 5.93 -4.54
CA VAL A 64 4.68 4.95 -3.93
C VAL A 64 4.09 3.55 -4.10
N PHE A 65 4.91 2.51 -3.96
CA PHE A 65 4.46 1.13 -3.97
C PHE A 65 4.98 0.40 -2.72
N VAL A 66 4.13 0.35 -1.68
CA VAL A 66 4.25 -0.57 -0.56
C VAL A 66 4.55 -1.97 -1.09
N THR A 67 5.50 -2.66 -0.47
CA THR A 67 5.97 -3.98 -0.86
C THR A 67 5.90 -4.86 0.38
N ILE A 68 5.15 -5.96 0.35
CA ILE A 68 4.87 -6.84 1.48
C ILE A 68 4.98 -8.26 0.91
N SER A 69 5.71 -9.15 1.57
CA SER A 69 5.66 -10.59 1.33
C SER A 69 5.33 -11.25 2.66
N PHE A 70 4.39 -12.20 2.65
CA PHE A 70 3.91 -12.89 3.84
C PHE A 70 3.58 -14.33 3.47
N ASP A 71 3.09 -15.12 4.43
CA ASP A 71 2.78 -16.53 4.22
C ASP A 71 1.28 -16.82 4.36
N PRO A 72 0.71 -17.74 3.55
CA PRO A 72 -0.67 -18.17 3.73
C PRO A 72 -0.87 -19.04 4.99
N TYR A 73 0.22 -19.62 5.53
CA TYR A 73 0.19 -20.56 6.64
C TYR A 73 -0.54 -20.01 7.85
N SER A 74 -0.14 -18.83 8.33
CA SER A 74 -0.81 -18.09 9.41
C SER A 74 -0.51 -16.59 9.33
N GLN A 75 -0.17 -16.07 8.14
CA GLN A 75 0.22 -14.68 7.94
C GLN A 75 1.42 -14.34 8.82
N LYS A 76 2.51 -15.10 8.68
CA LYS A 76 3.81 -14.53 9.03
C LYS A 76 4.08 -13.47 7.99
N VAL A 77 4.44 -12.28 8.44
CA VAL A 77 5.17 -11.36 7.57
C VAL A 77 6.53 -12.01 7.33
N ASN A 78 6.98 -12.00 6.08
CA ASN A 78 8.28 -12.48 5.67
C ASN A 78 9.17 -11.26 5.41
N LYS A 79 8.74 -10.30 4.58
CA LYS A 79 9.41 -9.01 4.45
C LYS A 79 8.41 -7.89 4.19
N ILE A 80 8.87 -6.65 4.39
CA ILE A 80 8.22 -5.42 3.94
C ILE A 80 9.34 -4.53 3.41
N ALA A 81 9.03 -3.70 2.40
CA ALA A 81 9.84 -2.63 1.87
C ALA A 81 8.89 -1.59 1.25
N ILE A 82 9.42 -0.43 0.83
CA ILE A 82 8.68 0.53 0.03
C ILE A 82 9.47 0.76 -1.26
N LEU A 83 8.82 1.35 -2.26
CA LEU A 83 9.35 1.85 -3.52
C LEU A 83 8.72 3.22 -3.69
N GLU A 84 9.47 4.19 -4.19
CA GLU A 84 8.94 5.50 -4.53
C GLU A 84 8.98 5.66 -6.03
N GLU A 85 7.97 6.33 -6.58
CA GLU A 85 8.08 7.03 -7.85
C GLU A 85 9.12 8.15 -7.71
N TYR A 86 9.98 8.34 -8.73
CA TYR A 86 10.92 9.44 -8.81
C TYR A 86 11.18 9.73 -10.29
N GLN A 87 11.60 10.97 -10.60
CA GLN A 87 11.87 11.43 -11.95
C GLN A 87 13.32 11.90 -11.98
N GLY A 1 -14.88 14.96 0.57
CA GLY A 1 -15.49 15.08 -0.77
C GLY A 1 -15.63 13.72 -1.41
N GLU A 2 -14.95 13.49 -2.53
CA GLU A 2 -14.66 12.13 -2.95
C GLU A 2 -13.70 11.47 -1.95
N GLU A 3 -13.35 10.20 -2.15
CA GLU A 3 -12.35 9.50 -1.36
C GLU A 3 -11.36 8.88 -2.34
N THR A 4 -11.77 7.83 -3.05
CA THR A 4 -10.91 7.02 -3.91
C THR A 4 -11.72 6.52 -5.13
N PRO A 5 -11.08 6.07 -6.22
CA PRO A 5 -11.77 5.72 -7.46
C PRO A 5 -12.42 4.34 -7.35
N LEU A 6 -13.55 4.27 -6.63
CA LEU A 6 -14.27 3.07 -6.27
C LEU A 6 -15.74 3.43 -6.11
N VAL A 7 -16.46 3.58 -7.22
CA VAL A 7 -17.90 3.82 -7.20
C VAL A 7 -18.63 2.69 -6.47
N THR A 8 -18.05 1.49 -6.42
CA THR A 8 -18.50 0.39 -5.58
C THR A 8 -17.30 -0.50 -5.27
N ALA A 9 -16.72 -0.40 -4.07
CA ALA A 9 -15.82 -1.38 -3.46
C ALA A 9 -15.48 -0.97 -2.02
N ARG A 10 -16.38 -1.22 -1.09
CA ARG A 10 -16.06 -1.20 0.35
C ARG A 10 -15.39 -2.54 0.71
N HIS A 11 -15.25 -2.82 2.01
CA HIS A 11 -14.64 -4.02 2.58
C HIS A 11 -13.19 -4.14 2.14
N MET A 12 -12.32 -3.40 2.82
CA MET A 12 -10.87 -3.42 2.59
C MET A 12 -10.24 -4.75 3.07
N SER A 13 -8.91 -4.84 3.12
CA SER A 13 -8.15 -6.11 3.24
C SER A 13 -7.22 -6.13 4.46
N LYS A 14 -6.69 -7.29 4.82
CA LYS A 14 -5.78 -7.42 5.99
C LYS A 14 -4.57 -6.51 5.85
N TRP A 15 -3.99 -6.45 4.65
CA TRP A 15 -2.69 -5.85 4.43
C TRP A 15 -2.79 -4.38 4.02
N GLU A 16 -3.99 -3.82 3.96
CA GLU A 16 -4.22 -2.45 3.48
C GLU A 16 -3.70 -1.44 4.48
N GLU A 17 -4.03 -1.62 5.77
CA GLU A 17 -3.59 -0.74 6.84
C GLU A 17 -2.07 -0.80 6.94
N ILE A 18 -1.51 -2.01 6.83
CA ILE A 18 -0.08 -2.26 6.87
C ILE A 18 0.57 -1.48 5.72
N ALA A 19 -0.05 -1.45 4.53
CA ALA A 19 0.40 -0.63 3.43
C ALA A 19 0.32 0.86 3.78
N VAL A 20 -0.88 1.39 4.04
CA VAL A 20 -1.08 2.82 4.27
C VAL A 20 -0.20 3.34 5.40
N LYS A 21 -0.10 2.62 6.52
CA LYS A 21 0.67 3.07 7.67
C LYS A 21 2.12 3.25 7.29
N GLU A 22 2.80 2.22 6.77
CA GLU A 22 4.20 2.38 6.38
C GLU A 22 4.37 3.50 5.34
N ALA A 23 3.39 3.67 4.46
CA ALA A 23 3.36 4.71 3.45
C ALA A 23 3.15 6.13 4.02
N LYS A 24 2.89 6.32 5.31
CA LYS A 24 3.15 7.60 5.99
C LYS A 24 4.41 7.55 6.85
N LYS A 25 4.69 6.41 7.48
CA LYS A 25 5.75 6.31 8.48
C LYS A 25 7.10 6.63 7.87
N ARG A 26 7.38 6.06 6.69
CA ARG A 26 8.63 6.23 5.97
C ARG A 26 8.62 7.49 5.09
N TYR A 27 7.77 8.47 5.39
CA TYR A 27 7.54 9.66 4.58
C TYR A 27 7.45 10.85 5.52
N PRO A 28 8.59 11.34 6.01
CA PRO A 28 8.63 12.32 7.09
C PRO A 28 8.15 13.70 6.65
N LEU A 29 8.28 14.05 5.37
CA LEU A 29 7.85 15.36 4.86
C LEU A 29 6.43 15.26 4.34
N ALA A 30 6.17 14.25 3.52
CA ALA A 30 4.94 14.10 2.77
C ALA A 30 3.83 13.51 3.65
N GLN A 31 2.58 13.58 3.19
CA GLN A 31 1.45 12.88 3.80
C GLN A 31 0.97 11.80 2.85
N VAL A 32 0.28 10.79 3.38
CA VAL A 32 -0.48 9.84 2.58
C VAL A 32 -1.96 10.19 2.75
N LEU A 33 -2.68 10.31 1.64
CA LEU A 33 -4.07 10.79 1.53
C LEU A 33 -4.90 9.92 0.59
N PHE A 34 -4.28 8.93 -0.01
CA PHE A 34 -4.83 8.07 -1.03
C PHE A 34 -4.50 6.60 -0.76
N LYS A 35 -5.27 5.68 -1.36
CA LYS A 35 -5.09 4.23 -1.24
C LYS A 35 -5.78 3.51 -2.38
N GLN A 36 -5.07 2.60 -3.07
CA GLN A 36 -5.66 1.67 -4.03
C GLN A 36 -4.95 0.31 -4.00
N LYS A 37 -5.54 -0.69 -4.66
CA LYS A 37 -5.09 -2.08 -4.68
C LYS A 37 -5.11 -2.58 -6.13
N VAL A 38 -4.01 -3.15 -6.60
CA VAL A 38 -3.85 -3.56 -7.99
C VAL A 38 -2.99 -4.83 -8.03
N TRP A 39 -3.25 -5.80 -7.13
CA TRP A 39 -2.54 -7.08 -7.11
C TRP A 39 -3.23 -8.08 -6.17
N ASP A 40 -2.93 -9.38 -6.34
CA ASP A 40 -3.49 -10.49 -5.53
C ASP A 40 -2.75 -11.82 -5.77
N ARG A 41 -1.45 -11.78 -6.08
CA ARG A 41 -0.63 -12.95 -6.40
C ARG A 41 -0.23 -13.73 -5.13
N LYS A 42 0.28 -14.96 -5.30
CA LYS A 42 0.95 -15.71 -4.24
C LYS A 42 1.91 -16.73 -4.86
N ARG A 43 2.74 -17.38 -4.04
CA ARG A 43 3.42 -18.64 -4.31
C ARG A 43 2.57 -19.77 -3.69
N LYS A 44 3.11 -20.98 -3.56
CA LYS A 44 2.45 -22.05 -2.80
C LYS A 44 2.48 -21.68 -1.31
N ASP A 45 3.67 -21.37 -0.81
CA ASP A 45 3.96 -21.31 0.61
C ASP A 45 4.41 -19.89 0.97
N GLU A 46 4.06 -18.89 0.16
CA GLU A 46 4.37 -17.49 0.36
C GLU A 46 3.27 -16.69 -0.33
N ALA A 47 3.06 -15.44 0.09
CA ALA A 47 2.09 -14.55 -0.49
C ALA A 47 2.63 -13.12 -0.41
N VAL A 48 2.25 -12.26 -1.37
CA VAL A 48 2.76 -10.89 -1.45
C VAL A 48 1.56 -10.05 -1.87
N LYS A 49 1.35 -8.90 -1.23
CA LYS A 49 0.22 -8.02 -1.52
C LYS A 49 0.72 -6.59 -1.50
N GLN A 50 1.27 -6.15 -2.62
CA GLN A 50 1.66 -4.78 -2.82
C GLN A 50 0.39 -3.98 -3.09
N TYR A 51 0.35 -2.72 -2.66
CA TYR A 51 -0.73 -1.76 -2.91
C TYR A 51 -0.16 -0.62 -3.76
N HIS A 52 -0.95 0.41 -4.06
CA HIS A 52 -0.48 1.71 -4.53
C HIS A 52 -1.15 2.73 -3.62
N LEU A 53 -0.39 3.49 -2.84
CA LEU A 53 -0.87 4.71 -2.23
C LEU A 53 -0.34 5.88 -3.05
N THR A 54 -0.90 7.07 -2.81
CA THR A 54 -0.42 8.30 -3.40
C THR A 54 -0.14 9.23 -2.23
N LEU A 55 1.08 9.75 -2.19
CA LEU A 55 1.45 10.83 -1.27
C LEU A 55 1.33 12.19 -1.93
N ARG A 56 1.24 13.24 -1.12
CA ARG A 56 1.41 14.64 -1.53
C ARG A 56 2.49 15.22 -0.63
N GLU A 57 3.36 16.03 -1.21
CA GLU A 57 4.33 16.86 -0.54
C GLU A 57 4.13 18.22 -1.17
N GLY A 58 3.46 19.12 -0.45
CA GLY A 58 3.18 20.47 -0.90
C GLY A 58 2.37 20.49 -2.19
N SER A 59 3.05 20.77 -3.29
CA SER A 59 2.48 20.96 -4.62
C SER A 59 2.79 19.80 -5.58
N LYS A 60 3.44 18.72 -5.14
CA LYS A 60 3.60 17.50 -5.93
C LYS A 60 2.83 16.36 -5.26
N GLU A 61 2.18 15.53 -6.05
CA GLU A 61 1.62 14.23 -5.68
C GLU A 61 2.43 13.18 -6.43
N PHE A 62 2.64 12.03 -5.80
CA PHE A 62 3.46 10.95 -6.33
C PHE A 62 2.96 9.63 -5.75
N GLY A 63 2.79 8.64 -6.61
CA GLY A 63 2.45 7.29 -6.22
C GLY A 63 3.65 6.59 -5.60
N VAL A 64 3.40 5.74 -4.62
CA VAL A 64 4.44 4.91 -4.01
C VAL A 64 3.98 3.45 -3.90
N PHE A 65 4.92 2.50 -3.88
CA PHE A 65 4.61 1.09 -3.72
C PHE A 65 5.11 0.60 -2.35
N VAL A 66 4.50 -0.47 -1.84
CA VAL A 66 4.76 -0.99 -0.51
C VAL A 66 4.88 -2.51 -0.70
N THR A 67 6.00 -3.06 -0.25
CA THR A 67 6.54 -4.33 -0.68
C THR A 67 6.34 -5.32 0.47
N ILE A 68 5.12 -5.83 0.60
CA ILE A 68 4.66 -6.69 1.69
C ILE A 68 4.85 -8.15 1.27
N SER A 69 5.75 -8.87 1.93
CA SER A 69 5.89 -10.32 1.85
C SER A 69 5.38 -10.96 3.13
N PHE A 70 4.53 -11.97 2.98
CA PHE A 70 3.90 -12.66 4.09
C PHE A 70 3.69 -14.12 3.70
N ASP A 71 3.05 -14.86 4.59
CA ASP A 71 2.98 -16.30 4.50
C ASP A 71 1.53 -16.75 4.53
N PRO A 72 1.15 -17.80 3.77
CA PRO A 72 -0.20 -18.31 3.82
C PRO A 72 -0.42 -19.18 5.06
N TYR A 73 0.64 -19.64 5.74
CA TYR A 73 0.53 -20.57 6.87
C TYR A 73 -0.48 -20.06 7.89
N SER A 74 -0.37 -18.77 8.26
CA SER A 74 -1.34 -18.08 9.08
C SER A 74 -1.09 -16.56 9.08
N GLN A 75 -0.55 -15.98 8.00
CA GLN A 75 -0.08 -14.59 7.96
C GLN A 75 1.06 -14.36 8.97
N LYS A 76 2.13 -15.15 8.84
CA LYS A 76 3.44 -14.68 9.29
C LYS A 76 3.80 -13.56 8.31
N VAL A 77 4.18 -12.39 8.82
CA VAL A 77 4.88 -11.42 7.99
C VAL A 77 6.27 -11.99 7.77
N ASN A 78 6.75 -11.99 6.53
CA ASN A 78 8.07 -12.50 6.19
C ASN A 78 9.01 -11.32 6.04
N LYS A 79 8.66 -10.30 5.24
CA LYS A 79 9.38 -9.02 5.16
C LYS A 79 8.39 -7.92 4.81
N ILE A 80 8.76 -6.67 5.07
CA ILE A 80 8.09 -5.50 4.50
C ILE A 80 9.22 -4.57 4.02
N ALA A 81 9.06 -3.96 2.86
CA ALA A 81 9.92 -2.90 2.33
C ALA A 81 9.03 -1.80 1.71
N ILE A 82 9.64 -0.73 1.20
CA ILE A 82 8.97 0.46 0.69
C ILE A 82 9.62 0.84 -0.64
N LEU A 83 8.93 1.55 -1.52
CA LEU A 83 9.40 1.96 -2.84
C LEU A 83 8.70 3.26 -3.20
N GLU A 84 9.41 4.19 -3.81
CA GLU A 84 8.85 5.45 -4.31
C GLU A 84 8.87 5.40 -5.84
N GLU A 85 7.87 5.98 -6.50
CA GLU A 85 7.98 6.25 -7.93
C GLU A 85 8.97 7.39 -8.13
N TYR A 86 9.65 7.40 -9.27
CA TYR A 86 10.42 8.53 -9.78
C TYR A 86 10.36 8.49 -11.30
N GLN A 87 10.66 9.62 -11.94
CA GLN A 87 10.80 9.76 -13.38
C GLN A 87 12.24 10.17 -13.64
N GLY A 1 -12.18 16.52 -7.77
CA GLY A 1 -11.83 16.77 -6.37
C GLY A 1 -12.45 15.73 -5.46
N GLU A 2 -12.30 14.45 -5.78
CA GLU A 2 -12.62 13.36 -4.85
C GLU A 2 -11.50 13.28 -3.82
N GLU A 3 -11.64 12.40 -2.82
CA GLU A 3 -10.46 11.77 -2.25
C GLU A 3 -10.23 10.48 -3.03
N THR A 4 -10.91 9.41 -2.64
CA THR A 4 -10.47 8.03 -2.85
C THR A 4 -11.65 7.14 -3.27
N PRO A 5 -11.37 5.92 -3.80
CA PRO A 5 -12.39 4.95 -4.20
C PRO A 5 -13.07 4.31 -2.97
N LEU A 6 -13.83 5.11 -2.24
CA LEU A 6 -14.55 4.75 -1.03
C LEU A 6 -15.83 5.58 -0.96
N VAL A 7 -16.64 5.50 -2.03
CA VAL A 7 -17.97 6.12 -2.07
C VAL A 7 -18.86 5.63 -0.92
N THR A 8 -18.51 4.50 -0.30
CA THR A 8 -19.04 4.09 0.99
C THR A 8 -17.96 3.21 1.64
N ALA A 9 -18.15 2.88 2.91
CA ALA A 9 -17.31 1.94 3.63
C ALA A 9 -17.56 0.52 3.09
N ARG A 10 -16.55 -0.14 2.53
CA ARG A 10 -16.63 -1.50 1.97
C ARG A 10 -15.38 -2.26 2.35
N HIS A 11 -15.50 -3.57 2.54
CA HIS A 11 -14.44 -4.38 3.12
C HIS A 11 -13.22 -4.48 2.20
N MET A 12 -12.06 -4.77 2.79
CA MET A 12 -10.76 -4.84 2.15
C MET A 12 -10.02 -6.08 2.73
N SER A 13 -8.69 -6.16 2.53
CA SER A 13 -7.90 -7.36 2.80
C SER A 13 -6.98 -7.18 4.03
N LYS A 14 -6.52 -8.25 4.69
CA LYS A 14 -5.69 -8.14 5.91
C LYS A 14 -4.57 -7.10 5.81
N TRP A 15 -3.80 -7.12 4.72
CA TRP A 15 -2.62 -6.27 4.57
C TRP A 15 -2.95 -4.83 4.13
N GLU A 16 -4.23 -4.47 3.96
CA GLU A 16 -4.68 -3.17 3.45
C GLU A 16 -4.32 -2.04 4.40
N GLU A 17 -4.64 -2.21 5.69
CA GLU A 17 -4.43 -1.17 6.68
C GLU A 17 -2.95 -0.99 6.94
N ILE A 18 -2.15 -2.05 6.78
CA ILE A 18 -0.72 -2.02 6.94
C ILE A 18 -0.17 -1.13 5.84
N ALA A 19 -0.55 -1.39 4.58
CA ALA A 19 -0.11 -0.59 3.45
C ALA A 19 -0.50 0.88 3.61
N VAL A 20 -1.77 1.18 3.92
CA VAL A 20 -2.22 2.57 4.08
C VAL A 20 -1.45 3.26 5.22
N LYS A 21 -1.31 2.60 6.37
CA LYS A 21 -0.65 3.22 7.51
C LYS A 21 0.83 3.44 7.23
N GLU A 22 1.52 2.49 6.61
CA GLU A 22 2.93 2.67 6.31
C GLU A 22 3.11 3.79 5.28
N ALA A 23 2.26 3.82 4.24
CA ALA A 23 2.25 4.86 3.22
C ALA A 23 1.86 6.24 3.73
N LYS A 24 1.49 6.42 5.00
CA LYS A 24 1.44 7.75 5.64
C LYS A 24 2.56 7.90 6.67
N LYS A 25 2.88 6.88 7.47
CA LYS A 25 3.87 7.01 8.55
C LYS A 25 5.26 7.35 8.01
N ARG A 26 5.65 6.69 6.91
CA ARG A 26 6.94 6.83 6.24
C ARG A 26 7.11 8.21 5.59
N TYR A 27 6.11 9.09 5.68
CA TYR A 27 5.97 10.31 4.90
C TYR A 27 5.60 11.42 5.88
N PRO A 28 6.62 12.03 6.51
CA PRO A 28 6.43 13.22 7.33
C PRO A 28 6.42 14.50 6.49
N LEU A 29 6.96 14.48 5.27
CA LEU A 29 7.02 15.63 4.38
C LEU A 29 5.97 15.56 3.28
N ALA A 30 5.23 14.45 3.19
CA ALA A 30 4.16 14.25 2.24
C ALA A 30 2.99 13.59 2.95
N GLN A 31 1.81 13.61 2.32
CA GLN A 31 0.59 13.00 2.84
C GLN A 31 0.01 12.11 1.76
N VAL A 32 -0.80 11.12 2.13
CA VAL A 32 -1.34 10.12 1.19
C VAL A 32 -2.84 10.44 0.98
N LEU A 33 -3.26 10.54 -0.27
CA LEU A 33 -4.63 10.91 -0.70
C LEU A 33 -5.18 9.94 -1.74
N PHE A 34 -4.44 8.87 -2.00
CA PHE A 34 -4.75 7.88 -3.03
C PHE A 34 -4.65 6.47 -2.46
N LYS A 35 -5.47 5.52 -2.97
CA LYS A 35 -5.51 4.13 -2.51
C LYS A 35 -5.82 3.25 -3.71
N GLN A 36 -4.88 2.46 -4.24
CA GLN A 36 -5.15 1.59 -5.39
C GLN A 36 -4.59 0.17 -5.18
N LYS A 37 -5.25 -0.80 -5.81
CA LYS A 37 -4.82 -2.20 -5.83
C LYS A 37 -3.68 -2.36 -6.83
N VAL A 38 -3.12 -3.56 -6.88
CA VAL A 38 -1.90 -3.95 -7.56
C VAL A 38 -2.02 -5.41 -8.01
N TRP A 39 -0.94 -5.99 -8.55
CA TRP A 39 -0.84 -7.43 -8.78
C TRP A 39 -0.79 -8.12 -7.41
N ASP A 40 -1.77 -8.97 -7.14
CA ASP A 40 -2.14 -9.45 -5.81
C ASP A 40 -2.29 -10.98 -5.83
N ARG A 41 -1.21 -11.70 -5.52
CA ARG A 41 -1.08 -13.12 -5.85
C ARG A 41 -0.33 -13.92 -4.79
N LYS A 42 0.00 -15.18 -5.09
CA LYS A 42 0.80 -16.05 -4.22
C LYS A 42 1.64 -17.01 -5.05
N ARG A 43 2.58 -17.67 -4.39
CA ARG A 43 3.43 -18.75 -4.89
C ARG A 43 2.84 -20.04 -4.30
N LYS A 44 3.58 -21.16 -4.31
CA LYS A 44 3.15 -22.38 -3.67
C LYS A 44 2.99 -22.19 -2.16
N ASP A 45 3.97 -21.55 -1.52
CA ASP A 45 4.16 -21.51 -0.07
C ASP A 45 4.60 -20.09 0.33
N GLU A 46 4.19 -19.07 -0.42
CA GLU A 46 4.46 -17.65 -0.17
C GLU A 46 3.27 -16.87 -0.73
N ALA A 47 3.01 -15.65 -0.26
CA ALA A 47 1.94 -14.80 -0.77
C ALA A 47 2.40 -13.34 -0.78
N VAL A 48 1.93 -12.58 -1.77
CA VAL A 48 2.49 -11.27 -2.15
C VAL A 48 1.34 -10.41 -2.68
N LYS A 49 0.77 -9.56 -1.83
CA LYS A 49 -0.42 -8.76 -2.17
C LYS A 49 -0.43 -7.48 -1.35
N GLN A 50 0.27 -6.47 -1.86
CA GLN A 50 0.42 -5.14 -1.29
C GLN A 50 -0.65 -4.19 -1.89
N TYR A 51 -0.48 -2.88 -1.74
CA TYR A 51 -1.20 -1.81 -2.44
C TYR A 51 -0.18 -0.77 -2.92
N HIS A 52 -0.57 0.05 -3.89
CA HIS A 52 0.17 1.23 -4.35
C HIS A 52 -0.71 2.43 -4.01
N LEU A 53 -0.13 3.42 -3.36
CA LEU A 53 -0.77 4.66 -2.98
C LEU A 53 -0.02 5.79 -3.69
N THR A 54 -0.60 6.99 -3.77
CA THR A 54 0.08 8.17 -4.29
C THR A 54 0.14 9.18 -3.14
N LEU A 55 1.37 9.61 -2.82
CA LEU A 55 1.68 10.67 -1.87
C LEU A 55 1.67 12.02 -2.57
N ARG A 56 1.68 13.10 -1.78
CA ARG A 56 1.64 14.49 -2.24
C ARG A 56 2.51 15.34 -1.33
N GLU A 57 3.43 16.12 -1.89
CA GLU A 57 4.34 17.01 -1.19
C GLU A 57 4.18 18.38 -1.86
N GLY A 58 3.49 19.30 -1.17
CA GLY A 58 3.16 20.63 -1.67
C GLY A 58 2.44 20.54 -3.01
N SER A 59 3.17 20.75 -4.11
CA SER A 59 2.64 20.75 -5.48
C SER A 59 3.12 19.55 -6.30
N LYS A 60 3.90 18.62 -5.74
CA LYS A 60 4.21 17.33 -6.36
C LYS A 60 3.21 16.29 -5.86
N GLU A 61 2.94 15.29 -6.70
CA GLU A 61 2.38 13.99 -6.35
C GLU A 61 3.36 12.95 -6.88
N PHE A 62 3.53 11.84 -6.14
CA PHE A 62 4.42 10.73 -6.50
C PHE A 62 3.84 9.44 -5.93
N GLY A 63 4.00 8.32 -6.64
CA GLY A 63 3.52 7.03 -6.16
C GLY A 63 4.47 6.43 -5.14
N VAL A 64 3.95 5.56 -4.26
CA VAL A 64 4.74 4.70 -3.40
C VAL A 64 4.25 3.26 -3.52
N PHE A 65 5.18 2.37 -3.88
CA PHE A 65 4.96 0.95 -3.97
C PHE A 65 5.30 0.35 -2.60
N VAL A 66 4.28 0.12 -1.77
CA VAL A 66 4.45 -0.68 -0.56
C VAL A 66 4.83 -2.09 -1.03
N THR A 67 5.68 -2.78 -0.29
CA THR A 67 6.22 -4.09 -0.64
C THR A 67 5.97 -5.01 0.54
N ILE A 68 5.14 -6.04 0.38
CA ILE A 68 4.77 -6.98 1.45
C ILE A 68 4.86 -8.38 0.86
N SER A 69 5.63 -9.24 1.50
CA SER A 69 5.72 -10.67 1.29
C SER A 69 5.41 -11.37 2.61
N PHE A 70 4.55 -12.38 2.61
CA PHE A 70 4.18 -13.13 3.80
C PHE A 70 3.93 -14.59 3.42
N ASP A 71 3.75 -15.44 4.43
CA ASP A 71 3.56 -16.87 4.23
C ASP A 71 2.05 -17.16 4.26
N PRO A 72 1.52 -18.10 3.45
CA PRO A 72 0.15 -18.55 3.60
C PRO A 72 -0.05 -19.43 4.84
N TYR A 73 1.01 -20.02 5.39
CA TYR A 73 0.98 -21.00 6.49
C TYR A 73 0.18 -20.43 7.67
N SER A 74 0.58 -19.28 8.20
CA SER A 74 -0.23 -18.46 9.09
C SER A 74 0.35 -17.03 9.11
N GLN A 75 0.49 -16.43 7.92
CA GLN A 75 0.80 -15.02 7.77
C GLN A 75 2.06 -14.61 8.54
N LYS A 76 3.11 -15.45 8.46
CA LYS A 76 4.45 -15.05 8.84
C LYS A 76 4.81 -13.92 7.90
N VAL A 77 5.08 -12.73 8.42
CA VAL A 77 5.63 -11.66 7.62
C VAL A 77 7.03 -12.13 7.19
N ASN A 78 7.20 -12.33 5.89
CA ASN A 78 8.44 -12.84 5.33
C ASN A 78 9.36 -11.67 5.05
N LYS A 79 8.83 -10.60 4.43
CA LYS A 79 9.55 -9.35 4.25
C LYS A 79 8.55 -8.21 4.07
N ILE A 80 8.92 -7.00 4.48
CA ILE A 80 8.22 -5.78 4.11
C ILE A 80 9.27 -4.76 3.65
N ALA A 81 8.92 -3.85 2.76
CA ALA A 81 9.63 -2.61 2.50
C ALA A 81 8.62 -1.54 2.06
N ILE A 82 9.08 -0.32 1.86
CA ILE A 82 8.38 0.77 1.18
C ILE A 82 9.28 1.13 -0.02
N LEU A 83 8.75 1.69 -1.10
CA LEU A 83 9.50 2.15 -2.26
C LEU A 83 8.79 3.39 -2.78
N GLU A 84 9.54 4.35 -3.32
CA GLU A 84 9.01 5.55 -3.95
C GLU A 84 9.24 5.51 -5.45
N GLU A 85 8.35 6.19 -6.17
CA GLU A 85 8.50 6.61 -7.55
C GLU A 85 9.27 7.93 -7.56
N TYR A 86 10.42 7.97 -8.23
CA TYR A 86 11.23 9.18 -8.33
C TYR A 86 11.93 9.25 -9.69
N GLN A 87 11.99 10.45 -10.27
CA GLN A 87 12.69 10.77 -11.51
C GLN A 87 13.20 12.21 -11.42
N GLY A 1 -9.91 13.83 -9.67
CA GLY A 1 -9.70 12.39 -9.82
C GLY A 1 -10.61 11.62 -8.88
N GLU A 2 -10.08 10.53 -8.31
CA GLU A 2 -10.77 9.56 -7.48
C GLU A 2 -9.71 8.87 -6.63
N GLU A 3 -10.14 8.16 -5.58
CA GLU A 3 -9.27 7.39 -4.70
C GLU A 3 -9.66 5.92 -4.81
N THR A 4 -10.84 5.53 -4.33
CA THR A 4 -11.38 4.19 -4.49
C THR A 4 -12.88 4.21 -4.78
N PRO A 5 -13.45 3.16 -5.40
CA PRO A 5 -14.89 3.07 -5.63
C PRO A 5 -15.68 2.74 -4.36
N LEU A 6 -15.02 2.35 -3.27
CA LEU A 6 -15.66 2.06 -1.99
C LEU A 6 -15.77 3.33 -1.15
N VAL A 7 -16.45 4.34 -1.70
CA VAL A 7 -16.86 5.53 -0.97
C VAL A 7 -18.02 5.23 0.00
N THR A 8 -18.55 4.00 0.04
CA THR A 8 -19.42 3.56 1.12
C THR A 8 -18.56 3.20 2.35
N ALA A 9 -19.20 3.10 3.51
CA ALA A 9 -18.63 2.50 4.69
C ALA A 9 -18.43 1.00 4.44
N ARG A 10 -17.19 0.53 4.44
CA ARG A 10 -16.84 -0.89 4.27
C ARG A 10 -15.83 -1.31 5.33
N HIS A 11 -15.18 -2.46 5.14
CA HIS A 11 -13.99 -2.85 5.87
C HIS A 11 -12.84 -2.77 4.86
N MET A 12 -11.64 -2.45 5.32
CA MET A 12 -10.44 -2.53 4.52
C MET A 12 -9.93 -3.98 4.54
N SER A 13 -9.22 -4.38 3.50
CA SER A 13 -8.60 -5.69 3.37
C SER A 13 -7.46 -5.86 4.37
N LYS A 14 -7.00 -7.11 4.52
CA LYS A 14 -6.02 -7.51 5.53
C LYS A 14 -4.80 -6.60 5.53
N TRP A 15 -4.30 -6.29 4.33
CA TRP A 15 -3.05 -5.55 4.15
C TRP A 15 -3.30 -4.12 3.68
N GLU A 16 -4.55 -3.71 3.41
CA GLU A 16 -4.86 -2.38 2.92
C GLU A 16 -4.38 -1.35 3.94
N GLU A 17 -4.73 -1.58 5.21
CA GLU A 17 -4.49 -0.66 6.29
C GLU A 17 -2.99 -0.58 6.59
N ILE A 18 -2.32 -1.72 6.70
CA ILE A 18 -0.88 -1.86 6.93
C ILE A 18 -0.12 -1.09 5.85
N ALA A 19 -0.54 -1.21 4.58
CA ALA A 19 0.11 -0.48 3.50
C ALA A 19 -0.01 1.03 3.70
N VAL A 20 -1.25 1.52 3.85
CA VAL A 20 -1.50 2.96 3.99
C VAL A 20 -0.78 3.49 5.23
N LYS A 21 -0.81 2.75 6.34
CA LYS A 21 -0.15 3.14 7.58
C LYS A 21 1.32 3.42 7.27
N GLU A 22 2.07 2.44 6.78
CA GLU A 22 3.52 2.62 6.59
C GLU A 22 3.80 3.77 5.62
N ALA A 23 2.94 3.97 4.61
CA ALA A 23 3.08 5.08 3.66
C ALA A 23 2.90 6.43 4.37
N LYS A 24 2.03 6.55 5.38
CA LYS A 24 1.90 7.80 6.14
C LYS A 24 2.83 7.88 7.35
N LYS A 25 3.53 6.79 7.67
CA LYS A 25 4.51 6.78 8.73
C LYS A 25 5.86 7.23 8.17
N ARG A 26 6.33 6.59 7.10
CA ARG A 26 7.73 6.63 6.66
C ARG A 26 8.13 7.90 5.90
N TYR A 27 7.26 8.89 5.68
CA TYR A 27 7.42 9.91 4.64
C TYR A 27 7.12 11.26 5.27
N PRO A 28 7.93 11.71 6.24
CA PRO A 28 7.60 12.79 7.14
C PRO A 28 7.40 14.12 6.43
N LEU A 29 7.92 14.30 5.20
CA LEU A 29 7.74 15.54 4.46
C LEU A 29 6.39 15.57 3.75
N ALA A 30 5.84 14.40 3.40
CA ALA A 30 4.73 14.24 2.48
C ALA A 30 3.54 13.62 3.20
N GLN A 31 2.37 13.56 2.54
CA GLN A 31 1.13 13.07 3.15
C GLN A 31 0.50 12.03 2.27
N VAL A 32 -0.30 11.13 2.85
CA VAL A 32 -1.04 10.12 2.10
C VAL A 32 -2.48 10.59 1.98
N LEU A 33 -3.02 10.52 0.76
CA LEU A 33 -4.35 11.02 0.38
C LEU A 33 -4.96 10.14 -0.70
N PHE A 34 -4.55 8.87 -0.80
CA PHE A 34 -4.90 7.99 -1.90
C PHE A 34 -4.83 6.54 -1.47
N LYS A 35 -5.32 5.61 -2.30
CA LYS A 35 -5.19 4.16 -2.13
C LYS A 35 -5.60 3.52 -3.44
N GLN A 36 -4.68 3.25 -4.36
CA GLN A 36 -4.99 2.54 -5.60
C GLN A 36 -4.56 1.07 -5.47
N LYS A 37 -4.92 0.23 -6.43
CA LYS A 37 -4.70 -1.22 -6.37
C LYS A 37 -3.33 -1.61 -6.93
N VAL A 38 -3.07 -2.92 -7.07
CA VAL A 38 -1.83 -3.43 -7.67
C VAL A 38 -2.07 -4.82 -8.31
N TRP A 39 -1.04 -5.42 -8.90
CA TRP A 39 -0.92 -6.86 -9.12
C TRP A 39 -0.64 -7.56 -7.78
N ASP A 40 -1.64 -8.13 -7.11
CA ASP A 40 -1.44 -8.93 -5.89
C ASP A 40 -1.55 -10.41 -6.28
N ARG A 41 -0.62 -11.25 -5.82
CA ARG A 41 -0.41 -12.61 -6.33
C ARG A 41 0.07 -13.54 -5.22
N LYS A 42 -0.03 -14.86 -5.41
CA LYS A 42 0.32 -15.86 -4.41
C LYS A 42 1.32 -16.86 -4.96
N ARG A 43 2.13 -17.40 -4.06
CA ARG A 43 3.24 -18.34 -4.28
C ARG A 43 2.91 -19.58 -3.42
N LYS A 44 3.59 -20.71 -3.63
CA LYS A 44 3.36 -21.91 -2.80
C LYS A 44 3.66 -21.63 -1.33
N ASP A 45 4.63 -20.75 -1.11
CA ASP A 45 5.39 -20.56 0.13
C ASP A 45 5.64 -19.06 0.34
N GLU A 46 4.78 -18.24 -0.25
CA GLU A 46 4.75 -16.79 -0.05
C GLU A 46 3.45 -16.22 -0.64
N ALA A 47 3.24 -14.93 -0.47
CA ALA A 47 2.18 -14.16 -1.09
C ALA A 47 2.63 -12.70 -1.10
N VAL A 48 2.21 -11.94 -2.10
CA VAL A 48 2.50 -10.52 -2.21
C VAL A 48 1.16 -9.81 -2.23
N LYS A 49 0.99 -8.85 -1.33
CA LYS A 49 -0.05 -7.85 -1.40
C LYS A 49 0.73 -6.55 -1.46
N GLN A 50 0.29 -5.60 -2.27
CA GLN A 50 0.77 -4.23 -2.18
C GLN A 50 -0.44 -3.38 -2.56
N TYR A 51 -0.24 -2.08 -2.56
CA TYR A 51 -1.16 -1.08 -3.05
C TYR A 51 -0.26 -0.02 -3.65
N HIS A 52 -0.73 0.61 -4.73
CA HIS A 52 -0.17 1.85 -5.24
C HIS A 52 -0.80 2.95 -4.38
N LEU A 53 -0.08 4.02 -4.03
CA LEU A 53 -0.68 5.17 -3.37
C LEU A 53 -0.01 6.42 -3.93
N THR A 54 -0.69 7.57 -3.89
CA THR A 54 -0.12 8.87 -4.21
C THR A 54 0.16 9.51 -2.86
N LEU A 55 1.39 9.95 -2.63
CA LEU A 55 1.68 11.02 -1.68
C LEU A 55 1.70 12.35 -2.42
N ARG A 56 1.48 13.41 -1.64
CA ARG A 56 1.66 14.80 -2.05
C ARG A 56 2.70 15.34 -1.09
N GLU A 57 3.70 16.05 -1.59
CA GLU A 57 4.74 16.66 -0.77
C GLU A 57 4.77 18.13 -1.18
N GLY A 58 4.19 19.00 -0.36
CA GLY A 58 4.10 20.42 -0.61
C GLY A 58 3.36 20.69 -1.92
N SER A 59 4.10 20.93 -3.00
CA SER A 59 3.60 21.38 -4.29
C SER A 59 3.91 20.36 -5.40
N LYS A 60 4.05 19.07 -5.06
CA LYS A 60 4.28 17.98 -6.01
C LYS A 60 3.46 16.76 -5.59
N GLU A 61 3.11 15.92 -6.57
CA GLU A 61 2.59 14.57 -6.37
C GLU A 61 3.50 13.61 -7.15
N PHE A 62 3.54 12.36 -6.71
CA PHE A 62 4.37 11.25 -7.19
C PHE A 62 3.58 9.98 -6.85
N GLY A 63 4.15 8.79 -6.98
CA GLY A 63 3.51 7.57 -6.52
C GLY A 63 4.48 6.75 -5.70
N VAL A 64 3.93 5.95 -4.79
CA VAL A 64 4.68 4.94 -4.05
C VAL A 64 4.03 3.57 -4.17
N PHE A 65 4.76 2.57 -3.70
CA PHE A 65 4.34 1.20 -3.55
C PHE A 65 4.78 0.70 -2.17
N VAL A 66 4.13 -0.34 -1.66
CA VAL A 66 4.35 -0.82 -0.29
C VAL A 66 4.54 -2.33 -0.36
N THR A 67 5.81 -2.74 -0.41
CA THR A 67 6.33 -4.09 -0.58
C THR A 67 6.02 -4.97 0.66
N ILE A 68 4.81 -5.53 0.77
CA ILE A 68 4.45 -6.48 1.82
C ILE A 68 4.66 -7.88 1.25
N SER A 69 5.54 -8.68 1.87
CA SER A 69 5.70 -10.10 1.57
C SER A 69 5.10 -10.84 2.75
N PHE A 70 4.09 -11.67 2.51
CA PHE A 70 3.42 -12.43 3.55
C PHE A 70 3.39 -13.91 3.19
N ASP A 71 2.90 -14.72 4.12
CA ASP A 71 2.93 -16.17 4.01
C ASP A 71 1.48 -16.65 3.83
N PRO A 72 1.21 -17.69 3.00
CA PRO A 72 -0.17 -18.07 2.69
C PRO A 72 -0.78 -18.90 3.82
N TYR A 73 0.06 -19.64 4.55
CA TYR A 73 -0.31 -20.60 5.59
C TYR A 73 -1.29 -19.98 6.59
N SER A 74 -1.04 -18.76 7.05
CA SER A 74 -1.92 -18.08 8.01
C SER A 74 -1.87 -16.55 7.96
N GLN A 75 -1.29 -15.93 6.92
CA GLN A 75 -0.96 -14.50 6.98
C GLN A 75 -0.07 -14.24 8.20
N LYS A 76 1.13 -14.82 8.20
CA LYS A 76 2.25 -14.16 8.84
C LYS A 76 2.83 -13.24 7.77
N VAL A 77 3.31 -12.08 8.15
CA VAL A 77 4.01 -11.17 7.27
C VAL A 77 5.50 -11.35 7.48
N ASN A 78 6.18 -11.72 6.40
CA ASN A 78 7.56 -12.14 6.44
C ASN A 78 8.46 -10.92 6.46
N LYS A 79 8.18 -9.95 5.59
CA LYS A 79 8.79 -8.63 5.63
C LYS A 79 7.79 -7.60 5.13
N ILE A 80 8.09 -6.35 5.45
CA ILE A 80 7.53 -5.17 4.81
C ILE A 80 8.73 -4.31 4.44
N ALA A 81 8.77 -3.85 3.20
CA ALA A 81 9.61 -2.76 2.76
C ALA A 81 8.71 -1.71 2.07
N ILE A 82 9.31 -0.60 1.67
CA ILE A 82 8.65 0.58 1.14
C ILE A 82 9.38 0.94 -0.15
N LEU A 83 8.70 1.49 -1.15
CA LEU A 83 9.26 1.81 -2.45
C LEU A 83 8.66 3.13 -2.93
N GLU A 84 9.47 3.97 -3.55
CA GLU A 84 9.01 5.14 -4.29
C GLU A 84 9.10 4.82 -5.77
N GLU A 85 8.16 5.35 -6.55
CA GLU A 85 8.48 5.68 -7.93
C GLU A 85 9.22 7.02 -7.91
N TYR A 86 10.16 7.16 -8.84
CA TYR A 86 10.89 8.35 -9.19
C TYR A 86 10.93 8.39 -10.72
N GLN A 87 11.26 9.54 -11.32
CA GLN A 87 11.37 9.66 -12.77
C GLN A 87 12.75 10.19 -13.12
N GLY A 1 -15.69 15.09 -0.49
CA GLY A 1 -15.76 15.11 0.98
C GLY A 1 -15.68 13.74 1.66
N GLU A 2 -15.10 12.75 0.99
CA GLU A 2 -14.69 11.46 1.53
C GLU A 2 -13.31 11.62 2.19
N GLU A 3 -12.83 10.59 2.91
CA GLU A 3 -11.43 10.51 3.31
C GLU A 3 -10.54 10.54 2.07
N THR A 4 -10.86 9.72 1.06
CA THR A 4 -9.94 9.32 0.01
C THR A 4 -10.65 9.30 -1.36
N PRO A 5 -9.89 9.31 -2.48
CA PRO A 5 -10.38 9.48 -3.85
C PRO A 5 -11.06 8.19 -4.31
N LEU A 6 -12.25 7.92 -3.79
CA LEU A 6 -12.91 6.64 -3.90
C LEU A 6 -14.33 6.89 -4.36
N VAL A 7 -14.45 7.14 -5.68
CA VAL A 7 -15.66 6.86 -6.43
C VAL A 7 -15.93 5.35 -6.47
N THR A 8 -14.95 4.49 -6.16
CA THR A 8 -15.12 3.06 -6.06
C THR A 8 -16.11 2.70 -4.94
N ALA A 9 -16.50 1.43 -4.88
CA ALA A 9 -17.07 0.84 -3.68
C ALA A 9 -16.08 0.91 -2.50
N ARG A 10 -16.53 0.51 -1.31
CA ARG A 10 -15.77 0.60 -0.07
C ARG A 10 -15.48 -0.83 0.36
N HIS A 11 -14.29 -1.36 0.09
CA HIS A 11 -13.96 -2.76 0.33
C HIS A 11 -12.48 -2.85 0.67
N MET A 12 -12.13 -3.44 1.80
CA MET A 12 -10.81 -3.48 2.39
C MET A 12 -10.28 -4.93 2.41
N SER A 13 -9.24 -5.21 3.20
CA SER A 13 -8.52 -6.47 3.19
C SER A 13 -7.74 -6.67 4.51
N LYS A 14 -7.07 -7.81 4.66
CA LYS A 14 -6.26 -8.12 5.85
C LYS A 14 -5.08 -7.17 5.98
N TRP A 15 -4.36 -6.91 4.88
CA TRP A 15 -3.09 -6.18 4.88
C TRP A 15 -3.25 -4.69 4.55
N GLU A 16 -4.48 -4.23 4.32
CA GLU A 16 -4.85 -2.88 3.92
C GLU A 16 -4.30 -1.85 4.91
N GLU A 17 -4.69 -1.93 6.19
CA GLU A 17 -4.33 -0.91 7.16
C GLU A 17 -2.82 -0.86 7.38
N ILE A 18 -2.14 -2.01 7.40
CA ILE A 18 -0.69 -2.10 7.49
C ILE A 18 -0.09 -1.31 6.31
N ALA A 19 -0.60 -1.50 5.09
CA ALA A 19 -0.12 -0.76 3.94
C ALA A 19 -0.35 0.75 4.09
N VAL A 20 -1.58 1.18 4.42
CA VAL A 20 -1.91 2.59 4.59
C VAL A 20 -1.02 3.22 5.69
N LYS A 21 -0.85 2.53 6.82
CA LYS A 21 -0.09 3.04 7.95
C LYS A 21 1.36 3.23 7.52
N GLU A 22 2.02 2.21 6.95
CA GLU A 22 3.38 2.34 6.43
C GLU A 22 3.49 3.52 5.47
N ALA A 23 2.61 3.58 4.46
CA ALA A 23 2.62 4.62 3.46
C ALA A 23 2.53 6.00 4.10
N LYS A 24 1.70 6.21 5.13
CA LYS A 24 1.64 7.53 5.73
C LYS A 24 2.89 7.79 6.57
N LYS A 25 3.34 6.82 7.39
CA LYS A 25 4.38 7.13 8.36
C LYS A 25 5.70 7.38 7.67
N ARG A 26 6.04 6.54 6.69
CA ARG A 26 7.32 6.51 6.01
C ARG A 26 7.59 7.76 5.15
N TYR A 27 6.65 8.69 5.06
CA TYR A 27 6.67 9.80 4.13
C TYR A 27 6.30 11.04 4.93
N PRO A 28 7.28 11.68 5.57
CA PRO A 28 7.09 12.95 6.24
C PRO A 28 7.16 14.13 5.27
N LEU A 29 7.68 13.94 4.05
CA LEU A 29 7.69 14.92 2.97
C LEU A 29 6.64 14.50 1.95
N ALA A 30 5.42 14.25 2.43
CA ALA A 30 4.18 14.14 1.68
C ALA A 30 3.06 13.71 2.63
N GLN A 31 1.82 13.76 2.16
CA GLN A 31 0.69 13.05 2.76
C GLN A 31 0.36 11.87 1.88
N VAL A 32 -0.36 10.88 2.41
CA VAL A 32 -1.00 9.82 1.62
C VAL A 32 -2.45 10.19 1.34
N LEU A 33 -2.84 10.12 0.07
CA LEU A 33 -4.10 10.58 -0.46
C LEU A 33 -4.88 9.43 -1.07
N PHE A 34 -4.55 8.19 -0.75
CA PHE A 34 -5.13 7.01 -1.39
C PHE A 34 -5.13 5.83 -0.43
N LYS A 35 -5.63 4.66 -0.88
CA LYS A 35 -5.68 3.33 -0.26
C LYS A 35 -6.49 2.38 -1.13
N GLN A 36 -5.87 1.63 -2.06
CA GLN A 36 -6.58 0.68 -2.93
C GLN A 36 -5.61 -0.34 -3.56
N LYS A 37 -5.92 -1.64 -3.49
CA LYS A 37 -5.11 -2.72 -4.08
C LYS A 37 -5.29 -2.77 -5.59
N VAL A 38 -4.35 -3.40 -6.30
CA VAL A 38 -4.39 -3.47 -7.77
C VAL A 38 -3.69 -4.70 -8.39
N TRP A 39 -3.09 -5.62 -7.61
CA TRP A 39 -2.46 -6.88 -8.07
C TRP A 39 -2.66 -7.97 -6.99
N ASP A 40 -2.57 -9.26 -7.31
CA ASP A 40 -2.73 -10.36 -6.36
C ASP A 40 -1.94 -11.58 -6.83
N ARG A 41 -0.75 -11.81 -6.29
CA ARG A 41 0.13 -12.91 -6.73
C ARG A 41 0.38 -13.86 -5.56
N LYS A 42 0.86 -15.07 -5.85
CA LYS A 42 1.35 -15.99 -4.83
C LYS A 42 2.49 -16.82 -5.42
N ARG A 43 3.27 -17.46 -4.56
CA ARG A 43 4.38 -18.36 -4.87
C ARG A 43 4.06 -19.72 -4.23
N LYS A 44 4.95 -20.70 -4.37
CA LYS A 44 4.72 -22.06 -3.86
C LYS A 44 4.43 -22.07 -2.36
N ASP A 45 5.05 -21.18 -1.59
CA ASP A 45 5.05 -21.19 -0.14
C ASP A 45 5.22 -19.78 0.43
N GLU A 46 5.06 -18.73 -0.39
CA GLU A 46 4.97 -17.36 0.08
C GLU A 46 3.92 -16.62 -0.77
N ALA A 47 3.51 -15.44 -0.33
CA ALA A 47 2.52 -14.59 -0.97
C ALA A 47 2.99 -13.13 -0.87
N VAL A 48 2.50 -12.30 -1.80
CA VAL A 48 2.70 -10.87 -1.82
C VAL A 48 1.34 -10.28 -2.20
N LYS A 49 0.90 -9.24 -1.50
CA LYS A 49 -0.39 -8.60 -1.71
C LYS A 49 -0.19 -7.10 -1.47
N GLN A 50 0.78 -6.51 -2.16
CA GLN A 50 1.05 -5.08 -2.15
C GLN A 50 -0.18 -4.29 -2.53
N TYR A 51 -0.07 -3.00 -2.27
CA TYR A 51 -1.04 -1.96 -2.58
C TYR A 51 -0.28 -0.85 -3.28
N HIS A 52 -0.93 -0.22 -4.25
CA HIS A 52 -0.48 1.06 -4.77
C HIS A 52 -1.06 2.10 -3.81
N LEU A 53 -0.38 3.22 -3.56
CA LEU A 53 -0.94 4.41 -2.94
C LEU A 53 -0.31 5.64 -3.61
N THR A 54 -0.92 6.81 -3.44
CA THR A 54 -0.48 8.08 -4.03
C THR A 54 -0.07 8.98 -2.88
N LEU A 55 1.15 9.50 -2.93
CA LEU A 55 1.58 10.62 -2.08
C LEU A 55 1.48 11.95 -2.82
N ARG A 56 1.46 13.07 -2.08
CA ARG A 56 1.52 14.44 -2.60
C ARG A 56 2.41 15.27 -1.68
N GLU A 57 3.32 16.05 -2.25
CA GLU A 57 4.22 16.99 -1.57
C GLU A 57 4.12 18.33 -2.28
N GLY A 58 3.32 19.24 -1.71
CA GLY A 58 3.29 20.66 -2.04
C GLY A 58 2.60 20.96 -3.36
N SER A 59 3.27 20.62 -4.46
CA SER A 59 2.82 20.83 -5.83
C SER A 59 3.09 19.59 -6.70
N LYS A 60 3.60 18.48 -6.15
CA LYS A 60 3.87 17.23 -6.87
C LYS A 60 3.08 16.09 -6.25
N GLU A 61 2.65 15.13 -7.06
CA GLU A 61 2.20 13.81 -6.66
C GLU A 61 3.17 12.78 -7.22
N PHE A 62 3.24 11.62 -6.57
CA PHE A 62 4.05 10.48 -6.92
C PHE A 62 3.37 9.26 -6.33
N GLY A 63 3.18 8.23 -7.14
CA GLY A 63 2.65 6.97 -6.69
C GLY A 63 3.76 6.15 -6.06
N VAL A 64 3.42 5.35 -5.06
CA VAL A 64 4.35 4.45 -4.40
C VAL A 64 3.68 3.08 -4.20
N PHE A 65 4.48 2.05 -3.92
CA PHE A 65 4.01 0.67 -3.84
C PHE A 65 4.46 0.02 -2.53
N VAL A 66 3.54 -0.08 -1.56
CA VAL A 66 3.83 -0.60 -0.24
C VAL A 66 4.04 -2.10 -0.36
N THR A 67 5.18 -2.59 0.10
CA THR A 67 5.62 -3.94 -0.07
C THR A 67 5.38 -4.75 1.23
N ILE A 68 4.64 -5.84 1.18
CA ILE A 68 4.44 -6.80 2.27
C ILE A 68 4.67 -8.17 1.62
N SER A 69 5.55 -8.99 2.19
CA SER A 69 5.67 -10.41 1.89
C SER A 69 5.11 -11.18 3.08
N PHE A 70 4.27 -12.20 2.85
CA PHE A 70 3.66 -12.96 3.93
C PHE A 70 3.54 -14.43 3.55
N ASP A 71 3.52 -15.30 4.55
CA ASP A 71 3.39 -16.74 4.30
C ASP A 71 1.92 -17.07 4.06
N PRO A 72 1.59 -18.01 3.16
CA PRO A 72 0.21 -18.40 2.90
C PRO A 72 -0.37 -19.26 4.02
N TYR A 73 0.50 -19.86 4.85
CA TYR A 73 0.15 -20.80 5.90
C TYR A 73 -0.98 -20.25 6.77
N SER A 74 -0.79 -19.05 7.32
CA SER A 74 -1.70 -18.50 8.34
C SER A 74 -1.55 -16.97 8.45
N GLN A 75 -0.98 -16.30 7.46
CA GLN A 75 -0.57 -14.89 7.51
C GLN A 75 0.36 -14.64 8.72
N LYS A 76 1.61 -15.09 8.62
CA LYS A 76 2.73 -14.38 9.19
C LYS A 76 3.20 -13.48 8.08
N VAL A 77 3.39 -12.21 8.33
CA VAL A 77 4.25 -11.39 7.50
C VAL A 77 5.69 -11.82 7.75
N ASN A 78 6.47 -11.86 6.68
CA ASN A 78 7.88 -12.21 6.70
C ASN A 78 8.66 -10.90 6.77
N LYS A 79 8.47 -10.01 5.80
CA LYS A 79 9.07 -8.67 5.79
C LYS A 79 8.08 -7.67 5.18
N ILE A 80 8.38 -6.38 5.37
CA ILE A 80 7.66 -5.24 4.81
C ILE A 80 8.73 -4.31 4.24
N ALA A 81 8.43 -3.59 3.17
CA ALA A 81 9.24 -2.55 2.56
C ALA A 81 8.31 -1.50 1.94
N ILE A 82 8.89 -0.48 1.33
CA ILE A 82 8.20 0.50 0.51
C ILE A 82 8.93 0.54 -0.84
N LEU A 83 8.27 1.01 -1.90
CA LEU A 83 8.86 1.29 -3.21
C LEU A 83 8.41 2.66 -3.61
N GLU A 84 9.36 3.54 -3.88
CA GLU A 84 9.14 4.84 -4.51
C GLU A 84 9.30 4.64 -6.01
N GLU A 85 8.31 5.12 -6.76
CA GLU A 85 8.39 5.24 -8.21
C GLU A 85 8.97 6.60 -8.59
N TYR A 86 9.84 6.66 -9.60
CA TYR A 86 10.58 7.85 -9.98
C TYR A 86 10.77 7.86 -11.48
N GLN A 87 10.58 9.02 -12.08
CA GLN A 87 10.50 9.25 -13.51
C GLN A 87 10.59 10.75 -13.76
N GLY A 1 -15.18 12.50 7.11
CA GLY A 1 -16.20 11.64 6.50
C GLY A 1 -15.60 10.27 6.22
N GLU A 2 -14.98 10.10 5.07
CA GLU A 2 -14.02 9.04 4.73
C GLU A 2 -12.72 9.73 4.31
N GLU A 3 -11.57 9.17 4.65
CA GLU A 3 -10.31 9.90 4.53
C GLU A 3 -9.83 10.02 3.08
N THR A 4 -10.01 8.96 2.30
CA THR A 4 -9.55 8.86 0.92
C THR A 4 -10.79 8.87 0.00
N PRO A 5 -10.62 9.14 -1.31
CA PRO A 5 -11.71 9.02 -2.26
C PRO A 5 -12.04 7.54 -2.46
N LEU A 6 -13.07 7.07 -1.77
CA LEU A 6 -13.63 5.74 -1.88
C LEU A 6 -15.15 5.89 -1.86
N VAL A 7 -15.69 6.23 -3.01
CA VAL A 7 -17.08 5.94 -3.38
C VAL A 7 -17.37 4.43 -3.31
N THR A 8 -16.32 3.61 -3.28
CA THR A 8 -16.35 2.16 -3.29
C THR A 8 -16.99 1.62 -2.00
N ALA A 9 -17.42 0.36 -2.06
CA ALA A 9 -17.99 -0.36 -0.94
C ALA A 9 -16.99 -0.58 0.19
N ARG A 10 -17.51 -1.26 1.21
CA ARG A 10 -16.83 -1.63 2.44
C ARG A 10 -16.10 -2.96 2.20
N HIS A 11 -15.70 -3.62 3.29
CA HIS A 11 -14.98 -4.88 3.30
C HIS A 11 -13.74 -4.76 2.41
N MET A 12 -12.80 -3.98 2.93
CA MET A 12 -11.43 -3.98 2.47
C MET A 12 -10.79 -5.36 2.75
N SER A 13 -9.54 -5.50 2.34
CA SER A 13 -8.77 -6.74 2.38
C SER A 13 -8.25 -7.05 3.80
N LYS A 14 -7.14 -7.79 3.84
CA LYS A 14 -6.32 -8.01 5.03
C LYS A 14 -5.13 -7.03 5.10
N TRP A 15 -4.44 -6.80 3.98
CA TRP A 15 -3.10 -6.19 3.95
C TRP A 15 -3.08 -4.74 3.45
N GLU A 16 -4.24 -4.22 3.05
CA GLU A 16 -4.40 -2.97 2.32
C GLU A 16 -4.25 -1.73 3.21
N GLU A 17 -4.65 -1.83 4.47
CA GLU A 17 -4.54 -0.77 5.45
C GLU A 17 -3.06 -0.60 5.79
N ILE A 18 -2.36 -1.69 6.05
CA ILE A 18 -0.93 -1.75 6.34
C ILE A 18 -0.17 -0.99 5.24
N ALA A 19 -0.51 -1.24 3.97
CA ALA A 19 0.09 -0.53 2.85
C ALA A 19 -0.09 0.99 2.98
N VAL A 20 -1.33 1.46 3.13
CA VAL A 20 -1.60 2.90 3.25
C VAL A 20 -0.92 3.48 4.49
N LYS A 21 -0.97 2.78 5.62
CA LYS A 21 -0.46 3.22 6.91
C LYS A 21 1.02 3.54 6.79
N GLU A 22 1.82 2.62 6.25
CA GLU A 22 3.24 2.88 6.03
C GLU A 22 3.39 4.05 5.07
N ALA A 23 2.68 4.03 3.93
CA ALA A 23 2.76 5.04 2.90
C ALA A 23 2.38 6.45 3.39
N LYS A 24 1.63 6.60 4.49
CA LYS A 24 1.43 7.92 5.11
C LYS A 24 2.56 8.25 6.07
N LYS A 25 2.91 7.33 6.98
CA LYS A 25 3.77 7.73 8.11
C LYS A 25 5.19 7.98 7.66
N ARG A 26 5.66 7.16 6.72
CA ARG A 26 6.99 7.18 6.13
C ARG A 26 7.28 8.44 5.31
N TYR A 27 6.32 9.35 5.17
CA TYR A 27 6.37 10.53 4.32
C TYR A 27 5.86 11.72 5.13
N PRO A 28 6.66 12.24 6.08
CA PRO A 28 6.28 13.40 6.88
C PRO A 28 6.16 14.67 6.03
N LEU A 29 6.75 14.66 4.84
CA LEU A 29 6.68 15.71 3.82
C LEU A 29 5.88 15.17 2.62
N ALA A 30 4.71 14.57 2.84
CA ALA A 30 3.64 14.42 1.84
C ALA A 30 2.32 13.92 2.44
N GLN A 31 1.22 14.05 1.69
CA GLN A 31 -0.09 13.50 2.01
C GLN A 31 -0.37 12.30 1.11
N VAL A 32 -0.78 11.16 1.66
CA VAL A 32 -1.38 10.10 0.85
C VAL A 32 -2.80 10.58 0.45
N LEU A 33 -3.29 10.22 -0.74
CA LEU A 33 -4.66 10.48 -1.18
C LEU A 33 -5.16 9.43 -2.20
N PHE A 34 -4.45 8.31 -2.35
CA PHE A 34 -4.78 7.28 -3.33
C PHE A 34 -4.43 5.92 -2.72
N LYS A 35 -5.10 4.86 -3.20
CA LYS A 35 -4.89 3.49 -2.77
C LYS A 35 -5.37 2.54 -3.86
N GLN A 36 -4.47 1.82 -4.54
CA GLN A 36 -4.86 0.84 -5.56
C GLN A 36 -4.00 -0.43 -5.47
N LYS A 37 -4.56 -1.58 -5.87
CA LYS A 37 -3.80 -2.82 -6.06
C LYS A 37 -3.42 -2.91 -7.52
N VAL A 38 -2.16 -3.30 -7.79
CA VAL A 38 -1.68 -3.55 -9.14
C VAL A 38 -0.91 -4.89 -9.22
N TRP A 39 -0.80 -5.62 -8.11
CA TRP A 39 -0.28 -6.98 -8.07
C TRP A 39 -1.12 -7.80 -7.07
N ASP A 40 -1.02 -9.12 -7.15
CA ASP A 40 -1.86 -10.06 -6.40
C ASP A 40 -1.23 -11.45 -6.28
N ARG A 41 0.09 -11.54 -6.50
CA ARG A 41 0.87 -12.77 -6.70
C ARG A 41 1.01 -13.60 -5.41
N LYS A 42 1.40 -14.87 -5.52
CA LYS A 42 1.82 -15.72 -4.39
C LYS A 42 2.68 -16.88 -4.89
N ARG A 43 3.22 -17.68 -3.97
CA ARG A 43 3.80 -19.01 -4.23
C ARG A 43 2.87 -20.04 -3.59
N LYS A 44 3.34 -21.29 -3.40
CA LYS A 44 2.61 -22.25 -2.56
C LYS A 44 2.81 -21.84 -1.10
N ASP A 45 4.06 -21.58 -0.71
CA ASP A 45 4.51 -21.32 0.65
C ASP A 45 5.17 -19.94 0.66
N GLU A 46 4.35 -18.94 0.31
CA GLU A 46 4.56 -17.49 0.43
C GLU A 46 3.35 -16.85 -0.25
N ALA A 47 3.04 -15.60 0.09
CA ALA A 47 2.02 -14.79 -0.56
C ALA A 47 2.43 -13.32 -0.45
N VAL A 48 2.07 -12.49 -1.44
CA VAL A 48 2.49 -11.10 -1.48
C VAL A 48 1.29 -10.28 -1.95
N LYS A 49 1.07 -9.09 -1.39
CA LYS A 49 0.08 -8.13 -1.93
C LYS A 49 0.71 -6.75 -1.88
N GLN A 50 1.40 -6.41 -2.96
CA GLN A 50 2.13 -5.18 -3.14
C GLN A 50 1.16 -4.15 -3.73
N TYR A 51 0.95 -3.04 -3.01
CA TYR A 51 0.03 -1.97 -3.39
C TYR A 51 0.79 -0.80 -4.01
N HIS A 52 0.05 0.12 -4.62
CA HIS A 52 0.51 1.36 -5.22
C HIS A 52 -0.38 2.48 -4.66
N LEU A 53 0.22 3.54 -4.13
CA LEU A 53 -0.44 4.74 -3.65
C LEU A 53 0.17 5.96 -4.37
N THR A 54 -0.36 7.17 -4.15
CA THR A 54 0.18 8.42 -4.66
C THR A 54 0.31 9.37 -3.47
N LEU A 55 1.47 10.01 -3.35
CA LEU A 55 1.66 11.13 -2.43
C LEU A 55 1.46 12.47 -3.16
N ARG A 56 0.96 13.48 -2.45
CA ARG A 56 0.87 14.88 -2.89
C ARG A 56 1.55 15.76 -1.85
N GLU A 57 2.69 16.33 -2.18
CA GLU A 57 3.41 17.31 -1.38
C GLU A 57 3.35 18.65 -2.12
N GLY A 58 2.65 19.64 -1.55
CA GLY A 58 2.54 21.00 -2.03
C GLY A 58 2.20 21.09 -3.52
N SER A 59 3.21 21.34 -4.36
CA SER A 59 3.07 21.57 -5.80
C SER A 59 3.56 20.36 -6.64
N LYS A 60 3.63 19.17 -6.05
CA LYS A 60 4.11 17.95 -6.69
C LYS A 60 3.07 16.83 -6.50
N GLU A 61 3.09 15.81 -7.35
CA GLU A 61 2.55 14.46 -7.13
C GLU A 61 3.64 13.48 -7.50
N PHE A 62 3.79 12.39 -6.75
CA PHE A 62 4.69 11.27 -7.02
C PHE A 62 4.03 9.97 -6.55
N GLY A 63 4.24 8.87 -7.27
CA GLY A 63 3.68 7.58 -6.93
C GLY A 63 4.63 6.78 -6.05
N VAL A 64 4.08 5.95 -5.16
CA VAL A 64 4.89 5.02 -4.35
C VAL A 64 4.29 3.61 -4.34
N PHE A 65 5.11 2.60 -3.99
CA PHE A 65 4.67 1.21 -3.87
C PHE A 65 5.06 0.64 -2.50
N VAL A 66 4.56 -0.54 -2.15
CA VAL A 66 4.80 -1.17 -0.84
C VAL A 66 5.18 -2.64 -1.06
N THR A 67 6.14 -3.15 -0.29
CA THR A 67 6.43 -4.57 -0.18
C THR A 67 5.64 -5.11 1.02
N ILE A 68 4.83 -6.14 0.81
CA ILE A 68 4.19 -6.91 1.87
C ILE A 68 4.34 -8.36 1.41
N SER A 69 5.08 -9.18 2.18
CA SER A 69 5.20 -10.63 1.99
C SER A 69 4.72 -11.28 3.28
N PHE A 70 3.88 -12.31 3.17
CA PHE A 70 3.32 -13.04 4.28
C PHE A 70 3.23 -14.50 3.90
N ASP A 71 2.85 -15.31 4.87
CA ASP A 71 2.79 -16.75 4.76
C ASP A 71 1.35 -17.12 4.52
N PRO A 72 1.01 -18.12 3.69
CA PRO A 72 -0.39 -18.49 3.51
C PRO A 72 -0.94 -19.26 4.72
N TYR A 73 -0.07 -19.93 5.48
CA TYR A 73 -0.42 -20.80 6.60
C TYR A 73 -1.43 -20.14 7.53
N SER A 74 -1.11 -18.96 8.07
CA SER A 74 -1.94 -18.29 9.08
C SER A 74 -1.70 -16.77 9.10
N GLN A 75 -1.30 -16.20 7.95
CA GLN A 75 -0.88 -14.81 7.81
C GLN A 75 0.25 -14.51 8.82
N LYS A 76 1.40 -15.20 8.75
CA LYS A 76 2.59 -14.65 9.38
C LYS A 76 3.11 -13.63 8.40
N VAL A 77 3.35 -12.41 8.86
CA VAL A 77 4.17 -11.46 8.14
C VAL A 77 5.52 -12.14 7.91
N ASN A 78 5.92 -12.26 6.65
CA ASN A 78 7.26 -12.68 6.30
C ASN A 78 8.14 -11.43 6.25
N LYS A 79 7.73 -10.36 5.54
CA LYS A 79 8.44 -9.08 5.51
C LYS A 79 7.50 -7.92 5.13
N ILE A 80 7.89 -6.69 5.44
CA ILE A 80 7.28 -5.46 4.93
C ILE A 80 8.44 -4.52 4.58
N ALA A 81 8.26 -3.65 3.58
CA ALA A 81 9.11 -2.51 3.25
C ALA A 81 8.33 -1.53 2.34
N ILE A 82 8.94 -0.42 1.94
CA ILE A 82 8.34 0.62 1.10
C ILE A 82 9.25 0.88 -0.11
N LEU A 83 8.68 1.28 -1.24
CA LEU A 83 9.34 1.66 -2.48
C LEU A 83 8.82 3.03 -2.89
N GLU A 84 9.62 3.83 -3.57
CA GLU A 84 9.22 5.14 -4.08
C GLU A 84 9.71 5.25 -5.52
N GLU A 85 8.95 5.94 -6.36
CA GLU A 85 9.33 6.31 -7.72
C GLU A 85 10.49 7.33 -7.72
N TYR A 86 11.29 7.37 -8.81
CA TYR A 86 12.23 8.44 -9.12
C TYR A 86 12.63 8.38 -10.60
N GLN A 87 12.71 9.56 -11.24
CA GLN A 87 12.86 9.73 -12.67
C GLN A 87 13.48 11.10 -12.96
N GLY A 1 -9.52 16.33 -1.13
CA GLY A 1 -10.97 16.17 -1.28
C GLY A 1 -11.36 14.75 -1.03
N GLU A 2 -11.31 13.91 -2.07
CA GLU A 2 -11.50 12.47 -1.95
C GLU A 2 -10.43 11.84 -1.04
N GLU A 3 -10.61 10.55 -0.72
CA GLU A 3 -9.77 9.81 0.22
C GLU A 3 -9.48 8.37 -0.23
N THR A 4 -10.29 7.81 -1.13
CA THR A 4 -10.14 6.46 -1.66
C THR A 4 -10.88 6.34 -3.02
N PRO A 5 -10.56 5.32 -3.84
CA PRO A 5 -11.22 5.02 -5.11
C PRO A 5 -12.65 4.45 -4.99
N LEU A 6 -13.23 4.36 -3.81
CA LEU A 6 -14.48 3.66 -3.51
C LEU A 6 -15.42 4.55 -2.71
N VAL A 7 -15.95 5.61 -3.32
CA VAL A 7 -16.88 6.54 -2.65
C VAL A 7 -18.23 5.88 -2.33
N THR A 8 -18.44 4.62 -2.74
CA THR A 8 -19.48 3.75 -2.22
C THR A 8 -18.87 2.36 -2.16
N ALA A 9 -18.57 1.87 -0.97
CA ALA A 9 -18.43 0.46 -0.60
C ALA A 9 -18.32 0.41 0.93
N ARG A 10 -18.14 -0.79 1.49
CA ARG A 10 -17.79 -0.99 2.90
C ARG A 10 -16.69 -2.04 2.96
N HIS A 11 -16.02 -2.11 4.11
CA HIS A 11 -14.98 -3.06 4.45
C HIS A 11 -13.71 -2.89 3.58
N MET A 12 -12.67 -3.61 3.96
CA MET A 12 -11.33 -3.55 3.39
C MET A 12 -10.79 -4.98 3.18
N SER A 13 -9.58 -5.05 2.65
CA SER A 13 -8.77 -6.25 2.41
C SER A 13 -8.27 -6.85 3.74
N LYS A 14 -7.15 -7.56 3.70
CA LYS A 14 -6.39 -7.99 4.87
C LYS A 14 -5.17 -7.10 5.16
N TRP A 15 -4.45 -6.66 4.13
CA TRP A 15 -3.10 -6.07 4.24
C TRP A 15 -3.04 -4.57 3.91
N GLU A 16 -4.17 -3.99 3.57
CA GLU A 16 -4.31 -2.67 2.99
C GLU A 16 -4.09 -1.53 3.98
N GLU A 17 -4.59 -1.61 5.22
CA GLU A 17 -4.33 -0.66 6.28
C GLU A 17 -2.85 -0.72 6.65
N ILE A 18 -2.30 -1.93 6.83
CA ILE A 18 -0.89 -2.19 7.11
C ILE A 18 -0.02 -1.48 6.06
N ALA A 19 -0.39 -1.58 4.78
CA ALA A 19 0.31 -0.85 3.73
C ALA A 19 0.17 0.66 3.91
N VAL A 20 -1.03 1.14 4.23
CA VAL A 20 -1.33 2.57 4.25
C VAL A 20 -0.59 3.24 5.41
N LYS A 21 -0.49 2.60 6.58
CA LYS A 21 0.27 3.18 7.69
C LYS A 21 1.75 3.32 7.36
N GLU A 22 2.37 2.35 6.70
CA GLU A 22 3.77 2.49 6.31
C GLU A 22 3.94 3.64 5.32
N ALA A 23 3.02 3.77 4.35
CA ALA A 23 3.06 4.89 3.44
C ALA A 23 2.80 6.23 4.14
N LYS A 24 2.04 6.28 5.25
CA LYS A 24 1.77 7.56 5.93
C LYS A 24 2.76 7.86 7.04
N LYS A 25 3.62 6.92 7.44
CA LYS A 25 4.63 7.16 8.45
C LYS A 25 5.99 7.50 7.85
N ARG A 26 6.35 6.85 6.74
CA ARG A 26 7.71 6.90 6.21
C ARG A 26 7.96 8.13 5.34
N TYR A 27 7.01 9.06 5.24
CA TYR A 27 6.93 10.04 4.15
C TYR A 27 6.67 11.41 4.77
N PRO A 28 7.65 11.97 5.47
CA PRO A 28 7.46 13.17 6.30
C PRO A 28 7.29 14.44 5.46
N LEU A 29 7.62 14.38 4.18
CA LEU A 29 7.51 15.49 3.24
C LEU A 29 6.27 15.34 2.34
N ALA A 30 5.51 14.25 2.47
CA ALA A 30 4.37 13.99 1.62
C ALA A 30 3.18 13.44 2.42
N GLN A 31 2.00 13.40 1.82
CA GLN A 31 0.76 12.98 2.46
C GLN A 31 0.19 11.78 1.72
N VAL A 32 -0.39 10.81 2.43
CA VAL A 32 -1.12 9.74 1.79
C VAL A 32 -2.56 10.24 1.58
N LEU A 33 -3.19 9.91 0.46
CA LEU A 33 -4.55 10.28 0.06
C LEU A 33 -5.17 9.26 -0.90
N PHE A 34 -4.49 8.16 -1.23
CA PHE A 34 -4.91 7.22 -2.27
C PHE A 34 -4.57 5.80 -1.83
N LYS A 35 -5.47 4.82 -2.04
CA LYS A 35 -5.30 3.45 -1.56
C LYS A 35 -5.89 2.52 -2.63
N GLN A 36 -5.09 1.94 -3.53
CA GLN A 36 -5.61 1.03 -4.57
C GLN A 36 -4.68 -0.17 -4.78
N LYS A 37 -5.16 -1.22 -5.45
CA LYS A 37 -4.56 -2.56 -5.38
C LYS A 37 -4.15 -3.15 -6.74
N VAL A 38 -3.39 -2.40 -7.54
CA VAL A 38 -3.06 -2.67 -8.96
C VAL A 38 -2.12 -3.89 -9.16
N TRP A 39 -2.18 -4.94 -8.34
CA TRP A 39 -1.27 -6.08 -8.45
C TRP A 39 -1.89 -7.33 -7.83
N ASP A 40 -1.33 -8.49 -8.18
CA ASP A 40 -1.84 -9.82 -7.81
C ASP A 40 -0.76 -10.87 -8.09
N ARG A 41 -0.04 -11.33 -7.07
CA ARG A 41 1.02 -12.34 -7.20
C ARG A 41 0.92 -13.32 -6.02
N LYS A 42 1.53 -14.49 -6.10
CA LYS A 42 1.76 -15.40 -4.99
C LYS A 42 3.04 -16.19 -5.24
N ARG A 43 3.32 -17.11 -4.33
CA ARG A 43 4.44 -18.01 -4.34
C ARG A 43 3.97 -19.35 -3.80
N LYS A 44 4.85 -20.35 -3.83
CA LYS A 44 4.51 -21.71 -3.45
C LYS A 44 4.10 -21.73 -1.99
N ASP A 45 4.93 -21.16 -1.13
CA ASP A 45 4.89 -21.30 0.33
C ASP A 45 4.66 -19.93 0.97
N GLU A 46 4.42 -18.90 0.15
CA GLU A 46 4.47 -17.49 0.53
C GLU A 46 3.53 -16.71 -0.39
N ALA A 47 3.24 -15.46 -0.06
CA ALA A 47 2.35 -14.59 -0.80
C ALA A 47 2.77 -13.14 -0.58
N VAL A 48 2.21 -12.24 -1.37
CA VAL A 48 2.49 -10.82 -1.35
C VAL A 48 1.21 -10.13 -1.83
N LYS A 49 0.81 -9.04 -1.19
CA LYS A 49 -0.28 -8.16 -1.61
C LYS A 49 0.27 -6.76 -1.38
N GLN A 50 1.02 -6.28 -2.37
CA GLN A 50 1.43 -4.90 -2.49
C GLN A 50 0.24 -4.06 -2.97
N TYR A 51 0.36 -2.75 -2.83
CA TYR A 51 -0.63 -1.76 -3.23
C TYR A 51 0.10 -0.62 -3.94
N HIS A 52 -0.62 0.15 -4.73
CA HIS A 52 -0.16 1.43 -5.26
C HIS A 52 -0.84 2.47 -4.39
N LEU A 53 -0.08 3.37 -3.77
CA LEU A 53 -0.61 4.61 -3.20
C LEU A 53 0.01 5.76 -4.00
N THR A 54 -0.57 6.95 -3.91
CA THR A 54 -0.10 8.16 -4.59
C THR A 54 0.06 9.23 -3.52
N LEU A 55 1.29 9.43 -3.08
CA LEU A 55 1.68 10.43 -2.09
C LEU A 55 1.65 11.83 -2.71
N ARG A 56 1.56 12.86 -1.87
CA ARG A 56 1.50 14.28 -2.26
C ARG A 56 2.44 15.13 -1.42
N GLU A 57 3.53 15.63 -2.00
CA GLU A 57 4.48 16.59 -1.45
C GLU A 57 4.15 17.95 -2.07
N GLY A 58 3.74 18.94 -1.28
CA GLY A 58 3.66 20.36 -1.67
C GLY A 58 2.73 20.63 -2.85
N SER A 59 3.27 20.58 -4.08
CA SER A 59 2.52 20.65 -5.33
C SER A 59 2.69 19.40 -6.24
N LYS A 60 3.62 18.50 -5.96
CA LYS A 60 3.89 17.26 -6.71
C LYS A 60 2.93 16.13 -6.28
N GLU A 61 2.75 15.12 -7.12
CA GLU A 61 2.23 13.81 -6.76
C GLU A 61 3.20 12.76 -7.30
N PHE A 62 3.33 11.65 -6.59
CA PHE A 62 4.13 10.49 -7.01
C PHE A 62 3.55 9.23 -6.37
N GLY A 63 3.79 8.08 -7.00
CA GLY A 63 3.34 6.79 -6.52
C GLY A 63 4.38 6.13 -5.63
N VAL A 64 3.90 5.28 -4.72
CA VAL A 64 4.73 4.40 -3.93
C VAL A 64 4.12 3.00 -3.91
N PHE A 65 4.96 1.98 -3.72
CA PHE A 65 4.59 0.57 -3.77
C PHE A 65 5.01 -0.13 -2.49
N VAL A 66 4.16 -0.08 -1.47
CA VAL A 66 4.40 -0.67 -0.16
C VAL A 66 4.48 -2.19 -0.30
N THR A 67 5.57 -2.77 0.18
CA THR A 67 5.89 -4.19 0.09
C THR A 67 5.50 -4.86 1.39
N ILE A 68 4.68 -5.90 1.33
CA ILE A 68 4.33 -6.76 2.44
C ILE A 68 4.46 -8.17 1.86
N SER A 69 5.29 -8.99 2.48
CA SER A 69 5.51 -10.39 2.10
C SER A 69 5.00 -11.24 3.26
N PHE A 70 4.06 -12.14 3.00
CA PHE A 70 3.27 -12.84 4.00
C PHE A 70 3.10 -14.31 3.63
N ASP A 71 2.47 -15.13 4.48
CA ASP A 71 2.31 -16.56 4.23
C ASP A 71 0.88 -16.93 3.83
N PRO A 72 0.66 -17.98 3.02
CA PRO A 72 -0.68 -18.47 2.71
C PRO A 72 -1.25 -19.26 3.90
N TYR A 73 -0.38 -19.92 4.67
CA TYR A 73 -0.70 -20.86 5.74
C TYR A 73 -1.64 -20.24 6.78
N SER A 74 -1.31 -19.07 7.32
CA SER A 74 -2.01 -18.42 8.43
C SER A 74 -1.99 -16.88 8.32
N GLN A 75 -1.52 -16.32 7.20
CA GLN A 75 -1.27 -14.91 7.03
C GLN A 75 -0.26 -14.45 8.09
N LYS A 76 0.93 -15.04 8.08
CA LYS A 76 2.07 -14.51 8.85
C LYS A 76 2.82 -13.55 7.95
N VAL A 77 2.83 -12.27 8.28
CA VAL A 77 3.65 -11.30 7.60
C VAL A 77 5.11 -11.57 7.96
N ASN A 78 5.86 -12.04 6.97
CA ASN A 78 7.27 -12.34 7.03
C ASN A 78 8.05 -11.03 7.14
N LYS A 79 7.91 -10.13 6.16
CA LYS A 79 8.67 -8.90 6.02
C LYS A 79 7.78 -7.80 5.47
N ILE A 80 8.23 -6.55 5.64
CA ILE A 80 7.64 -5.35 5.08
C ILE A 80 8.81 -4.48 4.59
N ALA A 81 8.66 -3.82 3.45
CA ALA A 81 9.56 -2.80 2.92
C ALA A 81 8.75 -1.76 2.14
N ILE A 82 9.40 -0.72 1.62
CA ILE A 82 8.77 0.38 0.89
C ILE A 82 9.48 0.48 -0.48
N LEU A 83 8.86 1.17 -1.45
CA LEU A 83 9.39 1.46 -2.77
C LEU A 83 8.72 2.77 -3.18
N GLU A 84 9.45 3.63 -3.88
CA GLU A 84 8.97 4.91 -4.34
C GLU A 84 9.26 5.02 -5.82
N GLU A 85 8.27 5.48 -6.57
CA GLU A 85 8.42 5.68 -7.99
C GLU A 85 9.04 7.06 -8.25
N TYR A 86 9.51 7.26 -9.47
CA TYR A 86 10.13 8.48 -9.95
C TYR A 86 9.98 8.49 -11.47
N GLN A 87 10.34 9.59 -12.13
CA GLN A 87 10.31 9.69 -13.59
C GLN A 87 11.68 10.19 -14.02
N GLY A 1 -12.57 13.75 -7.28
CA GLY A 1 -13.25 13.20 -6.11
C GLY A 1 -13.20 11.68 -6.12
N GLU A 2 -12.01 11.09 -6.00
CA GLU A 2 -11.79 9.66 -6.22
C GLU A 2 -10.66 9.15 -5.30
N GLU A 3 -10.63 9.61 -4.04
CA GLU A 3 -9.55 9.25 -3.11
C GLU A 3 -9.50 7.75 -2.78
N THR A 4 -10.60 7.03 -3.00
CA THR A 4 -10.60 5.60 -3.28
C THR A 4 -11.85 5.24 -4.12
N PRO A 5 -11.93 4.05 -4.73
CA PRO A 5 -13.14 3.54 -5.38
C PRO A 5 -14.24 3.11 -4.38
N LEU A 6 -14.05 3.32 -3.07
CA LEU A 6 -15.07 3.09 -2.05
C LEU A 6 -15.52 4.43 -1.51
N VAL A 7 -16.15 5.23 -2.39
CA VAL A 7 -16.62 6.59 -2.10
C VAL A 7 -17.73 6.59 -1.03
N THR A 8 -18.13 5.42 -0.51
CA THR A 8 -18.72 5.17 0.80
C THR A 8 -18.59 3.67 1.03
N ALA A 9 -17.68 3.23 1.92
CA ALA A 9 -17.72 1.94 2.63
C ALA A 9 -16.64 1.94 3.71
N ARG A 10 -16.62 0.90 4.56
CA ARG A 10 -15.59 0.68 5.59
C ARG A 10 -15.09 -0.77 5.50
N HIS A 11 -14.75 -1.25 4.31
CA HIS A 11 -14.42 -2.64 4.05
C HIS A 11 -13.05 -2.72 3.37
N MET A 12 -12.08 -3.37 4.02
CA MET A 12 -10.68 -3.39 3.61
C MET A 12 -10.08 -4.75 3.98
N SER A 13 -9.19 -5.26 3.12
CA SER A 13 -8.56 -6.58 3.17
C SER A 13 -7.59 -6.70 4.34
N LYS A 14 -7.06 -7.90 4.57
CA LYS A 14 -6.15 -8.16 5.69
C LYS A 14 -4.96 -7.21 5.64
N TRP A 15 -4.30 -7.05 4.48
CA TRP A 15 -3.06 -6.27 4.40
C TRP A 15 -3.31 -4.81 3.98
N GLU A 16 -4.57 -4.39 3.79
CA GLU A 16 -4.89 -3.09 3.20
C GLU A 16 -4.49 -1.92 4.10
N GLU A 17 -4.69 -2.02 5.42
CA GLU A 17 -4.30 -0.94 6.31
C GLU A 17 -2.78 -0.89 6.47
N ILE A 18 -2.09 -2.02 6.61
CA ILE A 18 -0.63 -2.09 6.75
C ILE A 18 0.01 -1.31 5.59
N ALA A 19 -0.46 -1.57 4.36
CA ALA A 19 0.00 -0.87 3.18
C ALA A 19 -0.13 0.65 3.34
N VAL A 20 -1.30 1.13 3.78
CA VAL A 20 -1.54 2.56 3.98
C VAL A 20 -0.63 3.07 5.11
N LYS A 21 -0.68 2.46 6.30
CA LYS A 21 0.00 2.87 7.53
C LYS A 21 1.46 3.17 7.23
N GLU A 22 2.22 2.18 6.78
CA GLU A 22 3.63 2.36 6.43
C GLU A 22 3.81 3.45 5.38
N ALA A 23 3.08 3.39 4.27
CA ALA A 23 3.19 4.37 3.19
C ALA A 23 2.66 5.77 3.54
N LYS A 24 2.09 6.02 4.72
CA LYS A 24 1.93 7.38 5.25
C LYS A 24 3.05 7.63 6.27
N LYS A 25 3.41 6.67 7.12
CA LYS A 25 4.25 6.93 8.29
C LYS A 25 5.69 7.19 7.88
N ARG A 26 6.15 6.46 6.86
CA ARG A 26 7.45 6.63 6.22
C ARG A 26 7.62 8.04 5.64
N TYR A 27 6.57 8.85 5.52
CA TYR A 27 6.54 10.07 4.75
C TYR A 27 5.88 11.13 5.62
N PRO A 28 6.61 11.70 6.59
CA PRO A 28 6.08 12.75 7.43
C PRO A 28 5.90 14.07 6.67
N LEU A 29 6.60 14.25 5.54
CA LEU A 29 6.52 15.47 4.75
C LEU A 29 5.23 15.46 3.93
N ALA A 30 4.96 14.34 3.26
CA ALA A 30 3.88 14.16 2.31
C ALA A 30 2.70 13.43 2.95
N GLN A 31 1.63 13.16 2.20
CA GLN A 31 0.37 12.59 2.71
C GLN A 31 -0.18 11.62 1.68
N VAL A 32 -0.94 10.62 2.13
CA VAL A 32 -1.64 9.68 1.23
C VAL A 32 -3.14 10.01 1.06
N LEU A 33 -3.62 9.84 -0.18
CA LEU A 33 -4.94 10.23 -0.67
C LEU A 33 -5.43 9.29 -1.79
N PHE A 34 -4.77 8.16 -2.02
CA PHE A 34 -5.04 7.26 -3.15
C PHE A 34 -4.75 5.84 -2.70
N LYS A 35 -5.56 4.83 -3.08
CA LYS A 35 -5.30 3.43 -2.75
C LYS A 35 -5.84 2.55 -3.88
N GLN A 36 -4.99 2.15 -4.84
CA GLN A 36 -5.37 1.39 -6.04
C GLN A 36 -4.74 0.00 -6.02
N LYS A 37 -5.21 -0.88 -6.91
CA LYS A 37 -5.00 -2.33 -6.82
C LYS A 37 -4.31 -2.80 -8.11
N VAL A 38 -2.98 -2.96 -8.08
CA VAL A 38 -2.19 -3.04 -9.30
C VAL A 38 -1.23 -4.26 -9.30
N TRP A 39 -1.16 -5.07 -8.24
CA TRP A 39 -0.49 -6.38 -8.23
C TRP A 39 -1.13 -7.27 -7.16
N ASP A 40 -1.28 -8.56 -7.46
CA ASP A 40 -1.68 -9.66 -6.57
C ASP A 40 -1.08 -10.93 -7.13
N ARG A 41 -0.14 -11.55 -6.40
CA ARG A 41 0.46 -12.82 -6.76
C ARG A 41 0.87 -13.60 -5.52
N LYS A 42 1.42 -14.80 -5.70
CA LYS A 42 2.00 -15.60 -4.65
C LYS A 42 3.17 -16.45 -5.17
N ARG A 43 3.80 -17.21 -4.29
CA ARG A 43 4.70 -18.33 -4.55
C ARG A 43 3.88 -19.58 -4.24
N LYS A 44 4.50 -20.75 -4.08
CA LYS A 44 3.77 -21.92 -3.59
C LYS A 44 3.62 -21.82 -2.07
N ASP A 45 4.62 -21.29 -1.38
CA ASP A 45 4.78 -21.39 0.09
C ASP A 45 4.98 -20.00 0.71
N GLU A 46 4.73 -18.95 -0.06
CA GLU A 46 4.87 -17.54 0.31
C GLU A 46 3.83 -16.80 -0.53
N ALA A 47 3.50 -15.57 -0.14
CA ALA A 47 2.60 -14.71 -0.88
C ALA A 47 3.09 -13.28 -0.75
N VAL A 48 2.89 -12.48 -1.78
CA VAL A 48 3.36 -11.10 -1.85
C VAL A 48 2.27 -10.37 -2.62
N LYS A 49 1.38 -9.66 -1.91
CA LYS A 49 0.30 -8.90 -2.52
C LYS A 49 0.14 -7.63 -1.69
N GLN A 50 -0.01 -6.51 -2.37
CA GLN A 50 0.02 -5.19 -1.76
C GLN A 50 -0.95 -4.31 -2.55
N TYR A 51 -0.86 -3.00 -2.33
CA TYR A 51 -1.55 -1.98 -3.08
C TYR A 51 -0.51 -0.95 -3.52
N HIS A 52 -0.92 -0.06 -4.43
CA HIS A 52 -0.17 1.06 -4.95
C HIS A 52 -0.96 2.28 -4.53
N LEU A 53 -0.27 3.32 -4.11
CA LEU A 53 -0.88 4.48 -3.47
C LEU A 53 -0.12 5.71 -3.99
N THR A 54 -0.79 6.83 -4.21
CA THR A 54 -0.16 8.09 -4.63
C THR A 54 -0.10 9.02 -3.43
N LEU A 55 1.10 9.52 -3.14
CA LEU A 55 1.31 10.57 -2.13
C LEU A 55 1.38 11.96 -2.75
N ARG A 56 1.10 12.96 -1.92
CA ARG A 56 1.01 14.38 -2.25
C ARG A 56 1.81 15.12 -1.19
N GLU A 57 2.98 15.59 -1.56
CA GLU A 57 3.62 16.72 -0.90
C GLU A 57 2.93 17.95 -1.49
N GLY A 58 2.46 18.89 -0.67
CA GLY A 58 2.34 20.31 -1.06
C GLY A 58 1.73 20.54 -2.45
N SER A 59 2.60 20.82 -3.43
CA SER A 59 2.27 21.03 -4.83
C SER A 59 3.02 20.04 -5.73
N LYS A 60 2.98 18.76 -5.37
CA LYS A 60 3.49 17.63 -6.15
C LYS A 60 2.52 16.46 -5.98
N GLU A 61 2.59 15.46 -6.85
CA GLU A 61 2.01 14.13 -6.68
C GLU A 61 3.09 13.14 -7.18
N PHE A 62 3.23 11.99 -6.52
CA PHE A 62 4.12 10.89 -6.89
C PHE A 62 3.54 9.57 -6.39
N GLY A 63 3.74 8.48 -7.14
CA GLY A 63 3.29 7.16 -6.74
C GLY A 63 4.29 6.52 -5.79
N VAL A 64 3.83 5.58 -4.95
CA VAL A 64 4.70 4.64 -4.26
C VAL A 64 4.16 3.21 -4.37
N PHE A 65 5.02 2.21 -4.17
CA PHE A 65 4.70 0.80 -4.33
C PHE A 65 5.08 0.10 -3.04
N VAL A 66 4.09 -0.37 -2.28
CA VAL A 66 4.31 -1.08 -1.03
C VAL A 66 4.94 -2.45 -1.33
N THR A 67 5.72 -2.99 -0.40
CA THR A 67 6.05 -4.40 -0.34
C THR A 67 5.61 -4.96 1.01
N ILE A 68 4.77 -6.00 1.02
CA ILE A 68 4.50 -6.85 2.18
C ILE A 68 4.63 -8.28 1.65
N SER A 69 5.36 -9.12 2.38
CA SER A 69 5.67 -10.49 2.04
C SER A 69 5.22 -11.34 3.23
N PHE A 70 4.29 -12.28 3.02
CA PHE A 70 3.63 -13.02 4.09
C PHE A 70 3.49 -14.48 3.70
N ASP A 71 3.15 -15.35 4.66
CA ASP A 71 2.97 -16.77 4.34
C ASP A 71 1.49 -17.09 4.11
N PRO A 72 1.16 -17.98 3.16
CA PRO A 72 -0.22 -18.35 2.86
C PRO A 72 -0.82 -19.22 3.97
N TYR A 73 0.03 -19.94 4.72
CA TYR A 73 -0.31 -20.87 5.78
C TYR A 73 -1.37 -20.30 6.72
N SER A 74 -1.06 -19.20 7.41
CA SER A 74 -1.90 -18.63 8.45
C SER A 74 -1.73 -17.10 8.52
N GLN A 75 -1.32 -16.47 7.40
CA GLN A 75 -1.05 -15.04 7.28
C GLN A 75 -0.11 -14.54 8.39
N LYS A 76 1.17 -14.89 8.30
CA LYS A 76 2.25 -14.36 9.11
C LYS A 76 3.09 -13.54 8.15
N VAL A 77 3.15 -12.24 8.36
CA VAL A 77 3.98 -11.33 7.58
C VAL A 77 5.46 -11.58 7.92
N ASN A 78 6.20 -11.99 6.90
CA ASN A 78 7.61 -12.31 6.93
C ASN A 78 8.41 -11.03 6.88
N LYS A 79 8.21 -10.20 5.85
CA LYS A 79 8.97 -8.98 5.58
C LYS A 79 8.01 -7.89 5.10
N ILE A 80 8.45 -6.64 5.24
CA ILE A 80 7.84 -5.45 4.65
C ILE A 80 9.02 -4.65 4.08
N ALA A 81 8.82 -3.96 2.96
CA ALA A 81 9.73 -2.95 2.43
C ALA A 81 8.92 -1.83 1.80
N ILE A 82 9.61 -0.77 1.37
CA ILE A 82 9.03 0.43 0.78
C ILE A 82 9.70 0.60 -0.58
N LEU A 83 9.01 1.23 -1.52
CA LEU A 83 9.50 1.62 -2.83
C LEU A 83 8.74 2.89 -3.16
N GLU A 84 9.36 3.81 -3.87
CA GLU A 84 8.78 5.06 -4.33
C GLU A 84 8.97 5.09 -5.83
N GLU A 85 8.04 5.75 -6.55
CA GLU A 85 8.17 5.97 -7.98
C GLU A 85 9.42 6.81 -8.23
N TYR A 86 10.45 6.16 -8.76
CA TYR A 86 11.64 6.80 -9.24
C TYR A 86 11.34 7.67 -10.43
N GLN A 87 11.89 8.86 -10.34
CA GLN A 87 12.07 9.82 -11.39
C GLN A 87 13.30 10.67 -11.09
N GLY A 1 -9.60 15.73 -7.39
CA GLY A 1 -10.81 14.97 -7.70
C GLY A 1 -11.50 14.53 -6.43
N GLU A 2 -10.98 13.49 -5.78
CA GLU A 2 -11.38 13.05 -4.45
C GLU A 2 -10.10 12.50 -3.80
N GLU A 3 -10.17 11.86 -2.63
CA GLU A 3 -9.04 11.09 -2.10
C GLU A 3 -9.15 9.70 -2.73
N THR A 4 -10.12 8.90 -2.28
CA THR A 4 -10.47 7.60 -2.85
C THR A 4 -12.00 7.46 -2.95
N PRO A 5 -12.52 6.53 -3.76
CA PRO A 5 -13.95 6.30 -3.91
C PRO A 5 -14.56 5.58 -2.69
N LEU A 6 -13.76 4.82 -1.92
CA LEU A 6 -14.19 4.17 -0.68
C LEU A 6 -14.18 5.16 0.47
N VAL A 7 -15.14 6.08 0.46
CA VAL A 7 -15.35 7.08 1.50
C VAL A 7 -15.98 6.47 2.77
N THR A 8 -16.18 5.16 2.81
CA THR A 8 -16.59 4.39 3.97
C THR A 8 -15.74 3.11 4.02
N ALA A 9 -15.71 2.45 5.18
CA ALA A 9 -14.75 1.41 5.50
C ALA A 9 -15.06 0.05 4.85
N ARG A 10 -16.07 0.00 4.00
CA ARG A 10 -16.85 -1.18 3.67
C ARG A 10 -16.46 -1.84 2.34
N HIS A 11 -15.19 -1.77 1.94
CA HIS A 11 -14.64 -2.55 0.83
C HIS A 11 -13.11 -2.50 0.89
N MET A 12 -12.45 -3.41 1.62
CA MET A 12 -11.00 -3.37 1.81
C MET A 12 -10.39 -4.77 1.91
N SER A 13 -9.19 -4.95 1.35
CA SER A 13 -8.44 -6.19 1.44
C SER A 13 -7.69 -6.28 2.78
N LYS A 14 -7.10 -7.45 3.06
CA LYS A 14 -6.35 -7.74 4.30
C LYS A 14 -5.27 -6.69 4.54
N TRP A 15 -4.37 -6.54 3.58
CA TRP A 15 -3.18 -5.70 3.70
C TRP A 15 -3.40 -4.30 3.14
N GLU A 16 -4.59 -4.01 2.61
CA GLU A 16 -4.92 -2.79 1.87
C GLU A 16 -4.90 -1.53 2.73
N GLU A 17 -4.74 -1.70 4.04
CA GLU A 17 -4.60 -0.65 5.02
C GLU A 17 -3.15 -0.54 5.53
N ILE A 18 -2.42 -1.66 5.56
CA ILE A 18 -1.11 -1.75 6.22
C ILE A 18 -0.06 -1.14 5.31
N ALA A 19 -0.26 -1.28 4.00
CA ALA A 19 0.46 -0.52 3.01
C ALA A 19 0.29 0.97 3.24
N VAL A 20 -0.95 1.42 3.45
CA VAL A 20 -1.28 2.83 3.70
C VAL A 20 -0.53 3.32 4.94
N LYS A 21 -0.56 2.56 6.04
CA LYS A 21 0.03 2.97 7.31
C LYS A 21 1.50 3.29 7.09
N GLU A 22 2.29 2.31 6.63
CA GLU A 22 3.72 2.52 6.42
C GLU A 22 3.96 3.66 5.43
N ALA A 23 3.20 3.70 4.34
CA ALA A 23 3.29 4.75 3.33
C ALA A 23 2.92 6.13 3.86
N LYS A 24 2.44 6.29 5.11
CA LYS A 24 2.39 7.62 5.74
C LYS A 24 3.53 7.81 6.72
N LYS A 25 4.00 6.77 7.42
CA LYS A 25 5.10 6.91 8.39
C LYS A 25 6.36 7.35 7.67
N ARG A 26 6.72 6.62 6.61
CA ARG A 26 7.99 6.84 5.90
C ARG A 26 8.02 8.16 5.13
N TYR A 27 6.95 8.94 5.13
CA TYR A 27 6.78 10.09 4.27
C TYR A 27 6.29 11.18 5.19
N PRO A 28 7.19 11.70 6.05
CA PRO A 28 6.88 12.75 7.00
C PRO A 28 6.67 14.10 6.31
N LEU A 29 7.08 14.22 5.04
CA LEU A 29 6.93 15.39 4.19
C LEU A 29 5.99 15.03 3.04
N ALA A 30 4.91 14.28 3.31
CA ALA A 30 3.79 14.06 2.39
C ALA A 30 2.65 13.30 3.10
N GLN A 31 1.50 13.14 2.45
CA GLN A 31 0.33 12.39 2.92
C GLN A 31 -0.14 11.43 1.83
N VAL A 32 -0.42 10.18 2.16
CA VAL A 32 -0.77 9.13 1.19
C VAL A 32 -2.30 9.02 1.18
N LEU A 33 -2.95 9.13 0.01
CA LEU A 33 -4.40 9.33 -0.07
C LEU A 33 -5.07 8.37 -1.05
N PHE A 34 -4.31 7.68 -1.88
CA PHE A 34 -4.79 6.74 -2.90
C PHE A 34 -4.79 5.31 -2.36
N LYS A 35 -5.52 4.39 -2.99
CA LYS A 35 -5.53 2.96 -2.68
C LYS A 35 -5.99 2.19 -3.93
N GLN A 36 -5.11 1.81 -4.88
CA GLN A 36 -5.54 0.98 -6.02
C GLN A 36 -5.31 -0.51 -5.73
N LYS A 37 -5.85 -1.41 -6.55
CA LYS A 37 -5.40 -2.80 -6.58
C LYS A 37 -4.09 -2.86 -7.37
N VAL A 38 -3.30 -3.92 -7.16
CA VAL A 38 -2.26 -4.31 -8.11
C VAL A 38 -2.44 -5.81 -8.41
N TRP A 39 -1.45 -6.44 -9.05
CA TRP A 39 -1.41 -7.88 -9.21
C TRP A 39 -1.50 -8.57 -7.85
N ASP A 40 -2.12 -9.75 -7.82
CA ASP A 40 -2.41 -10.52 -6.61
C ASP A 40 -1.99 -11.95 -6.89
N ARG A 41 -1.00 -12.46 -6.15
CA ARG A 41 -0.52 -13.82 -6.35
C ARG A 41 0.04 -14.37 -5.06
N LYS A 42 -0.07 -15.68 -4.84
CA LYS A 42 0.59 -16.35 -3.73
C LYS A 42 1.55 -17.38 -4.30
N ARG A 43 2.64 -17.61 -3.57
CA ARG A 43 3.75 -18.46 -3.99
C ARG A 43 3.64 -19.80 -3.24
N LYS A 44 4.67 -20.63 -3.19
CA LYS A 44 4.57 -21.89 -2.44
C LYS A 44 4.62 -21.61 -0.95
N ASP A 45 5.52 -20.74 -0.53
CA ASP A 45 5.94 -20.51 0.86
C ASP A 45 6.08 -19.01 1.13
N GLU A 46 5.55 -18.16 0.26
CA GLU A 46 5.37 -16.74 0.52
C GLU A 46 4.13 -16.30 -0.25
N ALA A 47 3.69 -15.06 -0.07
CA ALA A 47 2.59 -14.47 -0.79
C ALA A 47 2.85 -12.97 -0.91
N VAL A 48 2.33 -12.36 -1.98
CA VAL A 48 2.58 -10.97 -2.32
C VAL A 48 1.27 -10.30 -2.67
N LYS A 49 1.00 -9.21 -1.97
CA LYS A 49 -0.24 -8.47 -2.07
C LYS A 49 0.15 -7.05 -1.70
N GLN A 50 1.05 -6.52 -2.52
CA GLN A 50 1.45 -5.13 -2.53
C GLN A 50 0.24 -4.29 -2.92
N TYR A 51 0.41 -2.97 -2.89
CA TYR A 51 -0.48 -2.03 -3.57
C TYR A 51 0.40 -0.92 -4.14
N HIS A 52 -0.23 -0.07 -4.92
CA HIS A 52 0.30 1.17 -5.45
C HIS A 52 -0.63 2.25 -4.92
N LEU A 53 -0.04 3.32 -4.39
CA LEU A 53 -0.74 4.48 -3.84
C LEU A 53 -0.12 5.72 -4.49
N THR A 54 -0.48 6.92 -4.08
CA THR A 54 0.33 8.11 -4.35
C THR A 54 0.43 8.86 -3.03
N LEU A 55 1.59 9.47 -2.80
CA LEU A 55 1.78 10.46 -1.73
C LEU A 55 1.51 11.84 -2.32
N ARG A 56 1.14 12.80 -1.47
CA ARG A 56 0.86 14.20 -1.78
C ARG A 56 1.63 15.06 -0.79
N GLU A 57 2.72 15.69 -1.20
CA GLU A 57 3.29 16.80 -0.47
C GLU A 57 2.70 18.08 -1.09
N GLY A 58 2.06 18.92 -0.29
CA GLY A 58 1.62 20.26 -0.65
C GLY A 58 0.77 20.33 -1.92
N SER A 59 1.43 20.51 -3.06
CA SER A 59 0.85 20.76 -4.39
C SER A 59 1.53 19.85 -5.44
N LYS A 60 1.98 18.66 -5.04
CA LYS A 60 2.51 17.61 -5.92
C LYS A 60 1.82 16.30 -5.57
N GLU A 61 1.87 15.30 -6.45
CA GLU A 61 1.63 13.89 -6.16
C GLU A 61 2.77 13.09 -6.79
N PHE A 62 3.16 11.97 -6.17
CA PHE A 62 4.19 11.04 -6.63
C PHE A 62 3.75 9.63 -6.23
N GLY A 63 3.60 8.77 -7.24
CA GLY A 63 3.16 7.40 -7.05
C GLY A 63 4.17 6.68 -6.16
N VAL A 64 3.68 5.82 -5.26
CA VAL A 64 4.55 4.96 -4.48
C VAL A 64 4.08 3.52 -4.51
N PHE A 65 4.96 2.63 -4.05
CA PHE A 65 4.73 1.21 -3.98
C PHE A 65 5.14 0.73 -2.59
N VAL A 66 4.60 -0.40 -2.18
CA VAL A 66 4.86 -0.97 -0.86
C VAL A 66 5.13 -2.46 -1.06
N THR A 67 5.99 -3.07 -0.24
CA THR A 67 6.36 -4.47 -0.41
C THR A 67 6.25 -5.20 0.93
N ILE A 68 5.01 -5.45 1.32
CA ILE A 68 4.62 -6.45 2.30
C ILE A 68 4.86 -7.80 1.60
N SER A 69 5.66 -8.68 2.20
CA SER A 69 5.68 -10.10 1.89
C SER A 69 5.07 -10.81 3.08
N PHE A 70 4.06 -11.64 2.86
CA PHE A 70 3.38 -12.36 3.94
C PHE A 70 3.44 -13.84 3.67
N ASP A 71 2.99 -14.60 4.65
CA ASP A 71 3.12 -16.05 4.66
C ASP A 71 1.78 -16.66 4.30
N PRO A 72 1.75 -17.77 3.53
CA PRO A 72 0.50 -18.34 3.08
C PRO A 72 -0.15 -19.21 4.15
N TYR A 73 0.64 -19.78 5.07
CA TYR A 73 0.15 -20.67 6.12
C TYR A 73 -0.95 -19.96 6.92
N SER A 74 -0.71 -18.74 7.40
CA SER A 74 -1.60 -18.08 8.37
C SER A 74 -1.48 -16.54 8.34
N GLN A 75 -1.06 -15.92 7.23
CA GLN A 75 -0.87 -14.46 7.14
C GLN A 75 0.06 -13.93 8.24
N LYS A 76 1.18 -14.61 8.52
CA LYS A 76 2.23 -14.00 9.32
C LYS A 76 2.96 -13.13 8.32
N VAL A 77 3.07 -11.82 8.55
CA VAL A 77 3.82 -10.98 7.63
C VAL A 77 5.29 -11.30 7.80
N ASN A 78 5.92 -11.84 6.76
CA ASN A 78 7.30 -12.27 6.79
C ASN A 78 8.16 -11.03 6.92
N LYS A 79 8.05 -10.08 5.98
CA LYS A 79 8.89 -8.87 5.93
C LYS A 79 8.11 -7.74 5.28
N ILE A 80 8.56 -6.50 5.49
CA ILE A 80 7.86 -5.28 5.11
C ILE A 80 8.89 -4.24 4.66
N ALA A 81 8.76 -3.75 3.43
CA ALA A 81 9.56 -2.68 2.84
C ALA A 81 8.64 -1.62 2.23
N ILE A 82 9.22 -0.49 1.86
CA ILE A 82 8.57 0.67 1.25
C ILE A 82 9.40 1.06 0.01
N LEU A 83 8.76 1.62 -1.01
CA LEU A 83 9.40 2.15 -2.20
C LEU A 83 8.77 3.51 -2.52
N GLU A 84 9.39 4.28 -3.41
CA GLU A 84 8.87 5.49 -4.01
C GLU A 84 9.18 5.36 -5.50
N GLU A 85 8.34 5.91 -6.37
CA GLU A 85 8.73 6.16 -7.74
C GLU A 85 9.59 7.43 -7.78
N TYR A 86 10.32 7.61 -8.88
CA TYR A 86 11.15 8.77 -9.18
C TYR A 86 11.31 8.78 -10.70
N GLN A 87 11.39 9.96 -11.31
CA GLN A 87 11.57 10.13 -12.74
C GLN A 87 11.88 11.59 -13.01
N GLY A 1 -10.04 17.45 -5.54
CA GLY A 1 -10.39 16.05 -5.73
C GLY A 1 -11.07 15.48 -4.49
N GLU A 2 -10.70 14.25 -4.12
CA GLU A 2 -11.03 13.64 -2.83
C GLU A 2 -9.71 13.16 -2.20
N GLU A 3 -9.76 12.86 -0.91
CA GLU A 3 -8.72 12.22 -0.13
C GLU A 3 -8.68 10.71 -0.38
N THR A 4 -9.79 10.11 -0.83
CA THR A 4 -9.89 8.68 -1.06
C THR A 4 -10.87 8.40 -2.20
N PRO A 5 -10.64 7.34 -3.01
CA PRO A 5 -11.62 6.88 -3.98
C PRO A 5 -12.74 6.07 -3.29
N LEU A 6 -12.57 5.70 -2.02
CA LEU A 6 -13.43 4.79 -1.25
C LEU A 6 -14.63 5.54 -0.67
N VAL A 7 -15.31 6.29 -1.54
CA VAL A 7 -16.49 7.11 -1.28
C VAL A 7 -17.75 6.29 -1.00
N THR A 8 -17.65 4.99 -0.68
CA THR A 8 -18.80 4.14 -0.40
C THR A 8 -18.40 3.09 0.64
N ALA A 9 -19.32 2.70 1.50
CA ALA A 9 -19.09 1.72 2.56
C ALA A 9 -18.85 0.33 1.96
N ARG A 10 -17.61 -0.17 2.04
CA ARG A 10 -17.26 -1.54 1.70
C ARG A 10 -16.12 -2.00 2.60
N HIS A 11 -15.94 -3.32 2.73
CA HIS A 11 -14.79 -3.89 3.42
C HIS A 11 -13.50 -3.52 2.70
N MET A 12 -12.41 -3.51 3.47
CA MET A 12 -11.05 -3.32 3.02
C MET A 12 -10.40 -4.67 2.74
N SER A 13 -9.21 -4.63 2.16
CA SER A 13 -8.35 -5.81 2.05
C SER A 13 -7.75 -6.13 3.43
N LYS A 14 -7.30 -7.38 3.60
CA LYS A 14 -6.62 -7.85 4.81
C LYS A 14 -5.42 -6.95 5.11
N TRP A 15 -4.63 -6.63 4.07
CA TRP A 15 -3.36 -5.94 4.21
C TRP A 15 -3.47 -4.45 3.89
N GLU A 16 -4.66 -3.91 3.59
CA GLU A 16 -4.81 -2.48 3.26
C GLU A 16 -4.28 -1.66 4.44
N GLU A 17 -4.86 -1.76 5.65
CA GLU A 17 -4.45 -0.92 6.79
C GLU A 17 -3.01 -1.14 7.25
N ILE A 18 -2.29 -2.13 6.71
CA ILE A 18 -0.89 -2.43 6.94
C ILE A 18 -0.05 -1.75 5.85
N ALA A 19 -0.44 -1.85 4.58
CA ALA A 19 0.21 -1.11 3.51
C ALA A 19 0.05 0.40 3.73
N VAL A 20 -1.17 0.80 4.06
CA VAL A 20 -1.64 2.16 4.17
C VAL A 20 -0.97 2.88 5.34
N LYS A 21 -0.54 2.19 6.40
CA LYS A 21 0.23 2.86 7.43
C LYS A 21 1.65 3.11 6.94
N GLU A 22 2.27 2.15 6.26
CA GLU A 22 3.67 2.28 5.87
C GLU A 22 3.81 3.44 4.87
N ALA A 23 2.98 3.46 3.84
CA ALA A 23 2.97 4.48 2.80
C ALA A 23 2.55 5.88 3.26
N LYS A 24 2.10 6.08 4.51
CA LYS A 24 1.98 7.43 5.09
C LYS A 24 3.07 7.67 6.13
N LYS A 25 3.40 6.68 6.97
CA LYS A 25 4.26 6.92 8.12
C LYS A 25 5.68 7.20 7.63
N ARG A 26 6.13 6.41 6.65
CA ARG A 26 7.43 6.51 6.01
C ARG A 26 7.55 7.73 5.10
N TYR A 27 6.59 8.65 5.13
CA TYR A 27 6.49 9.79 4.24
C TYR A 27 6.18 10.98 5.15
N PRO A 28 7.23 11.55 5.77
CA PRO A 28 7.13 12.80 6.50
C PRO A 28 7.15 14.02 5.57
N LEU A 29 7.62 13.84 4.33
CA LEU A 29 7.68 14.85 3.28
C LEU A 29 6.67 14.47 2.19
N ALA A 30 5.47 14.02 2.59
CA ALA A 30 4.28 13.92 1.74
C ALA A 30 3.09 13.45 2.59
N GLN A 31 1.87 13.58 2.05
CA GLN A 31 0.64 13.06 2.64
C GLN A 31 0.06 12.00 1.75
N VAL A 32 -0.64 11.02 2.29
CA VAL A 32 -1.37 10.05 1.48
C VAL A 32 -2.77 10.57 1.15
N LEU A 33 -3.26 10.27 -0.05
CA LEU A 33 -4.61 10.61 -0.53
C LEU A 33 -5.14 9.53 -1.49
N PHE A 34 -4.77 8.26 -1.27
CA PHE A 34 -5.31 7.13 -2.03
C PHE A 34 -5.20 5.85 -1.22
N LYS A 35 -5.93 4.79 -1.59
CA LYS A 35 -6.03 3.48 -0.91
C LYS A 35 -6.50 2.43 -1.92
N GLN A 36 -5.62 1.74 -2.65
CA GLN A 36 -6.02 0.74 -3.64
C GLN A 36 -4.95 -0.33 -3.87
N LYS A 37 -5.37 -1.41 -4.54
CA LYS A 37 -4.62 -2.60 -4.83
C LYS A 37 -4.45 -2.63 -6.34
N VAL A 38 -3.22 -2.70 -6.85
CA VAL A 38 -2.93 -2.62 -8.29
C VAL A 38 -1.81 -3.62 -8.64
N TRP A 39 -1.84 -4.82 -8.03
CA TRP A 39 -0.80 -5.82 -8.19
C TRP A 39 -1.33 -7.19 -7.74
N ASP A 40 -0.76 -8.28 -8.26
CA ASP A 40 -1.25 -9.63 -8.04
C ASP A 40 -0.17 -10.67 -8.34
N ARG A 41 0.53 -11.13 -7.30
CA ARG A 41 1.47 -12.24 -7.37
C ARG A 41 1.20 -13.16 -6.18
N LYS A 42 1.78 -14.35 -6.20
CA LYS A 42 1.92 -15.28 -5.09
C LYS A 42 3.20 -16.07 -5.35
N ARG A 43 3.61 -16.92 -4.41
CA ARG A 43 4.70 -17.90 -4.60
C ARG A 43 4.18 -19.25 -4.09
N LYS A 44 5.03 -20.27 -4.03
CA LYS A 44 4.60 -21.66 -3.76
C LYS A 44 4.01 -21.77 -2.35
N ASP A 45 4.75 -21.25 -1.38
CA ASP A 45 4.56 -21.37 0.05
C ASP A 45 4.85 -20.03 0.73
N GLU A 46 4.74 -18.95 -0.06
CA GLU A 46 4.75 -17.57 0.38
C GLU A 46 3.73 -16.86 -0.50
N ALA A 47 3.32 -15.67 -0.10
CA ALA A 47 2.44 -14.81 -0.86
C ALA A 47 2.89 -13.37 -0.65
N VAL A 48 2.36 -12.50 -1.47
CA VAL A 48 2.79 -11.13 -1.58
C VAL A 48 1.56 -10.41 -2.10
N LYS A 49 1.22 -9.26 -1.53
CA LYS A 49 0.13 -8.41 -1.99
C LYS A 49 0.68 -7.01 -1.82
N GLN A 50 1.30 -6.48 -2.87
CA GLN A 50 1.70 -5.08 -2.88
C GLN A 50 0.46 -4.25 -3.16
N TYR A 51 0.45 -3.02 -2.64
CA TYR A 51 -0.59 -2.02 -2.83
C TYR A 51 0.10 -0.80 -3.41
N HIS A 52 -0.66 0.08 -4.05
CA HIS A 52 -0.14 1.29 -4.68
C HIS A 52 -0.98 2.44 -4.14
N LEU A 53 -0.35 3.33 -3.38
CA LEU A 53 -0.98 4.50 -2.81
C LEU A 53 -0.41 5.71 -3.55
N THR A 54 -1.07 6.86 -3.48
CA THR A 54 -0.57 8.09 -4.09
C THR A 54 -0.37 9.12 -2.98
N LEU A 55 0.88 9.59 -2.91
CA LEU A 55 1.33 10.63 -2.00
C LEU A 55 1.25 12.00 -2.69
N ARG A 56 1.27 13.08 -1.90
CA ARG A 56 1.29 14.46 -2.37
C ARG A 56 2.37 15.18 -1.60
N GLU A 57 3.21 15.95 -2.27
CA GLU A 57 4.03 16.93 -1.60
C GLU A 57 4.09 18.20 -2.45
N GLY A 58 3.72 19.31 -1.85
CA GLY A 58 3.89 20.66 -2.36
C GLY A 58 2.89 20.96 -3.45
N SER A 59 3.16 20.52 -4.66
CA SER A 59 2.23 20.48 -5.80
C SER A 59 2.51 19.26 -6.69
N LYS A 60 3.38 18.35 -6.27
CA LYS A 60 3.59 17.07 -6.92
C LYS A 60 2.62 16.06 -6.32
N GLU A 61 2.27 15.06 -7.10
CA GLU A 61 1.71 13.80 -6.66
C GLU A 61 2.55 12.71 -7.30
N PHE A 62 2.74 11.63 -6.55
CA PHE A 62 3.58 10.50 -6.95
C PHE A 62 3.04 9.25 -6.29
N GLY A 63 3.09 8.11 -6.98
CA GLY A 63 2.63 6.86 -6.43
C GLY A 63 3.76 6.16 -5.70
N VAL A 64 3.45 5.41 -4.64
CA VAL A 64 4.41 4.57 -3.94
C VAL A 64 3.80 3.18 -3.74
N PHE A 65 4.63 2.14 -3.88
CA PHE A 65 4.22 0.76 -3.69
C PHE A 65 4.69 0.23 -2.33
N VAL A 66 4.00 -0.77 -1.79
CA VAL A 66 4.29 -1.29 -0.44
C VAL A 66 4.57 -2.79 -0.50
N THR A 67 5.85 -3.15 -0.35
CA THR A 67 6.35 -4.49 -0.36
C THR A 67 5.90 -5.22 0.92
N ILE A 68 4.72 -5.84 0.90
CA ILE A 68 4.29 -6.79 1.93
C ILE A 68 4.58 -8.18 1.39
N SER A 69 5.35 -8.99 2.14
CA SER A 69 5.54 -10.40 1.89
C SER A 69 4.98 -11.15 3.09
N PHE A 70 4.11 -12.11 2.84
CA PHE A 70 3.31 -12.78 3.86
C PHE A 70 3.18 -14.25 3.50
N ASP A 71 2.50 -15.01 4.34
CA ASP A 71 2.53 -16.47 4.21
C ASP A 71 1.13 -17.02 3.94
N PRO A 72 0.97 -18.06 3.11
CA PRO A 72 -0.33 -18.63 2.81
C PRO A 72 -0.84 -19.47 3.98
N TYR A 73 0.08 -20.04 4.77
CA TYR A 73 -0.20 -20.96 5.85
C TYR A 73 -1.24 -20.39 6.81
N SER A 74 -1.04 -19.17 7.29
CA SER A 74 -1.98 -18.50 8.19
C SER A 74 -1.78 -16.98 8.23
N GLN A 75 -1.28 -16.37 7.14
CA GLN A 75 -1.04 -14.94 7.06
C GLN A 75 -0.10 -14.46 8.17
N LYS A 76 1.02 -15.16 8.40
CA LYS A 76 2.17 -14.46 9.00
C LYS A 76 2.63 -13.46 7.95
N VAL A 77 2.84 -12.21 8.30
CA VAL A 77 3.63 -11.31 7.48
C VAL A 77 5.09 -11.60 7.76
N ASN A 78 5.81 -12.01 6.72
CA ASN A 78 7.18 -12.45 6.80
C ASN A 78 8.11 -11.24 6.82
N LYS A 79 7.90 -10.29 5.91
CA LYS A 79 8.73 -9.09 5.80
C LYS A 79 7.90 -7.94 5.22
N ILE A 80 8.34 -6.70 5.48
CA ILE A 80 7.76 -5.48 4.91
C ILE A 80 8.93 -4.59 4.46
N ALA A 81 8.76 -3.92 3.32
CA ALA A 81 9.56 -2.82 2.78
C ALA A 81 8.63 -1.85 2.02
N ILE A 82 9.16 -0.76 1.47
CA ILE A 82 8.47 0.28 0.70
C ILE A 82 9.22 0.47 -0.63
N LEU A 83 8.59 1.11 -1.63
CA LEU A 83 9.11 1.45 -2.95
C LEU A 83 8.45 2.77 -3.35
N GLU A 84 9.14 3.65 -4.08
CA GLU A 84 8.64 4.96 -4.47
C GLU A 84 8.81 5.10 -5.98
N GLU A 85 7.87 5.78 -6.66
CA GLU A 85 8.02 6.11 -8.07
C GLU A 85 9.05 7.24 -8.22
N TYR A 86 9.89 7.18 -9.24
CA TYR A 86 10.96 8.12 -9.55
C TYR A 86 10.93 8.30 -11.07
N GLN A 87 11.21 9.51 -11.54
CA GLN A 87 11.04 9.88 -12.95
C GLN A 87 12.41 10.10 -13.58
N GLY A 1 -13.47 14.23 7.65
CA GLY A 1 -14.43 14.27 6.54
C GLY A 1 -14.34 13.00 5.71
N GLU A 2 -13.35 12.91 4.82
CA GLU A 2 -13.09 11.77 3.96
C GLU A 2 -11.61 11.38 4.10
N GLU A 3 -11.19 10.25 3.53
CA GLU A 3 -9.78 9.91 3.41
C GLU A 3 -9.33 9.96 1.95
N THR A 4 -10.25 9.78 1.01
CA THR A 4 -10.00 9.62 -0.42
C THR A 4 -11.05 10.42 -1.21
N PRO A 5 -10.76 10.84 -2.45
CA PRO A 5 -11.75 11.37 -3.40
C PRO A 5 -12.66 10.28 -3.97
N LEU A 6 -12.57 9.03 -3.49
CA LEU A 6 -13.56 8.00 -3.68
C LEU A 6 -13.95 7.49 -2.29
N VAL A 7 -15.07 7.97 -1.77
CA VAL A 7 -15.76 7.34 -0.65
C VAL A 7 -16.34 6.01 -1.15
N THR A 8 -16.90 5.99 -2.37
CA THR A 8 -17.47 4.81 -3.00
C THR A 8 -16.37 3.77 -3.21
N ALA A 9 -16.29 2.80 -2.29
CA ALA A 9 -15.41 1.64 -2.29
C ALA A 9 -15.59 0.92 -0.95
N ARG A 10 -16.64 0.09 -0.83
CA ARG A 10 -16.80 -0.78 0.35
C ARG A 10 -16.00 -2.06 0.14
N HIS A 11 -15.81 -2.80 1.23
CA HIS A 11 -15.32 -4.17 1.28
C HIS A 11 -13.83 -4.24 0.90
N MET A 12 -12.99 -4.20 1.93
CA MET A 12 -11.55 -3.99 1.85
C MET A 12 -10.79 -5.30 2.09
N SER A 13 -9.45 -5.25 2.01
CA SER A 13 -8.54 -6.39 2.10
C SER A 13 -8.04 -6.67 3.53
N LYS A 14 -7.30 -7.77 3.73
CA LYS A 14 -6.59 -8.06 4.98
C LYS A 14 -5.38 -7.14 5.14
N TRP A 15 -4.69 -6.84 4.04
CA TRP A 15 -3.39 -6.16 4.02
C TRP A 15 -3.49 -4.66 3.69
N GLU A 16 -4.71 -4.11 3.61
CA GLU A 16 -4.95 -2.75 3.14
C GLU A 16 -4.46 -1.69 4.11
N GLU A 17 -4.85 -1.76 5.39
CA GLU A 17 -4.43 -0.79 6.38
C GLU A 17 -2.93 -0.84 6.55
N ILE A 18 -2.32 -2.03 6.49
CA ILE A 18 -0.88 -2.19 6.60
C ILE A 18 -0.21 -1.39 5.47
N ALA A 19 -0.69 -1.56 4.23
CA ALA A 19 -0.16 -0.84 3.09
C ALA A 19 -0.34 0.66 3.25
N VAL A 20 -1.56 1.12 3.52
CA VAL A 20 -1.84 2.55 3.64
C VAL A 20 -1.02 3.13 4.80
N LYS A 21 -1.02 2.50 5.99
CA LYS A 21 -0.33 3.00 7.18
C LYS A 21 1.15 3.20 6.89
N GLU A 22 1.81 2.29 6.19
CA GLU A 22 3.19 2.46 5.74
C GLU A 22 3.31 3.70 4.84
N ALA A 23 2.56 3.71 3.73
CA ALA A 23 2.64 4.78 2.72
C ALA A 23 2.21 6.15 3.24
N LYS A 24 1.60 6.25 4.43
CA LYS A 24 1.30 7.52 5.08
C LYS A 24 2.18 7.79 6.29
N LYS A 25 3.03 6.87 6.77
CA LYS A 25 3.89 7.15 7.93
C LYS A 25 5.34 7.38 7.53
N ARG A 26 5.81 6.68 6.51
CA ARG A 26 7.19 6.82 6.02
C ARG A 26 7.42 8.14 5.26
N TYR A 27 6.45 9.04 5.21
CA TYR A 27 6.45 10.19 4.29
C TYR A 27 6.03 11.45 5.04
N PRO A 28 6.87 11.92 5.97
CA PRO A 28 6.52 12.99 6.91
C PRO A 28 6.38 14.34 6.22
N LEU A 29 6.90 14.46 4.99
CA LEU A 29 6.96 15.68 4.20
C LEU A 29 5.83 15.73 3.17
N ALA A 30 4.95 14.72 3.18
CA ALA A 30 3.92 14.48 2.19
C ALA A 30 2.68 13.87 2.87
N GLN A 31 1.65 13.55 2.09
CA GLN A 31 0.38 12.97 2.52
C GLN A 31 -0.07 11.97 1.46
N VAL A 32 -0.86 10.94 1.81
CA VAL A 32 -1.30 9.91 0.86
C VAL A 32 -2.78 10.18 0.48
N LEU A 33 -3.19 9.94 -0.78
CA LEU A 33 -4.46 10.40 -1.35
C LEU A 33 -5.28 9.27 -2.00
N PHE A 34 -4.79 8.05 -1.92
CA PHE A 34 -5.23 6.90 -2.70
C PHE A 34 -5.09 5.68 -1.77
N LYS A 35 -5.93 4.64 -1.90
CA LYS A 35 -5.87 3.41 -1.10
C LYS A 35 -6.41 2.23 -1.92
N GLN A 36 -5.61 1.55 -2.76
CA GLN A 36 -6.06 0.48 -3.67
C GLN A 36 -4.99 -0.61 -3.80
N LYS A 37 -5.41 -1.87 -3.99
CA LYS A 37 -4.48 -2.96 -4.33
C LYS A 37 -4.06 -2.82 -5.80
N VAL A 38 -3.06 -3.58 -6.22
CA VAL A 38 -2.85 -3.88 -7.64
C VAL A 38 -2.55 -5.36 -7.90
N TRP A 39 -1.87 -6.06 -6.99
CA TRP A 39 -1.30 -7.37 -7.28
C TRP A 39 -1.70 -8.39 -6.22
N ASP A 40 -2.20 -9.56 -6.66
CA ASP A 40 -2.79 -10.61 -5.84
C ASP A 40 -2.34 -11.99 -6.33
N ARG A 41 -1.35 -12.58 -5.65
CA ARG A 41 -0.77 -13.89 -5.96
C ARG A 41 -0.28 -14.55 -4.68
N LYS A 42 0.31 -15.74 -4.81
CA LYS A 42 1.15 -16.39 -3.81
C LYS A 42 2.05 -17.42 -4.49
N ARG A 43 2.94 -18.05 -3.74
CA ARG A 43 3.91 -19.05 -4.17
C ARG A 43 3.47 -20.42 -3.64
N LYS A 44 4.35 -21.41 -3.60
CA LYS A 44 4.09 -22.67 -2.93
C LYS A 44 3.87 -22.40 -1.44
N ASP A 45 4.90 -21.93 -0.75
CA ASP A 45 4.88 -21.54 0.64
C ASP A 45 5.51 -20.15 0.68
N GLU A 46 4.75 -19.15 0.22
CA GLU A 46 4.95 -17.74 0.49
C GLU A 46 3.74 -17.04 -0.13
N ALA A 47 3.47 -15.81 0.25
CA ALA A 47 2.47 -14.97 -0.38
C ALA A 47 3.02 -13.55 -0.44
N VAL A 48 2.65 -12.80 -1.48
CA VAL A 48 3.03 -11.41 -1.63
C VAL A 48 1.81 -10.75 -2.25
N LYS A 49 1.45 -9.57 -1.76
CA LYS A 49 0.38 -8.75 -2.31
C LYS A 49 0.86 -7.33 -2.25
N GLN A 50 0.69 -6.59 -3.33
CA GLN A 50 1.25 -5.26 -3.46
C GLN A 50 0.16 -4.29 -3.90
N TYR A 51 0.34 -3.05 -3.50
CA TYR A 51 -0.62 -1.95 -3.58
C TYR A 51 0.06 -0.82 -4.37
N HIS A 52 -0.75 0.14 -4.82
CA HIS A 52 -0.36 1.30 -5.61
C HIS A 52 -0.98 2.42 -4.81
N LEU A 53 -0.19 3.35 -4.27
CA LEU A 53 -0.71 4.55 -3.62
C LEU A 53 0.06 5.72 -4.22
N THR A 54 -0.39 6.96 -3.97
CA THR A 54 0.32 8.13 -4.42
C THR A 54 0.42 9.06 -3.22
N LEU A 55 1.55 9.73 -3.11
CA LEU A 55 1.78 10.82 -2.17
C LEU A 55 1.62 12.16 -2.89
N ARG A 56 1.38 13.22 -2.12
CA ARG A 56 1.39 14.60 -2.56
C ARG A 56 2.31 15.39 -1.64
N GLU A 57 3.16 16.23 -2.23
CA GLU A 57 4.01 17.19 -1.54
C GLU A 57 3.73 18.51 -2.25
N GLY A 58 3.02 19.40 -1.55
CA GLY A 58 2.51 20.66 -2.08
C GLY A 58 1.69 20.41 -3.33
N SER A 59 2.28 20.64 -4.50
CA SER A 59 1.65 20.61 -5.82
C SER A 59 2.16 19.47 -6.70
N LYS A 60 3.08 18.62 -6.25
CA LYS A 60 3.46 17.40 -6.95
C LYS A 60 2.68 16.23 -6.38
N GLU A 61 2.33 15.26 -7.21
CA GLU A 61 1.90 13.93 -6.81
C GLU A 61 2.83 12.92 -7.47
N PHE A 62 3.15 11.84 -6.76
CA PHE A 62 4.19 10.88 -7.05
C PHE A 62 3.81 9.53 -6.42
N GLY A 63 3.84 8.47 -7.22
CA GLY A 63 3.44 7.14 -6.82
C GLY A 63 4.46 6.46 -5.91
N VAL A 64 3.98 5.66 -4.97
CA VAL A 64 4.80 4.68 -4.23
C VAL A 64 4.27 3.26 -4.33
N PHE A 65 5.16 2.30 -4.04
CA PHE A 65 4.88 0.87 -4.12
C PHE A 65 5.29 0.19 -2.80
N VAL A 66 4.29 -0.01 -1.95
CA VAL A 66 4.42 -0.79 -0.72
C VAL A 66 4.80 -2.23 -1.13
N THR A 67 5.71 -2.87 -0.41
CA THR A 67 6.13 -4.26 -0.61
C THR A 67 5.72 -5.04 0.64
N ILE A 68 4.87 -6.07 0.51
CA ILE A 68 4.37 -6.90 1.61
C ILE A 68 4.51 -8.36 1.21
N SER A 69 5.48 -9.05 1.79
CA SER A 69 5.61 -10.50 1.74
C SER A 69 5.10 -11.07 3.07
N PHE A 70 4.21 -12.06 2.99
CA PHE A 70 3.61 -12.75 4.13
C PHE A 70 3.51 -14.23 3.78
N ASP A 71 2.84 -15.00 4.62
CA ASP A 71 2.86 -16.45 4.54
C ASP A 71 1.46 -17.00 4.33
N PRO A 72 1.29 -18.07 3.53
CA PRO A 72 -0.04 -18.54 3.20
C PRO A 72 -0.62 -19.43 4.30
N TYR A 73 0.22 -19.99 5.18
CA TYR A 73 -0.19 -20.88 6.27
C TYR A 73 -1.30 -20.21 7.07
N SER A 74 -1.03 -19.03 7.63
CA SER A 74 -1.91 -18.33 8.55
C SER A 74 -1.52 -16.85 8.68
N GLN A 75 -0.93 -16.25 7.63
CA GLN A 75 -0.51 -14.85 7.62
C GLN A 75 0.48 -14.57 8.74
N LYS A 76 1.66 -15.20 8.73
CA LYS A 76 2.84 -14.55 9.29
C LYS A 76 3.23 -13.49 8.28
N VAL A 77 3.55 -12.30 8.73
CA VAL A 77 4.34 -11.35 7.95
C VAL A 77 5.71 -12.00 7.78
N ASN A 78 6.20 -12.05 6.54
CA ASN A 78 7.56 -12.51 6.26
C ASN A 78 8.47 -11.28 6.27
N LYS A 79 8.23 -10.33 5.37
CA LYS A 79 9.03 -9.10 5.23
C LYS A 79 8.13 -8.00 4.68
N ILE A 80 8.51 -6.75 4.93
CA ILE A 80 7.85 -5.56 4.42
C ILE A 80 8.97 -4.62 3.98
N ALA A 81 8.79 -3.86 2.88
CA ALA A 81 9.67 -2.77 2.45
C ALA A 81 8.84 -1.68 1.76
N ILE A 82 9.46 -0.55 1.42
CA ILE A 82 8.83 0.58 0.71
C ILE A 82 9.70 0.95 -0.49
N LEU A 83 9.08 1.48 -1.53
CA LEU A 83 9.65 1.81 -2.83
C LEU A 83 8.96 3.11 -3.28
N GLU A 84 9.72 3.99 -3.91
CA GLU A 84 9.30 5.29 -4.43
C GLU A 84 9.62 5.33 -5.91
N GLU A 85 8.64 5.74 -6.71
CA GLU A 85 8.81 6.01 -8.14
C GLU A 85 9.60 7.30 -8.31
N TYR A 86 10.37 7.41 -9.39
CA TYR A 86 11.12 8.61 -9.76
C TYR A 86 11.51 8.55 -11.24
N GLN A 87 11.85 9.72 -11.78
CA GLN A 87 12.09 9.94 -13.22
C GLN A 87 13.39 10.71 -13.38
N GLY A 1 -8.73 17.19 -6.64
CA GLY A 1 -9.54 16.41 -7.56
C GLY A 1 -10.50 15.57 -6.76
N GLU A 2 -10.10 14.36 -6.36
CA GLU A 2 -10.96 13.47 -5.58
C GLU A 2 -10.26 13.07 -4.29
N GLU A 3 -10.98 12.52 -3.32
CA GLU A 3 -10.40 12.00 -2.09
C GLU A 3 -9.68 10.69 -2.38
N THR A 4 -10.33 9.70 -2.98
CA THR A 4 -9.83 8.33 -3.19
C THR A 4 -10.85 7.59 -4.09
N PRO A 5 -10.55 6.43 -4.70
CA PRO A 5 -11.47 5.69 -5.56
C PRO A 5 -12.51 4.86 -4.79
N LEU A 6 -12.45 4.85 -3.46
CA LEU A 6 -13.21 4.00 -2.55
C LEU A 6 -13.78 4.87 -1.44
N VAL A 7 -14.53 5.89 -1.84
CA VAL A 7 -15.20 6.85 -0.97
C VAL A 7 -16.23 6.16 -0.06
N THR A 8 -16.57 4.89 -0.28
CA THR A 8 -17.31 4.06 0.65
C THR A 8 -16.86 2.62 0.45
N ALA A 9 -16.98 1.79 1.48
CA ALA A 9 -16.82 0.34 1.45
C ALA A 9 -17.39 -0.25 2.75
N ARG A 10 -17.26 -1.57 2.94
CA ARG A 10 -17.48 -2.25 4.22
C ARG A 10 -16.56 -3.48 4.22
N HIS A 11 -16.07 -3.89 5.39
CA HIS A 11 -15.07 -4.95 5.60
C HIS A 11 -13.90 -4.86 4.61
N MET A 12 -12.85 -4.12 4.97
CA MET A 12 -11.62 -4.03 4.19
C MET A 12 -10.81 -5.34 4.30
N SER A 13 -9.68 -5.43 3.59
CA SER A 13 -8.87 -6.64 3.45
C SER A 13 -8.14 -7.02 4.76
N LYS A 14 -7.09 -7.85 4.65
CA LYS A 14 -6.18 -8.21 5.72
C LYS A 14 -4.94 -7.31 5.76
N TRP A 15 -4.46 -6.86 4.58
CA TRP A 15 -3.13 -6.26 4.39
C TRP A 15 -3.16 -4.80 3.91
N GLU A 16 -4.34 -4.20 3.89
CA GLU A 16 -4.69 -2.93 3.29
C GLU A 16 -4.44 -1.73 4.21
N GLU A 17 -4.77 -1.83 5.50
CA GLU A 17 -4.52 -0.83 6.51
C GLU A 17 -3.02 -0.74 6.74
N ILE A 18 -2.33 -1.89 6.83
CA ILE A 18 -0.88 -1.99 6.95
C ILE A 18 -0.21 -1.16 5.85
N ALA A 19 -0.69 -1.28 4.61
CA ALA A 19 -0.17 -0.48 3.50
C ALA A 19 -0.43 1.02 3.68
N VAL A 20 -1.57 1.40 4.28
CA VAL A 20 -1.97 2.80 4.40
C VAL A 20 -1.14 3.48 5.48
N LYS A 21 -0.97 2.84 6.63
CA LYS A 21 -0.18 3.41 7.72
C LYS A 21 1.27 3.56 7.30
N GLU A 22 1.90 2.55 6.69
CA GLU A 22 3.29 2.67 6.26
C GLU A 22 3.43 3.80 5.23
N ALA A 23 2.58 3.81 4.19
CA ALA A 23 2.64 4.84 3.14
C ALA A 23 2.28 6.25 3.61
N LYS A 24 1.87 6.47 4.86
CA LYS A 24 1.77 7.83 5.43
C LYS A 24 2.85 8.08 6.46
N LYS A 25 3.21 7.08 7.27
CA LYS A 25 4.17 7.23 8.36
C LYS A 25 5.56 7.48 7.80
N ARG A 26 5.91 6.78 6.72
CA ARG A 26 7.23 6.87 6.09
C ARG A 26 7.45 8.24 5.43
N TYR A 27 6.45 9.12 5.37
CA TYR A 27 6.44 10.29 4.53
C TYR A 27 5.95 11.47 5.37
N PRO A 28 6.84 12.07 6.18
CA PRO A 28 6.53 13.23 6.98
C PRO A 28 6.32 14.47 6.11
N LEU A 29 7.08 14.61 5.03
CA LEU A 29 7.00 15.73 4.10
C LEU A 29 5.68 15.77 3.33
N ALA A 30 4.89 14.70 3.36
CA ALA A 30 3.74 14.51 2.51
C ALA A 30 2.58 13.89 3.29
N GLN A 31 1.45 13.72 2.59
CA GLN A 31 0.25 13.03 3.08
C GLN A 31 -0.13 12.01 2.01
N VAL A 32 -0.84 10.92 2.36
CA VAL A 32 -1.26 9.90 1.41
C VAL A 32 -2.73 10.12 1.05
N LEU A 33 -3.09 9.98 -0.22
CA LEU A 33 -4.41 10.33 -0.76
C LEU A 33 -4.90 9.31 -1.80
N PHE A 34 -4.35 8.09 -1.83
CA PHE A 34 -4.67 7.08 -2.84
C PHE A 34 -4.62 5.71 -2.17
N LYS A 35 -5.39 4.74 -2.67
CA LYS A 35 -5.36 3.34 -2.26
C LYS A 35 -5.79 2.51 -3.48
N GLN A 36 -4.87 2.17 -4.38
CA GLN A 36 -5.19 1.46 -5.63
C GLN A 36 -4.59 0.06 -5.59
N LYS A 37 -5.33 -0.95 -6.08
CA LYS A 37 -4.91 -2.35 -6.07
C LYS A 37 -3.70 -2.54 -7.01
N VAL A 38 -2.95 -3.62 -6.84
CA VAL A 38 -1.84 -4.01 -7.72
C VAL A 38 -1.90 -5.53 -8.00
N TRP A 39 -0.89 -6.07 -8.69
CA TRP A 39 -0.65 -7.48 -8.96
C TRP A 39 -0.89 -8.36 -7.71
N ASP A 40 -1.47 -9.54 -7.90
CA ASP A 40 -1.76 -10.46 -6.80
C ASP A 40 -1.46 -11.86 -7.32
N ARG A 41 -0.53 -12.57 -6.67
CA ARG A 41 -0.03 -13.88 -7.11
C ARG A 41 0.63 -14.52 -5.89
N LYS A 42 0.61 -15.85 -5.76
CA LYS A 42 1.39 -16.53 -4.73
C LYS A 42 2.48 -17.38 -5.38
N ARG A 43 3.62 -17.49 -4.71
CA ARG A 43 4.65 -18.49 -4.98
C ARG A 43 4.17 -19.82 -4.39
N LYS A 44 5.05 -20.82 -4.22
CA LYS A 44 4.69 -22.08 -3.57
C LYS A 44 4.25 -21.81 -2.13
N ASP A 45 5.08 -21.16 -1.33
CA ASP A 45 4.96 -21.13 0.13
C ASP A 45 4.78 -19.70 0.65
N GLU A 46 4.50 -18.74 -0.21
CA GLU A 46 4.47 -17.33 0.15
C GLU A 46 3.55 -16.62 -0.83
N ALA A 47 2.95 -15.52 -0.39
CA ALA A 47 1.89 -14.81 -1.09
C ALA A 47 2.15 -13.31 -1.06
N VAL A 48 1.61 -12.65 -2.09
CA VAL A 48 1.90 -11.27 -2.40
C VAL A 48 0.60 -10.67 -2.93
N LYS A 49 0.22 -9.54 -2.35
CA LYS A 49 -0.89 -8.66 -2.72
C LYS A 49 -0.61 -7.36 -1.97
N GLN A 50 -0.73 -6.21 -2.62
CA GLN A 50 -0.46 -4.91 -2.01
C GLN A 50 -1.46 -3.88 -2.54
N TYR A 51 -1.21 -2.61 -2.21
CA TYR A 51 -1.85 -1.45 -2.78
C TYR A 51 -0.70 -0.48 -3.11
N HIS A 52 -0.76 0.15 -4.28
CA HIS A 52 0.00 1.35 -4.59
C HIS A 52 -0.75 2.49 -3.87
N LEU A 53 -0.01 3.49 -3.39
CA LEU A 53 -0.59 4.68 -2.79
C LEU A 53 0.19 5.87 -3.33
N THR A 54 -0.45 7.04 -3.39
CA THR A 54 0.13 8.27 -3.92
C THR A 54 0.19 9.27 -2.78
N LEU A 55 1.36 9.89 -2.63
CA LEU A 55 1.63 10.96 -1.68
C LEU A 55 1.49 12.33 -2.35
N ARG A 56 1.44 13.42 -1.56
CA ARG A 56 1.52 14.82 -2.02
C ARG A 56 2.26 15.63 -0.96
N GLU A 57 3.33 16.31 -1.32
CA GLU A 57 4.24 17.05 -0.42
C GLU A 57 3.90 18.54 -0.29
N GLY A 58 2.83 18.96 -0.94
CA GLY A 58 2.45 20.34 -1.14
C GLY A 58 1.72 20.41 -2.46
N SER A 59 2.40 20.88 -3.51
CA SER A 59 1.85 20.91 -4.87
C SER A 59 2.38 19.76 -5.73
N LYS A 60 3.51 19.14 -5.38
CA LYS A 60 3.93 17.91 -6.05
C LYS A 60 3.18 16.75 -5.42
N GLU A 61 2.80 15.80 -6.28
CA GLU A 61 2.09 14.57 -6.01
C GLU A 61 2.92 13.46 -6.66
N PHE A 62 3.10 12.32 -5.98
CA PHE A 62 4.10 11.32 -6.34
C PHE A 62 3.73 9.94 -5.80
N GLY A 63 3.99 8.88 -6.57
CA GLY A 63 3.55 7.52 -6.21
C GLY A 63 4.60 6.72 -5.46
N VAL A 64 4.15 5.85 -4.54
CA VAL A 64 5.01 4.92 -3.82
C VAL A 64 4.40 3.50 -3.72
N PHE A 65 5.24 2.48 -3.90
CA PHE A 65 4.92 1.06 -3.94
C PHE A 65 5.32 0.37 -2.64
N VAL A 66 4.37 0.21 -1.72
CA VAL A 66 4.49 -0.68 -0.56
C VAL A 66 4.86 -2.10 -1.04
N THR A 67 5.52 -2.91 -0.19
CA THR A 67 5.61 -4.35 -0.43
C THR A 67 5.21 -5.03 0.90
N ILE A 68 4.54 -6.17 0.84
CA ILE A 68 4.16 -6.99 2.00
C ILE A 68 4.32 -8.44 1.55
N SER A 69 5.36 -9.11 2.05
CA SER A 69 5.60 -10.53 1.86
C SER A 69 4.93 -11.28 3.01
N PHE A 70 3.96 -12.17 2.75
CA PHE A 70 3.29 -12.89 3.83
C PHE A 70 3.11 -14.36 3.47
N ASP A 71 3.02 -15.19 4.50
CA ASP A 71 2.89 -16.64 4.35
C ASP A 71 1.43 -16.97 4.07
N PRO A 72 1.08 -17.98 3.23
CA PRO A 72 -0.30 -18.33 2.97
C PRO A 72 -0.88 -19.27 4.03
N TYR A 73 -0.03 -19.87 4.87
CA TYR A 73 -0.41 -20.81 5.92
C TYR A 73 -1.38 -20.15 6.91
N SER A 74 -0.99 -19.04 7.55
CA SER A 74 -1.74 -18.44 8.65
C SER A 74 -1.58 -16.91 8.72
N GLN A 75 -1.15 -16.28 7.61
CA GLN A 75 -0.95 -14.84 7.49
C GLN A 75 0.03 -14.40 8.60
N LYS A 76 1.26 -14.97 8.60
CA LYS A 76 2.39 -14.26 9.20
C LYS A 76 2.91 -13.41 8.06
N VAL A 77 3.14 -12.13 8.30
CA VAL A 77 3.91 -11.32 7.39
C VAL A 77 5.37 -11.64 7.64
N ASN A 78 6.07 -12.07 6.59
CA ASN A 78 7.48 -12.40 6.64
C ASN A 78 8.27 -11.10 6.71
N LYS A 79 8.06 -10.18 5.75
CA LYS A 79 8.78 -8.91 5.64
C LYS A 79 7.89 -7.84 5.02
N ILE A 80 8.27 -6.57 5.17
CA ILE A 80 7.59 -5.38 4.68
C ILE A 80 8.65 -4.38 4.22
N ALA A 81 8.39 -3.59 3.18
CA ALA A 81 9.21 -2.47 2.70
C ALA A 81 8.29 -1.50 1.95
N ILE A 82 8.88 -0.44 1.39
CA ILE A 82 8.27 0.51 0.47
C ILE A 82 9.30 0.72 -0.65
N LEU A 83 8.89 1.32 -1.76
CA LEU A 83 9.67 1.79 -2.88
C LEU A 83 9.02 3.10 -3.30
N GLU A 84 9.80 4.07 -3.76
CA GLU A 84 9.32 5.36 -4.19
C GLU A 84 9.72 5.54 -5.65
N GLU A 85 8.85 6.16 -6.42
CA GLU A 85 9.10 6.53 -7.81
C GLU A 85 10.03 7.77 -7.83
N TYR A 86 10.86 7.93 -8.86
CA TYR A 86 11.80 9.04 -9.00
C TYR A 86 12.04 9.28 -10.50
N GLN A 87 12.06 10.54 -10.94
CA GLN A 87 11.77 10.90 -12.34
C GLN A 87 12.64 12.07 -12.81
N GLY A 1 -7.73 11.78 -3.13
CA GLY A 1 -8.88 12.66 -3.40
C GLY A 1 -10.00 11.80 -3.96
N GLU A 2 -9.82 11.31 -5.19
CA GLU A 2 -10.34 9.98 -5.50
C GLU A 2 -9.73 8.98 -4.51
N GLU A 3 -10.43 7.88 -4.22
CA GLU A 3 -10.07 6.96 -3.15
C GLU A 3 -9.96 5.54 -3.72
N THR A 4 -11.12 4.90 -3.94
CA THR A 4 -11.25 3.55 -4.44
C THR A 4 -12.35 3.52 -5.49
N PRO A 5 -12.29 2.60 -6.47
CA PRO A 5 -13.30 2.51 -7.51
C PRO A 5 -14.67 2.08 -6.95
N LEU A 6 -14.72 1.57 -5.72
CA LEU A 6 -15.93 1.36 -4.94
C LEU A 6 -15.84 2.23 -3.68
N VAL A 7 -16.50 3.39 -3.73
CA VAL A 7 -16.79 4.19 -2.55
C VAL A 7 -17.81 3.44 -1.68
N THR A 8 -18.67 2.60 -2.28
CA THR A 8 -19.52 1.66 -1.56
C THR A 8 -18.66 0.57 -0.91
N ALA A 9 -18.11 0.84 0.28
CA ALA A 9 -17.78 -0.15 1.28
C ALA A 9 -17.48 0.55 2.60
N ARG A 10 -17.33 -0.26 3.65
CA ARG A 10 -17.09 0.15 5.02
C ARG A 10 -16.09 -0.81 5.68
N HIS A 11 -15.21 -1.43 4.89
CA HIS A 11 -14.07 -2.19 5.39
C HIS A 11 -12.93 -2.17 4.37
N MET A 12 -11.76 -2.65 4.79
CA MET A 12 -10.58 -2.81 3.97
C MET A 12 -10.06 -4.24 4.09
N SER A 13 -9.14 -4.60 3.21
CA SER A 13 -8.36 -5.83 3.22
C SER A 13 -7.48 -5.95 4.46
N LYS A 14 -6.84 -7.11 4.62
CA LYS A 14 -5.96 -7.47 5.74
C LYS A 14 -4.72 -6.58 5.79
N TRP A 15 -4.25 -6.14 4.63
CA TRP A 15 -2.93 -5.52 4.45
C TRP A 15 -3.03 -4.04 4.07
N GLU A 16 -4.24 -3.52 3.85
CA GLU A 16 -4.47 -2.17 3.35
C GLU A 16 -3.94 -1.15 4.35
N GLU A 17 -4.36 -1.24 5.61
CA GLU A 17 -3.99 -0.26 6.62
C GLU A 17 -2.49 -0.31 6.88
N ILE A 18 -1.87 -1.48 6.81
CA ILE A 18 -0.43 -1.61 6.98
C ILE A 18 0.27 -0.85 5.86
N ALA A 19 -0.18 -1.02 4.61
CA ALA A 19 0.41 -0.31 3.48
C ALA A 19 0.24 1.21 3.63
N VAL A 20 -0.98 1.67 3.91
CA VAL A 20 -1.28 3.08 4.10
C VAL A 20 -0.46 3.65 5.28
N LYS A 21 -0.37 2.93 6.41
CA LYS A 21 0.39 3.35 7.57
C LYS A 21 1.86 3.50 7.19
N GLU A 22 2.49 2.48 6.60
CA GLU A 22 3.90 2.59 6.21
C GLU A 22 4.12 3.76 5.24
N ALA A 23 3.22 3.95 4.28
CA ALA A 23 3.29 5.06 3.34
C ALA A 23 3.13 6.44 4.00
N LYS A 24 2.47 6.56 5.17
CA LYS A 24 2.40 7.86 5.85
C LYS A 24 3.54 8.02 6.85
N LYS A 25 3.91 6.97 7.58
CA LYS A 25 4.87 7.05 8.68
C LYS A 25 6.27 7.30 8.16
N ARG A 26 6.61 6.71 7.02
CA ARG A 26 7.93 6.84 6.40
C ARG A 26 8.08 8.15 5.61
N TYR A 27 7.08 9.01 5.60
CA TYR A 27 6.96 10.17 4.71
C TYR A 27 6.52 11.34 5.58
N PRO A 28 7.48 12.02 6.22
CA PRO A 28 7.19 13.16 7.08
C PRO A 28 6.91 14.44 6.28
N LEU A 29 7.56 14.61 5.12
CA LEU A 29 7.39 15.80 4.29
C LEU A 29 6.01 15.85 3.63
N ALA A 30 5.42 14.67 3.37
CA ALA A 30 4.27 14.49 2.48
C ALA A 30 3.11 13.83 3.24
N GLN A 31 1.90 13.84 2.68
CA GLN A 31 0.74 13.12 3.23
C GLN A 31 0.28 12.08 2.22
N VAL A 32 -0.28 10.97 2.72
CA VAL A 32 -0.87 9.92 1.89
C VAL A 32 -2.33 10.32 1.60
N LEU A 33 -2.80 10.29 0.35
CA LEU A 33 -4.18 10.69 -0.01
C LEU A 33 -4.77 9.86 -1.15
N PHE A 34 -4.44 8.57 -1.21
CA PHE A 34 -4.94 7.68 -2.25
C PHE A 34 -5.01 6.25 -1.70
N LYS A 35 -5.56 5.30 -2.49
CA LYS A 35 -5.69 3.88 -2.12
C LYS A 35 -5.84 3.05 -3.39
N GLN A 36 -4.78 2.93 -4.19
CA GLN A 36 -4.79 2.14 -5.41
C GLN A 36 -4.30 0.72 -5.12
N LYS A 37 -4.83 -0.28 -5.83
CA LYS A 37 -4.26 -1.63 -5.82
C LYS A 37 -3.02 -1.68 -6.71
N VAL A 38 -2.28 -2.78 -6.59
CA VAL A 38 -1.31 -3.23 -7.57
C VAL A 38 -1.51 -4.75 -7.77
N TRP A 39 -0.57 -5.41 -8.44
CA TRP A 39 -0.54 -6.85 -8.67
C TRP A 39 -0.79 -7.64 -7.38
N ASP A 40 -1.25 -8.89 -7.55
CA ASP A 40 -1.40 -9.84 -6.47
C ASP A 40 -1.35 -11.24 -7.07
N ARG A 41 -0.52 -12.10 -6.48
CA ARG A 41 -0.16 -13.38 -7.06
C ARG A 41 0.45 -14.25 -5.96
N LYS A 42 -0.20 -15.36 -5.59
CA LYS A 42 0.34 -16.26 -4.57
C LYS A 42 1.41 -17.16 -5.16
N ARG A 43 2.38 -17.56 -4.34
CA ARG A 43 3.45 -18.53 -4.62
C ARG A 43 3.02 -19.91 -4.08
N LYS A 44 3.97 -20.85 -3.93
CA LYS A 44 3.71 -22.08 -3.19
C LYS A 44 3.32 -21.71 -1.76
N ASP A 45 4.30 -21.24 -0.98
CA ASP A 45 4.18 -20.99 0.45
C ASP A 45 4.62 -19.55 0.66
N GLU A 46 3.95 -18.63 -0.02
CA GLU A 46 4.13 -17.19 0.08
C GLU A 46 2.95 -16.54 -0.61
N ALA A 47 2.60 -15.33 -0.22
CA ALA A 47 1.52 -14.56 -0.78
C ALA A 47 1.94 -13.10 -0.89
N VAL A 48 1.39 -12.43 -1.90
CA VAL A 48 1.75 -11.08 -2.28
C VAL A 48 0.45 -10.37 -2.64
N LYS A 49 0.13 -9.34 -1.87
CA LYS A 49 -0.97 -8.40 -2.01
C LYS A 49 -0.39 -7.09 -1.50
N GLN A 50 -0.35 -6.08 -2.35
CA GLN A 50 0.29 -4.79 -2.09
C GLN A 50 -0.62 -3.69 -2.66
N TYR A 51 -0.30 -2.43 -2.36
CA TYR A 51 -1.07 -1.26 -2.76
C TYR A 51 -0.09 -0.18 -3.22
N HIS A 52 -0.59 0.77 -3.98
CA HIS A 52 0.10 1.96 -4.46
C HIS A 52 -0.70 3.14 -3.94
N LEU A 53 -0.04 4.11 -3.31
CA LEU A 53 -0.69 5.27 -2.71
C LEU A 53 0.04 6.51 -3.25
N THR A 54 -0.65 7.52 -3.76
CA THR A 54 -0.07 8.80 -4.15
C THR A 54 0.17 9.61 -2.86
N LEU A 55 1.43 9.95 -2.58
CA LEU A 55 1.77 11.01 -1.60
C LEU A 55 1.60 12.38 -2.28
N ARG A 56 1.52 13.44 -1.46
CA ARG A 56 1.62 14.84 -1.88
C ARG A 56 2.53 15.57 -0.90
N GLU A 57 3.54 16.28 -1.39
CA GLU A 57 4.39 17.18 -0.62
C GLU A 57 4.11 18.56 -1.21
N GLY A 58 3.37 19.40 -0.49
CA GLY A 58 3.05 20.77 -0.88
C GLY A 58 2.50 20.87 -2.30
N SER A 59 3.36 21.23 -3.25
CA SER A 59 3.00 21.52 -4.64
C SER A 59 3.50 20.43 -5.61
N LYS A 60 3.74 19.21 -5.11
CA LYS A 60 4.15 18.03 -5.87
C LYS A 60 3.31 16.85 -5.40
N GLU A 61 2.98 15.96 -6.34
CA GLU A 61 2.50 14.60 -6.07
C GLU A 61 3.47 13.62 -6.69
N PHE A 62 3.46 12.39 -6.18
CA PHE A 62 4.31 11.28 -6.60
C PHE A 62 3.66 9.98 -6.11
N GLY A 63 4.15 8.81 -6.52
CA GLY A 63 3.60 7.52 -6.15
C GLY A 63 4.59 6.65 -5.37
N VAL A 64 4.08 5.81 -4.47
CA VAL A 64 4.88 4.83 -3.72
C VAL A 64 4.27 3.44 -3.78
N PHE A 65 5.13 2.46 -4.03
CA PHE A 65 4.77 1.06 -4.16
C PHE A 65 5.20 0.32 -2.89
N VAL A 66 4.30 0.25 -1.91
CA VAL A 66 4.58 -0.37 -0.61
C VAL A 66 4.74 -1.88 -0.80
N THR A 67 5.63 -2.50 -0.02
CA THR A 67 5.93 -3.92 -0.07
C THR A 67 5.52 -4.56 1.24
N ILE A 68 4.77 -5.66 1.15
CA ILE A 68 4.43 -6.56 2.22
C ILE A 68 4.59 -7.94 1.57
N SER A 69 5.43 -8.79 2.13
CA SER A 69 5.64 -10.17 1.70
C SER A 69 5.16 -11.01 2.87
N PHE A 70 4.16 -11.86 2.67
CA PHE A 70 3.56 -12.59 3.77
C PHE A 70 3.35 -14.04 3.38
N ASP A 71 2.97 -14.83 4.37
CA ASP A 71 2.90 -16.26 4.30
C ASP A 71 1.43 -16.67 4.28
N PRO A 72 1.04 -17.72 3.54
CA PRO A 72 -0.35 -18.11 3.46
C PRO A 72 -0.81 -18.81 4.74
N TYR A 73 0.07 -19.46 5.52
CA TYR A 73 -0.29 -20.42 6.56
C TYR A 73 -1.16 -19.76 7.62
N SER A 74 -0.81 -18.54 8.02
CA SER A 74 -1.52 -17.77 9.04
C SER A 74 -1.16 -16.28 8.92
N GLN A 75 -0.85 -15.80 7.71
CA GLN A 75 -0.46 -14.40 7.48
C GLN A 75 0.72 -14.03 8.39
N LYS A 76 1.76 -14.88 8.37
CA LYS A 76 3.04 -14.54 8.96
C LYS A 76 3.65 -13.53 8.01
N VAL A 77 3.86 -12.31 8.48
CA VAL A 77 4.58 -11.28 7.75
C VAL A 77 6.02 -11.74 7.65
N ASN A 78 6.48 -11.98 6.43
CA ASN A 78 7.83 -12.43 6.17
C ASN A 78 8.74 -11.22 6.01
N LYS A 79 8.31 -10.20 5.26
CA LYS A 79 8.98 -8.91 5.18
C LYS A 79 7.94 -7.81 5.00
N ILE A 80 8.36 -6.58 5.31
CA ILE A 80 7.72 -5.33 4.96
C ILE A 80 8.85 -4.42 4.47
N ALA A 81 8.67 -3.73 3.34
CA ALA A 81 9.60 -2.72 2.82
C ALA A 81 8.81 -1.66 2.03
N ILE A 82 9.47 -0.62 1.54
CA ILE A 82 8.85 0.53 0.88
C ILE A 82 9.61 0.75 -0.43
N LEU A 83 8.97 1.37 -1.43
CA LEU A 83 9.57 1.86 -2.64
C LEU A 83 8.93 3.21 -2.94
N GLU A 84 9.62 4.07 -3.69
CA GLU A 84 9.08 5.33 -4.20
C GLU A 84 9.39 5.42 -5.69
N GLU A 85 8.59 6.19 -6.41
CA GLU A 85 8.78 6.52 -7.81
C GLU A 85 8.99 8.04 -7.93
N TYR A 86 10.01 8.43 -8.68
CA TYR A 86 10.36 9.80 -9.00
C TYR A 86 10.63 9.86 -10.51
N GLN A 87 10.94 11.05 -11.04
CA GLN A 87 11.20 11.30 -12.44
C GLN A 87 12.40 12.21 -12.59
N GLY A 1 -9.46 17.46 -1.21
CA GLY A 1 -10.75 17.53 -1.90
C GLY A 1 -11.67 16.44 -1.38
N GLU A 2 -11.87 15.36 -2.13
CA GLU A 2 -12.48 14.12 -1.63
C GLU A 2 -11.53 13.47 -0.64
N GLU A 3 -12.00 12.46 0.09
CA GLU A 3 -11.13 11.46 0.69
C GLU A 3 -10.52 10.65 -0.47
N THR A 4 -11.23 9.62 -0.91
CA THR A 4 -10.80 8.67 -1.92
C THR A 4 -12.01 8.29 -2.79
N PRO A 5 -11.80 7.91 -4.05
CA PRO A 5 -12.85 7.83 -5.06
C PRO A 5 -13.66 6.54 -4.98
N LEU A 6 -13.41 5.69 -3.98
CA LEU A 6 -14.14 4.45 -3.74
C LEU A 6 -15.53 4.81 -3.23
N VAL A 7 -16.53 4.76 -4.10
CA VAL A 7 -17.93 4.98 -3.70
C VAL A 7 -18.48 3.77 -2.93
N THR A 8 -17.78 2.62 -2.92
CA THR A 8 -18.20 1.50 -2.09
C THR A 8 -17.99 1.88 -0.62
N ALA A 9 -18.68 1.19 0.27
CA ALA A 9 -18.33 1.17 1.68
C ALA A 9 -18.76 -0.16 2.27
N ARG A 10 -17.89 -1.16 2.17
CA ARG A 10 -18.02 -2.50 2.74
C ARG A 10 -16.69 -2.80 3.44
N HIS A 11 -16.42 -4.04 3.86
CA HIS A 11 -15.15 -4.42 4.48
C HIS A 11 -13.91 -4.01 3.65
N MET A 12 -12.73 -4.07 4.28
CA MET A 12 -11.43 -3.94 3.62
C MET A 12 -10.66 -5.25 3.84
N SER A 13 -9.45 -5.36 3.30
CA SER A 13 -8.64 -6.57 3.20
C SER A 13 -7.98 -6.98 4.54
N LYS A 14 -6.88 -7.71 4.43
CA LYS A 14 -5.99 -8.08 5.52
C LYS A 14 -4.83 -7.09 5.65
N TRP A 15 -4.15 -6.79 4.53
CA TRP A 15 -2.86 -6.13 4.53
C TRP A 15 -2.94 -4.68 4.04
N GLU A 16 -4.13 -4.21 3.70
CA GLU A 16 -4.37 -2.93 3.06
C GLU A 16 -4.14 -1.77 4.04
N GLU A 17 -4.52 -1.93 5.30
CA GLU A 17 -4.19 -0.99 6.33
C GLU A 17 -2.69 -0.90 6.48
N ILE A 18 -1.99 -2.03 6.62
CA ILE A 18 -0.54 -2.08 6.83
C ILE A 18 0.15 -1.28 5.73
N ALA A 19 -0.31 -1.43 4.48
CA ALA A 19 0.15 -0.61 3.37
C ALA A 19 -0.15 0.87 3.64
N VAL A 20 -1.41 1.24 3.85
CA VAL A 20 -1.83 2.62 4.09
C VAL A 20 -1.08 3.29 5.26
N LYS A 21 -0.79 2.62 6.39
CA LYS A 21 0.02 3.18 7.46
C LYS A 21 1.49 3.30 7.09
N GLU A 22 2.15 2.25 6.59
CA GLU A 22 3.57 2.35 6.20
C GLU A 22 3.79 3.52 5.24
N ALA A 23 2.88 3.67 4.27
CA ALA A 23 2.95 4.68 3.23
C ALA A 23 2.90 6.11 3.79
N LYS A 24 2.39 6.36 5.01
CA LYS A 24 2.56 7.66 5.64
C LYS A 24 3.81 7.71 6.51
N LYS A 25 4.11 6.61 7.23
CA LYS A 25 5.23 6.56 8.18
C LYS A 25 6.52 6.95 7.46
N ARG A 26 6.77 6.30 6.34
CA ARG A 26 8.03 6.41 5.61
C ARG A 26 8.16 7.72 4.82
N TYR A 27 7.16 8.60 4.82
CA TYR A 27 7.08 9.74 3.93
C TYR A 27 6.67 10.95 4.76
N PRO A 28 7.64 11.59 5.45
CA PRO A 28 7.39 12.68 6.35
C PRO A 28 7.23 14.04 5.64
N LEU A 29 7.74 14.19 4.41
CA LEU A 29 7.62 15.45 3.67
C LEU A 29 6.29 15.54 2.94
N ALA A 30 5.53 14.45 2.90
CA ALA A 30 4.34 14.25 2.10
C ALA A 30 3.23 13.67 2.98
N GLN A 31 2.00 13.55 2.46
CA GLN A 31 0.92 12.84 3.15
C GLN A 31 0.35 11.75 2.25
N VAL A 32 -0.27 10.75 2.88
CA VAL A 32 -1.06 9.72 2.19
C VAL A 32 -2.49 10.25 1.97
N LEU A 33 -3.04 10.02 0.79
CA LEU A 33 -4.28 10.60 0.29
C LEU A 33 -4.85 9.83 -0.93
N PHE A 34 -4.37 8.62 -1.23
CA PHE A 34 -4.81 7.82 -2.38
C PHE A 34 -4.73 6.33 -1.99
N LYS A 35 -5.64 5.48 -2.48
CA LYS A 35 -5.73 4.06 -2.11
C LYS A 35 -6.10 3.23 -3.34
N GLN A 36 -5.14 2.94 -4.23
CA GLN A 36 -5.41 2.15 -5.45
C GLN A 36 -4.86 0.73 -5.32
N LYS A 37 -5.24 -0.12 -6.27
CA LYS A 37 -4.77 -1.48 -6.44
C LYS A 37 -4.32 -1.63 -7.90
N VAL A 38 -3.24 -2.39 -8.10
CA VAL A 38 -2.63 -2.64 -9.41
C VAL A 38 -1.97 -4.04 -9.44
N TRP A 39 -2.07 -4.87 -8.40
CA TRP A 39 -1.29 -6.10 -8.23
C TRP A 39 -1.95 -6.99 -7.17
N ASP A 40 -1.83 -8.32 -7.25
CA ASP A 40 -2.38 -9.25 -6.25
C ASP A 40 -1.68 -10.62 -6.13
N ARG A 41 -0.41 -10.72 -6.49
CA ARG A 41 0.26 -12.00 -6.78
C ARG A 41 0.59 -12.89 -5.57
N LYS A 42 1.12 -14.08 -5.87
CA LYS A 42 1.52 -15.11 -4.91
C LYS A 42 2.77 -15.83 -5.40
N ARG A 43 3.40 -16.60 -4.53
CA ARG A 43 4.37 -17.65 -4.77
C ARG A 43 3.62 -18.98 -4.60
N LYS A 44 4.28 -20.14 -4.49
CA LYS A 44 3.71 -21.25 -3.70
C LYS A 44 3.55 -20.76 -2.26
N ASP A 45 4.67 -20.51 -1.60
CA ASP A 45 4.82 -20.58 -0.14
C ASP A 45 4.73 -19.22 0.56
N GLU A 46 4.55 -18.16 -0.21
CA GLU A 46 4.48 -16.78 0.26
C GLU A 46 3.49 -16.05 -0.65
N ALA A 47 3.05 -14.87 -0.27
CA ALA A 47 1.99 -14.11 -0.91
C ALA A 47 2.31 -12.62 -0.78
N VAL A 48 1.96 -11.85 -1.81
CA VAL A 48 2.48 -10.51 -1.99
C VAL A 48 1.45 -9.75 -2.84
N LYS A 49 0.40 -9.22 -2.19
CA LYS A 49 -0.76 -8.65 -2.88
C LYS A 49 -1.06 -7.24 -2.38
N GLN A 50 -0.01 -6.42 -2.37
CA GLN A 50 -0.04 -5.10 -1.79
C GLN A 50 -0.78 -4.11 -2.70
N TYR A 51 -0.58 -2.83 -2.42
CA TYR A 51 -1.30 -1.70 -2.99
C TYR A 51 -0.29 -0.69 -3.48
N HIS A 52 -0.78 0.31 -4.22
CA HIS A 52 0.02 1.38 -4.76
C HIS A 52 -0.71 2.66 -4.38
N LEU A 53 -0.14 3.42 -3.46
CA LEU A 53 -0.71 4.65 -2.94
C LEU A 53 -0.02 5.81 -3.65
N THR A 54 -0.58 7.01 -3.62
CA THR A 54 -0.02 8.19 -4.25
C THR A 54 0.10 9.26 -3.18
N LEU A 55 1.32 9.58 -2.81
CA LEU A 55 1.59 10.67 -1.86
C LEU A 55 1.50 12.00 -2.59
N ARG A 56 1.36 13.10 -1.85
CA ARG A 56 1.64 14.42 -2.41
C ARG A 56 2.47 15.21 -1.40
N GLU A 57 3.34 16.07 -1.91
CA GLU A 57 4.18 16.98 -1.16
C GLU A 57 3.87 18.35 -1.73
N GLY A 58 2.97 19.06 -1.06
CA GLY A 58 2.46 20.35 -1.46
C GLY A 58 1.89 20.28 -2.86
N SER A 59 2.68 20.71 -3.84
CA SER A 59 2.32 20.87 -5.24
C SER A 59 2.89 19.75 -6.12
N LYS A 60 3.77 18.86 -5.65
CA LYS A 60 4.09 17.60 -6.35
C LYS A 60 3.19 16.49 -5.84
N GLU A 61 3.04 15.42 -6.62
CA GLU A 61 2.24 14.23 -6.34
C GLU A 61 2.92 13.06 -7.05
N PHE A 62 3.09 11.91 -6.39
CA PHE A 62 3.97 10.81 -6.82
C PHE A 62 3.44 9.47 -6.31
N GLY A 63 3.61 8.40 -7.10
CA GLY A 63 3.04 7.08 -6.81
C GLY A 63 4.06 6.14 -6.20
N VAL A 64 3.69 5.37 -5.17
CA VAL A 64 4.60 4.43 -4.51
C VAL A 64 4.00 3.04 -4.25
N PHE A 65 4.81 2.00 -4.45
CA PHE A 65 4.45 0.63 -4.13
C PHE A 65 4.79 0.30 -2.67
N VAL A 66 4.38 -0.89 -2.23
CA VAL A 66 4.54 -1.39 -0.88
C VAL A 66 5.01 -2.85 -0.98
N THR A 67 5.84 -3.31 -0.05
CA THR A 67 6.24 -4.69 0.10
C THR A 67 5.77 -5.17 1.47
N ILE A 68 4.81 -6.08 1.49
CA ILE A 68 4.40 -6.84 2.66
C ILE A 68 4.43 -8.27 2.16
N SER A 69 5.44 -9.03 2.59
CA SER A 69 5.72 -10.38 2.13
C SER A 69 5.24 -11.30 3.25
N PHE A 70 4.17 -12.07 3.02
CA PHE A 70 3.47 -12.79 4.07
C PHE A 70 3.14 -14.22 3.65
N ASP A 71 2.88 -15.08 4.62
CA ASP A 71 2.71 -16.50 4.39
C ASP A 71 1.25 -16.81 4.07
N PRO A 72 0.96 -17.76 3.16
CA PRO A 72 -0.40 -18.13 2.79
C PRO A 72 -1.10 -18.93 3.89
N TYR A 73 -0.31 -19.72 4.62
CA TYR A 73 -0.76 -20.72 5.59
C TYR A 73 -1.71 -20.11 6.61
N SER A 74 -1.25 -19.06 7.31
CA SER A 74 -1.93 -18.50 8.47
C SER A 74 -1.66 -16.99 8.59
N GLN A 75 -1.09 -16.35 7.55
CA GLN A 75 -0.71 -14.95 7.56
C GLN A 75 0.22 -14.64 8.75
N LYS A 76 1.42 -15.22 8.77
CA LYS A 76 2.53 -14.49 9.39
C LYS A 76 3.02 -13.56 8.29
N VAL A 77 3.27 -12.29 8.60
CA VAL A 77 4.11 -11.50 7.72
C VAL A 77 5.54 -11.93 7.99
N ASN A 78 6.24 -12.31 6.93
CA ASN A 78 7.66 -12.59 6.94
C ASN A 78 8.35 -11.25 7.11
N LYS A 79 8.27 -10.39 6.10
CA LYS A 79 9.06 -9.16 6.05
C LYS A 79 8.25 -8.04 5.40
N ILE A 80 8.67 -6.80 5.62
CA ILE A 80 8.01 -5.60 5.12
C ILE A 80 9.10 -4.67 4.56
N ALA A 81 8.81 -3.95 3.47
CA ALA A 81 9.57 -2.82 2.95
C ALA A 81 8.60 -1.87 2.22
N ILE A 82 9.11 -0.79 1.67
CA ILE A 82 8.40 0.21 0.87
C ILE A 82 9.26 0.44 -0.38
N LEU A 83 8.71 1.08 -1.42
CA LEU A 83 9.38 1.38 -2.67
C LEU A 83 8.93 2.78 -3.10
N GLU A 84 9.48 3.36 -4.18
CA GLU A 84 9.08 4.67 -4.67
C GLU A 84 9.24 4.75 -6.19
N GLU A 85 8.43 5.58 -6.84
CA GLU A 85 8.57 5.87 -8.27
C GLU A 85 9.66 6.92 -8.46
N TYR A 86 10.46 6.79 -9.52
CA TYR A 86 11.51 7.70 -9.90
C TYR A 86 11.66 7.68 -11.41
N GLN A 87 11.85 8.86 -12.01
CA GLN A 87 11.96 9.14 -13.42
C GLN A 87 12.41 10.59 -13.57
N GLY A 1 -12.06 15.02 4.38
CA GLY A 1 -11.35 14.38 5.51
C GLY A 1 -11.86 12.98 5.66
N GLU A 2 -11.05 11.96 5.36
CA GLU A 2 -11.46 10.56 5.42
C GLU A 2 -10.23 9.65 5.35
N GLU A 3 -10.46 8.34 5.43
CA GLU A 3 -9.41 7.32 5.42
C GLU A 3 -8.72 7.26 4.06
N THR A 4 -9.52 7.12 3.01
CA THR A 4 -9.13 6.87 1.63
C THR A 4 -10.31 7.35 0.77
N PRO A 5 -10.16 7.52 -0.56
CA PRO A 5 -11.26 7.92 -1.43
C PRO A 5 -12.17 6.71 -1.67
N LEU A 6 -13.24 6.58 -0.89
CA LEU A 6 -14.20 5.51 -0.99
C LEU A 6 -15.64 6.00 -0.78
N VAL A 7 -16.19 6.69 -1.78
CA VAL A 7 -17.62 7.01 -1.79
C VAL A 7 -18.52 5.76 -1.77
N THR A 8 -18.01 4.58 -2.16
CA THR A 8 -18.83 3.37 -2.31
C THR A 8 -17.98 2.10 -2.27
N ALA A 9 -16.84 2.15 -1.58
CA ALA A 9 -15.85 1.08 -1.55
C ALA A 9 -15.42 0.82 -0.10
N ARG A 10 -16.32 0.22 0.68
CA ARG A 10 -15.96 -0.39 1.96
C ARG A 10 -15.33 -1.76 1.68
N HIS A 11 -14.93 -2.47 2.74
CA HIS A 11 -14.32 -3.80 2.68
C HIS A 11 -13.04 -3.80 1.85
N MET A 12 -12.00 -3.16 2.38
CA MET A 12 -10.64 -3.23 1.86
C MET A 12 -10.09 -4.64 2.13
N SER A 13 -9.11 -5.08 1.33
CA SER A 13 -8.44 -6.38 1.49
C SER A 13 -7.62 -6.42 2.79
N LYS A 14 -7.25 -7.64 3.21
CA LYS A 14 -6.49 -7.94 4.42
C LYS A 14 -5.30 -6.99 4.59
N TRP A 15 -4.52 -6.81 3.53
CA TRP A 15 -3.28 -6.06 3.54
C TRP A 15 -3.44 -4.63 3.01
N GLU A 16 -4.64 -4.23 2.58
CA GLU A 16 -4.83 -2.94 1.95
C GLU A 16 -4.53 -1.81 2.91
N GLU A 17 -5.15 -1.82 4.09
CA GLU A 17 -4.99 -0.79 5.10
C GLU A 17 -3.57 -0.81 5.64
N ILE A 18 -2.97 -2.00 5.79
CA ILE A 18 -1.61 -2.18 6.29
C ILE A 18 -0.62 -1.50 5.35
N ALA A 19 -0.83 -1.54 4.04
CA ALA A 19 -0.02 -0.74 3.13
C ALA A 19 -0.22 0.76 3.32
N VAL A 20 -1.45 1.22 3.56
CA VAL A 20 -1.77 2.65 3.59
C VAL A 20 -1.20 3.29 4.85
N LYS A 21 -1.27 2.64 6.02
CA LYS A 21 -0.69 3.20 7.24
C LYS A 21 0.82 3.44 7.05
N GLU A 22 1.52 2.52 6.41
CA GLU A 22 2.95 2.64 6.18
C GLU A 22 3.22 3.78 5.18
N ALA A 23 2.46 3.83 4.09
CA ALA A 23 2.58 4.86 3.07
C ALA A 23 2.31 6.26 3.65
N LYS A 24 1.39 6.40 4.61
CA LYS A 24 1.14 7.73 5.18
C LYS A 24 2.22 8.11 6.16
N LYS A 25 2.69 7.19 7.00
CA LYS A 25 3.65 7.58 8.05
C LYS A 25 5.02 7.89 7.48
N ARG A 26 5.55 7.07 6.58
CA ARG A 26 6.93 7.17 6.08
C ARG A 26 7.18 8.43 5.23
N TYR A 27 6.19 9.29 5.03
CA TYR A 27 6.26 10.44 4.15
C TYR A 27 5.71 11.61 4.93
N PRO A 28 6.52 12.25 5.79
CA PRO A 28 6.14 13.43 6.53
C PRO A 28 6.04 14.67 5.63
N LEU A 29 6.65 14.61 4.45
CA LEU A 29 6.68 15.71 3.48
C LEU A 29 5.47 15.64 2.52
N ALA A 30 4.57 14.68 2.69
CA ALA A 30 3.43 14.47 1.80
C ALA A 30 2.28 13.78 2.53
N GLN A 31 1.15 13.55 1.83
CA GLN A 31 -0.04 12.88 2.35
C GLN A 31 -0.51 11.82 1.39
N VAL A 32 -1.19 10.76 1.85
CA VAL A 32 -1.69 9.70 0.98
C VAL A 32 -3.19 9.99 0.69
N LEU A 33 -3.63 10.02 -0.57
CA LEU A 33 -5.02 10.29 -0.97
C LEU A 33 -5.56 9.35 -2.04
N PHE A 34 -4.73 8.38 -2.44
CA PHE A 34 -5.03 7.44 -3.52
C PHE A 34 -4.72 6.01 -3.07
N LYS A 35 -5.47 5.03 -3.59
CA LYS A 35 -5.38 3.64 -3.16
C LYS A 35 -5.46 2.70 -4.36
N GLN A 36 -4.40 2.66 -5.16
CA GLN A 36 -4.39 1.91 -6.41
C GLN A 36 -3.96 0.47 -6.14
N LYS A 37 -4.24 -0.42 -7.10
CA LYS A 37 -4.07 -1.86 -6.97
C LYS A 37 -2.81 -2.30 -7.72
N VAL A 38 -2.26 -3.48 -7.43
CA VAL A 38 -1.06 -4.02 -8.08
C VAL A 38 -1.16 -5.55 -8.12
N TRP A 39 -0.28 -6.19 -8.91
CA TRP A 39 -0.07 -7.62 -9.13
C TRP A 39 0.00 -8.40 -7.82
N ASP A 40 -1.14 -8.82 -7.28
CA ASP A 40 -1.20 -9.78 -6.20
C ASP A 40 -0.98 -11.17 -6.78
N ARG A 41 0.04 -11.90 -6.29
CA ARG A 41 0.40 -13.22 -6.78
C ARG A 41 0.95 -14.01 -5.58
N LYS A 42 0.81 -15.32 -5.59
CA LYS A 42 1.16 -16.16 -4.45
C LYS A 42 2.31 -17.11 -4.81
N ARG A 43 3.08 -17.49 -3.80
CA ARG A 43 4.23 -18.38 -3.88
C ARG A 43 3.81 -19.69 -3.19
N LYS A 44 4.59 -20.77 -3.31
CA LYS A 44 4.29 -22.01 -2.60
C LYS A 44 4.37 -21.82 -1.08
N ASP A 45 5.26 -20.93 -0.60
CA ASP A 45 5.58 -20.79 0.81
C ASP A 45 5.62 -19.32 1.24
N GLU A 46 5.09 -18.41 0.42
CA GLU A 46 4.92 -16.99 0.71
C GLU A 46 3.78 -16.47 -0.19
N ALA A 47 3.46 -15.19 -0.12
CA ALA A 47 2.39 -14.53 -0.82
C ALA A 47 2.70 -13.03 -0.87
N VAL A 48 2.16 -12.36 -1.88
CA VAL A 48 2.46 -10.97 -2.17
C VAL A 48 1.14 -10.30 -2.56
N LYS A 49 0.80 -9.22 -1.84
CA LYS A 49 -0.36 -8.34 -2.06
C LYS A 49 0.11 -6.94 -1.70
N GLN A 50 0.97 -6.38 -2.53
CA GLN A 50 1.46 -5.01 -2.41
C GLN A 50 0.39 -4.07 -2.98
N TYR A 51 0.55 -2.77 -2.73
CA TYR A 51 -0.31 -1.73 -3.26
C TYR A 51 0.57 -0.58 -3.74
N HIS A 52 -0.06 0.37 -4.45
CA HIS A 52 0.56 1.55 -5.00
C HIS A 52 -0.35 2.72 -4.63
N LEU A 53 0.15 3.72 -3.91
CA LEU A 53 -0.61 4.84 -3.37
C LEU A 53 0.03 6.13 -3.88
N THR A 54 -0.74 7.13 -4.30
CA THR A 54 -0.17 8.41 -4.73
C THR A 54 -0.10 9.33 -3.51
N LEU A 55 1.11 9.78 -3.18
CA LEU A 55 1.30 10.85 -2.21
C LEU A 55 1.04 12.21 -2.84
N ARG A 56 0.72 13.24 -2.03
CA ARG A 56 0.59 14.64 -2.45
C ARG A 56 1.38 15.50 -1.48
N GLU A 57 2.53 15.95 -1.93
CA GLU A 57 3.28 17.12 -1.50
C GLU A 57 2.69 18.31 -2.26
N GLY A 58 2.43 19.42 -1.59
CA GLY A 58 2.45 20.79 -2.14
C GLY A 58 1.80 21.02 -3.50
N SER A 59 2.53 20.79 -4.59
CA SER A 59 2.01 20.90 -5.96
C SER A 59 2.35 19.67 -6.83
N LYS A 60 2.95 18.63 -6.26
CA LYS A 60 3.26 17.36 -6.93
C LYS A 60 2.21 16.29 -6.57
N GLU A 61 2.20 15.19 -7.31
CA GLU A 61 1.66 13.89 -6.94
C GLU A 61 2.71 12.88 -7.45
N PHE A 62 3.05 11.86 -6.65
CA PHE A 62 4.02 10.81 -6.99
C PHE A 62 3.51 9.50 -6.41
N GLY A 63 3.64 8.40 -7.16
CA GLY A 63 3.21 7.10 -6.71
C GLY A 63 4.29 6.46 -5.85
N VAL A 64 3.91 5.71 -4.81
CA VAL A 64 4.84 4.88 -4.04
C VAL A 64 4.26 3.47 -3.86
N PHE A 65 5.11 2.44 -3.85
CA PHE A 65 4.72 1.06 -3.63
C PHE A 65 5.02 0.64 -2.18
N VAL A 66 4.41 -0.46 -1.73
CA VAL A 66 4.55 -0.96 -0.35
C VAL A 66 4.77 -2.46 -0.40
N THR A 67 6.01 -2.89 -0.19
CA THR A 67 6.40 -4.29 -0.17
C THR A 67 5.77 -4.95 1.07
N ILE A 68 4.86 -5.91 0.90
CA ILE A 68 4.30 -6.74 1.96
C ILE A 68 4.49 -8.18 1.47
N SER A 69 5.38 -8.92 2.12
CA SER A 69 5.62 -10.34 1.90
C SER A 69 5.00 -11.07 3.09
N PHE A 70 4.04 -11.96 2.86
CA PHE A 70 3.28 -12.59 3.93
C PHE A 70 3.04 -14.07 3.64
N ASP A 71 2.69 -14.84 4.65
CA ASP A 71 2.49 -16.28 4.48
C ASP A 71 1.06 -16.54 4.02
N PRO A 72 0.83 -17.53 3.14
CA PRO A 72 -0.50 -18.03 2.84
C PRO A 72 -1.05 -18.85 4.02
N TYR A 73 -0.17 -19.44 4.83
CA TYR A 73 -0.51 -20.38 5.90
C TYR A 73 -1.58 -19.82 6.83
N SER A 74 -1.32 -18.62 7.34
CA SER A 74 -2.01 -18.01 8.47
C SER A 74 -2.18 -16.49 8.29
N GLN A 75 -1.65 -15.91 7.20
CA GLN A 75 -1.35 -14.48 7.11
C GLN A 75 -0.53 -14.05 8.32
N LYS A 76 0.73 -14.48 8.37
CA LYS A 76 1.80 -13.82 9.12
C LYS A 76 2.54 -13.00 8.10
N VAL A 77 2.76 -11.71 8.33
CA VAL A 77 3.67 -10.94 7.49
C VAL A 77 5.10 -11.29 7.87
N ASN A 78 5.93 -11.55 6.86
CA ASN A 78 7.33 -11.93 7.01
C ASN A 78 8.20 -10.68 6.98
N LYS A 79 7.96 -9.78 6.02
CA LYS A 79 8.62 -8.47 5.99
C LYS A 79 7.68 -7.43 5.41
N ILE A 80 7.93 -6.17 5.76
CA ILE A 80 7.39 -4.99 5.13
C ILE A 80 8.57 -4.15 4.66
N ALA A 81 8.43 -3.44 3.54
CA ALA A 81 9.28 -2.33 3.15
C ALA A 81 8.44 -1.31 2.37
N ILE A 82 9.03 -0.18 1.98
CA ILE A 82 8.38 0.94 1.28
C ILE A 82 9.30 1.31 0.12
N LEU A 83 8.73 1.68 -1.04
CA LEU A 83 9.43 2.04 -2.26
C LEU A 83 8.78 3.29 -2.81
N GLU A 84 9.56 4.24 -3.30
CA GLU A 84 9.05 5.44 -3.95
C GLU A 84 9.40 5.37 -5.44
N GLU A 85 8.57 5.98 -6.28
CA GLU A 85 8.95 6.29 -7.65
C GLU A 85 9.96 7.45 -7.63
N TYR A 86 11.13 7.23 -8.23
CA TYR A 86 12.14 8.22 -8.56
C TYR A 86 12.46 8.04 -10.05
N GLN A 87 12.99 9.08 -10.68
CA GLN A 87 13.23 9.18 -12.12
C GLN A 87 14.45 10.05 -12.37
N GLY A 1 -11.93 17.22 1.16
CA GLY A 1 -12.99 16.50 1.89
C GLY A 1 -12.63 15.03 1.92
N GLU A 2 -13.07 14.26 0.94
CA GLU A 2 -12.82 12.82 0.85
C GLU A 2 -11.33 12.51 0.95
N GLU A 3 -11.02 11.40 1.60
CA GLU A 3 -9.68 10.85 1.61
C GLU A 3 -9.39 10.13 0.30
N THR A 4 -10.38 9.48 -0.33
CA THR A 4 -10.24 8.77 -1.60
C THR A 4 -11.59 8.58 -2.31
N PRO A 5 -11.61 8.27 -3.62
CA PRO A 5 -12.82 7.89 -4.35
C PRO A 5 -13.30 6.51 -3.90
N LEU A 6 -14.23 6.49 -2.96
CA LEU A 6 -14.95 5.32 -2.47
C LEU A 6 -16.38 5.47 -2.92
N VAL A 7 -16.82 4.57 -3.79
CA VAL A 7 -18.19 4.50 -4.27
C VAL A 7 -18.99 3.45 -3.50
N THR A 8 -18.39 2.74 -2.55
CA THR A 8 -19.14 1.80 -1.70
C THR A 8 -18.43 1.63 -0.35
N ALA A 9 -19.18 1.82 0.73
CA ALA A 9 -18.78 1.51 2.10
C ALA A 9 -18.64 0.00 2.27
N ARG A 10 -17.43 -0.56 2.19
CA ARG A 10 -17.17 -1.99 2.40
C ARG A 10 -15.90 -2.17 3.22
N HIS A 11 -15.75 -3.37 3.77
CA HIS A 11 -14.56 -3.84 4.46
C HIS A 11 -13.35 -3.82 3.51
N MET A 12 -12.14 -3.89 4.07
CA MET A 12 -10.89 -3.92 3.32
C MET A 12 -10.18 -5.25 3.59
N SER A 13 -9.24 -5.61 2.71
CA SER A 13 -8.47 -6.84 2.79
C SER A 13 -7.49 -6.88 3.98
N LYS A 14 -6.91 -8.07 4.22
CA LYS A 14 -6.07 -8.40 5.37
C LYS A 14 -4.87 -7.46 5.51
N TRP A 15 -4.32 -7.02 4.38
CA TRP A 15 -3.10 -6.24 4.31
C TRP A 15 -3.35 -4.82 3.82
N GLU A 16 -4.60 -4.49 3.48
CA GLU A 16 -4.92 -3.29 2.73
C GLU A 16 -4.71 -2.02 3.57
N GLU A 17 -4.97 -2.08 4.89
CA GLU A 17 -4.69 -0.96 5.77
C GLU A 17 -3.22 -0.92 6.15
N ILE A 18 -2.54 -2.07 6.30
CA ILE A 18 -1.11 -2.16 6.61
C ILE A 18 -0.33 -1.38 5.56
N ALA A 19 -0.67 -1.54 4.29
CA ALA A 19 0.00 -0.79 3.24
C ALA A 19 -0.42 0.67 3.15
N VAL A 20 -1.48 1.09 3.81
CA VAL A 20 -1.83 2.51 3.89
C VAL A 20 -1.14 3.15 5.08
N LYS A 21 -1.20 2.55 6.27
CA LYS A 21 -0.83 3.22 7.52
C LYS A 21 0.63 3.65 7.56
N GLU A 22 1.53 2.95 6.87
CA GLU A 22 2.96 3.29 6.81
C GLU A 22 3.28 4.17 5.60
N ALA A 23 2.42 4.21 4.58
CA ALA A 23 2.62 5.07 3.41
C ALA A 23 2.54 6.56 3.78
N LYS A 24 2.04 6.93 4.97
CA LYS A 24 2.32 8.26 5.52
C LYS A 24 3.66 8.27 6.30
N LYS A 25 3.99 7.22 7.05
CA LYS A 25 5.07 7.20 8.05
C LYS A 25 6.46 7.28 7.44
N ARG A 26 6.64 6.72 6.24
CA ARG A 26 7.92 6.80 5.54
C ARG A 26 8.15 8.21 4.97
N TYR A 27 7.18 9.13 5.07
CA TYR A 27 7.04 10.32 4.24
C TYR A 27 6.72 11.51 5.16
N PRO A 28 7.74 12.14 5.73
CA PRO A 28 7.60 13.23 6.68
C PRO A 28 7.34 14.59 6.02
N LEU A 29 7.67 14.73 4.73
CA LEU A 29 7.55 15.98 3.99
C LEU A 29 6.28 16.00 3.13
N ALA A 30 5.55 14.89 3.08
CA ALA A 30 4.43 14.68 2.18
C ALA A 30 3.28 14.03 2.96
N GLN A 31 2.15 13.84 2.27
CA GLN A 31 0.94 13.22 2.80
C GLN A 31 0.48 12.21 1.77
N VAL A 32 -0.31 11.22 2.16
CA VAL A 32 -0.79 10.16 1.27
C VAL A 32 -2.30 10.29 1.02
N LEU A 33 -2.71 10.31 -0.25
CA LEU A 33 -3.99 10.80 -0.74
C LEU A 33 -4.74 9.79 -1.62
N PHE A 34 -4.24 8.56 -1.72
CA PHE A 34 -4.74 7.55 -2.66
C PHE A 34 -4.64 6.18 -2.02
N LYS A 35 -5.42 5.23 -2.51
CA LYS A 35 -5.16 3.80 -2.35
C LYS A 35 -5.77 3.10 -3.56
N GLN A 36 -5.01 2.22 -4.21
CA GLN A 36 -5.51 1.33 -5.25
C GLN A 36 -4.71 0.02 -5.24
N LYS A 37 -5.26 -1.01 -5.91
CA LYS A 37 -4.73 -2.37 -5.96
C LYS A 37 -3.59 -2.48 -6.97
N VAL A 38 -2.91 -3.63 -6.96
CA VAL A 38 -1.80 -4.01 -7.83
C VAL A 38 -2.05 -5.49 -8.18
N TRP A 39 -1.14 -6.12 -8.92
CA TRP A 39 -0.96 -7.56 -8.95
C TRP A 39 -0.80 -8.07 -7.51
N ASP A 40 -1.44 -9.17 -7.15
CA ASP A 40 -1.40 -9.71 -5.78
C ASP A 40 -1.78 -11.18 -5.84
N ARG A 41 -1.03 -12.05 -5.16
CA ARG A 41 -1.03 -13.49 -5.47
C ARG A 41 -0.29 -14.30 -4.41
N LYS A 42 -0.25 -15.63 -4.59
CA LYS A 42 0.50 -16.55 -3.73
C LYS A 42 1.37 -17.50 -4.54
N ARG A 43 2.20 -18.27 -3.84
CA ARG A 43 3.06 -19.37 -4.27
C ARG A 43 2.63 -20.59 -3.45
N LYS A 44 3.32 -21.73 -3.58
CA LYS A 44 2.92 -22.97 -2.89
C LYS A 44 2.97 -22.85 -1.37
N ASP A 45 3.65 -21.83 -0.85
CA ASP A 45 4.14 -21.71 0.51
C ASP A 45 4.68 -20.29 0.77
N GLU A 46 4.21 -19.30 0.00
CA GLU A 46 4.52 -17.88 0.20
C GLU A 46 3.37 -17.06 -0.41
N ALA A 47 3.27 -15.77 -0.10
CA ALA A 47 2.28 -14.86 -0.66
C ALA A 47 2.80 -13.42 -0.66
N VAL A 48 2.29 -12.60 -1.58
CA VAL A 48 2.64 -11.19 -1.72
C VAL A 48 1.38 -10.43 -2.12
N LYS A 49 1.03 -9.39 -1.37
CA LYS A 49 -0.04 -8.48 -1.73
C LYS A 49 0.48 -7.07 -1.48
N GLN A 50 1.03 -6.48 -2.54
CA GLN A 50 1.47 -5.10 -2.56
C GLN A 50 0.28 -4.19 -2.91
N TYR A 51 0.48 -2.89 -2.70
CA TYR A 51 -0.49 -1.83 -2.97
C TYR A 51 0.21 -0.62 -3.57
N HIS A 52 -0.54 0.23 -4.27
CA HIS A 52 -0.10 1.50 -4.84
C HIS A 52 -0.94 2.60 -4.18
N LEU A 53 -0.32 3.75 -3.93
CA LEU A 53 -0.90 4.93 -3.30
C LEU A 53 -0.33 6.15 -4.05
N THR A 54 -0.67 7.39 -3.67
CA THR A 54 0.05 8.54 -4.20
C THR A 54 0.33 9.45 -3.00
N LEU A 55 1.36 10.27 -3.12
CA LEU A 55 1.77 11.26 -2.13
C LEU A 55 1.94 12.62 -2.80
N ARG A 56 1.71 13.68 -2.04
CA ARG A 56 1.71 15.05 -2.49
C ARG A 56 2.55 15.84 -1.50
N GLU A 57 3.52 16.58 -2.00
CA GLU A 57 4.42 17.44 -1.26
C GLU A 57 4.20 18.82 -1.84
N GLY A 58 3.44 19.65 -1.13
CA GLY A 58 3.00 20.98 -1.55
C GLY A 58 2.49 20.94 -2.99
N SER A 59 3.29 21.47 -3.90
CA SER A 59 2.95 21.71 -5.30
C SER A 59 3.32 20.54 -6.24
N LYS A 60 3.69 19.37 -5.72
CA LYS A 60 4.05 18.17 -6.50
C LYS A 60 3.23 16.98 -6.03
N GLU A 61 2.95 16.05 -6.93
CA GLU A 61 2.37 14.73 -6.65
C GLU A 61 3.29 13.68 -7.30
N PHE A 62 3.46 12.54 -6.64
CA PHE A 62 4.30 11.42 -7.06
C PHE A 62 3.67 10.14 -6.52
N GLY A 63 3.55 9.10 -7.34
CA GLY A 63 3.00 7.81 -6.93
C GLY A 63 4.04 6.90 -6.33
N VAL A 64 3.69 6.14 -5.29
CA VAL A 64 4.63 5.22 -4.64
C VAL A 64 3.94 3.88 -4.38
N PHE A 65 4.73 2.84 -4.11
CA PHE A 65 4.26 1.49 -3.87
C PHE A 65 4.65 1.05 -2.45
N VAL A 66 4.30 -0.17 -2.10
CA VAL A 66 4.56 -0.80 -0.81
C VAL A 66 4.92 -2.25 -1.09
N THR A 67 5.68 -2.91 -0.21
CA THR A 67 6.07 -4.30 -0.37
C THR A 67 5.69 -5.03 0.93
N ILE A 68 4.90 -6.10 0.83
CA ILE A 68 4.52 -6.97 1.94
C ILE A 68 4.63 -8.39 1.38
N SER A 69 5.29 -9.27 2.12
CA SER A 69 5.41 -10.69 1.85
C SER A 69 4.98 -11.44 3.11
N PHE A 70 4.34 -12.60 2.98
CA PHE A 70 3.81 -13.33 4.11
C PHE A 70 3.61 -14.79 3.74
N ASP A 71 3.38 -15.64 4.74
CA ASP A 71 3.09 -17.05 4.50
C ASP A 71 1.58 -17.24 4.35
N PRO A 72 1.12 -18.13 3.47
CA PRO A 72 -0.30 -18.44 3.34
C PRO A 72 -0.80 -19.30 4.52
N TYR A 73 0.13 -20.02 5.17
CA TYR A 73 -0.11 -20.93 6.27
C TYR A 73 -0.97 -20.25 7.34
N SER A 74 -0.46 -19.17 7.94
CA SER A 74 -1.11 -18.45 9.03
C SER A 74 -0.75 -16.95 9.03
N GLN A 75 -0.40 -16.38 7.87
CA GLN A 75 0.01 -14.99 7.72
C GLN A 75 1.19 -14.66 8.66
N LYS A 76 2.25 -15.48 8.66
CA LYS A 76 3.51 -15.02 9.24
C LYS A 76 4.00 -13.94 8.29
N VAL A 77 4.17 -12.73 8.79
CA VAL A 77 4.72 -11.61 8.03
C VAL A 77 6.18 -11.99 7.75
N ASN A 78 6.53 -12.18 6.49
CA ASN A 78 7.88 -12.62 6.13
C ASN A 78 8.77 -11.38 6.01
N LYS A 79 8.32 -10.34 5.31
CA LYS A 79 8.96 -9.03 5.26
C LYS A 79 7.94 -7.95 4.93
N ILE A 80 8.20 -6.71 5.36
CA ILE A 80 7.48 -5.50 4.97
C ILE A 80 8.51 -4.41 4.64
N ALA A 81 8.28 -3.63 3.58
CA ALA A 81 9.03 -2.45 3.19
C ALA A 81 8.09 -1.48 2.45
N ILE A 82 8.65 -0.35 2.02
CA ILE A 82 8.01 0.71 1.28
C ILE A 82 8.75 0.81 -0.06
N LEU A 83 8.17 1.46 -1.07
CA LEU A 83 8.84 1.78 -2.33
C LEU A 83 8.48 3.22 -2.68
N GLU A 84 9.08 3.78 -3.72
CA GLU A 84 8.89 5.14 -4.18
C GLU A 84 9.04 5.15 -5.70
N GLU A 85 8.35 6.06 -6.40
CA GLU A 85 8.75 6.46 -7.75
C GLU A 85 9.60 7.74 -7.64
N TYR A 86 10.68 7.81 -8.41
CA TYR A 86 11.51 8.99 -8.65
C TYR A 86 12.06 8.82 -10.08
N GLN A 87 12.70 9.84 -10.68
CA GLN A 87 13.28 9.73 -12.02
C GLN A 87 14.52 10.60 -12.12
N GLY A 1 -12.52 14.83 4.51
CA GLY A 1 -11.19 14.70 3.91
C GLY A 1 -11.28 13.81 2.69
N GLU A 2 -10.67 14.18 1.57
CA GLU A 2 -10.61 13.33 0.39
C GLU A 2 -9.53 12.27 0.62
N GLU A 3 -9.94 11.10 1.12
CA GLU A 3 -9.07 9.97 1.41
C GLU A 3 -8.94 9.10 0.15
N THR A 4 -10.09 8.78 -0.48
CA THR A 4 -10.18 7.91 -1.64
C THR A 4 -11.48 8.16 -2.40
N PRO A 5 -11.58 7.80 -3.69
CA PRO A 5 -12.71 8.19 -4.53
C PRO A 5 -13.94 7.31 -4.33
N LEU A 6 -13.80 6.17 -3.65
CA LEU A 6 -14.86 5.18 -3.48
C LEU A 6 -15.29 5.24 -2.04
N VAL A 7 -15.80 6.38 -1.59
CA VAL A 7 -16.15 6.63 -0.18
C VAL A 7 -17.19 5.64 0.36
N THR A 8 -17.83 4.87 -0.53
CA THR A 8 -18.88 3.92 -0.19
C THR A 8 -18.33 2.49 -0.13
N ALA A 9 -17.01 2.33 -0.17
CA ALA A 9 -16.32 1.05 -0.04
C ALA A 9 -16.11 0.72 1.44
N ARG A 10 -16.56 -0.46 1.85
CA ARG A 10 -16.46 -1.00 3.21
C ARG A 10 -15.80 -2.38 3.11
N HIS A 11 -15.59 -3.07 4.24
CA HIS A 11 -14.94 -4.39 4.32
C HIS A 11 -13.58 -4.33 3.62
N MET A 12 -12.63 -3.62 4.21
CA MET A 12 -11.26 -3.55 3.69
C MET A 12 -10.55 -4.90 3.81
N SER A 13 -9.63 -5.16 2.88
CA SER A 13 -8.86 -6.39 2.74
C SER A 13 -7.91 -6.56 3.94
N LYS A 14 -7.25 -7.71 4.04
CA LYS A 14 -6.42 -8.04 5.19
C LYS A 14 -5.28 -7.04 5.40
N TRP A 15 -4.49 -6.77 4.35
CA TRP A 15 -3.28 -5.94 4.45
C TRP A 15 -3.55 -4.49 4.07
N GLU A 16 -4.82 -4.12 3.81
CA GLU A 16 -5.20 -2.85 3.23
C GLU A 16 -4.76 -1.67 4.11
N GLU A 17 -5.13 -1.67 5.40
CA GLU A 17 -4.74 -0.60 6.32
C GLU A 17 -3.23 -0.64 6.57
N ILE A 18 -2.64 -1.83 6.71
CA ILE A 18 -1.24 -1.99 7.06
C ILE A 18 -0.37 -1.34 5.98
N ALA A 19 -0.75 -1.50 4.71
CA ALA A 19 -0.12 -0.81 3.61
C ALA A 19 -0.27 0.71 3.73
N VAL A 20 -1.51 1.20 3.88
CA VAL A 20 -1.82 2.63 3.84
C VAL A 20 -1.16 3.37 5.01
N LYS A 21 -1.16 2.77 6.22
CA LYS A 21 -0.51 3.35 7.38
C LYS A 21 0.96 3.59 7.07
N GLU A 22 1.66 2.57 6.56
CA GLU A 22 3.06 2.73 6.20
C GLU A 22 3.21 3.80 5.11
N ALA A 23 2.32 3.80 4.12
CA ALA A 23 2.27 4.77 3.03
C ALA A 23 1.90 6.21 3.45
N LYS A 24 1.52 6.48 4.70
CA LYS A 24 1.46 7.85 5.23
C LYS A 24 2.61 8.10 6.20
N LYS A 25 2.92 7.14 7.08
CA LYS A 25 3.80 7.37 8.23
C LYS A 25 5.24 7.59 7.81
N ARG A 26 5.67 6.87 6.78
CA ARG A 26 7.01 6.99 6.21
C ARG A 26 7.23 8.33 5.52
N TYR A 27 6.21 9.18 5.40
CA TYR A 27 6.20 10.34 4.53
C TYR A 27 5.67 11.52 5.32
N PRO A 28 6.51 12.09 6.19
CA PRO A 28 6.15 13.27 6.96
C PRO A 28 6.08 14.52 6.06
N LEU A 29 6.70 14.49 4.87
CA LEU A 29 6.68 15.63 3.96
C LEU A 29 5.50 15.58 2.97
N ALA A 30 4.81 14.44 2.88
CA ALA A 30 3.80 14.19 1.86
C ALA A 30 2.56 13.59 2.52
N GLN A 31 1.52 13.31 1.74
CA GLN A 31 0.25 12.79 2.23
C GLN A 31 -0.25 11.73 1.26
N VAL A 32 -1.12 10.83 1.70
CA VAL A 32 -1.61 9.70 0.90
C VAL A 32 -3.05 9.92 0.39
N LEU A 33 -3.31 9.73 -0.91
CA LEU A 33 -4.52 10.16 -1.63
C LEU A 33 -5.28 9.03 -2.31
N PHE A 34 -4.77 7.81 -2.21
CA PHE A 34 -5.35 6.61 -2.80
C PHE A 34 -5.19 5.47 -1.78
N LYS A 35 -5.98 4.41 -1.95
CA LYS A 35 -5.92 3.19 -1.14
C LYS A 35 -6.25 2.00 -2.07
N GLN A 36 -5.52 1.83 -3.18
CA GLN A 36 -5.82 0.74 -4.12
C GLN A 36 -4.83 -0.42 -3.99
N LYS A 37 -5.35 -1.61 -4.27
CA LYS A 37 -4.57 -2.82 -4.46
C LYS A 37 -4.03 -2.82 -5.89
N VAL A 38 -3.15 -3.77 -6.19
CA VAL A 38 -2.80 -4.26 -7.53
C VAL A 38 -1.66 -5.26 -7.34
N TRP A 39 -2.00 -6.56 -7.32
CA TRP A 39 -1.16 -7.76 -7.29
C TRP A 39 -2.10 -8.96 -7.15
N ASP A 40 -1.81 -10.08 -7.81
CA ASP A 40 -2.61 -11.30 -7.68
C ASP A 40 -1.79 -12.57 -7.96
N ARG A 41 -0.61 -12.68 -7.34
CA ARG A 41 0.36 -13.77 -7.57
C ARG A 41 0.71 -14.45 -6.25
N LYS A 42 1.22 -15.68 -6.27
CA LYS A 42 1.95 -16.26 -5.15
C LYS A 42 2.95 -17.31 -5.62
N ARG A 43 3.91 -17.65 -4.77
CA ARG A 43 4.95 -18.64 -4.97
C ARG A 43 4.41 -20.01 -4.57
N LYS A 44 5.30 -20.99 -4.39
CA LYS A 44 4.93 -22.22 -3.70
C LYS A 44 4.64 -21.95 -2.21
N ASP A 45 5.35 -21.02 -1.57
CA ASP A 45 5.36 -20.82 -0.12
C ASP A 45 5.83 -19.39 0.14
N GLU A 46 5.17 -18.41 -0.49
CA GLU A 46 5.30 -16.97 -0.21
C GLU A 46 4.32 -16.24 -1.12
N ALA A 47 4.08 -14.95 -0.88
CA ALA A 47 3.23 -14.06 -1.65
C ALA A 47 3.63 -12.61 -1.31
N VAL A 48 3.27 -11.61 -2.13
CA VAL A 48 3.60 -10.21 -1.83
C VAL A 48 2.48 -9.28 -2.32
N LYS A 49 1.40 -9.16 -1.55
CA LYS A 49 0.26 -8.33 -1.93
C LYS A 49 0.69 -6.90 -1.73
N GLN A 50 0.91 -6.20 -2.83
CA GLN A 50 1.41 -4.84 -2.85
C GLN A 50 0.28 -3.90 -3.21
N TYR A 51 0.52 -2.61 -3.08
CA TYR A 51 -0.49 -1.56 -3.15
C TYR A 51 0.14 -0.38 -3.90
N HIS A 52 -0.71 0.53 -4.35
CA HIS A 52 -0.32 1.70 -5.11
C HIS A 52 -1.12 2.84 -4.47
N LEU A 53 -0.45 3.64 -3.64
CA LEU A 53 -1.02 4.78 -2.98
C LEU A 53 -0.31 6.01 -3.52
N THR A 54 -1.02 6.79 -4.33
CA THR A 54 -0.62 8.12 -4.76
C THR A 54 -0.24 8.92 -3.52
N LEU A 55 0.97 9.45 -3.50
CA LEU A 55 1.32 10.55 -2.63
C LEU A 55 1.46 11.82 -3.44
N ARG A 56 1.32 12.93 -2.74
CA ARG A 56 1.46 14.28 -3.26
C ARG A 56 2.29 15.03 -2.23
N GLU A 57 3.29 15.77 -2.69
CA GLU A 57 4.11 16.67 -1.88
C GLU A 57 4.01 18.03 -2.56
N GLY A 58 3.24 18.93 -1.95
CA GLY A 58 2.90 20.24 -2.50
C GLY A 58 2.23 20.08 -3.86
N SER A 59 2.99 20.35 -4.92
CA SER A 59 2.56 20.35 -6.30
C SER A 59 3.06 19.13 -7.08
N LYS A 60 3.87 18.25 -6.50
CA LYS A 60 4.37 17.04 -7.16
C LYS A 60 3.48 15.87 -6.77
N GLU A 61 3.24 14.98 -7.72
CA GLU A 61 2.64 13.66 -7.52
C GLU A 61 3.73 12.65 -7.86
N PHE A 62 3.80 11.57 -7.08
CA PHE A 62 4.73 10.47 -7.22
C PHE A 62 4.09 9.22 -6.63
N GLY A 63 3.99 8.15 -7.42
CA GLY A 63 3.23 6.96 -7.07
C GLY A 63 4.10 5.81 -6.63
N VAL A 64 4.36 5.79 -5.33
CA VAL A 64 5.16 4.81 -4.60
C VAL A 64 4.44 3.44 -4.55
N PHE A 65 5.12 2.45 -3.92
CA PHE A 65 4.58 1.13 -3.63
C PHE A 65 4.94 0.67 -2.21
N VAL A 66 4.40 -0.47 -1.78
CA VAL A 66 4.53 -1.00 -0.42
C VAL A 66 4.74 -2.51 -0.50
N THR A 67 5.96 -2.98 -0.24
CA THR A 67 6.36 -4.38 -0.28
C THR A 67 5.92 -5.09 1.02
N ILE A 68 4.75 -5.72 1.05
CA ILE A 68 4.34 -6.61 2.13
C ILE A 68 4.55 -8.04 1.64
N SER A 69 5.67 -8.65 2.01
CA SER A 69 5.93 -10.06 1.78
C SER A 69 5.23 -10.86 2.87
N PHE A 70 4.40 -11.83 2.50
CA PHE A 70 3.66 -12.66 3.45
C PHE A 70 3.54 -14.09 2.93
N ASP A 71 2.91 -14.97 3.70
CA ASP A 71 2.75 -16.38 3.29
C ASP A 71 1.30 -16.75 3.05
N PRO A 72 0.98 -17.63 2.07
CA PRO A 72 -0.38 -18.11 1.84
C PRO A 72 -0.95 -18.99 2.96
N TYR A 73 -0.09 -19.49 3.85
CA TYR A 73 -0.48 -20.47 4.87
C TYR A 73 -1.55 -19.93 5.82
N SER A 74 -1.39 -18.70 6.29
CA SER A 74 -2.06 -18.17 7.47
C SER A 74 -1.95 -16.63 7.55
N GLN A 75 -1.46 -15.97 6.48
CA GLN A 75 -1.14 -14.55 6.49
C GLN A 75 -0.18 -14.24 7.63
N LYS A 76 1.02 -14.83 7.53
CA LYS A 76 2.19 -14.46 8.30
C LYS A 76 2.98 -13.56 7.39
N VAL A 77 3.21 -12.34 7.82
CA VAL A 77 4.10 -11.41 7.15
C VAL A 77 5.55 -11.83 7.44
N ASN A 78 6.31 -11.97 6.36
CA ASN A 78 7.69 -12.43 6.33
C ASN A 78 8.62 -11.23 6.42
N LYS A 79 8.38 -10.19 5.63
CA LYS A 79 9.00 -8.87 5.79
C LYS A 79 8.03 -7.82 5.30
N ILE A 80 8.25 -6.58 5.73
CA ILE A 80 7.73 -5.40 5.08
C ILE A 80 8.97 -4.62 4.61
N ALA A 81 8.82 -3.92 3.49
CA ALA A 81 9.59 -2.75 3.14
C ALA A 81 8.68 -1.77 2.43
N ILE A 82 9.16 -0.54 2.25
CA ILE A 82 8.48 0.55 1.58
C ILE A 82 9.34 0.90 0.38
N LEU A 83 8.68 1.09 -0.77
CA LEU A 83 9.29 1.46 -2.04
C LEU A 83 8.94 2.91 -2.32
N GLU A 84 9.60 3.52 -3.30
CA GLU A 84 9.25 4.82 -3.82
C GLU A 84 9.46 4.82 -5.32
N GLU A 85 8.76 5.72 -6.01
CA GLU A 85 9.01 5.98 -7.42
C GLU A 85 9.79 7.29 -7.60
N TYR A 86 10.61 7.39 -8.65
CA TYR A 86 11.43 8.56 -8.99
C TYR A 86 11.58 8.69 -10.51
N GLN A 87 11.49 9.92 -11.03
CA GLN A 87 11.72 10.28 -12.43
C GLN A 87 11.81 11.81 -12.54
N GLY A 1 -15.98 14.49 3.96
CA GLY A 1 -17.12 13.70 3.48
C GLY A 1 -16.73 12.28 3.09
N GLU A 2 -15.71 12.11 2.25
CA GLU A 2 -15.17 10.81 1.85
C GLU A 2 -13.67 10.99 1.58
N GLU A 3 -12.92 9.91 1.75
CA GLU A 3 -11.46 9.89 1.60
C GLU A 3 -11.00 8.97 0.45
N THR A 4 -11.88 8.17 -0.15
CA THR A 4 -11.61 7.47 -1.39
C THR A 4 -12.83 7.57 -2.31
N PRO A 5 -12.66 7.48 -3.65
CA PRO A 5 -13.76 7.58 -4.61
C PRO A 5 -14.70 6.36 -4.61
N LEU A 6 -14.42 5.36 -3.77
CA LEU A 6 -15.14 4.09 -3.67
C LEU A 6 -16.20 4.25 -2.57
N VAL A 7 -17.09 5.23 -2.75
CA VAL A 7 -18.06 5.62 -1.73
C VAL A 7 -19.04 4.49 -1.39
N THR A 8 -19.08 3.40 -2.18
CA THR A 8 -19.82 2.20 -1.85
C THR A 8 -19.02 0.99 -2.30
N ALA A 9 -18.14 0.51 -1.41
CA ALA A 9 -17.67 -0.86 -1.35
C ALA A 9 -16.91 -1.02 -0.03
N ARG A 10 -17.65 -1.21 1.06
CA ARG A 10 -17.06 -1.47 2.38
C ARG A 10 -16.60 -2.91 2.42
N HIS A 11 -15.46 -3.23 1.82
CA HIS A 11 -14.86 -4.56 1.86
C HIS A 11 -13.36 -4.39 1.65
N MET A 12 -12.57 -4.61 2.71
CA MET A 12 -11.15 -4.32 2.75
C MET A 12 -10.36 -5.41 3.45
N SER A 13 -9.14 -5.63 2.98
CA SER A 13 -8.28 -6.80 3.21
C SER A 13 -7.52 -6.74 4.53
N LYS A 14 -6.94 -7.88 4.92
CA LYS A 14 -5.94 -8.01 5.98
C LYS A 14 -4.78 -7.02 5.81
N TRP A 15 -4.33 -6.81 4.56
CA TRP A 15 -3.08 -6.12 4.27
C TRP A 15 -3.27 -4.66 3.87
N GLU A 16 -4.52 -4.19 3.79
CA GLU A 16 -4.83 -2.88 3.24
C GLU A 16 -4.33 -1.77 4.16
N GLU A 17 -4.67 -1.85 5.46
CA GLU A 17 -4.40 -0.81 6.42
C GLU A 17 -2.90 -0.62 6.57
N ILE A 18 -2.17 -1.73 6.49
CA ILE A 18 -0.73 -1.82 6.60
C ILE A 18 -0.14 -0.99 5.46
N ALA A 19 -0.52 -1.30 4.21
CA ALA A 19 -0.11 -0.55 3.03
C ALA A 19 -0.37 0.94 3.21
N VAL A 20 -1.58 1.35 3.61
CA VAL A 20 -1.87 2.75 3.83
C VAL A 20 -1.01 3.37 4.96
N LYS A 21 -0.98 2.77 6.15
CA LYS A 21 -0.37 3.39 7.32
C LYS A 21 1.13 3.45 7.18
N GLU A 22 1.77 2.46 6.58
CA GLU A 22 3.17 2.53 6.20
C GLU A 22 3.36 3.71 5.24
N ALA A 23 2.57 3.78 4.17
CA ALA A 23 2.67 4.81 3.14
C ALA A 23 2.26 6.21 3.60
N LYS A 24 1.87 6.41 4.85
CA LYS A 24 1.83 7.73 5.47
C LYS A 24 2.98 7.90 6.45
N LYS A 25 3.27 6.91 7.31
CA LYS A 25 4.24 7.12 8.39
C LYS A 25 5.64 7.33 7.82
N ARG A 26 5.99 6.59 6.77
CA ARG A 26 7.28 6.70 6.12
C ARG A 26 7.48 8.06 5.42
N TYR A 27 6.48 8.95 5.39
CA TYR A 27 6.36 10.06 4.45
C TYR A 27 6.00 11.28 5.29
N PRO A 28 7.03 11.95 5.84
CA PRO A 28 6.91 13.23 6.52
C PRO A 28 6.93 14.37 5.51
N LEU A 29 7.64 14.21 4.38
CA LEU A 29 7.84 15.28 3.40
C LEU A 29 6.62 15.45 2.51
N ALA A 30 5.78 14.42 2.44
CA ALA A 30 4.68 14.29 1.52
C ALA A 30 3.48 13.70 2.24
N GLN A 31 2.28 13.86 1.70
CA GLN A 31 1.04 13.40 2.31
C GLN A 31 0.39 12.38 1.38
N VAL A 32 -0.22 11.32 1.92
CA VAL A 32 -0.94 10.35 1.10
C VAL A 32 -2.35 10.88 0.86
N LEU A 33 -2.93 10.63 -0.32
CA LEU A 33 -4.28 11.09 -0.67
C LEU A 33 -5.06 10.07 -1.50
N PHE A 34 -4.46 8.90 -1.79
CA PHE A 34 -4.93 7.99 -2.82
C PHE A 34 -4.65 6.58 -2.37
N LYS A 35 -5.52 5.63 -2.74
CA LYS A 35 -5.37 4.22 -2.41
C LYS A 35 -5.79 3.41 -3.63
N GLN A 36 -4.94 2.55 -4.20
CA GLN A 36 -5.41 1.58 -5.19
C GLN A 36 -4.75 0.20 -5.06
N LYS A 37 -5.44 -0.83 -5.56
CA LYS A 37 -4.93 -2.20 -5.70
C LYS A 37 -3.72 -2.26 -6.66
N VAL A 38 -3.00 -3.38 -6.63
CA VAL A 38 -1.98 -3.71 -7.63
C VAL A 38 -2.10 -5.19 -7.99
N TRP A 39 -1.08 -5.68 -8.70
CA TRP A 39 -0.76 -7.09 -8.87
C TRP A 39 -0.85 -7.80 -7.52
N ASP A 40 -1.19 -9.08 -7.54
CA ASP A 40 -1.13 -9.96 -6.38
C ASP A 40 -0.71 -11.32 -6.92
N ARG A 41 0.08 -12.04 -6.15
CA ARG A 41 0.67 -13.31 -6.60
C ARG A 41 1.10 -14.10 -5.39
N LYS A 42 1.51 -15.35 -5.59
CA LYS A 42 2.07 -16.15 -4.52
C LYS A 42 3.07 -17.12 -5.11
N ARG A 43 4.08 -17.42 -4.31
CA ARG A 43 5.09 -18.44 -4.53
C ARG A 43 4.57 -19.72 -3.87
N LYS A 44 5.43 -20.70 -3.64
CA LYS A 44 5.05 -21.94 -2.97
C LYS A 44 4.56 -21.66 -1.55
N ASP A 45 5.31 -20.88 -0.79
CA ASP A 45 5.23 -20.75 0.67
C ASP A 45 5.20 -19.27 1.07
N GLU A 46 4.90 -18.39 0.11
CA GLU A 46 4.92 -16.95 0.28
C GLU A 46 3.86 -16.34 -0.60
N ALA A 47 3.35 -15.16 -0.25
CA ALA A 47 2.27 -14.48 -0.91
C ALA A 47 2.50 -12.97 -0.80
N VAL A 48 1.95 -12.22 -1.75
CA VAL A 48 2.11 -10.77 -1.89
C VAL A 48 0.81 -10.19 -2.44
N LYS A 49 0.24 -9.21 -1.74
CA LYS A 49 -1.11 -8.69 -1.94
C LYS A 49 -1.14 -7.29 -1.35
N GLN A 50 -0.36 -6.39 -1.95
CA GLN A 50 -0.13 -5.04 -1.44
C GLN A 50 -0.99 -4.05 -2.24
N TYR A 51 -0.73 -2.75 -2.10
CA TYR A 51 -1.44 -1.66 -2.75
C TYR A 51 -0.43 -0.69 -3.37
N HIS A 52 -0.91 0.32 -4.07
CA HIS A 52 -0.18 1.46 -4.64
C HIS A 52 -0.89 2.70 -4.12
N LEU A 53 -0.13 3.63 -3.57
CA LEU A 53 -0.63 4.88 -3.04
C LEU A 53 0.09 6.00 -3.80
N THR A 54 -0.46 7.21 -3.75
CA THR A 54 0.15 8.40 -4.35
C THR A 54 0.40 9.38 -3.20
N LEU A 55 1.59 9.98 -3.22
CA LEU A 55 2.03 10.98 -2.26
C LEU A 55 2.18 12.33 -2.94
N ARG A 56 2.10 13.39 -2.14
CA ARG A 56 2.19 14.78 -2.56
C ARG A 56 3.18 15.50 -1.64
N GLU A 57 4.44 15.65 -2.06
CA GLU A 57 5.40 16.55 -1.41
C GLU A 57 5.08 17.93 -1.93
N GLY A 58 4.69 18.89 -1.08
CA GLY A 58 4.62 20.30 -1.41
C GLY A 58 3.97 20.55 -2.77
N SER A 59 4.79 20.89 -3.76
CA SER A 59 4.41 21.17 -5.14
C SER A 59 5.05 20.18 -6.11
N LYS A 60 5.05 18.90 -5.74
CA LYS A 60 5.31 17.71 -6.53
C LYS A 60 4.24 16.67 -6.17
N GLU A 61 4.07 15.64 -7.00
CA GLU A 61 3.13 14.55 -6.75
C GLU A 61 3.68 13.31 -7.47
N PHE A 62 3.76 12.18 -6.78
CA PHE A 62 4.45 10.98 -7.22
C PHE A 62 3.77 9.74 -6.66
N GLY A 63 4.04 8.59 -7.27
CA GLY A 63 3.48 7.33 -6.85
C GLY A 63 4.46 6.58 -5.96
N VAL A 64 3.96 5.82 -4.99
CA VAL A 64 4.77 4.92 -4.17
C VAL A 64 4.16 3.53 -4.13
N PHE A 65 5.00 2.49 -4.10
CA PHE A 65 4.55 1.11 -4.00
C PHE A 65 4.84 0.59 -2.60
N VAL A 66 4.44 -0.66 -2.35
CA VAL A 66 4.40 -1.25 -1.02
C VAL A 66 4.94 -2.67 -1.15
N THR A 67 5.76 -3.10 -0.18
CA THR A 67 6.25 -4.46 -0.09
C THR A 67 5.77 -5.01 1.25
N ILE A 68 4.74 -5.83 1.20
CA ILE A 68 4.32 -6.68 2.29
C ILE A 68 4.53 -8.08 1.71
N SER A 69 5.55 -8.80 2.18
CA SER A 69 5.74 -10.20 1.84
C SER A 69 5.21 -11.01 3.01
N PHE A 70 4.21 -11.87 2.79
CA PHE A 70 3.54 -12.61 3.84
C PHE A 70 3.50 -14.10 3.50
N ASP A 71 3.10 -14.90 4.48
CA ASP A 71 3.11 -16.36 4.44
C ASP A 71 1.66 -16.82 4.19
N PRO A 72 1.39 -17.88 3.40
CA PRO A 72 0.03 -18.25 3.07
C PRO A 72 -0.62 -19.18 4.10
N TYR A 73 0.15 -19.72 5.05
CA TYR A 73 -0.31 -20.68 6.04
C TYR A 73 -1.34 -20.00 6.94
N SER A 74 -0.98 -18.85 7.53
CA SER A 74 -1.75 -18.22 8.62
C SER A 74 -1.64 -16.68 8.63
N GLN A 75 -1.15 -16.09 7.54
CA GLN A 75 -0.91 -14.65 7.38
C GLN A 75 0.05 -14.17 8.47
N LYS A 76 1.26 -14.76 8.53
CA LYS A 76 2.39 -14.06 9.12
C LYS A 76 2.97 -13.19 8.03
N VAL A 77 3.22 -11.93 8.31
CA VAL A 77 4.05 -11.09 7.48
C VAL A 77 5.51 -11.42 7.75
N ASN A 78 6.20 -11.85 6.70
CA ASN A 78 7.59 -12.29 6.74
C ASN A 78 8.48 -11.07 6.85
N LYS A 79 8.35 -10.14 5.88
CA LYS A 79 9.12 -8.90 5.83
C LYS A 79 8.28 -7.78 5.21
N ILE A 80 8.62 -6.54 5.57
CA ILE A 80 8.04 -5.31 5.06
C ILE A 80 9.16 -4.46 4.48
N ALA A 81 8.91 -3.77 3.37
CA ALA A 81 9.73 -2.68 2.85
C ALA A 81 8.81 -1.64 2.20
N ILE A 82 9.40 -0.53 1.77
CA ILE A 82 8.73 0.55 1.06
C ILE A 82 9.40 0.65 -0.32
N LEU A 83 8.71 1.25 -1.27
CA LEU A 83 9.11 1.44 -2.64
C LEU A 83 8.68 2.85 -3.01
N GLU A 84 9.41 3.49 -3.90
CA GLU A 84 9.13 4.83 -4.37
C GLU A 84 9.48 4.91 -5.85
N GLU A 85 8.63 5.55 -6.65
CA GLU A 85 8.93 5.87 -8.03
C GLU A 85 10.02 6.97 -8.07
N TYR A 86 10.80 7.02 -9.14
CA TYR A 86 11.71 8.12 -9.45
C TYR A 86 11.90 8.19 -10.97
N GLN A 87 12.26 9.37 -11.48
CA GLN A 87 12.08 9.76 -12.88
C GLN A 87 13.17 10.72 -13.33
N GLY A 1 -15.65 15.05 4.72
CA GLY A 1 -15.30 14.48 3.41
C GLY A 1 -15.40 12.96 3.41
N GLU A 2 -15.08 12.33 2.28
CA GLU A 2 -15.00 10.87 2.14
C GLU A 2 -13.52 10.49 2.08
N GLU A 3 -13.13 9.36 2.69
CA GLU A 3 -11.74 9.03 2.94
C GLU A 3 -10.90 8.98 1.66
N THR A 4 -11.47 8.55 0.53
CA THR A 4 -10.79 8.35 -0.74
C THR A 4 -11.85 8.31 -1.86
N PRO A 5 -11.48 8.42 -3.14
CA PRO A 5 -12.42 8.42 -4.26
C PRO A 5 -12.95 7.01 -4.51
N LEU A 6 -13.98 6.60 -3.75
CA LEU A 6 -14.54 5.26 -3.83
C LEU A 6 -15.99 5.28 -3.38
N VAL A 7 -16.82 5.98 -4.16
CA VAL A 7 -18.25 6.08 -3.94
C VAL A 7 -18.94 4.73 -4.25
N THR A 8 -18.22 3.76 -4.84
CA THR A 8 -18.69 2.41 -5.08
C THR A 8 -17.60 1.42 -4.67
N ALA A 9 -17.36 1.23 -3.36
CA ALA A 9 -16.74 0.02 -2.84
C ALA A 9 -16.77 0.01 -1.31
N ARG A 10 -16.80 -1.19 -0.72
CA ARG A 10 -16.92 -1.37 0.73
C ARG A 10 -16.17 -2.60 1.24
N HIS A 11 -15.13 -3.04 0.52
CA HIS A 11 -14.43 -4.30 0.78
C HIS A 11 -12.92 -4.02 0.87
N MET A 12 -12.38 -3.95 2.09
CA MET A 12 -10.97 -3.72 2.36
C MET A 12 -10.25 -5.04 2.66
N SER A 13 -9.17 -5.29 1.94
CA SER A 13 -8.31 -6.45 2.09
C SER A 13 -7.46 -6.33 3.35
N LYS A 14 -6.93 -7.46 3.82
CA LYS A 14 -6.13 -7.59 5.04
C LYS A 14 -5.05 -6.52 5.09
N TRP A 15 -4.24 -6.45 4.03
CA TRP A 15 -3.04 -5.62 3.98
C TRP A 15 -3.28 -4.27 3.32
N GLU A 16 -4.52 -3.94 2.92
CA GLU A 16 -4.78 -2.64 2.30
C GLU A 16 -4.32 -1.54 3.24
N GLU A 17 -4.67 -1.62 4.51
CA GLU A 17 -4.31 -0.62 5.50
C GLU A 17 -2.81 -0.66 5.86
N ILE A 18 -2.20 -1.85 5.92
CA ILE A 18 -0.82 -2.05 6.39
C ILE A 18 0.12 -1.37 5.41
N ALA A 19 -0.24 -1.40 4.12
CA ALA A 19 0.43 -0.62 3.10
C ALA A 19 0.36 0.87 3.43
N VAL A 20 -0.85 1.37 3.69
CA VAL A 20 -1.13 2.78 3.92
C VAL A 20 -0.31 3.29 5.10
N LYS A 21 -0.27 2.53 6.21
CA LYS A 21 0.34 2.99 7.44
C LYS A 21 1.84 3.19 7.26
N GLU A 22 2.52 2.31 6.53
CA GLU A 22 3.92 2.51 6.18
C GLU A 22 4.05 3.69 5.22
N ALA A 23 3.24 3.71 4.15
CA ALA A 23 3.27 4.76 3.13
C ALA A 23 2.98 6.16 3.68
N LYS A 24 2.28 6.30 4.82
CA LYS A 24 2.11 7.61 5.45
C LYS A 24 3.26 7.90 6.40
N LYS A 25 3.69 6.93 7.22
CA LYS A 25 4.66 7.25 8.26
C LYS A 25 6.02 7.57 7.66
N ARG A 26 6.49 6.74 6.72
CA ARG A 26 7.83 6.83 6.12
C ARG A 26 8.02 8.10 5.26
N TYR A 27 7.04 8.99 5.16
CA TYR A 27 6.96 10.04 4.16
C TYR A 27 6.60 11.30 4.93
N PRO A 28 7.59 12.01 5.48
CA PRO A 28 7.39 13.24 6.21
C PRO A 28 7.27 14.46 5.31
N LEU A 29 7.81 14.44 4.08
CA LEU A 29 7.74 15.58 3.18
C LEU A 29 6.44 15.56 2.37
N ALA A 30 5.61 14.52 2.52
CA ALA A 30 4.44 14.31 1.69
C ALA A 30 3.30 13.71 2.53
N GLN A 31 2.09 13.71 1.97
CA GLN A 31 0.87 13.21 2.60
C GLN A 31 0.31 12.08 1.77
N VAL A 32 -0.27 11.08 2.43
CA VAL A 32 -1.03 10.03 1.77
C VAL A 32 -2.48 10.51 1.68
N LEU A 33 -3.17 10.23 0.57
CA LEU A 33 -4.53 10.66 0.25
C LEU A 33 -5.22 9.71 -0.73
N PHE A 34 -4.54 8.64 -1.18
CA PHE A 34 -5.01 7.67 -2.17
C PHE A 34 -4.78 6.27 -1.61
N LYS A 35 -5.58 5.29 -2.03
CA LYS A 35 -5.50 3.90 -1.56
C LYS A 35 -5.99 2.96 -2.67
N GLN A 36 -5.09 2.33 -3.43
CA GLN A 36 -5.48 1.38 -4.47
C GLN A 36 -4.50 0.19 -4.51
N LYS A 37 -5.02 -1.01 -4.72
CA LYS A 37 -4.27 -2.27 -4.88
C LYS A 37 -3.69 -2.42 -6.28
N VAL A 38 -2.71 -3.32 -6.43
CA VAL A 38 -2.31 -3.95 -7.70
C VAL A 38 -1.20 -4.95 -7.39
N TRP A 39 -1.49 -6.26 -7.51
CA TRP A 39 -0.59 -7.42 -7.53
C TRP A 39 -1.47 -8.65 -7.50
N ASP A 40 -1.07 -9.79 -8.09
CA ASP A 40 -1.92 -10.99 -8.05
C ASP A 40 -1.17 -12.33 -8.16
N ARG A 41 -0.22 -12.56 -7.25
CA ARG A 41 0.65 -13.74 -7.20
C ARG A 41 0.73 -14.26 -5.78
N LYS A 42 0.93 -15.57 -5.62
CA LYS A 42 1.35 -16.19 -4.37
C LYS A 42 2.13 -17.47 -4.65
N ARG A 43 2.65 -18.10 -3.60
CA ARG A 43 3.20 -19.44 -3.61
C ARG A 43 2.26 -20.34 -2.81
N LYS A 44 2.57 -21.63 -2.67
CA LYS A 44 1.87 -22.50 -1.72
C LYS A 44 2.21 -22.09 -0.29
N ASP A 45 3.43 -21.60 -0.10
CA ASP A 45 4.15 -21.54 1.17
C ASP A 45 4.84 -20.19 1.33
N GLU A 46 4.29 -19.18 0.66
CA GLU A 46 4.51 -17.76 0.84
C GLU A 46 3.44 -17.04 0.01
N ALA A 47 3.31 -15.73 0.20
CA ALA A 47 2.49 -14.83 -0.57
C ALA A 47 3.18 -13.48 -0.57
N VAL A 48 2.82 -12.63 -1.51
CA VAL A 48 3.24 -11.23 -1.48
C VAL A 48 1.98 -10.46 -1.88
N LYS A 49 1.96 -9.15 -1.68
CA LYS A 49 0.96 -8.23 -2.20
C LYS A 49 1.63 -6.86 -2.24
N GLN A 50 1.10 -5.94 -3.04
CA GLN A 50 1.48 -4.53 -3.02
C GLN A 50 0.22 -3.70 -3.33
N TYR A 51 0.40 -2.40 -3.15
CA TYR A 51 -0.58 -1.34 -3.33
C TYR A 51 0.19 -0.13 -3.86
N HIS A 52 -0.52 0.79 -4.47
CA HIS A 52 -0.03 2.00 -5.09
C HIS A 52 -0.79 3.14 -4.42
N LEU A 53 -0.08 3.99 -3.67
CA LEU A 53 -0.61 5.17 -3.04
C LEU A 53 0.00 6.36 -3.80
N THR A 54 -0.75 7.45 -4.01
CA THR A 54 -0.25 8.68 -4.63
C THR A 54 -0.03 9.68 -3.50
N LEU A 55 1.23 9.84 -3.11
CA LEU A 55 1.65 10.81 -2.10
C LEU A 55 1.58 12.22 -2.70
N ARG A 56 1.47 13.24 -1.85
CA ARG A 56 1.33 14.64 -2.27
C ARG A 56 2.26 15.51 -1.45
N GLU A 57 3.19 16.23 -2.08
CA GLU A 57 4.28 17.00 -1.49
C GLU A 57 4.14 18.44 -1.97
N GLY A 58 3.60 19.31 -1.15
CA GLY A 58 3.63 20.76 -1.32
C GLY A 58 2.75 21.22 -2.46
N SER A 59 3.28 21.15 -3.67
CA SER A 59 2.54 21.40 -4.92
C SER A 59 2.49 20.19 -5.86
N LYS A 60 3.27 19.13 -5.60
CA LYS A 60 3.44 17.98 -6.49
C LYS A 60 2.59 16.79 -6.01
N GLU A 61 2.41 15.79 -6.86
CA GLU A 61 1.99 14.43 -6.55
C GLU A 61 2.97 13.44 -7.19
N PHE A 62 3.12 12.27 -6.56
CA PHE A 62 3.92 11.16 -7.08
C PHE A 62 3.37 9.84 -6.55
N GLY A 63 3.61 8.74 -7.26
CA GLY A 63 3.19 7.42 -6.85
C GLY A 63 4.26 6.75 -5.99
N VAL A 64 3.85 5.84 -5.11
CA VAL A 64 4.77 4.98 -4.38
C VAL A 64 4.25 3.54 -4.37
N PHE A 65 5.08 2.59 -3.92
CA PHE A 65 4.71 1.19 -3.75
C PHE A 65 5.11 0.70 -2.34
N VAL A 66 4.57 -0.44 -1.93
CA VAL A 66 4.82 -1.02 -0.61
C VAL A 66 5.01 -2.52 -0.79
N THR A 67 6.18 -3.03 -0.44
CA THR A 67 6.52 -4.45 -0.44
C THR A 67 5.88 -5.08 0.80
N ILE A 68 5.05 -6.10 0.63
CA ILE A 68 4.42 -6.83 1.72
C ILE A 68 4.53 -8.31 1.39
N SER A 69 5.48 -8.98 2.02
CA SER A 69 5.81 -10.38 1.82
C SER A 69 5.38 -11.14 3.08
N PHE A 70 4.52 -12.14 2.94
CA PHE A 70 3.82 -12.75 4.07
C PHE A 70 3.55 -14.21 3.77
N ASP A 71 2.96 -14.94 4.71
CA ASP A 71 2.74 -16.36 4.55
C ASP A 71 1.24 -16.65 4.43
N PRO A 72 0.79 -17.60 3.60
CA PRO A 72 -0.64 -17.87 3.44
C PRO A 72 -1.19 -18.75 4.57
N TYR A 73 -0.35 -19.42 5.36
CA TYR A 73 -0.80 -20.34 6.39
C TYR A 73 -1.53 -19.56 7.48
N SER A 74 -0.95 -18.45 7.93
CA SER A 74 -1.49 -17.62 9.01
C SER A 74 -0.95 -16.19 8.95
N GLN A 75 -0.63 -15.66 7.75
CA GLN A 75 -0.25 -14.26 7.56
C GLN A 75 0.94 -13.89 8.44
N LYS A 76 1.95 -14.78 8.51
CA LYS A 76 3.20 -14.41 9.14
C LYS A 76 3.83 -13.39 8.21
N VAL A 77 4.03 -12.18 8.70
CA VAL A 77 4.74 -11.15 7.96
C VAL A 77 6.20 -11.58 7.90
N ASN A 78 6.64 -11.98 6.72
CA ASN A 78 8.03 -12.31 6.46
C ASN A 78 8.79 -10.99 6.47
N LYS A 79 8.41 -10.06 5.61
CA LYS A 79 9.13 -8.82 5.39
C LYS A 79 8.16 -7.79 4.84
N ILE A 80 8.36 -6.56 5.25
CA ILE A 80 7.76 -5.35 4.71
C ILE A 80 8.95 -4.46 4.35
N ALA A 81 8.84 -3.76 3.22
CA ALA A 81 9.75 -2.75 2.73
C ALA A 81 8.93 -1.70 1.94
N ILE A 82 9.54 -0.58 1.58
CA ILE A 82 8.87 0.57 0.98
C ILE A 82 9.65 0.98 -0.27
N LEU A 83 8.97 1.54 -1.27
CA LEU A 83 9.52 1.94 -2.55
C LEU A 83 8.83 3.24 -2.95
N GLU A 84 9.55 4.18 -3.54
CA GLU A 84 9.00 5.43 -4.07
C GLU A 84 9.49 5.62 -5.50
N GLU A 85 8.58 6.11 -6.32
CA GLU A 85 8.84 6.44 -7.71
C GLU A 85 9.64 7.73 -7.78
N TYR A 86 10.80 7.67 -8.44
CA TYR A 86 11.59 8.79 -8.92
C TYR A 86 11.52 8.74 -10.45
N GLN A 87 12.06 9.77 -11.11
CA GLN A 87 11.92 9.95 -12.55
C GLN A 87 13.27 10.29 -13.17
N GLY A 1 -17.23 14.06 3.77
CA GLY A 1 -16.19 13.44 4.61
C GLY A 1 -16.09 11.96 4.31
N GLU A 2 -14.88 11.42 4.20
CA GLU A 2 -14.62 10.10 3.65
C GLU A 2 -13.48 9.42 4.40
N GLU A 3 -13.53 8.10 4.49
CA GLU A 3 -12.44 7.22 4.91
C GLU A 3 -11.48 7.05 3.73
N THR A 4 -12.01 6.57 2.61
CA THR A 4 -11.27 5.96 1.53
C THR A 4 -12.00 6.24 0.20
N PRO A 5 -11.31 6.12 -0.95
CA PRO A 5 -11.87 6.41 -2.26
C PRO A 5 -12.69 5.23 -2.80
N LEU A 6 -13.92 5.07 -2.30
CA LEU A 6 -14.80 3.96 -2.59
C LEU A 6 -16.24 4.46 -2.54
N VAL A 7 -16.60 5.32 -3.49
CA VAL A 7 -17.96 5.84 -3.68
C VAL A 7 -18.84 4.78 -4.37
N THR A 8 -18.58 3.49 -4.14
CA THR A 8 -19.51 2.41 -4.37
C THR A 8 -19.19 1.34 -3.33
N ALA A 9 -20.14 0.45 -3.02
CA ALA A 9 -19.89 -0.68 -2.14
C ALA A 9 -18.68 -1.46 -2.66
N ARG A 10 -17.70 -1.66 -1.79
CA ARG A 10 -16.41 -2.31 -2.05
C ARG A 10 -16.05 -3.16 -0.84
N HIS A 11 -14.91 -3.84 -0.86
CA HIS A 11 -14.28 -4.36 0.34
C HIS A 11 -12.77 -4.20 0.20
N MET A 12 -12.12 -3.74 1.26
CA MET A 12 -10.67 -3.63 1.37
C MET A 12 -10.07 -4.98 1.79
N SER A 13 -8.82 -5.03 2.23
CA SER A 13 -8.09 -6.26 2.49
C SER A 13 -7.19 -6.10 3.72
N LYS A 14 -6.76 -7.20 4.34
CA LYS A 14 -6.01 -7.24 5.59
C LYS A 14 -4.80 -6.29 5.57
N TRP A 15 -4.06 -6.33 4.48
CA TRP A 15 -2.79 -5.66 4.31
C TRP A 15 -2.94 -4.19 3.90
N GLU A 16 -4.15 -3.72 3.65
CA GLU A 16 -4.43 -2.40 3.09
C GLU A 16 -3.91 -1.31 4.02
N GLU A 17 -4.20 -1.45 5.32
CA GLU A 17 -3.85 -0.47 6.32
C GLU A 17 -2.35 -0.53 6.58
N ILE A 18 -1.79 -1.75 6.62
CA ILE A 18 -0.37 -1.97 6.85
C ILE A 18 0.40 -1.24 5.73
N ALA A 19 -0.08 -1.30 4.49
CA ALA A 19 0.48 -0.56 3.39
C ALA A 19 0.36 0.95 3.62
N VAL A 20 -0.86 1.49 3.76
CA VAL A 20 -1.07 2.93 3.89
C VAL A 20 -0.27 3.51 5.07
N LYS A 21 -0.30 2.85 6.23
CA LYS A 21 0.34 3.32 7.45
C LYS A 21 1.83 3.48 7.22
N GLU A 22 2.54 2.49 6.66
CA GLU A 22 3.96 2.66 6.39
C GLU A 22 4.19 3.76 5.34
N ALA A 23 3.38 3.79 4.29
CA ALA A 23 3.53 4.77 3.22
C ALA A 23 3.08 6.20 3.60
N LYS A 24 2.43 6.44 4.74
CA LYS A 24 2.24 7.78 5.29
C LYS A 24 3.36 8.10 6.28
N LYS A 25 3.70 7.16 7.17
CA LYS A 25 4.61 7.46 8.29
C LYS A 25 6.01 7.73 7.78
N ARG A 26 6.48 6.96 6.80
CA ARG A 26 7.82 7.07 6.24
C ARG A 26 8.03 8.34 5.41
N TYR A 27 7.03 9.21 5.29
CA TYR A 27 6.99 10.30 4.33
C TYR A 27 6.52 11.52 5.10
N PRO A 28 7.47 12.23 5.74
CA PRO A 28 7.19 13.43 6.50
C PRO A 28 7.10 14.64 5.59
N LEU A 29 7.90 14.69 4.52
CA LEU A 29 7.89 15.79 3.58
C LEU A 29 6.54 15.87 2.87
N ALA A 30 5.93 14.73 2.58
CA ALA A 30 4.74 14.55 1.77
C ALA A 30 3.57 14.07 2.63
N GLN A 31 2.45 13.75 1.98
CA GLN A 31 1.26 13.20 2.63
C GLN A 31 0.56 12.22 1.69
N VAL A 32 -0.23 11.30 2.24
CA VAL A 32 -1.01 10.33 1.47
C VAL A 32 -2.43 10.87 1.28
N LEU A 33 -3.06 10.57 0.15
CA LEU A 33 -4.42 10.99 -0.18
C LEU A 33 -5.15 9.92 -1.01
N PHE A 34 -4.62 8.68 -1.06
CA PHE A 34 -5.13 7.62 -1.92
C PHE A 34 -4.94 6.27 -1.23
N LYS A 35 -5.87 5.34 -1.42
CA LYS A 35 -5.83 4.00 -0.84
C LYS A 35 -6.41 3.00 -1.86
N GLN A 36 -5.60 2.39 -2.73
CA GLN A 36 -6.07 1.40 -3.70
C GLN A 36 -5.05 0.29 -3.92
N LYS A 37 -5.54 -0.95 -4.00
CA LYS A 37 -4.73 -2.14 -4.29
C LYS A 37 -4.40 -2.22 -5.78
N VAL A 38 -3.46 -3.09 -6.18
CA VAL A 38 -3.18 -3.31 -7.60
C VAL A 38 -2.67 -4.73 -7.92
N TRP A 39 -2.47 -5.61 -6.93
CA TRP A 39 -1.83 -6.91 -7.16
C TRP A 39 -2.36 -7.95 -6.18
N ASP A 40 -2.34 -9.24 -6.55
CA ASP A 40 -2.96 -10.31 -5.77
C ASP A 40 -2.20 -11.64 -5.93
N ARG A 41 -0.90 -11.57 -6.23
CA ARG A 41 -0.06 -12.75 -6.54
C ARG A 41 0.23 -13.57 -5.28
N LYS A 42 0.93 -14.69 -5.45
CA LYS A 42 1.56 -15.47 -4.39
C LYS A 42 2.64 -16.36 -4.97
N ARG A 43 3.45 -16.96 -4.11
CA ARG A 43 4.20 -18.19 -4.39
C ARG A 43 3.29 -19.36 -4.01
N LYS A 44 3.82 -20.58 -3.87
CA LYS A 44 3.11 -21.65 -3.20
C LYS A 44 2.93 -21.23 -1.74
N ASP A 45 3.95 -21.48 -0.94
CA ASP A 45 3.95 -21.41 0.53
C ASP A 45 4.12 -19.98 1.04
N GLU A 46 3.99 -18.96 0.19
CA GLU A 46 4.23 -17.57 0.50
C GLU A 46 3.26 -16.76 -0.36
N ALA A 47 2.93 -15.54 0.05
CA ALA A 47 1.93 -14.70 -0.61
C ALA A 47 2.36 -13.23 -0.51
N VAL A 48 1.84 -12.38 -1.40
CA VAL A 48 2.32 -11.02 -1.64
C VAL A 48 1.15 -10.21 -2.23
N LYS A 49 0.65 -9.21 -1.50
CA LYS A 49 -0.48 -8.37 -1.91
C LYS A 49 -0.06 -6.93 -1.69
N GLN A 50 0.26 -6.20 -2.77
CA GLN A 50 0.73 -4.83 -2.71
C GLN A 50 -0.36 -3.86 -3.16
N TYR A 51 -0.09 -2.58 -2.95
CA TYR A 51 -0.95 -1.44 -3.16
C TYR A 51 -0.10 -0.35 -3.82
N HIS A 52 -0.74 0.60 -4.50
CA HIS A 52 -0.09 1.68 -5.23
C HIS A 52 -0.84 2.95 -4.83
N LEU A 53 -0.25 3.73 -3.93
CA LEU A 53 -0.86 4.84 -3.22
C LEU A 53 -0.19 6.13 -3.65
N THR A 54 -0.98 7.18 -3.93
CA THR A 54 -0.45 8.45 -4.38
C THR A 54 -0.07 9.25 -3.13
N LEU A 55 1.20 9.66 -3.05
CA LEU A 55 1.62 10.74 -2.16
C LEU A 55 1.57 12.05 -2.94
N ARG A 56 1.52 13.16 -2.20
CA ARG A 56 1.64 14.52 -2.72
C ARG A 56 2.63 15.26 -1.82
N GLU A 57 3.55 16.01 -2.41
CA GLU A 57 4.39 16.97 -1.69
C GLU A 57 4.26 18.30 -2.40
N GLY A 58 3.62 19.29 -1.78
CA GLY A 58 3.57 20.67 -2.22
C GLY A 58 3.13 20.77 -3.68
N SER A 59 4.09 20.96 -4.58
CA SER A 59 3.86 21.18 -6.00
C SER A 59 4.12 19.94 -6.87
N LYS A 60 4.40 18.76 -6.31
CA LYS A 60 4.53 17.50 -7.06
C LYS A 60 3.57 16.46 -6.49
N GLU A 61 3.19 15.50 -7.32
CA GLU A 61 2.67 14.19 -6.92
C GLU A 61 3.65 13.18 -7.48
N PHE A 62 3.91 12.17 -6.66
CA PHE A 62 4.68 10.99 -6.96
C PHE A 62 4.04 9.90 -6.10
N GLY A 63 3.48 8.88 -6.75
CA GLY A 63 2.97 7.72 -6.05
C GLY A 63 4.12 6.81 -5.64
N VAL A 64 3.79 5.77 -4.88
CA VAL A 64 4.75 4.83 -4.34
C VAL A 64 4.20 3.41 -4.41
N PHE A 65 5.03 2.41 -4.08
CA PHE A 65 4.62 1.03 -3.93
C PHE A 65 5.13 0.53 -2.58
N VAL A 66 4.46 -0.45 -1.99
CA VAL A 66 4.88 -1.08 -0.75
C VAL A 66 5.22 -2.53 -1.10
N THR A 67 6.01 -3.25 -0.29
CA THR A 67 6.13 -4.69 -0.43
C THR A 67 5.71 -5.25 0.93
N ILE A 68 4.87 -6.26 0.94
CA ILE A 68 4.48 -7.01 2.11
C ILE A 68 4.56 -8.44 1.60
N SER A 69 5.50 -9.22 2.11
CA SER A 69 5.50 -10.66 1.93
C SER A 69 4.89 -11.23 3.19
N PHE A 70 3.95 -12.16 3.03
CA PHE A 70 3.28 -12.83 4.13
C PHE A 70 3.12 -14.30 3.76
N ASP A 71 2.63 -15.09 4.69
CA ASP A 71 2.57 -16.53 4.55
C ASP A 71 1.09 -16.95 4.50
N PRO A 72 0.69 -17.94 3.69
CA PRO A 72 -0.70 -18.29 3.50
C PRO A 72 -1.29 -19.09 4.68
N TYR A 73 -0.44 -19.71 5.50
CA TYR A 73 -0.87 -20.63 6.55
C TYR A 73 -1.60 -19.84 7.65
N SER A 74 -1.00 -18.73 8.11
CA SER A 74 -1.54 -17.89 9.17
C SER A 74 -1.01 -16.45 9.08
N GLN A 75 -0.84 -15.92 7.87
CA GLN A 75 -0.43 -14.52 7.64
C GLN A 75 0.90 -14.17 8.34
N LYS A 76 1.86 -15.12 8.45
CA LYS A 76 3.17 -14.78 9.02
C LYS A 76 3.80 -13.74 8.13
N VAL A 77 3.90 -12.51 8.62
CA VAL A 77 4.44 -11.38 7.89
C VAL A 77 5.94 -11.64 7.77
N ASN A 78 6.35 -12.14 6.61
CA ASN A 78 7.71 -12.59 6.37
C ASN A 78 8.64 -11.39 6.34
N LYS A 79 8.22 -10.32 5.67
CA LYS A 79 8.95 -9.05 5.56
C LYS A 79 8.00 -7.95 5.10
N ILE A 80 8.36 -6.70 5.37
CA ILE A 80 7.76 -5.50 4.79
C ILE A 80 8.93 -4.62 4.35
N ALA A 81 8.78 -3.90 3.24
CA ALA A 81 9.69 -2.87 2.76
C ALA A 81 8.89 -1.80 2.01
N ILE A 82 9.55 -0.69 1.66
CA ILE A 82 8.98 0.50 1.07
C ILE A 82 9.78 0.82 -0.21
N LEU A 83 9.05 1.12 -1.28
CA LEU A 83 9.55 1.50 -2.60
C LEU A 83 8.97 2.88 -2.90
N GLU A 84 9.55 3.62 -3.82
CA GLU A 84 9.15 4.99 -4.13
C GLU A 84 9.37 5.21 -5.62
N GLU A 85 8.47 5.95 -6.27
CA GLU A 85 8.64 6.30 -7.67
C GLU A 85 9.63 7.48 -7.77
N TYR A 86 10.28 7.63 -8.93
CA TYR A 86 11.04 8.81 -9.30
C TYR A 86 11.16 8.86 -10.82
N GLN A 87 11.27 10.05 -11.38
CA GLN A 87 11.40 10.33 -12.81
C GLN A 87 11.79 11.79 -13.01
N GLY A 1 -12.25 15.95 -8.52
CA GLY A 1 -11.98 16.12 -7.08
C GLY A 1 -12.78 15.11 -6.30
N GLU A 2 -12.09 14.10 -5.77
CA GLU A 2 -12.63 12.92 -5.12
C GLU A 2 -11.53 12.37 -4.22
N GLU A 3 -11.86 11.39 -3.38
CA GLU A 3 -11.00 10.97 -2.28
C GLU A 3 -10.48 9.56 -2.52
N THR A 4 -11.39 8.61 -2.79
CA THR A 4 -11.08 7.22 -3.07
C THR A 4 -12.00 6.71 -4.19
N PRO A 5 -11.71 5.55 -4.80
CA PRO A 5 -12.65 4.90 -5.72
C PRO A 5 -13.80 4.21 -4.99
N LEU A 6 -13.74 4.10 -3.66
CA LEU A 6 -14.57 3.26 -2.81
C LEU A 6 -15.85 3.98 -2.41
N VAL A 7 -16.47 4.68 -3.35
CA VAL A 7 -17.61 5.58 -3.19
C VAL A 7 -18.82 4.92 -2.52
N THR A 8 -18.82 3.60 -2.37
CA THR A 8 -19.90 2.82 -1.78
C THR A 8 -19.35 1.45 -1.31
N ALA A 9 -18.04 1.36 -1.02
CA ALA A 9 -17.34 0.10 -0.82
C ALA A 9 -16.66 0.13 0.55
N ARG A 10 -17.35 -0.35 1.59
CA ARG A 10 -16.92 -0.17 2.99
C ARG A 10 -16.40 -1.45 3.62
N HIS A 11 -15.73 -2.29 2.84
CA HIS A 11 -14.86 -3.34 3.34
C HIS A 11 -13.43 -2.92 3.06
N MET A 12 -12.52 -3.25 3.98
CA MET A 12 -11.10 -3.03 3.90
C MET A 12 -10.41 -4.33 4.31
N SER A 13 -9.40 -4.73 3.54
CA SER A 13 -8.77 -6.05 3.58
C SER A 13 -7.76 -6.24 4.72
N LYS A 14 -7.19 -7.45 4.79
CA LYS A 14 -6.15 -7.87 5.74
C LYS A 14 -4.92 -6.96 5.69
N TRP A 15 -4.49 -6.56 4.49
CA TRP A 15 -3.22 -5.86 4.28
C TRP A 15 -3.40 -4.38 3.92
N GLU A 16 -4.65 -3.93 3.73
CA GLU A 16 -4.94 -2.58 3.26
C GLU A 16 -4.46 -1.52 4.24
N GLU A 17 -4.86 -1.63 5.51
CA GLU A 17 -4.51 -0.66 6.53
C GLU A 17 -3.01 -0.69 6.78
N ILE A 18 -2.42 -1.90 6.76
CA ILE A 18 -0.99 -2.12 6.95
C ILE A 18 -0.21 -1.30 5.93
N ALA A 19 -0.66 -1.33 4.66
CA ALA A 19 -0.04 -0.55 3.62
C ALA A 19 -0.21 0.95 3.85
N VAL A 20 -1.37 1.40 4.34
CA VAL A 20 -1.66 2.83 4.44
C VAL A 20 -0.86 3.47 5.59
N LYS A 21 -0.75 2.80 6.75
CA LYS A 21 0.09 3.32 7.82
C LYS A 21 1.53 3.39 7.37
N GLU A 22 2.07 2.33 6.75
CA GLU A 22 3.46 2.35 6.32
C GLU A 22 3.69 3.45 5.28
N ALA A 23 2.75 3.62 4.34
CA ALA A 23 2.77 4.67 3.34
C ALA A 23 2.58 6.08 3.92
N LYS A 24 2.39 6.30 5.23
CA LYS A 24 2.44 7.63 5.83
C LYS A 24 3.55 7.75 6.87
N LYS A 25 3.84 6.69 7.63
CA LYS A 25 4.85 6.74 8.69
C LYS A 25 6.24 6.90 8.10
N ARG A 26 6.50 6.24 6.97
CA ARG A 26 7.75 6.34 6.23
C ARG A 26 7.96 7.75 5.65
N TYR A 27 6.95 8.63 5.64
CA TYR A 27 6.88 9.81 4.79
C TYR A 27 6.44 11.03 5.60
N PRO A 28 7.30 11.54 6.49
CA PRO A 28 6.98 12.66 7.36
C PRO A 28 6.85 13.99 6.62
N LEU A 29 7.34 14.09 5.38
CA LEU A 29 7.22 15.28 4.53
C LEU A 29 5.85 15.38 3.84
N ALA A 30 5.06 14.30 3.79
CA ALA A 30 4.01 14.13 2.80
C ALA A 30 2.75 13.54 3.42
N GLN A 31 1.63 13.58 2.69
CA GLN A 31 0.32 13.19 3.19
C GLN A 31 -0.28 12.13 2.28
N VAL A 32 -0.54 10.93 2.81
CA VAL A 32 -1.16 9.85 2.05
C VAL A 32 -2.65 10.13 1.86
N LEU A 33 -3.12 10.20 0.61
CA LEU A 33 -4.47 10.65 0.29
C LEU A 33 -5.35 9.55 -0.30
N PHE A 34 -4.74 8.45 -0.73
CA PHE A 34 -5.29 7.59 -1.77
C PHE A 34 -5.34 6.15 -1.28
N LYS A 35 -5.98 5.28 -2.06
CA LYS A 35 -6.10 3.84 -1.79
C LYS A 35 -6.23 3.14 -3.17
N GLN A 36 -5.16 2.57 -3.74
CA GLN A 36 -5.16 1.89 -5.05
C GLN A 36 -4.55 0.49 -4.91
N LYS A 37 -4.91 -0.42 -5.83
CA LYS A 37 -4.44 -1.82 -5.86
C LYS A 37 -3.05 -1.93 -6.49
N VAL A 38 -2.53 -3.17 -6.62
CA VAL A 38 -1.40 -3.49 -7.48
C VAL A 38 -1.71 -4.88 -8.10
N TRP A 39 -0.79 -5.43 -8.89
CA TRP A 39 -0.65 -6.86 -9.14
C TRP A 39 -0.49 -7.55 -7.78
N ASP A 40 -1.21 -8.65 -7.53
CA ASP A 40 -1.10 -9.48 -6.33
C ASP A 40 -0.90 -10.90 -6.81
N ARG A 41 -0.20 -11.72 -6.02
CA ARG A 41 0.38 -12.99 -6.47
C ARG A 41 0.52 -13.93 -5.29
N LYS A 42 0.44 -15.24 -5.46
CA LYS A 42 0.70 -16.19 -4.40
C LYS A 42 1.42 -17.42 -4.92
N ARG A 43 2.13 -18.11 -4.03
CA ARG A 43 3.05 -19.22 -4.27
C ARG A 43 2.69 -20.34 -3.30
N LYS A 44 3.43 -21.45 -3.32
CA LYS A 44 3.20 -22.51 -2.35
C LYS A 44 3.49 -21.98 -0.95
N ASP A 45 4.70 -21.45 -0.77
CA ASP A 45 5.30 -21.09 0.52
C ASP A 45 5.72 -19.63 0.46
N GLU A 46 4.96 -18.76 -0.22
CA GLU A 46 4.90 -17.32 0.04
C GLU A 46 3.72 -16.69 -0.68
N ALA A 47 3.44 -15.42 -0.40
CA ALA A 47 2.36 -14.64 -0.95
C ALA A 47 2.76 -13.16 -0.99
N VAL A 48 2.07 -12.40 -1.84
CA VAL A 48 2.33 -11.01 -2.12
C VAL A 48 0.99 -10.31 -2.27
N LYS A 49 0.70 -9.38 -1.37
CA LYS A 49 -0.62 -8.75 -1.31
C LYS A 49 -0.48 -7.34 -0.77
N GLN A 50 -0.59 -6.34 -1.63
CA GLN A 50 -0.16 -4.99 -1.33
C GLN A 50 -0.95 -3.99 -2.16
N TYR A 51 -0.67 -2.70 -1.93
CA TYR A 51 -1.42 -1.58 -2.43
C TYR A 51 -0.41 -0.53 -2.92
N HIS A 52 -0.86 0.33 -3.82
CA HIS A 52 -0.14 1.50 -4.30
C HIS A 52 -0.94 2.69 -3.80
N LEU A 53 -0.28 3.61 -3.12
CA LEU A 53 -0.94 4.78 -2.55
C LEU A 53 -0.32 6.01 -3.21
N THR A 54 -1.10 7.07 -3.39
CA THR A 54 -0.60 8.40 -3.76
C THR A 54 -0.52 9.24 -2.50
N LEU A 55 0.70 9.68 -2.19
CA LEU A 55 1.02 10.75 -1.26
C LEU A 55 0.92 12.05 -2.00
N ARG A 56 0.95 13.15 -1.25
CA ARG A 56 1.01 14.51 -1.75
C ARG A 56 2.02 15.27 -0.90
N GLU A 57 2.95 15.97 -1.54
CA GLU A 57 3.89 16.88 -0.91
C GLU A 57 3.56 18.26 -1.46
N GLY A 58 3.09 19.18 -0.63
CA GLY A 58 3.01 20.61 -0.96
C GLY A 58 2.19 20.92 -2.21
N SER A 59 2.84 20.97 -3.38
CA SER A 59 2.24 21.14 -4.72
C SER A 59 2.68 20.08 -5.76
N LYS A 60 3.37 19.02 -5.35
CA LYS A 60 3.74 17.84 -6.12
C LYS A 60 2.81 16.67 -5.78
N GLU A 61 2.62 15.73 -6.71
CA GLU A 61 2.12 14.39 -6.40
C GLU A 61 3.12 13.35 -6.93
N PHE A 62 3.19 12.19 -6.27
CA PHE A 62 4.02 11.02 -6.60
C PHE A 62 3.32 9.78 -6.05
N GLY A 63 3.67 8.56 -6.49
CA GLY A 63 2.99 7.31 -6.13
C GLY A 63 3.96 6.22 -5.66
N VAL A 64 3.71 5.63 -4.49
CA VAL A 64 4.66 4.73 -3.80
C VAL A 64 4.14 3.28 -3.76
N PHE A 65 5.07 2.33 -3.84
CA PHE A 65 4.78 0.90 -3.89
C PHE A 65 5.17 0.24 -2.56
N VAL A 66 4.20 0.05 -1.69
CA VAL A 66 4.37 -0.74 -0.48
C VAL A 66 4.67 -2.20 -0.89
N THR A 67 5.63 -2.84 -0.24
CA THR A 67 6.12 -4.18 -0.58
C THR A 67 5.97 -5.05 0.69
N ILE A 68 4.91 -5.86 0.80
CA ILE A 68 4.64 -6.75 1.95
C ILE A 68 4.87 -8.18 1.46
N SER A 69 5.61 -9.01 2.22
CA SER A 69 5.84 -10.43 1.96
C SER A 69 5.27 -11.24 3.11
N PHE A 70 4.53 -12.31 2.85
CA PHE A 70 3.98 -13.16 3.91
C PHE A 70 3.84 -14.60 3.47
N ASP A 71 3.73 -15.52 4.43
CA ASP A 71 3.41 -16.90 4.10
C ASP A 71 1.90 -17.07 4.05
N PRO A 72 1.37 -17.91 3.13
CA PRO A 72 -0.04 -18.23 3.09
C PRO A 72 -0.43 -19.21 4.20
N TYR A 73 0.54 -19.78 4.94
CA TYR A 73 0.30 -20.64 6.10
C TYR A 73 -0.69 -19.95 7.05
N SER A 74 -0.33 -18.76 7.54
CA SER A 74 -1.06 -18.05 8.58
C SER A 74 -0.86 -16.52 8.54
N GLN A 75 -0.44 -15.95 7.40
CA GLN A 75 -0.07 -14.53 7.31
C GLN A 75 1.07 -14.19 8.27
N LYS A 76 2.13 -15.01 8.30
CA LYS A 76 3.37 -14.61 8.96
C LYS A 76 4.03 -13.61 8.02
N VAL A 77 4.20 -12.37 8.47
CA VAL A 77 4.90 -11.32 7.76
C VAL A 77 6.37 -11.74 7.68
N ASN A 78 6.81 -12.21 6.52
CA ASN A 78 8.16 -12.71 6.35
C ASN A 78 9.14 -11.56 6.17
N LYS A 79 8.75 -10.53 5.41
CA LYS A 79 9.50 -9.30 5.26
C LYS A 79 8.60 -8.19 4.73
N ILE A 80 9.09 -6.95 4.76
CA ILE A 80 8.40 -5.78 4.22
C ILE A 80 9.50 -4.84 3.69
N ALA A 81 9.17 -4.01 2.70
CA ALA A 81 9.89 -2.81 2.29
C ALA A 81 8.87 -1.75 1.81
N ILE A 82 9.33 -0.52 1.60
CA ILE A 82 8.56 0.57 0.98
C ILE A 82 9.39 1.05 -0.22
N LEU A 83 8.77 1.50 -1.31
CA LEU A 83 9.45 1.96 -2.53
C LEU A 83 8.80 3.27 -2.95
N GLU A 84 9.59 4.20 -3.48
CA GLU A 84 9.14 5.51 -3.95
C GLU A 84 9.55 5.66 -5.40
N GLU A 85 8.58 6.07 -6.22
CA GLU A 85 8.79 6.53 -7.59
C GLU A 85 9.41 7.93 -7.55
N TYR A 86 10.22 8.26 -8.56
CA TYR A 86 10.97 9.49 -8.74
C TYR A 86 11.09 9.78 -10.25
N GLN A 87 11.40 11.03 -10.60
CA GLN A 87 11.57 11.50 -11.97
C GLN A 87 12.87 12.29 -12.03
N GLY A 1 -9.18 16.16 -1.01
CA GLY A 1 -10.63 16.08 -0.84
C GLY A 1 -10.99 14.81 -0.12
N GLU A 2 -11.53 13.81 -0.82
CA GLU A 2 -11.67 12.45 -0.33
C GLU A 2 -10.30 11.73 -0.40
N GLU A 3 -10.24 10.53 0.18
CA GLU A 3 -9.24 9.55 -0.20
C GLU A 3 -9.63 9.03 -1.59
N THR A 4 -10.75 8.33 -1.73
CA THR A 4 -11.14 7.68 -2.97
C THR A 4 -12.64 7.87 -3.25
N PRO A 5 -13.06 7.96 -4.52
CA PRO A 5 -14.45 8.23 -4.90
C PRO A 5 -15.36 7.01 -4.70
N LEU A 6 -14.81 5.81 -4.44
CA LEU A 6 -15.51 4.64 -3.92
C LEU A 6 -15.88 4.85 -2.45
N VAL A 7 -16.69 5.88 -2.22
CA VAL A 7 -17.32 6.23 -0.96
C VAL A 7 -18.47 5.25 -0.61
N THR A 8 -18.26 3.96 -0.89
CA THR A 8 -19.13 2.89 -0.41
C THR A 8 -18.39 1.59 -0.10
N ALA A 9 -17.07 1.58 -0.21
CA ALA A 9 -16.24 0.40 0.01
C ALA A 9 -16.11 0.16 1.51
N ARG A 10 -17.15 -0.44 2.10
CA ARG A 10 -17.17 -0.84 3.50
C ARG A 10 -16.27 -2.04 3.70
N HIS A 11 -15.60 -2.09 4.85
CA HIS A 11 -14.57 -3.08 5.18
C HIS A 11 -13.40 -3.01 4.18
N MET A 12 -12.28 -3.64 4.53
CA MET A 12 -11.09 -3.70 3.71
C MET A 12 -10.53 -5.12 3.70
N SER A 13 -9.53 -5.32 2.84
CA SER A 13 -8.69 -6.52 2.84
C SER A 13 -7.73 -6.53 4.04
N LYS A 14 -7.04 -7.65 4.25
CA LYS A 14 -6.15 -7.83 5.39
C LYS A 14 -5.06 -6.77 5.47
N TRP A 15 -4.35 -6.52 4.37
CA TRP A 15 -3.11 -5.73 4.38
C TRP A 15 -3.34 -4.30 3.87
N GLU A 16 -4.58 -3.93 3.57
CA GLU A 16 -4.96 -2.64 2.98
C GLU A 16 -4.54 -1.47 3.86
N GLU A 17 -4.96 -1.48 5.13
CA GLU A 17 -4.64 -0.41 6.05
C GLU A 17 -3.16 -0.43 6.41
N ILE A 18 -2.51 -1.60 6.48
CA ILE A 18 -1.07 -1.67 6.71
C ILE A 18 -0.36 -0.94 5.56
N ALA A 19 -0.74 -1.20 4.31
CA ALA A 19 -0.14 -0.55 3.16
C ALA A 19 -0.35 0.97 3.20
N VAL A 20 -1.58 1.44 3.44
CA VAL A 20 -1.84 2.87 3.56
C VAL A 20 -1.04 3.44 4.75
N LYS A 21 -1.06 2.79 5.91
CA LYS A 21 -0.45 3.31 7.12
C LYS A 21 1.06 3.40 6.98
N GLU A 22 1.69 2.39 6.38
CA GLU A 22 3.10 2.43 6.02
C GLU A 22 3.38 3.70 5.21
N ALA A 23 2.67 3.88 4.09
CA ALA A 23 2.85 5.07 3.27
C ALA A 23 2.57 6.35 4.07
N LYS A 24 1.58 6.38 4.97
CA LYS A 24 1.27 7.58 5.75
C LYS A 24 2.28 7.85 6.86
N LYS A 25 3.18 6.91 7.19
CA LYS A 25 4.17 7.10 8.26
C LYS A 25 5.58 7.26 7.73
N ARG A 26 5.89 6.54 6.66
CA ARG A 26 7.21 6.45 6.02
C ARG A 26 7.62 7.76 5.34
N TYR A 27 6.73 8.75 5.20
CA TYR A 27 6.94 9.92 4.34
C TYR A 27 6.53 11.17 5.11
N PRO A 28 7.27 11.55 6.16
CA PRO A 28 6.87 12.59 7.10
C PRO A 28 6.77 13.98 6.46
N LEU A 29 7.35 14.16 5.28
CA LEU A 29 7.29 15.40 4.49
C LEU A 29 6.08 15.42 3.55
N ALA A 30 5.40 14.28 3.32
CA ALA A 30 4.33 14.15 2.35
C ALA A 30 3.09 13.49 2.97
N GLN A 31 2.00 13.39 2.22
CA GLN A 31 0.71 12.88 2.70
C GLN A 31 0.26 11.78 1.74
N VAL A 32 -0.40 10.73 2.22
CA VAL A 32 -0.85 9.65 1.34
C VAL A 32 -2.32 9.88 1.03
N LEU A 33 -2.62 10.04 -0.25
CA LEU A 33 -3.96 10.37 -0.75
C LEU A 33 -4.71 9.10 -1.10
N PHE A 34 -3.99 8.03 -1.44
CA PHE A 34 -4.43 7.06 -2.43
C PHE A 34 -4.66 5.70 -1.79
N LYS A 35 -5.19 4.72 -2.54
CA LYS A 35 -5.31 3.29 -2.18
C LYS A 35 -5.90 2.52 -3.34
N GLN A 36 -5.05 1.85 -4.14
CA GLN A 36 -5.55 0.95 -5.18
C GLN A 36 -4.85 -0.40 -5.20
N LYS A 37 -5.60 -1.42 -5.63
CA LYS A 37 -5.11 -2.78 -5.93
C LYS A 37 -4.00 -2.75 -6.96
N VAL A 38 -3.24 -3.84 -7.04
CA VAL A 38 -2.27 -4.11 -8.09
C VAL A 38 -2.39 -5.59 -8.47
N TRP A 39 -1.40 -6.13 -9.17
CA TRP A 39 -1.19 -7.58 -9.32
C TRP A 39 -1.21 -8.27 -7.95
N ASP A 40 -1.60 -9.55 -7.89
CA ASP A 40 -1.69 -10.33 -6.66
C ASP A 40 -1.42 -11.78 -7.00
N ARG A 41 -0.69 -12.48 -6.13
CA ARG A 41 -0.02 -13.74 -6.44
C ARG A 41 0.31 -14.46 -5.14
N LYS A 42 0.41 -15.79 -5.16
CA LYS A 42 1.20 -16.50 -4.17
C LYS A 42 2.23 -17.45 -4.77
N ARG A 43 3.17 -17.87 -3.95
CA ARG A 43 4.20 -18.87 -4.23
C ARG A 43 3.99 -20.02 -3.23
N LYS A 44 4.96 -20.93 -3.04
CA LYS A 44 4.82 -22.06 -2.11
C LYS A 44 4.58 -21.55 -0.69
N ASP A 45 5.51 -20.73 -0.22
CA ASP A 45 5.77 -20.44 1.18
C ASP A 45 5.82 -18.93 1.42
N GLU A 46 5.42 -18.15 0.42
CA GLU A 46 5.22 -16.72 0.52
C GLU A 46 4.07 -16.33 -0.42
N ALA A 47 3.55 -15.13 -0.25
CA ALA A 47 2.51 -14.52 -1.04
C ALA A 47 2.70 -13.00 -1.07
N VAL A 48 1.93 -12.32 -1.92
CA VAL A 48 1.88 -10.86 -2.02
C VAL A 48 0.44 -10.42 -2.22
N LYS A 49 0.04 -9.46 -1.38
CA LYS A 49 -1.27 -8.80 -1.32
C LYS A 49 -0.98 -7.37 -0.85
N GLN A 50 -0.12 -6.67 -1.57
CA GLN A 50 0.22 -5.27 -1.36
C GLN A 50 -0.49 -4.43 -2.42
N TYR A 51 -0.30 -3.11 -2.36
CA TYR A 51 -1.11 -2.09 -3.02
C TYR A 51 -0.17 -0.96 -3.47
N HIS A 52 -0.64 -0.08 -4.34
CA HIS A 52 0.13 1.03 -4.85
C HIS A 52 -0.61 2.31 -4.47
N LEU A 53 0.11 3.22 -3.83
CA LEU A 53 -0.37 4.49 -3.36
C LEU A 53 0.44 5.60 -4.06
N THR A 54 0.03 6.86 -3.93
CA THR A 54 0.88 8.00 -4.30
C THR A 54 0.93 8.89 -3.07
N LEU A 55 2.01 9.64 -2.93
CA LEU A 55 2.18 10.70 -1.93
C LEU A 55 2.10 12.08 -2.58
N ARG A 56 1.74 13.10 -1.78
CA ARG A 56 1.71 14.52 -2.12
C ARG A 56 2.53 15.30 -1.11
N GLU A 57 3.66 15.86 -1.52
CA GLU A 57 4.37 16.89 -0.82
C GLU A 57 3.90 18.21 -1.41
N GLY A 58 3.05 18.94 -0.70
CA GLY A 58 2.58 20.26 -1.10
C GLY A 58 1.89 20.22 -2.46
N SER A 59 2.62 20.56 -3.51
CA SER A 59 2.13 20.64 -4.89
C SER A 59 2.62 19.47 -5.76
N LYS A 60 3.66 18.74 -5.36
CA LYS A 60 4.16 17.58 -6.11
C LYS A 60 3.22 16.38 -5.87
N GLU A 61 3.26 15.39 -6.75
CA GLU A 61 2.76 14.03 -6.51
C GLU A 61 3.76 13.03 -7.08
N PHE A 62 4.04 11.95 -6.33
CA PHE A 62 4.95 10.87 -6.70
C PHE A 62 4.37 9.53 -6.23
N GLY A 63 4.57 8.47 -7.02
CA GLY A 63 4.02 7.15 -6.76
C GLY A 63 4.93 6.34 -5.85
N VAL A 64 4.34 5.56 -4.93
CA VAL A 64 5.09 4.61 -4.11
C VAL A 64 4.47 3.22 -4.12
N PHE A 65 5.31 2.18 -4.10
CA PHE A 65 4.93 0.77 -4.20
C PHE A 65 5.29 0.02 -2.91
N VAL A 66 4.32 -0.16 -2.01
CA VAL A 66 4.47 -0.94 -0.77
C VAL A 66 4.91 -2.37 -1.08
N THR A 67 5.79 -2.97 -0.26
CA THR A 67 6.25 -4.34 -0.43
C THR A 67 6.01 -5.08 0.89
N ILE A 68 4.86 -5.75 1.03
CA ILE A 68 4.54 -6.60 2.17
C ILE A 68 4.70 -8.04 1.66
N SER A 69 5.76 -8.73 2.09
CA SER A 69 5.87 -10.17 1.92
C SER A 69 5.18 -10.82 3.10
N PHE A 70 4.25 -11.74 2.85
CA PHE A 70 3.59 -12.48 3.92
C PHE A 70 3.50 -13.96 3.57
N ASP A 71 3.11 -14.77 4.54
CA ASP A 71 3.08 -16.22 4.46
C ASP A 71 1.65 -16.67 4.10
N PRO A 72 1.48 -17.69 3.24
CA PRO A 72 0.16 -18.15 2.85
C PRO A 72 -0.53 -18.98 3.94
N TYR A 73 0.22 -19.51 4.92
CA TYR A 73 -0.23 -20.47 5.92
C TYR A 73 -1.32 -19.84 6.78
N SER A 74 -1.01 -18.69 7.40
CA SER A 74 -1.86 -18.06 8.40
C SER A 74 -1.79 -16.52 8.36
N GLN A 75 -1.23 -15.93 7.29
CA GLN A 75 -0.93 -14.51 7.21
C GLN A 75 0.02 -14.13 8.35
N LYS A 76 1.27 -14.55 8.20
CA LYS A 76 2.40 -14.03 8.96
C LYS A 76 3.17 -13.12 8.02
N VAL A 77 3.30 -11.84 8.32
CA VAL A 77 4.09 -10.93 7.50
C VAL A 77 5.57 -11.22 7.70
N ASN A 78 6.23 -11.77 6.67
CA ASN A 78 7.60 -12.24 6.76
C ASN A 78 8.57 -11.06 6.78
N LYS A 79 8.42 -10.10 5.87
CA LYS A 79 9.27 -8.92 5.75
C LYS A 79 8.41 -7.79 5.18
N ILE A 80 8.84 -6.54 5.37
CA ILE A 80 8.18 -5.35 4.84
C ILE A 80 9.28 -4.45 4.28
N ALA A 81 9.04 -3.83 3.13
CA ALA A 81 9.81 -2.74 2.57
C ALA A 81 8.85 -1.72 1.92
N ILE A 82 9.39 -0.61 1.44
CA ILE A 82 8.70 0.42 0.67
C ILE A 82 9.55 0.64 -0.58
N LEU A 83 8.96 1.15 -1.66
CA LEU A 83 9.64 1.59 -2.87
C LEU A 83 9.04 2.93 -3.21
N GLU A 84 9.87 3.86 -3.65
CA GLU A 84 9.46 5.18 -4.08
C GLU A 84 9.96 5.39 -5.50
N GLU A 85 9.09 5.94 -6.33
CA GLU A 85 9.43 6.31 -7.69
C GLU A 85 10.18 7.65 -7.71
N TYR A 86 11.05 7.82 -8.70
CA TYR A 86 11.87 8.98 -8.98
C TYR A 86 12.01 9.07 -10.50
N GLN A 87 12.18 10.29 -11.00
CA GLN A 87 12.53 10.62 -12.37
C GLN A 87 12.97 12.08 -12.39
N GLY A 1 -9.63 18.60 -3.34
CA GLY A 1 -10.66 17.76 -3.95
C GLY A 1 -11.29 16.84 -2.93
N GLU A 2 -10.85 15.58 -2.88
CA GLU A 2 -11.35 14.53 -1.99
C GLU A 2 -10.16 13.91 -1.26
N GLU A 3 -10.39 12.87 -0.45
CA GLU A 3 -9.33 12.18 0.29
C GLU A 3 -9.07 10.77 -0.25
N THR A 4 -10.10 10.12 -0.78
CA THR A 4 -10.10 8.86 -1.50
C THR A 4 -11.48 8.71 -2.15
N PRO A 5 -11.63 7.94 -3.25
CA PRO A 5 -12.93 7.67 -3.87
C PRO A 5 -13.72 6.60 -3.10
N LEU A 6 -13.13 5.98 -2.05
CA LEU A 6 -13.78 5.02 -1.18
C LEU A 6 -14.67 5.74 -0.14
N VAL A 7 -15.39 6.78 -0.58
CA VAL A 7 -16.33 7.54 0.21
C VAL A 7 -17.53 6.70 0.73
N THR A 8 -17.58 5.40 0.45
CA THR A 8 -18.76 4.56 0.63
C THR A 8 -18.38 3.26 1.34
N ALA A 9 -19.38 2.55 1.89
CA ALA A 9 -19.24 1.18 2.36
C ALA A 9 -18.69 0.30 1.24
N ARG A 10 -17.42 -0.12 1.35
CA ARG A 10 -16.75 -1.03 0.44
C ARG A 10 -15.74 -1.81 1.29
N HIS A 11 -15.83 -3.13 1.33
CA HIS A 11 -14.93 -4.01 2.08
C HIS A 11 -13.51 -3.90 1.51
N MET A 12 -12.54 -3.51 2.34
CA MET A 12 -11.13 -3.40 2.00
C MET A 12 -10.50 -4.80 1.88
N SER A 13 -9.33 -4.89 1.24
CA SER A 13 -8.50 -6.09 1.20
C SER A 13 -7.72 -6.26 2.52
N LYS A 14 -7.31 -7.50 2.88
CA LYS A 14 -6.62 -7.80 4.15
C LYS A 14 -5.46 -6.84 4.38
N TRP A 15 -4.57 -6.75 3.40
CA TRP A 15 -3.29 -6.08 3.54
C TRP A 15 -3.37 -4.58 3.22
N GLU A 16 -4.57 -4.05 2.90
CA GLU A 16 -4.76 -2.64 2.57
C GLU A 16 -4.26 -1.73 3.69
N GLU A 17 -4.85 -1.84 4.89
CA GLU A 17 -4.55 -0.89 5.97
C GLU A 17 -3.06 -0.93 6.34
N ILE A 18 -2.43 -2.09 6.23
CA ILE A 18 -1.02 -2.32 6.54
C ILE A 18 -0.17 -1.57 5.52
N ALA A 19 -0.48 -1.69 4.22
CA ALA A 19 0.21 -0.95 3.19
C ALA A 19 0.05 0.55 3.40
N VAL A 20 -1.19 0.99 3.65
CA VAL A 20 -1.53 2.38 3.88
C VAL A 20 -0.77 2.93 5.09
N LYS A 21 -0.69 2.18 6.20
CA LYS A 21 0.06 2.59 7.39
C LYS A 21 1.51 2.85 7.03
N GLU A 22 2.19 1.92 6.39
CA GLU A 22 3.61 2.09 6.08
C GLU A 22 3.79 3.24 5.07
N ALA A 23 2.88 3.37 4.10
CA ALA A 23 2.89 4.46 3.14
C ALA A 23 2.66 5.82 3.81
N LYS A 24 1.84 5.89 4.87
CA LYS A 24 1.49 7.16 5.53
C LYS A 24 2.37 7.45 6.72
N LYS A 25 3.30 6.56 7.08
CA LYS A 25 4.25 6.84 8.12
C LYS A 25 5.61 7.19 7.52
N ARG A 26 6.08 6.45 6.51
CA ARG A 26 7.42 6.60 5.92
C ARG A 26 7.57 7.85 5.04
N TYR A 27 6.60 8.75 4.98
CA TYR A 27 6.61 9.87 4.04
C TYR A 27 6.22 11.15 4.77
N PRO A 28 7.05 11.60 5.71
CA PRO A 28 6.72 12.67 6.64
C PRO A 28 6.39 14.00 5.95
N LEU A 29 6.86 14.22 4.71
CA LEU A 29 6.55 15.44 3.99
C LEU A 29 5.24 15.38 3.22
N ALA A 30 4.61 14.20 3.10
CA ALA A 30 3.49 13.98 2.20
C ALA A 30 2.35 13.25 2.89
N GLN A 31 1.17 13.25 2.25
CA GLN A 31 -0.03 12.59 2.76
C GLN A 31 -0.46 11.49 1.81
N VAL A 32 -1.00 10.41 2.37
CA VAL A 32 -1.50 9.27 1.61
C VAL A 32 -2.96 9.50 1.21
N LEU A 33 -3.24 9.59 -0.09
CA LEU A 33 -4.52 9.98 -0.68
C LEU A 33 -5.14 8.87 -1.54
N PHE A 34 -4.59 7.67 -1.55
CA PHE A 34 -5.11 6.55 -2.32
C PHE A 34 -5.04 5.31 -1.45
N LYS A 35 -5.94 4.35 -1.68
CA LYS A 35 -6.01 3.07 -0.97
C LYS A 35 -6.44 2.00 -1.98
N GLN A 36 -5.50 1.41 -2.71
CA GLN A 36 -5.77 0.28 -3.60
C GLN A 36 -4.50 -0.57 -3.80
N LYS A 37 -4.72 -1.85 -4.09
CA LYS A 37 -3.73 -2.83 -4.54
C LYS A 37 -3.33 -2.59 -6.00
N VAL A 38 -2.26 -3.24 -6.43
CA VAL A 38 -1.85 -3.31 -7.85
C VAL A 38 -1.38 -4.72 -8.26
N TRP A 39 -1.33 -5.68 -7.33
CA TRP A 39 -0.62 -6.94 -7.54
C TRP A 39 -1.28 -8.07 -6.75
N ASP A 40 -1.25 -9.30 -7.26
CA ASP A 40 -1.63 -10.52 -6.53
C ASP A 40 -0.99 -11.74 -7.22
N ARG A 41 -0.02 -12.38 -6.58
CA ARG A 41 0.67 -13.57 -7.11
C ARG A 41 1.35 -14.28 -5.95
N LYS A 42 1.20 -15.60 -5.84
CA LYS A 42 1.66 -16.35 -4.66
C LYS A 42 2.81 -17.27 -5.05
N ARG A 43 3.61 -17.70 -4.07
CA ARG A 43 4.60 -18.77 -4.23
C ARG A 43 3.92 -20.09 -3.81
N LYS A 44 4.67 -21.16 -3.56
CA LYS A 44 4.07 -22.39 -2.99
C LYS A 44 3.68 -22.17 -1.54
N ASP A 45 4.59 -21.66 -0.71
CA ASP A 45 4.41 -21.65 0.76
C ASP A 45 4.68 -20.25 1.32
N GLU A 46 4.68 -19.24 0.45
CA GLU A 46 4.89 -17.84 0.76
C GLU A 46 4.00 -17.03 -0.17
N ALA A 47 3.73 -15.79 0.18
CA ALA A 47 2.83 -14.90 -0.55
C ALA A 47 3.36 -13.48 -0.42
N VAL A 48 3.03 -12.62 -1.38
CA VAL A 48 3.36 -11.20 -1.34
C VAL A 48 2.21 -10.50 -2.04
N LYS A 49 1.60 -9.48 -1.42
CA LYS A 49 0.53 -8.68 -2.02
C LYS A 49 0.93 -7.24 -1.77
N GLN A 50 1.48 -6.60 -2.79
CA GLN A 50 1.95 -5.22 -2.72
C GLN A 50 0.82 -4.27 -3.15
N TYR A 51 0.97 -2.98 -2.80
CA TYR A 51 -0.02 -1.94 -3.05
C TYR A 51 0.68 -0.74 -3.68
N HIS A 52 -0.09 0.30 -4.02
CA HIS A 52 0.39 1.52 -4.65
C HIS A 52 -0.50 2.64 -4.18
N LEU A 53 0.02 3.61 -3.44
CA LEU A 53 -0.74 4.73 -2.94
C LEU A 53 -0.04 6.02 -3.44
N THR A 54 -0.78 6.97 -4.02
CA THR A 54 -0.28 8.27 -4.51
C THR A 54 -0.13 9.25 -3.35
N LEU A 55 1.10 9.62 -3.03
CA LEU A 55 1.40 10.60 -2.00
C LEU A 55 1.26 12.00 -2.58
N ARG A 56 1.06 12.98 -1.69
CA ARG A 56 1.04 14.40 -2.01
C ARG A 56 1.88 15.15 -1.00
N GLU A 57 3.12 15.41 -1.41
CA GLU A 57 3.89 16.53 -0.86
C GLU A 57 3.16 17.77 -1.36
N GLY A 58 3.04 18.78 -0.51
CA GLY A 58 3.00 20.18 -0.90
C GLY A 58 2.11 20.44 -2.10
N SER A 59 2.73 20.45 -3.28
CA SER A 59 2.09 20.70 -4.58
C SER A 59 2.45 19.63 -5.63
N LYS A 60 3.09 18.50 -5.27
CA LYS A 60 3.43 17.40 -6.17
C LYS A 60 2.65 16.16 -5.75
N GLU A 61 2.18 15.40 -6.73
CA GLU A 61 1.58 14.08 -6.53
C GLU A 61 2.45 13.06 -7.24
N PHE A 62 2.91 12.06 -6.49
CA PHE A 62 3.83 11.02 -6.90
C PHE A 62 3.30 9.69 -6.40
N GLY A 63 3.36 8.65 -7.21
CA GLY A 63 3.01 7.30 -6.80
C GLY A 63 4.16 6.69 -6.01
N VAL A 64 3.87 5.85 -5.01
CA VAL A 64 4.91 5.09 -4.33
C VAL A 64 4.39 3.68 -4.11
N PHE A 65 5.28 2.74 -3.79
CA PHE A 65 4.96 1.32 -3.68
C PHE A 65 5.31 0.78 -2.29
N VAL A 66 4.91 -0.46 -2.00
CA VAL A 66 4.91 -1.00 -0.65
C VAL A 66 4.91 -2.52 -0.75
N THR A 67 5.99 -3.14 -0.27
CA THR A 67 6.13 -4.58 -0.23
C THR A 67 5.72 -5.10 1.15
N ILE A 68 4.98 -6.20 1.12
CA ILE A 68 4.47 -6.93 2.25
C ILE A 68 4.60 -8.39 1.82
N SER A 69 5.59 -9.10 2.33
CA SER A 69 5.74 -10.53 2.16
C SER A 69 5.13 -11.21 3.38
N PHE A 70 4.38 -12.29 3.18
CA PHE A 70 3.61 -12.95 4.21
C PHE A 70 3.46 -14.43 3.84
N ASP A 71 2.68 -15.21 4.60
CA ASP A 71 2.52 -16.64 4.39
C ASP A 71 1.07 -17.04 4.06
N PRO A 72 0.87 -18.17 3.36
CA PRO A 72 -0.47 -18.65 3.08
C PRO A 72 -1.10 -19.33 4.29
N TYR A 73 -0.28 -19.91 5.17
CA TYR A 73 -0.73 -20.73 6.29
C TYR A 73 -1.69 -19.94 7.18
N SER A 74 -1.29 -18.73 7.57
CA SER A 74 -1.89 -17.99 8.67
C SER A 74 -1.71 -16.48 8.48
N GLN A 75 -1.14 -16.01 7.36
CA GLN A 75 -0.73 -14.63 7.15
C GLN A 75 0.33 -14.24 8.20
N LYS A 76 1.37 -15.07 8.38
CA LYS A 76 2.53 -14.68 9.16
C LYS A 76 3.33 -13.74 8.25
N VAL A 77 3.50 -12.50 8.67
CA VAL A 77 4.32 -11.54 7.94
C VAL A 77 5.76 -12.06 7.91
N ASN A 78 6.33 -12.20 6.72
CA ASN A 78 7.73 -12.56 6.54
C ASN A 78 8.56 -11.28 6.60
N LYS A 79 8.33 -10.30 5.71
CA LYS A 79 9.07 -9.03 5.66
C LYS A 79 8.16 -7.91 5.14
N ILE A 80 8.58 -6.65 5.33
CA ILE A 80 7.88 -5.45 4.88
C ILE A 80 8.95 -4.45 4.41
N ALA A 81 8.71 -3.73 3.30
CA ALA A 81 9.54 -2.65 2.78
C ALA A 81 8.67 -1.61 2.06
N ILE A 82 9.23 -0.43 1.76
CA ILE A 82 8.59 0.68 1.03
C ILE A 82 9.42 0.96 -0.22
N LEU A 83 8.80 1.49 -1.28
CA LEU A 83 9.48 1.96 -2.49
C LEU A 83 8.78 3.25 -2.93
N GLU A 84 9.37 4.00 -3.85
CA GLU A 84 8.91 5.29 -4.36
C GLU A 84 9.21 5.29 -5.86
N GLU A 85 8.37 5.99 -6.62
CA GLU A 85 8.61 6.16 -8.03
C GLU A 85 9.23 7.55 -8.24
N TYR A 86 9.82 7.76 -9.42
CA TYR A 86 10.37 9.06 -9.82
C TYR A 86 10.44 9.12 -11.34
N GLN A 87 10.46 10.32 -11.91
CA GLN A 87 10.58 10.58 -13.34
C GLN A 87 11.24 11.94 -13.49
N GLY A 1 -15.45 10.68 -9.65
CA GLY A 1 -14.03 10.54 -9.38
C GLY A 1 -13.82 10.00 -7.98
N GLU A 2 -13.34 8.77 -7.85
CA GLU A 2 -12.94 8.14 -6.59
C GLU A 2 -11.53 7.54 -6.80
N GLU A 3 -10.82 7.19 -5.74
CA GLU A 3 -9.51 6.51 -5.82
C GLU A 3 -9.68 4.99 -5.85
N THR A 4 -10.77 4.48 -5.30
CA THR A 4 -11.04 3.04 -5.18
C THR A 4 -12.57 2.85 -5.21
N PRO A 5 -13.10 1.71 -5.68
CA PRO A 5 -14.52 1.51 -5.95
C PRO A 5 -15.30 1.17 -4.66
N LEU A 6 -15.33 2.12 -3.73
CA LEU A 6 -15.94 2.03 -2.40
C LEU A 6 -16.69 3.32 -2.17
N VAL A 7 -18.00 3.29 -2.42
CA VAL A 7 -18.87 4.45 -2.28
C VAL A 7 -19.16 4.71 -0.78
N THR A 8 -18.57 3.95 0.15
CA THR A 8 -18.41 4.35 1.54
C THR A 8 -17.13 3.69 2.06
N ALA A 9 -16.26 4.44 2.77
CA ALA A 9 -14.98 3.96 3.30
C ALA A 9 -15.15 3.11 4.57
N ARG A 10 -16.05 2.13 4.55
CA ARG A 10 -16.40 1.28 5.69
C ARG A 10 -15.60 -0.02 5.63
N HIS A 11 -14.72 -0.22 6.62
CA HIS A 11 -13.83 -1.37 6.73
C HIS A 11 -12.85 -1.47 5.54
N MET A 12 -11.89 -2.39 5.67
CA MET A 12 -10.76 -2.54 4.75
C MET A 12 -10.40 -4.02 4.59
N SER A 13 -9.65 -4.33 3.55
CA SER A 13 -9.06 -5.65 3.33
C SER A 13 -7.92 -5.87 4.31
N LYS A 14 -7.50 -7.13 4.49
CA LYS A 14 -6.49 -7.57 5.46
C LYS A 14 -5.25 -6.69 5.49
N TRP A 15 -4.76 -6.27 4.33
CA TRP A 15 -3.46 -5.62 4.17
C TRP A 15 -3.55 -4.16 3.73
N GLU A 16 -4.75 -3.63 3.47
CA GLU A 16 -4.88 -2.26 2.94
C GLU A 16 -4.37 -1.25 3.95
N GLU A 17 -4.79 -1.38 5.21
CA GLU A 17 -4.49 -0.39 6.22
C GLU A 17 -3.01 -0.49 6.57
N ILE A 18 -2.45 -1.70 6.59
CA ILE A 18 -1.02 -1.94 6.78
C ILE A 18 -0.27 -1.14 5.71
N ALA A 19 -0.63 -1.30 4.43
CA ALA A 19 0.02 -0.62 3.33
C ALA A 19 -0.09 0.89 3.45
N VAL A 20 -1.31 1.41 3.65
CA VAL A 20 -1.56 2.84 3.77
C VAL A 20 -0.80 3.41 5.00
N LYS A 21 -0.76 2.69 6.13
CA LYS A 21 -0.05 3.13 7.31
C LYS A 21 1.43 3.26 6.97
N GLU A 22 2.07 2.23 6.40
CA GLU A 22 3.48 2.32 6.03
C GLU A 22 3.72 3.50 5.09
N ALA A 23 2.85 3.67 4.08
CA ALA A 23 2.98 4.74 3.10
C ALA A 23 2.83 6.14 3.70
N LYS A 24 2.23 6.32 4.89
CA LYS A 24 2.15 7.64 5.53
C LYS A 24 3.30 7.77 6.53
N LYS A 25 3.59 6.74 7.33
CA LYS A 25 4.60 6.83 8.39
C LYS A 25 6.00 6.93 7.81
N ARG A 26 6.33 6.13 6.79
CA ARG A 26 7.63 6.21 6.13
C ARG A 26 7.78 7.47 5.27
N TYR A 27 6.81 8.39 5.25
CA TYR A 27 6.84 9.58 4.40
C TYR A 27 6.43 10.78 5.23
N PRO A 28 7.33 11.31 6.07
CA PRO A 28 7.05 12.46 6.90
C PRO A 28 6.82 13.74 6.08
N LEU A 29 7.51 13.92 4.94
CA LEU A 29 7.51 15.21 4.25
C LEU A 29 6.21 15.45 3.46
N ALA A 30 5.45 14.40 3.17
CA ALA A 30 4.34 14.38 2.21
C ALA A 30 3.06 13.89 2.92
N GLN A 31 1.92 13.78 2.24
CA GLN A 31 0.62 13.34 2.78
C GLN A 31 0.05 12.21 1.91
N VAL A 32 -0.49 11.14 2.51
CA VAL A 32 -1.17 10.05 1.80
C VAL A 32 -2.66 10.34 1.65
N LEU A 33 -3.08 10.66 0.43
CA LEU A 33 -4.49 10.81 0.11
C LEU A 33 -5.03 9.47 -0.42
N PHE A 34 -4.25 8.87 -1.32
CA PHE A 34 -4.70 7.79 -2.18
C PHE A 34 -4.84 6.46 -1.44
N LYS A 35 -5.47 5.49 -2.11
CA LYS A 35 -5.64 4.12 -1.67
C LYS A 35 -5.99 3.34 -2.94
N GLN A 36 -5.07 2.54 -3.49
CA GLN A 36 -5.34 1.65 -4.61
C GLN A 36 -4.41 0.44 -4.54
N LYS A 37 -4.77 -0.69 -5.16
CA LYS A 37 -3.88 -1.85 -5.34
C LYS A 37 -3.59 -2.04 -6.82
N VAL A 38 -2.55 -2.80 -7.14
CA VAL A 38 -2.14 -3.01 -8.53
C VAL A 38 -1.64 -4.44 -8.78
N TRP A 39 -1.63 -5.30 -7.76
CA TRP A 39 -1.04 -6.64 -7.81
C TRP A 39 -1.63 -7.50 -6.67
N ASP A 40 -1.47 -8.83 -6.73
CA ASP A 40 -1.93 -9.79 -5.71
C ASP A 40 -1.27 -11.17 -5.89
N ARG A 41 -0.01 -11.20 -6.33
CA ARG A 41 0.67 -12.43 -6.74
C ARG A 41 0.91 -13.35 -5.54
N LYS A 42 1.23 -14.62 -5.79
CA LYS A 42 1.74 -15.51 -4.76
C LYS A 42 2.74 -16.53 -5.31
N ARG A 43 3.48 -17.14 -4.41
CA ARG A 43 4.22 -18.40 -4.57
C ARG A 43 3.23 -19.52 -4.22
N LYS A 44 3.68 -20.76 -4.12
CA LYS A 44 2.92 -21.79 -3.40
C LYS A 44 2.78 -21.33 -1.96
N ASP A 45 3.91 -21.26 -1.27
CA ASP A 45 4.01 -21.29 0.19
C ASP A 45 3.86 -19.91 0.82
N GLU A 46 3.61 -18.89 0.00
CA GLU A 46 3.90 -17.49 0.34
C GLU A 46 3.05 -16.63 -0.59
N ALA A 47 2.81 -15.38 -0.21
CA ALA A 47 1.93 -14.46 -0.91
C ALA A 47 2.46 -13.04 -0.79
N VAL A 48 2.09 -12.16 -1.72
CA VAL A 48 2.62 -10.80 -1.81
C VAL A 48 1.47 -9.89 -2.26
N LYS A 49 1.31 -8.73 -1.60
CA LYS A 49 0.18 -7.84 -1.82
C LYS A 49 0.70 -6.42 -1.81
N GLN A 50 1.23 -6.00 -2.97
CA GLN A 50 1.68 -4.63 -3.15
C GLN A 50 0.49 -3.72 -3.46
N TYR A 51 0.61 -2.46 -3.02
CA TYR A 51 -0.34 -1.39 -3.22
C TYR A 51 0.37 -0.20 -3.85
N HIS A 52 -0.40 0.72 -4.42
CA HIS A 52 0.06 1.96 -5.00
C HIS A 52 -0.73 3.07 -4.33
N LEU A 53 -0.03 4.07 -3.80
CA LEU A 53 -0.60 5.31 -3.31
C LEU A 53 0.11 6.46 -4.05
N THR A 54 -0.39 7.69 -3.93
CA THR A 54 0.15 8.88 -4.57
C THR A 54 0.13 9.93 -3.47
N LEU A 55 1.31 10.23 -2.95
CA LEU A 55 1.48 11.25 -1.92
C LEU A 55 1.53 12.63 -2.55
N ARG A 56 1.21 13.64 -1.74
CA ARG A 56 1.28 15.06 -2.07
C ARG A 56 2.14 15.73 -1.02
N GLU A 57 3.21 16.39 -1.42
CA GLU A 57 4.00 17.27 -0.59
C GLU A 57 3.73 18.67 -1.14
N GLY A 58 2.75 19.38 -0.58
CA GLY A 58 2.35 20.73 -0.97
C GLY A 58 2.23 20.91 -2.48
N SER A 59 3.26 21.53 -3.09
CA SER A 59 3.37 21.86 -4.50
C SER A 59 3.69 20.67 -5.42
N LYS A 60 3.77 19.44 -4.90
CA LYS A 60 4.21 18.25 -5.62
C LYS A 60 3.21 17.12 -5.33
N GLU A 61 3.06 16.23 -6.31
CA GLU A 61 2.61 14.85 -6.13
C GLU A 61 3.69 13.95 -6.71
N PHE A 62 3.75 12.70 -6.22
CA PHE A 62 4.60 11.63 -6.71
C PHE A 62 3.91 10.31 -6.36
N GLY A 63 4.38 9.17 -6.88
CA GLY A 63 3.81 7.86 -6.58
C GLY A 63 4.69 7.06 -5.62
N VAL A 64 4.09 6.14 -4.86
CA VAL A 64 4.80 5.10 -4.12
C VAL A 64 4.17 3.73 -4.34
N PHE A 65 4.99 2.69 -4.15
CA PHE A 65 4.67 1.30 -4.45
C PHE A 65 5.06 0.43 -3.25
N VAL A 66 4.12 0.25 -2.34
CA VAL A 66 4.33 -0.47 -1.08
C VAL A 66 4.65 -1.94 -1.37
N THR A 67 5.44 -2.60 -0.52
CA THR A 67 5.79 -4.01 -0.66
C THR A 67 5.43 -4.76 0.63
N ILE A 68 4.70 -5.87 0.53
CA ILE A 68 4.28 -6.70 1.66
C ILE A 68 4.44 -8.14 1.18
N SER A 69 5.11 -9.00 1.96
CA SER A 69 5.32 -10.42 1.70
C SER A 69 4.89 -11.20 2.94
N PHE A 70 4.00 -12.18 2.80
CA PHE A 70 3.30 -12.80 3.92
C PHE A 70 2.91 -14.23 3.59
N ASP A 71 2.43 -14.97 4.59
CA ASP A 71 2.10 -16.39 4.42
C ASP A 71 0.62 -16.59 4.14
N PRO A 72 0.26 -17.58 3.31
CA PRO A 72 -1.11 -18.03 3.19
C PRO A 72 -1.58 -18.73 4.47
N TYR A 73 -0.65 -19.31 5.23
CA TYR A 73 -0.87 -20.11 6.44
C TYR A 73 -1.83 -19.39 7.39
N SER A 74 -1.38 -18.24 7.91
CA SER A 74 -2.08 -17.43 8.90
C SER A 74 -1.64 -15.95 8.79
N GLN A 75 -1.21 -15.51 7.59
CA GLN A 75 -0.70 -14.16 7.39
C GLN A 75 0.43 -13.84 8.37
N LYS A 76 1.39 -14.75 8.53
CA LYS A 76 2.65 -14.34 9.14
C LYS A 76 3.30 -13.41 8.13
N VAL A 77 3.65 -12.22 8.58
CA VAL A 77 4.40 -11.26 7.77
C VAL A 77 5.81 -11.82 7.60
N ASN A 78 6.16 -12.24 6.38
CA ASN A 78 7.50 -12.71 6.07
C ASN A 78 8.45 -11.53 5.99
N LYS A 79 8.05 -10.45 5.32
CA LYS A 79 8.82 -9.22 5.15
C LYS A 79 7.87 -8.10 4.73
N ILE A 80 8.31 -6.85 4.89
CA ILE A 80 7.67 -5.67 4.34
C ILE A 80 8.80 -4.80 3.76
N ALA A 81 8.53 -4.03 2.71
CA ALA A 81 9.40 -2.95 2.26
C ALA A 81 8.55 -1.81 1.70
N ILE A 82 9.19 -0.70 1.35
CA ILE A 82 8.61 0.51 0.81
C ILE A 82 9.45 0.92 -0.40
N LEU A 83 8.81 1.41 -1.45
CA LEU A 83 9.44 1.93 -2.66
C LEU A 83 8.94 3.36 -2.91
N GLU A 84 9.52 4.07 -3.88
CA GLU A 84 9.09 5.38 -4.31
C GLU A 84 9.34 5.51 -5.81
N GLU A 85 8.45 6.21 -6.50
CA GLU A 85 8.73 6.80 -7.80
C GLU A 85 9.81 7.87 -7.61
N TYR A 86 10.63 8.11 -8.63
CA TYR A 86 11.51 9.25 -8.79
C TYR A 86 11.95 9.29 -10.26
N GLN A 87 12.83 10.20 -10.67
CA GLN A 87 13.23 10.37 -12.06
C GLN A 87 14.73 10.58 -12.12
N GLY A 1 -14.87 2.06 7.31
CA GLY A 1 -16.02 2.41 6.49
C GLY A 1 -15.57 2.69 5.06
N GLU A 2 -16.14 3.71 4.43
CA GLU A 2 -15.65 4.25 3.17
C GLU A 2 -14.44 5.11 3.52
N GLU A 3 -13.29 4.74 2.97
CA GLU A 3 -12.00 5.29 3.33
C GLU A 3 -11.53 6.28 2.25
N THR A 4 -11.94 6.06 1.00
CA THR A 4 -11.56 6.83 -0.17
C THR A 4 -12.70 6.77 -1.22
N PRO A 5 -12.87 7.83 -2.04
CA PRO A 5 -13.95 7.96 -3.02
C PRO A 5 -13.73 7.00 -4.20
N LEU A 6 -14.11 5.74 -4.04
CA LEU A 6 -13.79 4.65 -4.94
C LEU A 6 -14.98 3.70 -4.96
N VAL A 7 -16.12 4.17 -5.48
CA VAL A 7 -17.37 3.40 -5.53
C VAL A 7 -17.23 2.05 -6.25
N THR A 8 -16.15 1.82 -7.02
CA THR A 8 -16.00 0.61 -7.85
C THR A 8 -15.07 -0.42 -7.20
N ALA A 9 -14.63 -0.09 -5.99
CA ALA A 9 -13.29 -0.39 -5.52
C ALA A 9 -13.22 -0.21 -4.00
N ARG A 10 -14.38 -0.20 -3.34
CA ARG A 10 -14.59 0.17 -1.94
C ARG A 10 -14.06 -0.86 -0.93
N HIS A 11 -13.32 -1.90 -1.37
CA HIS A 11 -13.00 -3.06 -0.54
C HIS A 11 -11.60 -3.00 0.09
N MET A 12 -11.46 -3.60 1.27
CA MET A 12 -10.32 -3.46 2.17
C MET A 12 -10.09 -4.76 2.96
N SER A 13 -8.95 -4.89 3.66
CA SER A 13 -8.29 -6.17 3.92
C SER A 13 -7.52 -6.22 5.25
N LYS A 14 -6.90 -7.36 5.53
CA LYS A 14 -5.87 -7.56 6.57
C LYS A 14 -4.76 -6.54 6.38
N TRP A 15 -4.17 -6.51 5.19
CA TRP A 15 -2.89 -5.82 4.96
C TRP A 15 -3.06 -4.37 4.52
N GLU A 16 -4.30 -3.90 4.31
CA GLU A 16 -4.56 -2.55 3.84
C GLU A 16 -4.02 -1.55 4.85
N GLU A 17 -4.38 -1.72 6.13
CA GLU A 17 -4.08 -0.71 7.12
C GLU A 17 -2.58 -0.55 7.27
N ILE A 18 -1.86 -1.67 7.26
CA ILE A 18 -0.41 -1.70 7.34
C ILE A 18 0.12 -0.85 6.19
N ALA A 19 -0.28 -1.16 4.95
CA ALA A 19 0.25 -0.49 3.79
C ALA A 19 -0.09 1.00 3.78
N VAL A 20 -1.35 1.37 3.99
CA VAL A 20 -1.78 2.76 4.02
C VAL A 20 -1.02 3.52 5.12
N LYS A 21 -0.93 2.94 6.32
CA LYS A 21 -0.25 3.59 7.43
C LYS A 21 1.23 3.77 7.10
N GLU A 22 1.85 2.79 6.47
CA GLU A 22 3.25 2.84 6.07
C GLU A 22 3.49 3.94 5.02
N ALA A 23 2.67 4.00 3.97
CA ALA A 23 2.84 5.01 2.94
C ALA A 23 2.50 6.43 3.43
N LYS A 24 1.80 6.62 4.56
CA LYS A 24 1.75 7.94 5.19
C LYS A 24 2.97 8.16 6.10
N LYS A 25 3.44 7.16 6.85
CA LYS A 25 4.44 7.35 7.92
C LYS A 25 5.86 7.49 7.40
N ARG A 26 6.23 6.71 6.38
CA ARG A 26 7.57 6.76 5.79
C ARG A 26 7.83 8.08 5.06
N TYR A 27 6.89 9.03 5.08
CA TYR A 27 6.86 10.26 4.33
C TYR A 27 6.48 11.38 5.30
N PRO A 28 7.46 11.93 6.02
CA PRO A 28 7.24 13.05 6.92
C PRO A 28 7.10 14.37 6.14
N LEU A 29 7.84 14.55 5.05
CA LEU A 29 7.87 15.80 4.28
C LEU A 29 6.76 15.84 3.23
N ALA A 30 5.81 14.90 3.28
CA ALA A 30 4.73 14.79 2.33
C ALA A 30 3.47 14.30 3.03
N GLN A 31 2.38 14.20 2.29
CA GLN A 31 1.06 13.78 2.75
C GLN A 31 0.48 12.81 1.75
N VAL A 32 -0.34 11.86 2.21
CA VAL A 32 -1.01 10.90 1.33
C VAL A 32 -2.42 11.42 0.97
N LEU A 33 -2.94 11.12 -0.23
CA LEU A 33 -4.20 11.63 -0.78
C LEU A 33 -5.04 10.53 -1.45
N PHE A 34 -4.55 9.29 -1.48
CA PHE A 34 -5.14 8.09 -2.08
C PHE A 34 -4.88 6.94 -1.11
N LYS A 35 -5.56 5.80 -1.29
CA LYS A 35 -5.44 4.60 -0.44
C LYS A 35 -5.67 3.34 -1.30
N GLN A 36 -5.22 3.33 -2.56
CA GLN A 36 -5.63 2.37 -3.58
C GLN A 36 -4.71 1.14 -3.58
N LYS A 37 -4.76 0.29 -4.62
CA LYS A 37 -4.22 -1.06 -4.59
C LYS A 37 -3.49 -1.41 -5.89
N VAL A 38 -2.99 -2.65 -5.98
CA VAL A 38 -2.36 -3.21 -7.18
C VAL A 38 -2.86 -4.65 -7.39
N TRP A 39 -2.18 -5.44 -8.24
CA TRP A 39 -2.31 -6.90 -8.33
C TRP A 39 -2.09 -7.55 -6.96
N ASP A 40 -2.58 -8.78 -6.79
CA ASP A 40 -2.51 -9.61 -5.59
C ASP A 40 -2.25 -11.02 -6.10
N ARG A 41 -1.38 -11.77 -5.43
CA ARG A 41 -1.08 -13.14 -5.83
C ARG A 41 -0.65 -13.99 -4.63
N LYS A 42 -0.69 -15.31 -4.78
CA LYS A 42 -0.29 -16.27 -3.76
C LYS A 42 0.57 -17.34 -4.40
N ARG A 43 1.43 -17.94 -3.58
CA ARG A 43 2.33 -19.04 -3.91
C ARG A 43 2.01 -20.17 -2.96
N LYS A 44 2.86 -21.20 -2.87
CA LYS A 44 2.58 -22.35 -2.02
C LYS A 44 2.71 -21.90 -0.57
N ASP A 45 3.77 -21.16 -0.29
CA ASP A 45 4.17 -20.64 1.00
C ASP A 45 4.78 -19.26 0.76
N GLU A 46 3.98 -18.38 0.15
CA GLU A 46 4.07 -16.93 0.24
C GLU A 46 2.79 -16.34 -0.35
N ALA A 47 2.60 -15.04 -0.13
CA ALA A 47 1.47 -14.25 -0.56
C ALA A 47 1.99 -12.81 -0.66
N VAL A 48 1.67 -12.14 -1.77
CA VAL A 48 2.17 -10.82 -2.13
C VAL A 48 0.97 -9.96 -2.48
N LYS A 49 0.81 -8.86 -1.74
CA LYS A 49 -0.46 -8.14 -1.65
C LYS A 49 -0.10 -6.68 -1.39
N GLN A 50 0.60 -6.07 -2.34
CA GLN A 50 1.05 -4.68 -2.27
C GLN A 50 -0.12 -3.72 -2.48
N TYR A 51 0.08 -2.42 -2.20
CA TYR A 51 -0.91 -1.36 -2.39
C TYR A 51 -0.25 -0.17 -3.12
N HIS A 52 -1.07 0.75 -3.65
CA HIS A 52 -0.62 1.93 -4.39
C HIS A 52 -1.27 3.17 -3.79
N LEU A 53 -0.45 4.15 -3.45
CA LEU A 53 -0.84 5.41 -2.88
C LEU A 53 0.04 6.46 -3.58
N THR A 54 -0.43 7.69 -3.70
CA THR A 54 0.36 8.82 -4.15
C THR A 54 0.67 9.67 -2.91
N LEU A 55 1.83 10.33 -2.90
CA LEU A 55 2.15 11.38 -1.93
C LEU A 55 2.19 12.75 -2.62
N ARG A 56 2.17 13.82 -1.82
CA ARG A 56 2.35 15.22 -2.24
C ARG A 56 3.33 15.90 -1.30
N GLU A 57 4.36 16.54 -1.85
CA GLU A 57 5.20 17.53 -1.17
C GLU A 57 4.94 18.83 -1.89
N GLY A 58 4.16 19.71 -1.25
CA GLY A 58 3.78 21.02 -1.76
C GLY A 58 3.39 20.97 -3.23
N SER A 59 4.25 21.52 -4.08
CA SER A 59 4.02 21.68 -5.50
C SER A 59 4.51 20.49 -6.34
N LYS A 60 4.55 19.27 -5.77
CA LYS A 60 4.82 18.02 -6.46
C LYS A 60 3.90 16.94 -5.94
N GLU A 61 3.47 16.04 -6.82
CA GLU A 61 2.90 14.74 -6.50
C GLU A 61 3.80 13.65 -7.07
N PHE A 62 3.80 12.50 -6.40
CA PHE A 62 4.64 11.35 -6.75
C PHE A 62 3.94 10.06 -6.30
N GLY A 63 4.07 8.99 -7.07
CA GLY A 63 3.48 7.70 -6.73
C GLY A 63 4.41 6.93 -5.81
N VAL A 64 3.86 6.13 -4.90
CA VAL A 64 4.64 5.17 -4.13
C VAL A 64 3.98 3.78 -4.12
N PHE A 65 4.77 2.76 -3.74
CA PHE A 65 4.32 1.39 -3.54
C PHE A 65 4.72 0.93 -2.14
N VAL A 66 4.08 -0.14 -1.65
CA VAL A 66 4.35 -0.70 -0.33
C VAL A 66 4.46 -2.20 -0.50
N THR A 67 5.63 -2.74 -0.17
CA THR A 67 6.05 -4.09 -0.48
C THR A 67 5.79 -4.95 0.77
N ILE A 68 4.88 -5.91 0.68
CA ILE A 68 4.51 -6.81 1.77
C ILE A 68 4.60 -8.24 1.22
N SER A 69 5.46 -9.05 1.81
CA SER A 69 5.53 -10.49 1.60
C SER A 69 5.13 -11.12 2.93
N PHE A 70 4.09 -11.95 2.89
CA PHE A 70 3.63 -12.72 4.04
C PHE A 70 3.35 -14.14 3.58
N ASP A 71 2.94 -14.99 4.52
CA ASP A 71 2.77 -16.42 4.36
C ASP A 71 1.28 -16.76 4.50
N PRO A 72 0.75 -17.73 3.74
CA PRO A 72 -0.67 -18.10 3.81
C PRO A 72 -1.00 -19.12 4.91
N TYR A 73 -0.01 -19.59 5.69
CA TYR A 73 -0.22 -20.59 6.73
C TYR A 73 -0.93 -19.90 7.89
N SER A 74 -0.47 -18.71 8.30
CA SER A 74 -1.08 -17.96 9.40
C SER A 74 -0.75 -16.45 9.36
N GLN A 75 -0.48 -15.89 8.17
CA GLN A 75 -0.05 -14.49 8.01
C GLN A 75 1.32 -14.24 8.64
N LYS A 76 2.25 -15.18 8.46
CA LYS A 76 3.62 -15.02 8.93
C LYS A 76 4.24 -13.97 8.02
N VAL A 77 4.52 -12.78 8.54
CA VAL A 77 5.23 -11.76 7.78
C VAL A 77 6.61 -12.34 7.45
N ASN A 78 7.03 -12.20 6.18
CA ASN A 78 8.30 -12.73 5.71
C ASN A 78 9.31 -11.61 5.50
N LYS A 79 8.85 -10.51 4.89
CA LYS A 79 9.66 -9.32 4.63
C LYS A 79 8.71 -8.20 4.24
N ILE A 80 8.98 -6.98 4.70
CA ILE A 80 8.23 -5.78 4.33
C ILE A 80 9.25 -4.73 3.93
N ALA A 81 8.93 -3.90 2.95
CA ALA A 81 9.73 -2.76 2.50
C ALA A 81 8.80 -1.69 1.91
N ILE A 82 9.39 -0.57 1.51
CA ILE A 82 8.70 0.56 0.88
C ILE A 82 9.33 0.74 -0.51
N LEU A 83 8.62 1.38 -1.45
CA LEU A 83 9.13 1.71 -2.77
C LEU A 83 8.55 3.07 -3.15
N GLU A 84 9.27 3.84 -3.96
CA GLU A 84 8.91 5.16 -4.46
C GLU A 84 9.05 5.07 -5.97
N GLU A 85 8.08 5.62 -6.71
CA GLU A 85 8.18 5.72 -8.16
C GLU A 85 9.05 6.92 -8.52
N TYR A 86 9.67 6.84 -9.70
CA TYR A 86 10.54 7.83 -10.30
C TYR A 86 10.42 7.66 -11.81
N GLN A 87 10.97 8.59 -12.56
CA GLN A 87 10.79 8.75 -13.99
C GLN A 87 12.17 8.56 -14.60
N GLY A 1 -14.00 16.81 1.54
CA GLY A 1 -15.28 16.11 1.67
C GLY A 1 -15.07 14.63 1.88
N GLU A 2 -15.01 13.83 0.82
CA GLU A 2 -14.68 12.39 0.84
C GLU A 2 -13.29 12.18 1.45
N GLU A 3 -12.92 10.97 1.90
CA GLU A 3 -11.52 10.71 2.27
C GLU A 3 -10.66 10.52 1.03
N THR A 4 -11.23 9.97 -0.04
CA THR A 4 -10.53 9.51 -1.23
C THR A 4 -11.38 9.76 -2.48
N PRO A 5 -10.83 9.71 -3.70
CA PRO A 5 -11.60 9.85 -4.95
C PRO A 5 -12.23 8.52 -5.43
N LEU A 6 -12.09 7.43 -4.68
CA LEU A 6 -12.49 6.09 -5.09
C LEU A 6 -13.81 5.74 -4.41
N VAL A 7 -14.92 6.33 -4.86
CA VAL A 7 -16.25 6.05 -4.30
C VAL A 7 -16.56 4.54 -4.28
N THR A 8 -15.93 3.76 -5.17
CA THR A 8 -15.76 2.33 -4.97
C THR A 8 -14.27 2.10 -4.74
N ALA A 9 -13.90 1.81 -3.48
CA ALA A 9 -12.75 1.01 -3.15
C ALA A 9 -12.89 0.55 -1.71
N ARG A 10 -13.55 -0.60 -1.51
CA ARG A 10 -13.94 -1.12 -0.20
C ARG A 10 -13.30 -2.49 0.08
N HIS A 11 -12.34 -2.96 -0.74
CA HIS A 11 -11.57 -4.18 -0.45
C HIS A 11 -10.68 -3.93 0.78
N MET A 12 -11.20 -4.23 1.97
CA MET A 12 -10.53 -4.09 3.25
C MET A 12 -10.13 -5.48 3.75
N SER A 13 -8.83 -5.68 3.93
CA SER A 13 -8.18 -6.97 4.13
C SER A 13 -7.09 -6.81 5.18
N LYS A 14 -6.55 -7.90 5.72
CA LYS A 14 -5.59 -7.86 6.83
C LYS A 14 -4.44 -6.89 6.56
N TRP A 15 -3.87 -6.94 5.35
CA TRP A 15 -2.72 -6.14 4.95
C TRP A 15 -3.09 -4.69 4.54
N GLU A 16 -4.36 -4.30 4.62
CA GLU A 16 -4.83 -2.97 4.23
C GLU A 16 -4.27 -1.93 5.17
N GLU A 17 -4.53 -2.06 6.48
CA GLU A 17 -4.15 -1.03 7.42
C GLU A 17 -2.65 -0.87 7.45
N ILE A 18 -1.89 -1.96 7.32
CA ILE A 18 -0.43 -1.90 7.26
C ILE A 18 -0.07 -0.98 6.09
N ALA A 19 -0.59 -1.24 4.89
CA ALA A 19 -0.29 -0.45 3.72
C ALA A 19 -0.72 1.02 3.87
N VAL A 20 -1.99 1.27 4.20
CA VAL A 20 -2.50 2.63 4.33
C VAL A 20 -1.71 3.40 5.39
N LYS A 21 -1.48 2.79 6.56
CA LYS A 21 -0.75 3.45 7.65
C LYS A 21 0.67 3.70 7.19
N GLU A 22 1.40 2.70 6.69
CA GLU A 22 2.80 2.87 6.32
C GLU A 22 2.96 3.99 5.30
N ALA A 23 2.13 4.03 4.26
CA ALA A 23 2.19 5.04 3.22
C ALA A 23 1.89 6.47 3.71
N LYS A 24 1.30 6.65 4.90
CA LYS A 24 1.23 7.97 5.53
C LYS A 24 2.37 8.15 6.55
N LYS A 25 2.71 7.13 7.37
CA LYS A 25 3.61 7.37 8.51
C LYS A 25 5.03 7.56 8.03
N ARG A 26 5.45 6.77 7.05
CA ARG A 26 6.80 6.78 6.47
C ARG A 26 7.11 8.11 5.76
N TYR A 27 6.18 9.05 5.70
CA TYR A 27 6.17 10.20 4.83
C TYR A 27 5.80 11.40 5.69
N PRO A 28 6.79 12.01 6.35
CA PRO A 28 6.61 13.23 7.10
C PRO A 28 6.66 14.48 6.21
N LEU A 29 7.15 14.38 4.96
CA LEU A 29 7.24 15.51 4.03
C LEU A 29 6.12 15.49 3.00
N ALA A 30 5.26 14.46 3.02
CA ALA A 30 4.21 14.27 2.04
C ALA A 30 2.97 13.77 2.76
N GLN A 31 1.83 13.83 2.07
CA GLN A 31 0.53 13.44 2.59
C GLN A 31 -0.05 12.32 1.74
N VAL A 32 -0.89 11.49 2.33
CA VAL A 32 -1.54 10.40 1.60
C VAL A 32 -2.91 10.86 1.06
N LEU A 33 -3.30 10.46 -0.15
CA LEU A 33 -4.53 10.88 -0.82
C LEU A 33 -5.37 9.71 -1.35
N PHE A 34 -4.90 8.46 -1.20
CA PHE A 34 -5.45 7.32 -1.93
C PHE A 34 -5.55 6.05 -1.06
N LYS A 35 -6.23 5.01 -1.57
CA LYS A 35 -6.41 3.68 -0.97
C LYS A 35 -6.58 2.63 -2.08
N GLN A 36 -5.77 2.67 -3.14
CA GLN A 36 -5.98 1.84 -4.32
C GLN A 36 -5.40 0.44 -4.09
N LYS A 37 -5.92 -0.59 -4.77
CA LYS A 37 -5.33 -1.93 -4.69
C LYS A 37 -4.02 -2.00 -5.48
N VAL A 38 -3.42 -3.19 -5.52
CA VAL A 38 -2.43 -3.58 -6.52
C VAL A 38 -2.69 -5.05 -6.89
N TRP A 39 -1.82 -5.68 -7.69
CA TRP A 39 -1.82 -7.11 -7.99
C TRP A 39 -1.79 -7.96 -6.71
N ASP A 40 -2.21 -9.21 -6.81
CA ASP A 40 -2.35 -10.16 -5.72
C ASP A 40 -2.03 -11.54 -6.25
N ARG A 41 -1.17 -12.29 -5.57
CA ARG A 41 -0.84 -13.67 -5.94
C ARG A 41 -0.42 -14.44 -4.70
N LYS A 42 -0.16 -15.74 -4.86
CA LYS A 42 0.66 -16.53 -3.95
C LYS A 42 1.50 -17.50 -4.76
N ARG A 43 2.59 -17.95 -4.17
CA ARG A 43 3.56 -18.91 -4.68
C ARG A 43 3.37 -20.20 -3.90
N LYS A 44 4.32 -21.14 -4.01
CA LYS A 44 4.24 -22.41 -3.31
C LYS A 44 4.28 -22.23 -1.78
N ASP A 45 4.83 -21.13 -1.28
CA ASP A 45 5.23 -20.95 0.12
C ASP A 45 5.37 -19.47 0.47
N GLU A 46 4.72 -18.59 -0.29
CA GLU A 46 4.85 -17.14 -0.20
C GLU A 46 3.56 -16.54 -0.72
N ALA A 47 3.23 -15.32 -0.32
CA ALA A 47 2.09 -14.57 -0.80
C ALA A 47 2.44 -13.09 -0.84
N VAL A 48 1.86 -12.38 -1.81
CA VAL A 48 2.09 -10.96 -2.05
C VAL A 48 0.76 -10.32 -2.47
N LYS A 49 0.45 -9.19 -1.86
CA LYS A 49 -0.74 -8.37 -2.07
C LYS A 49 -0.55 -7.13 -1.21
N GLN A 50 -0.46 -5.95 -1.82
CA GLN A 50 -0.37 -4.70 -1.08
C GLN A 50 -1.47 -3.77 -1.57
N TYR A 51 -1.35 -2.50 -1.23
CA TYR A 51 -2.12 -1.41 -1.78
C TYR A 51 -1.12 -0.43 -2.39
N HIS A 52 -1.60 0.41 -3.29
CA HIS A 52 -0.86 1.47 -3.95
C HIS A 52 -1.56 2.76 -3.56
N LEU A 53 -0.80 3.68 -2.97
CA LEU A 53 -1.32 4.90 -2.40
C LEU A 53 -0.53 6.04 -3.06
N THR A 54 -1.21 7.01 -3.66
CA THR A 54 -0.62 8.26 -4.12
C THR A 54 -0.35 9.17 -2.92
N LEU A 55 0.88 9.71 -2.85
CA LEU A 55 1.24 10.83 -2.00
C LEU A 55 1.32 12.15 -2.77
N ARG A 56 1.31 13.27 -2.03
CA ARG A 56 1.55 14.62 -2.53
C ARG A 56 2.63 15.22 -1.65
N GLU A 57 3.67 15.78 -2.25
CA GLU A 57 4.70 16.58 -1.60
C GLU A 57 4.70 17.92 -2.32
N GLY A 58 4.21 18.95 -1.65
CA GLY A 58 3.98 20.28 -2.20
C GLY A 58 3.18 20.24 -3.49
N SER A 59 3.85 20.36 -4.63
CA SER A 59 3.23 20.39 -5.94
C SER A 59 3.43 19.10 -6.72
N LYS A 60 4.30 18.18 -6.28
CA LYS A 60 4.50 16.88 -6.90
C LYS A 60 3.55 15.89 -6.26
N GLU A 61 3.04 14.97 -7.06
CA GLU A 61 2.06 13.95 -6.73
C GLU A 61 2.60 12.68 -7.40
N PHE A 62 2.76 11.62 -6.63
CA PHE A 62 3.57 10.45 -6.97
C PHE A 62 2.97 9.24 -6.27
N GLY A 63 3.14 8.05 -6.81
CA GLY A 63 2.69 6.83 -6.16
C GLY A 63 3.79 6.28 -5.26
N VAL A 64 3.41 5.55 -4.20
CA VAL A 64 4.35 4.69 -3.50
C VAL A 64 3.72 3.31 -3.35
N PHE A 65 4.49 2.27 -3.70
CA PHE A 65 4.06 0.90 -3.64
C PHE A 65 4.57 0.34 -2.32
N VAL A 66 3.69 0.21 -1.34
CA VAL A 66 3.98 -0.59 -0.15
C VAL A 66 4.44 -1.97 -0.63
N THR A 67 5.42 -2.57 0.03
CA THR A 67 5.98 -3.87 -0.29
C THR A 67 5.80 -4.74 0.94
N ILE A 68 4.99 -5.80 0.87
CA ILE A 68 4.81 -6.75 1.96
C ILE A 68 5.04 -8.10 1.30
N SER A 69 5.74 -8.99 1.98
CA SER A 69 5.91 -10.38 1.62
C SER A 69 5.46 -11.15 2.84
N PHE A 70 4.48 -12.03 2.69
CA PHE A 70 3.99 -12.84 3.80
C PHE A 70 3.81 -14.26 3.29
N ASP A 71 3.24 -15.11 4.13
CA ASP A 71 3.18 -16.54 3.92
C ASP A 71 1.72 -16.99 3.96
N PRO A 72 1.32 -17.96 3.11
CA PRO A 72 -0.06 -18.45 3.09
C PRO A 72 -0.33 -19.52 4.15
N TYR A 73 0.70 -20.10 4.77
CA TYR A 73 0.57 -21.17 5.76
C TYR A 73 -0.27 -20.67 6.94
N SER A 74 0.09 -19.51 7.51
CA SER A 74 -0.57 -18.97 8.71
C SER A 74 -0.36 -17.46 8.85
N GLN A 75 -0.03 -16.74 7.77
CA GLN A 75 0.38 -15.34 7.80
C GLN A 75 1.62 -15.15 8.70
N LYS A 76 2.72 -15.82 8.37
CA LYS A 76 4.04 -15.33 8.73
C LYS A 76 4.28 -14.13 7.82
N VAL A 77 4.57 -12.96 8.38
CA VAL A 77 5.19 -11.89 7.62
C VAL A 77 6.59 -12.40 7.30
N ASN A 78 6.99 -12.36 6.04
CA ASN A 78 8.32 -12.75 5.62
C ASN A 78 9.19 -11.50 5.60
N LYS A 79 8.77 -10.42 4.93
CA LYS A 79 9.40 -9.09 5.03
C LYS A 79 8.42 -7.97 4.71
N ILE A 80 8.81 -6.72 4.96
CA ILE A 80 8.10 -5.52 4.53
C ILE A 80 9.16 -4.49 4.07
N ALA A 81 8.81 -3.65 3.10
CA ALA A 81 9.54 -2.46 2.67
C ALA A 81 8.52 -1.44 2.10
N ILE A 82 8.99 -0.28 1.64
CA ILE A 82 8.20 0.79 1.04
C ILE A 82 8.95 1.17 -0.24
N LEU A 83 8.35 1.03 -1.41
CA LEU A 83 8.91 1.48 -2.68
C LEU A 83 8.34 2.86 -2.98
N GLU A 84 9.18 3.77 -3.46
CA GLU A 84 8.82 5.12 -3.84
C GLU A 84 8.95 5.22 -5.37
N GLU A 85 8.02 5.89 -6.02
CA GLU A 85 8.11 6.23 -7.43
C GLU A 85 9.08 7.40 -7.62
N TYR A 86 9.73 7.45 -8.78
CA TYR A 86 10.55 8.55 -9.24
C TYR A 86 10.50 8.61 -10.77
N GLN A 87 10.84 9.76 -11.34
CA GLN A 87 10.91 9.98 -12.78
C GLN A 87 12.31 10.48 -13.08
N GLY A 1 -7.79 16.03 -0.18
CA GLY A 1 -7.60 14.85 0.70
C GLY A 1 -8.81 13.95 0.68
N GLU A 2 -8.86 13.03 -0.27
CA GLU A 2 -9.77 11.90 -0.27
C GLU A 2 -8.94 10.76 0.28
N GLU A 3 -9.16 10.31 1.51
CA GLU A 3 -8.37 9.23 2.11
C GLU A 3 -8.62 7.85 1.44
N THR A 4 -9.25 7.83 0.26
CA THR A 4 -9.68 6.65 -0.47
C THR A 4 -9.90 6.98 -1.96
N PRO A 5 -9.72 6.04 -2.91
CA PRO A 5 -9.71 6.34 -4.33
C PRO A 5 -11.11 6.54 -4.93
N LEU A 6 -12.18 6.36 -4.15
CA LEU A 6 -13.54 6.51 -4.64
C LEU A 6 -14.26 7.73 -4.09
N VAL A 7 -13.49 8.70 -3.59
CA VAL A 7 -13.78 9.45 -2.36
C VAL A 7 -13.95 8.47 -1.17
N THR A 8 -14.08 7.17 -1.42
CA THR A 8 -14.49 6.20 -0.39
C THR A 8 -13.92 4.83 -0.69
N ALA A 9 -14.22 3.84 0.15
CA ALA A 9 -14.19 2.40 -0.13
C ALA A 9 -14.91 1.71 1.02
N ARG A 10 -15.55 0.56 0.76
CA ARG A 10 -16.33 -0.16 1.77
C ARG A 10 -15.86 -1.61 1.94
N HIS A 11 -14.73 -1.97 1.33
CA HIS A 11 -14.21 -3.32 1.24
C HIS A 11 -12.71 -3.17 1.53
N MET A 12 -12.19 -3.98 2.46
CA MET A 12 -10.90 -3.81 3.08
C MET A 12 -10.37 -5.17 3.53
N SER A 13 -9.46 -5.73 2.76
CA SER A 13 -8.85 -7.04 3.01
C SER A 13 -7.81 -7.01 4.15
N LYS A 14 -7.26 -8.17 4.52
CA LYS A 14 -6.31 -8.30 5.65
C LYS A 14 -5.14 -7.33 5.56
N TRP A 15 -4.57 -7.14 4.37
CA TRP A 15 -3.36 -6.34 4.20
C TRP A 15 -3.64 -4.90 3.74
N GLU A 16 -4.92 -4.55 3.54
CA GLU A 16 -5.27 -3.30 2.90
C GLU A 16 -4.94 -2.08 3.74
N GLU A 17 -5.16 -2.14 5.05
CA GLU A 17 -4.78 -1.06 5.95
C GLU A 17 -3.27 -1.07 6.15
N ILE A 18 -2.61 -2.23 6.28
CA ILE A 18 -1.16 -2.32 6.48
C ILE A 18 -0.45 -1.58 5.35
N ALA A 19 -0.84 -1.82 4.10
CA ALA A 19 -0.27 -1.14 2.95
C ALA A 19 -0.32 0.38 3.10
N VAL A 20 -1.53 0.87 3.32
CA VAL A 20 -1.88 2.27 3.40
C VAL A 20 -1.22 2.93 4.61
N LYS A 21 -1.09 2.20 5.72
CA LYS A 21 -0.48 2.66 6.95
C LYS A 21 0.99 2.93 6.71
N GLU A 22 1.73 1.98 6.14
CA GLU A 22 3.14 2.21 5.84
C GLU A 22 3.25 3.41 4.88
N ALA A 23 2.43 3.44 3.83
CA ALA A 23 2.40 4.52 2.83
C ALA A 23 2.02 5.89 3.39
N LYS A 24 1.39 6.02 4.57
CA LYS A 24 1.10 7.32 5.17
C LYS A 24 2.17 7.67 6.21
N LYS A 25 2.70 6.68 6.93
CA LYS A 25 3.57 6.91 8.09
C LYS A 25 5.04 7.05 7.71
N ARG A 26 5.46 6.34 6.67
CA ARG A 26 6.82 6.48 6.10
C ARG A 26 7.04 7.90 5.53
N TYR A 27 6.04 8.78 5.50
CA TYR A 27 6.05 10.01 4.75
C TYR A 27 5.56 11.12 5.67
N PRO A 28 6.43 11.61 6.57
CA PRO A 28 6.14 12.74 7.41
C PRO A 28 5.99 14.03 6.60
N LEU A 29 6.67 14.14 5.46
CA LEU A 29 6.64 15.36 4.65
C LEU A 29 5.35 15.45 3.83
N ALA A 30 4.66 14.34 3.57
CA ALA A 30 3.47 14.29 2.73
C ALA A 30 2.27 13.74 3.49
N GLN A 31 1.19 13.62 2.72
CA GLN A 31 -0.12 13.14 3.05
C GLN A 31 -0.53 12.13 1.98
N VAL A 32 -1.28 11.10 2.39
CA VAL A 32 -1.84 10.08 1.52
C VAL A 32 -3.30 10.39 1.15
N LEU A 33 -3.73 10.03 -0.06
CA LEU A 33 -5.11 10.19 -0.53
C LEU A 33 -5.51 9.05 -1.49
N PHE A 34 -5.00 7.84 -1.26
CA PHE A 34 -5.31 6.70 -2.11
C PHE A 34 -5.32 5.42 -1.28
N LYS A 35 -6.04 4.38 -1.71
CA LYS A 35 -6.04 3.02 -1.14
C LYS A 35 -6.33 2.04 -2.28
N GLN A 36 -5.35 1.62 -3.08
CA GLN A 36 -5.61 0.73 -4.20
C GLN A 36 -4.44 -0.23 -4.45
N LYS A 37 -4.69 -1.25 -5.27
CA LYS A 37 -3.78 -2.36 -5.57
C LYS A 37 -3.35 -2.28 -7.03
N VAL A 38 -2.39 -3.12 -7.41
CA VAL A 38 -1.97 -3.24 -8.81
C VAL A 38 -1.60 -4.68 -9.18
N TRP A 39 -1.80 -5.66 -8.28
CA TRP A 39 -1.43 -7.05 -8.49
C TRP A 39 -2.28 -7.91 -7.57
N ASP A 40 -2.45 -9.20 -7.88
CA ASP A 40 -2.74 -10.22 -6.87
C ASP A 40 -2.22 -11.57 -7.36
N ARG A 41 -1.42 -12.24 -6.54
CA ARG A 41 -0.89 -13.58 -6.77
C ARG A 41 -0.86 -14.35 -5.45
N LYS A 42 -0.34 -15.57 -5.47
CA LYS A 42 0.15 -16.26 -4.27
C LYS A 42 1.31 -17.14 -4.70
N ARG A 43 1.99 -17.75 -3.75
CA ARG A 43 3.16 -18.61 -3.95
C ARG A 43 2.94 -19.87 -3.11
N LYS A 44 3.70 -20.93 -3.37
CA LYS A 44 3.50 -22.26 -2.76
C LYS A 44 3.58 -22.19 -1.23
N ASP A 45 4.44 -21.31 -0.72
CA ASP A 45 4.91 -21.26 0.64
C ASP A 45 5.19 -19.83 1.07
N GLU A 46 4.75 -18.86 0.27
CA GLU A 46 4.83 -17.45 0.57
C GLU A 46 3.68 -16.78 -0.19
N ALA A 47 3.50 -15.48 0.00
CA ALA A 47 2.48 -14.68 -0.67
C ALA A 47 2.98 -13.25 -0.69
N VAL A 48 2.70 -12.55 -1.78
CA VAL A 48 3.14 -11.18 -1.97
C VAL A 48 1.92 -10.45 -2.51
N LYS A 49 1.49 -9.41 -1.82
CA LYS A 49 0.31 -8.63 -2.18
C LYS A 49 0.74 -7.18 -2.13
N GLN A 50 1.41 -6.75 -3.20
CA GLN A 50 1.93 -5.40 -3.35
C GLN A 50 0.79 -4.46 -3.72
N TYR A 51 0.86 -3.25 -3.19
CA TYR A 51 -0.10 -2.18 -3.41
C TYR A 51 0.57 -1.00 -4.12
N HIS A 52 -0.25 -0.02 -4.52
CA HIS A 52 0.09 1.10 -5.36
C HIS A 52 -0.82 2.25 -4.92
N LEU A 53 -0.26 3.20 -4.19
CA LEU A 53 -0.97 4.36 -3.65
C LEU A 53 -0.47 5.60 -4.40
N THR A 54 -0.86 6.80 -3.97
CA THR A 54 -0.16 8.00 -4.39
C THR A 54 -0.19 8.93 -3.17
N LEU A 55 0.76 9.86 -3.10
CA LEU A 55 0.83 10.90 -2.08
C LEU A 55 0.89 12.28 -2.72
N ARG A 56 0.54 13.31 -1.93
CA ARG A 56 0.55 14.72 -2.32
C ARG A 56 1.47 15.42 -1.34
N GLU A 57 2.55 16.01 -1.83
CA GLU A 57 3.39 16.91 -1.05
C GLU A 57 3.17 18.28 -1.68
N GLY A 58 2.53 19.19 -0.93
CA GLY A 58 2.07 20.49 -1.38
C GLY A 58 1.28 20.40 -2.69
N SER A 59 1.93 20.72 -3.80
CA SER A 59 1.36 20.87 -5.14
C SER A 59 1.86 19.81 -6.13
N LYS A 60 2.54 18.75 -5.67
CA LYS A 60 2.95 17.64 -6.53
C LYS A 60 2.26 16.38 -6.03
N GLU A 61 1.92 15.49 -6.96
CA GLU A 61 1.52 14.12 -6.68
C GLU A 61 2.60 13.17 -7.17
N PHE A 62 2.73 12.03 -6.52
CA PHE A 62 3.71 11.01 -6.86
C PHE A 62 3.27 9.65 -6.33
N GLY A 63 3.32 8.65 -7.20
CA GLY A 63 2.92 7.29 -6.88
C GLY A 63 3.97 6.63 -6.00
N VAL A 64 3.53 5.98 -4.92
CA VAL A 64 4.41 5.11 -4.14
C VAL A 64 3.88 3.67 -4.16
N PHE A 65 4.81 2.71 -4.17
CA PHE A 65 4.53 1.29 -4.16
C PHE A 65 4.86 0.74 -2.77
N VAL A 66 4.14 -0.30 -2.37
CA VAL A 66 4.20 -0.88 -1.03
C VAL A 66 4.52 -2.36 -1.20
N THR A 67 5.53 -2.86 -0.49
CA THR A 67 5.98 -4.24 -0.56
C THR A 67 5.59 -4.93 0.73
N ILE A 68 4.85 -6.03 0.61
CA ILE A 68 4.28 -6.81 1.70
C ILE A 68 4.53 -8.26 1.31
N SER A 69 5.38 -8.95 2.08
CA SER A 69 5.79 -10.33 1.83
C SER A 69 5.43 -11.15 3.08
N PHE A 70 4.52 -12.10 2.96
CA PHE A 70 3.93 -12.80 4.09
C PHE A 70 3.66 -14.26 3.76
N ASP A 71 3.19 -15.03 4.74
CA ASP A 71 3.09 -16.47 4.61
C ASP A 71 1.64 -16.91 4.40
N PRO A 72 1.39 -17.94 3.58
CA PRO A 72 0.06 -18.46 3.37
C PRO A 72 -0.36 -19.36 4.54
N TYR A 73 0.61 -19.93 5.28
CA TYR A 73 0.42 -20.75 6.47
C TYR A 73 -0.58 -20.08 7.41
N SER A 74 -0.23 -18.88 7.90
CA SER A 74 -0.98 -18.21 8.95
C SER A 74 -0.83 -16.68 8.91
N GLN A 75 -0.30 -16.10 7.81
CA GLN A 75 0.03 -14.67 7.76
C GLN A 75 1.05 -14.31 8.85
N LYS A 76 2.21 -14.98 8.88
CA LYS A 76 3.40 -14.29 9.40
C LYS A 76 3.85 -13.31 8.32
N VAL A 77 4.25 -12.13 8.73
CA VAL A 77 4.96 -11.15 7.92
C VAL A 77 6.42 -11.62 7.79
N ASN A 78 6.81 -12.01 6.59
CA ASN A 78 8.19 -12.37 6.29
C ASN A 78 9.03 -11.10 6.19
N LYS A 79 8.54 -10.09 5.47
CA LYS A 79 9.14 -8.74 5.42
C LYS A 79 8.12 -7.75 4.86
N ILE A 80 8.35 -6.46 5.08
CA ILE A 80 7.69 -5.33 4.43
C ILE A 80 8.81 -4.43 3.90
N ALA A 81 8.53 -3.66 2.84
CA ALA A 81 9.38 -2.55 2.38
C ALA A 81 8.50 -1.46 1.73
N ILE A 82 9.07 -0.30 1.43
CA ILE A 82 8.44 0.84 0.76
C ILE A 82 9.32 1.23 -0.43
N LEU A 83 8.71 1.73 -1.50
CA LEU A 83 9.33 2.11 -2.76
C LEU A 83 8.60 3.37 -3.23
N GLU A 84 9.36 4.37 -3.68
CA GLU A 84 8.82 5.63 -4.18
C GLU A 84 9.26 5.83 -5.62
N GLU A 85 8.39 6.42 -6.45
CA GLU A 85 8.70 6.80 -7.82
C GLU A 85 9.38 8.18 -7.85
N TYR A 86 10.18 8.45 -8.88
CA TYR A 86 10.79 9.75 -9.15
C TYR A 86 11.20 9.82 -10.61
N GLN A 87 11.20 11.03 -11.19
CA GLN A 87 11.49 11.25 -12.59
C GLN A 87 11.77 12.71 -12.85
N GLY A 1 -11.08 16.84 1.89
CA GLY A 1 -11.91 16.66 0.70
C GLY A 1 -12.28 15.19 0.56
N GLU A 2 -12.26 14.66 -0.66
CA GLU A 2 -12.29 13.23 -0.87
C GLU A 2 -10.92 12.69 -0.48
N GLU A 3 -10.89 11.75 0.46
CA GLU A 3 -9.62 11.19 0.96
C GLU A 3 -9.23 9.95 0.15
N THR A 4 -10.21 9.11 -0.17
CA THR A 4 -10.13 8.10 -1.22
C THR A 4 -11.54 7.95 -1.83
N PRO A 5 -11.68 7.36 -3.04
CA PRO A 5 -12.97 7.15 -3.68
C PRO A 5 -13.66 5.98 -2.98
N LEU A 6 -14.44 6.30 -1.94
CA LEU A 6 -15.09 5.36 -1.03
C LEU A 6 -16.61 5.57 -1.10
N VAL A 7 -17.31 5.23 -0.01
CA VAL A 7 -18.76 5.23 0.17
C VAL A 7 -19.38 4.03 -0.56
N THR A 8 -18.59 3.01 -0.93
CA THR A 8 -19.10 1.87 -1.72
C THR A 8 -18.39 0.54 -1.42
N ALA A 9 -17.48 0.52 -0.46
CA ALA A 9 -16.54 -0.58 -0.27
C ALA A 9 -16.28 -0.83 1.20
N ARG A 10 -17.34 -1.13 1.95
CA ARG A 10 -17.20 -1.54 3.35
C ARG A 10 -16.72 -2.98 3.44
N HIS A 11 -15.59 -3.29 2.82
CA HIS A 11 -14.81 -4.50 2.98
C HIS A 11 -13.43 -4.20 2.37
N MET A 12 -12.34 -4.48 3.08
CA MET A 12 -10.99 -4.35 2.54
C MET A 12 -10.27 -5.69 2.62
N SER A 13 -9.21 -5.87 1.82
CA SER A 13 -8.32 -7.02 1.89
C SER A 13 -7.50 -6.98 3.17
N LYS A 14 -6.85 -8.08 3.51
CA LYS A 14 -6.11 -8.22 4.78
C LYS A 14 -5.07 -7.10 4.95
N TRP A 15 -4.30 -6.81 3.89
CA TRP A 15 -3.15 -5.90 3.99
C TRP A 15 -3.44 -4.52 3.37
N GLU A 16 -4.68 -4.27 2.96
CA GLU A 16 -5.03 -3.05 2.23
C GLU A 16 -4.76 -1.80 3.07
N GLU A 17 -5.17 -1.80 4.34
CA GLU A 17 -4.90 -0.69 5.23
C GLU A 17 -3.44 -0.68 5.66
N ILE A 18 -2.87 -1.87 5.90
CA ILE A 18 -1.51 -2.04 6.36
C ILE A 18 -0.56 -1.36 5.38
N ALA A 19 -0.82 -1.46 4.08
CA ALA A 19 -0.08 -0.71 3.08
C ALA A 19 -0.18 0.81 3.28
N VAL A 20 -1.39 1.34 3.49
CA VAL A 20 -1.63 2.78 3.50
C VAL A 20 -0.91 3.44 4.67
N LYS A 21 -1.04 2.88 5.87
CA LYS A 21 -0.42 3.45 7.06
C LYS A 21 1.09 3.55 6.88
N GLU A 22 1.78 2.48 6.48
CA GLU A 22 3.23 2.52 6.31
C GLU A 22 3.60 3.54 5.20
N ALA A 23 2.74 3.70 4.19
CA ALA A 23 2.90 4.67 3.10
C ALA A 23 2.75 6.13 3.54
N LYS A 24 2.25 6.41 4.75
CA LYS A 24 2.37 7.76 5.34
C LYS A 24 3.47 7.80 6.40
N LYS A 25 3.74 6.69 7.10
CA LYS A 25 4.79 6.61 8.12
C LYS A 25 6.15 6.92 7.52
N ARG A 26 6.49 6.23 6.42
CA ARG A 26 7.76 6.42 5.73
C ARG A 26 7.87 7.82 5.11
N TYR A 27 6.78 8.58 5.01
CA TYR A 27 6.73 9.82 4.24
C TYR A 27 6.03 10.89 5.09
N PRO A 28 6.75 11.52 6.03
CA PRO A 28 6.17 12.55 6.88
C PRO A 28 5.91 13.86 6.13
N LEU A 29 6.72 14.23 5.13
CA LEU A 29 6.59 15.51 4.44
C LEU A 29 5.31 15.49 3.61
N ALA A 30 5.23 14.46 2.76
CA ALA A 30 4.13 14.22 1.86
C ALA A 30 2.91 13.68 2.61
N GLN A 31 1.71 13.70 2.03
CA GLN A 31 0.51 13.08 2.60
C GLN A 31 -0.04 12.06 1.63
N VAL A 32 -0.49 10.92 2.14
CA VAL A 32 -1.16 9.89 1.33
C VAL A 32 -2.66 10.25 1.16
N LEU A 33 -3.22 10.02 -0.03
CA LEU A 33 -4.58 10.37 -0.43
C LEU A 33 -5.03 9.52 -1.63
N PHE A 34 -4.63 8.24 -1.70
CA PHE A 34 -5.01 7.35 -2.80
C PHE A 34 -4.92 5.89 -2.35
N LYS A 35 -5.58 4.98 -3.08
CA LYS A 35 -5.48 3.52 -2.92
C LYS A 35 -5.68 2.85 -4.27
N GLN A 36 -4.61 2.40 -4.94
CA GLN A 36 -4.65 1.71 -6.22
C GLN A 36 -4.09 0.28 -6.08
N LYS A 37 -4.37 -0.58 -7.08
CA LYS A 37 -4.07 -2.02 -7.04
C LYS A 37 -2.78 -2.35 -7.81
N VAL A 38 -2.23 -3.54 -7.58
CA VAL A 38 -0.95 -4.00 -8.16
C VAL A 38 -1.10 -5.50 -8.43
N TRP A 39 -0.01 -6.24 -8.65
CA TRP A 39 -0.01 -7.66 -8.96
C TRP A 39 -0.09 -8.46 -7.67
N ASP A 40 -1.27 -8.99 -7.36
CA ASP A 40 -1.48 -9.95 -6.28
C ASP A 40 -0.96 -11.30 -6.78
N ARG A 41 -0.12 -12.02 -6.00
CA ARG A 41 0.25 -13.41 -6.31
C ARG A 41 0.55 -14.18 -5.02
N LYS A 42 0.61 -15.51 -5.09
CA LYS A 42 0.90 -16.36 -3.94
C LYS A 42 1.93 -17.41 -4.30
N ARG A 43 2.67 -17.93 -3.33
CA ARG A 43 3.70 -18.95 -3.50
C ARG A 43 3.39 -20.10 -2.55
N LYS A 44 4.25 -21.13 -2.53
CA LYS A 44 4.09 -22.27 -1.63
C LYS A 44 4.10 -21.84 -0.15
N ASP A 45 4.97 -20.88 0.19
CA ASP A 45 5.36 -20.55 1.55
C ASP A 45 5.68 -19.05 1.70
N GLU A 46 5.28 -18.24 0.71
CA GLU A 46 5.25 -16.78 0.79
C GLU A 46 4.08 -16.28 -0.08
N ALA A 47 3.77 -14.99 -0.05
CA ALA A 47 2.70 -14.36 -0.82
C ALA A 47 2.98 -12.85 -0.90
N VAL A 48 2.35 -12.18 -1.87
CA VAL A 48 2.56 -10.77 -2.17
C VAL A 48 1.23 -10.17 -2.63
N LYS A 49 0.81 -9.06 -2.00
CA LYS A 49 -0.31 -8.22 -2.44
C LYS A 49 0.14 -6.80 -2.14
N GLN A 50 0.97 -6.22 -3.01
CA GLN A 50 1.37 -4.83 -2.86
C GLN A 50 0.19 -3.91 -3.18
N TYR A 51 0.29 -2.66 -2.74
CA TYR A 51 -0.59 -1.58 -3.16
C TYR A 51 0.30 -0.47 -3.72
N HIS A 52 -0.28 0.30 -4.63
CA HIS A 52 0.31 1.48 -5.24
C HIS A 52 -0.57 2.61 -4.74
N LEU A 53 0.00 3.53 -3.99
CA LEU A 53 -0.67 4.70 -3.46
C LEU A 53 -0.06 5.92 -4.17
N THR A 54 -0.73 7.07 -4.13
CA THR A 54 -0.25 8.34 -4.63
C THR A 54 -0.25 9.33 -3.47
N LEU A 55 0.95 9.77 -3.14
CA LEU A 55 1.33 10.81 -2.18
C LEU A 55 1.48 12.13 -2.91
N ARG A 56 1.16 13.20 -2.18
CA ARG A 56 1.34 14.58 -2.59
C ARG A 56 2.36 15.17 -1.62
N GLU A 57 3.38 15.88 -2.11
CA GLU A 57 4.32 16.61 -1.28
C GLU A 57 4.29 18.07 -1.70
N GLY A 58 3.47 18.86 -1.01
CA GLY A 58 3.40 20.30 -1.18
C GLY A 58 2.66 20.69 -2.44
N SER A 59 3.34 20.59 -3.57
CA SER A 59 2.94 21.10 -4.87
C SER A 59 3.35 20.12 -5.99
N LYS A 60 3.48 18.83 -5.64
CA LYS A 60 3.84 17.71 -6.50
C LYS A 60 3.05 16.50 -6.07
N GLU A 61 2.75 15.58 -7.00
CA GLU A 61 2.12 14.28 -6.78
C GLU A 61 2.93 13.25 -7.57
N PHE A 62 3.10 12.07 -6.98
CA PHE A 62 3.96 10.96 -7.41
C PHE A 62 3.36 9.68 -6.86
N GLY A 63 3.82 8.51 -7.30
CA GLY A 63 3.37 7.22 -6.78
C GLY A 63 4.42 6.58 -5.88
N VAL A 64 4.02 5.70 -4.98
CA VAL A 64 4.94 4.76 -4.31
C VAL A 64 4.34 3.36 -4.27
N PHE A 65 5.16 2.35 -3.99
CA PHE A 65 4.78 0.93 -3.97
C PHE A 65 5.16 0.33 -2.63
N VAL A 66 4.22 -0.35 -1.97
CA VAL A 66 4.41 -0.90 -0.63
C VAL A 66 4.55 -2.43 -0.73
N THR A 67 5.75 -2.93 -0.53
CA THR A 67 6.03 -4.35 -0.45
C THR A 67 5.53 -4.88 0.90
N ILE A 68 4.68 -5.89 0.85
CA ILE A 68 4.32 -6.72 1.99
C ILE A 68 4.54 -8.13 1.49
N SER A 69 5.69 -8.72 1.84
CA SER A 69 5.92 -10.14 1.71
C SER A 69 5.25 -10.79 2.91
N PHE A 70 4.28 -11.66 2.68
CA PHE A 70 3.52 -12.31 3.74
C PHE A 70 3.44 -13.80 3.48
N ASP A 71 2.67 -14.51 4.29
CA ASP A 71 2.69 -15.97 4.30
C ASP A 71 1.32 -16.55 3.89
N PRO A 72 1.29 -17.67 3.14
CA PRO A 72 0.02 -18.23 2.64
C PRO A 72 -0.70 -19.06 3.70
N TYR A 73 0.03 -19.60 4.68
CA TYR A 73 -0.50 -20.51 5.69
C TYR A 73 -1.61 -19.85 6.49
N SER A 74 -1.36 -18.68 7.09
CA SER A 74 -2.33 -18.02 7.96
C SER A 74 -2.16 -16.50 7.99
N GLN A 75 -1.35 -15.93 7.09
CA GLN A 75 -0.95 -14.53 7.12
C GLN A 75 -0.19 -14.24 8.41
N LYS A 76 1.02 -14.79 8.56
CA LYS A 76 2.09 -13.97 9.11
C LYS A 76 2.52 -13.04 7.99
N VAL A 77 3.08 -11.88 8.33
CA VAL A 77 3.92 -11.10 7.44
C VAL A 77 5.36 -11.57 7.65
N ASN A 78 6.12 -11.61 6.58
CA ASN A 78 7.51 -12.04 6.56
C ASN A 78 8.37 -10.79 6.63
N LYS A 79 8.15 -9.82 5.74
CA LYS A 79 8.71 -8.46 5.84
C LYS A 79 7.76 -7.46 5.20
N ILE A 80 7.88 -6.20 5.60
CA ILE A 80 7.33 -5.06 4.89
C ILE A 80 8.54 -4.23 4.43
N ALA A 81 8.50 -3.71 3.20
CA ALA A 81 9.46 -2.76 2.66
C ALA A 81 8.67 -1.67 1.91
N ILE A 82 9.30 -0.53 1.68
CA ILE A 82 8.67 0.62 1.05
C ILE A 82 9.56 1.01 -0.13
N LEU A 83 8.95 1.23 -1.28
CA LEU A 83 9.59 1.75 -2.48
C LEU A 83 9.12 3.19 -2.68
N GLU A 84 9.67 3.90 -3.66
CA GLU A 84 9.16 5.15 -4.19
C GLU A 84 9.25 5.06 -5.71
N GLU A 85 8.34 5.70 -6.43
CA GLU A 85 8.50 5.87 -7.87
C GLU A 85 9.46 7.02 -8.12
N TYR A 86 10.29 6.91 -9.16
CA TYR A 86 11.25 7.94 -9.50
C TYR A 86 11.54 7.92 -11.00
N GLN A 87 11.42 9.09 -11.63
CA GLN A 87 11.51 9.31 -13.05
C GLN A 87 11.72 10.80 -13.26
N GLY A 1 -9.27 16.79 0.26
CA GLY A 1 -8.48 16.43 1.46
C GLY A 1 -9.31 15.59 2.40
N GLU A 2 -9.43 14.30 2.07
CA GLU A 2 -10.20 13.26 2.74
C GLU A 2 -9.42 11.95 2.54
N GLU A 3 -10.03 10.81 2.80
CA GLU A 3 -9.45 9.50 2.51
C GLU A 3 -9.29 9.30 1.00
N THR A 4 -10.38 9.01 0.30
CA THR A 4 -10.46 8.65 -1.10
C THR A 4 -11.90 8.94 -1.57
N PRO A 5 -12.15 9.17 -2.88
CA PRO A 5 -13.48 9.50 -3.41
C PRO A 5 -14.38 8.27 -3.63
N LEU A 6 -13.93 7.07 -3.26
CA LEU A 6 -14.64 5.81 -3.49
C LEU A 6 -15.39 5.47 -2.22
N VAL A 7 -16.48 6.20 -2.02
CA VAL A 7 -17.40 6.16 -0.88
C VAL A 7 -18.26 4.88 -0.90
N THR A 8 -17.83 3.85 -1.65
CA THR A 8 -18.49 2.55 -1.72
C THR A 8 -17.47 1.41 -1.48
N ALA A 9 -16.28 1.73 -0.96
CA ALA A 9 -15.24 0.77 -0.62
C ALA A 9 -15.37 0.40 0.86
N ARG A 10 -15.56 -0.89 1.19
CA ARG A 10 -15.65 -1.36 2.56
C ARG A 10 -15.15 -2.80 2.63
N HIS A 11 -15.08 -3.38 3.84
CA HIS A 11 -14.58 -4.73 4.10
C HIS A 11 -13.26 -4.96 3.34
N MET A 12 -12.31 -4.08 3.63
CA MET A 12 -11.04 -3.99 2.94
C MET A 12 -10.17 -5.20 3.32
N SER A 13 -9.18 -5.50 2.47
CA SER A 13 -8.33 -6.67 2.58
C SER A 13 -7.60 -6.70 3.91
N LYS A 14 -7.07 -7.88 4.28
CA LYS A 14 -6.21 -8.02 5.45
C LYS A 14 -5.07 -7.01 5.40
N TRP A 15 -4.50 -6.80 4.22
CA TRP A 15 -3.27 -6.04 4.05
C TRP A 15 -3.50 -4.55 3.81
N GLU A 16 -4.74 -4.12 3.60
CA GLU A 16 -4.99 -2.76 3.13
C GLU A 16 -4.69 -1.72 4.20
N GLU A 17 -5.27 -1.82 5.40
CA GLU A 17 -4.98 -0.88 6.49
C GLU A 17 -3.49 -0.80 6.76
N ILE A 18 -2.80 -1.94 6.69
CA ILE A 18 -1.38 -2.01 6.97
C ILE A 18 -0.67 -1.19 5.89
N ALA A 19 -0.95 -1.47 4.60
CA ALA A 19 -0.37 -0.76 3.48
C ALA A 19 -0.61 0.74 3.55
N VAL A 20 -1.87 1.19 3.70
CA VAL A 20 -2.18 2.62 3.76
C VAL A 20 -1.41 3.26 4.92
N LYS A 21 -1.45 2.67 6.12
CA LYS A 21 -0.81 3.25 7.29
C LYS A 21 0.69 3.36 7.10
N GLU A 22 1.36 2.33 6.57
CA GLU A 22 2.78 2.43 6.28
C GLU A 22 3.03 3.53 5.24
N ALA A 23 2.24 3.56 4.16
CA ALA A 23 2.31 4.54 3.09
C ALA A 23 2.01 5.97 3.55
N LYS A 24 1.39 6.17 4.72
CA LYS A 24 1.19 7.52 5.26
C LYS A 24 2.29 7.85 6.27
N LYS A 25 2.65 6.91 7.15
CA LYS A 25 3.44 7.25 8.33
C LYS A 25 4.88 7.53 7.94
N ARG A 26 5.42 6.72 7.02
CA ARG A 26 6.79 6.82 6.54
C ARG A 26 7.02 8.08 5.68
N TYR A 27 6.04 8.97 5.55
CA TYR A 27 6.06 10.14 4.70
C TYR A 27 5.53 11.31 5.51
N PRO A 28 6.38 11.94 6.34
CA PRO A 28 5.98 13.11 7.11
C PRO A 28 5.93 14.37 6.25
N LEU A 29 6.57 14.39 5.07
CA LEU A 29 6.70 15.60 4.26
C LEU A 29 5.68 15.65 3.13
N ALA A 30 4.86 14.61 2.99
CA ALA A 30 3.82 14.45 1.98
C ALA A 30 2.62 13.71 2.58
N GLN A 31 1.50 13.57 1.85
CA GLN A 31 0.26 12.98 2.35
C GLN A 31 -0.32 12.00 1.33
N VAL A 32 -0.85 10.87 1.78
CA VAL A 32 -1.30 9.79 0.89
C VAL A 32 -2.81 9.94 0.62
N LEU A 33 -3.21 9.84 -0.65
CA LEU A 33 -4.59 10.07 -1.09
C LEU A 33 -4.91 9.20 -2.31
N PHE A 34 -4.37 7.99 -2.42
CA PHE A 34 -4.71 7.06 -3.50
C PHE A 34 -4.58 5.65 -2.95
N LYS A 35 -5.38 4.68 -3.40
CA LYS A 35 -5.37 3.32 -2.86
C LYS A 35 -5.69 2.35 -3.99
N GLN A 36 -4.70 1.83 -4.72
CA GLN A 36 -4.92 1.05 -5.92
C GLN A 36 -4.29 -0.33 -5.80
N LYS A 37 -5.00 -1.34 -6.31
CA LYS A 37 -4.52 -2.71 -6.47
C LYS A 37 -3.23 -2.78 -7.29
N VAL A 38 -2.49 -3.86 -7.12
CA VAL A 38 -1.36 -4.28 -7.94
C VAL A 38 -1.65 -5.72 -8.38
N TRP A 39 -0.81 -6.29 -9.26
CA TRP A 39 -0.71 -7.73 -9.44
C TRP A 39 -0.32 -8.36 -8.10
N ASP A 40 -0.94 -9.49 -7.77
CA ASP A 40 -0.74 -10.24 -6.53
C ASP A 40 -0.58 -11.72 -6.87
N ARG A 41 0.06 -12.51 -6.01
CA ARG A 41 0.04 -13.98 -6.13
C ARG A 41 0.40 -14.68 -4.82
N LYS A 42 0.15 -16.00 -4.77
CA LYS A 42 0.64 -16.88 -3.73
C LYS A 42 1.76 -17.77 -4.24
N ARG A 43 2.50 -18.36 -3.31
CA ARG A 43 3.39 -19.48 -3.54
C ARG A 43 2.95 -20.66 -2.69
N LYS A 44 3.64 -21.78 -2.90
CA LYS A 44 3.59 -22.98 -2.07
C LYS A 44 3.86 -22.61 -0.61
N ASP A 45 4.89 -21.78 -0.36
CA ASP A 45 5.33 -21.32 0.94
C ASP A 45 5.95 -19.92 0.76
N GLU A 46 5.09 -18.95 0.43
CA GLU A 46 5.22 -17.48 0.55
C GLU A 46 3.96 -16.89 -0.12
N ALA A 47 3.78 -15.58 -0.06
CA ALA A 47 2.79 -14.83 -0.81
C ALA A 47 3.29 -13.39 -0.97
N VAL A 48 2.70 -12.63 -1.89
CA VAL A 48 2.89 -11.17 -1.96
C VAL A 48 1.50 -10.56 -2.11
N LYS A 49 1.28 -9.42 -1.45
CA LYS A 49 0.17 -8.52 -1.73
C LYS A 49 0.82 -7.15 -1.78
N GLN A 50 0.43 -6.28 -2.71
CA GLN A 50 0.94 -4.91 -2.75
C GLN A 50 -0.16 -3.95 -3.12
N TYR A 51 0.15 -2.68 -2.90
CA TYR A 51 -0.68 -1.57 -3.28
C TYR A 51 0.20 -0.54 -3.96
N HIS A 52 -0.44 0.28 -4.80
CA HIS A 52 0.11 1.46 -5.43
C HIS A 52 -0.72 2.58 -4.84
N LEU A 53 -0.08 3.51 -4.14
CA LEU A 53 -0.71 4.71 -3.60
C LEU A 53 0.00 5.88 -4.30
N THR A 54 -0.44 7.12 -4.08
CA THR A 54 0.35 8.25 -4.55
C THR A 54 0.29 9.21 -3.35
N LEU A 55 1.34 10.03 -3.20
CA LEU A 55 1.38 11.06 -2.18
C LEU A 55 1.47 12.43 -2.82
N ARG A 56 1.05 13.45 -2.07
CA ARG A 56 1.09 14.85 -2.47
C ARG A 56 1.99 15.57 -1.49
N GLU A 57 2.94 16.33 -1.98
CA GLU A 57 3.65 17.35 -1.23
C GLU A 57 3.28 18.65 -1.92
N GLY A 58 2.40 19.44 -1.29
CA GLY A 58 1.94 20.74 -1.78
C GLY A 58 1.56 20.73 -3.27
N SER A 59 2.48 21.18 -4.12
CA SER A 59 2.28 21.38 -5.55
C SER A 59 2.76 20.18 -6.40
N LYS A 60 3.17 19.05 -5.82
CA LYS A 60 3.70 17.89 -6.51
C LYS A 60 2.94 16.63 -6.09
N GLU A 61 2.94 15.62 -6.96
CA GLU A 61 2.59 14.24 -6.64
C GLU A 61 3.73 13.32 -7.07
N PHE A 62 3.76 12.14 -6.46
CA PHE A 62 4.67 11.03 -6.76
C PHE A 62 3.94 9.73 -6.40
N GLY A 63 4.15 8.65 -7.18
CA GLY A 63 3.39 7.41 -7.09
C GLY A 63 4.20 6.29 -6.47
N VAL A 64 3.86 5.90 -5.25
CA VAL A 64 4.64 4.98 -4.43
C VAL A 64 4.04 3.56 -4.47
N PHE A 65 4.79 2.57 -4.00
CA PHE A 65 4.28 1.21 -3.80
C PHE A 65 4.60 0.75 -2.38
N VAL A 66 4.09 -0.41 -1.98
CA VAL A 66 4.23 -0.96 -0.65
C VAL A 66 4.38 -2.47 -0.76
N THR A 67 5.62 -2.96 -0.70
CA THR A 67 5.90 -4.39 -0.66
C THR A 67 5.40 -4.94 0.67
N ILE A 68 4.57 -5.98 0.64
CA ILE A 68 4.25 -6.79 1.81
C ILE A 68 4.34 -8.26 1.38
N SER A 69 5.49 -8.89 1.63
CA SER A 69 5.61 -10.34 1.53
C SER A 69 5.02 -10.96 2.77
N PHE A 70 4.28 -12.05 2.61
CA PHE A 70 3.64 -12.76 3.71
C PHE A 70 3.66 -14.24 3.39
N ASP A 71 2.92 -15.02 4.15
CA ASP A 71 3.00 -16.46 4.16
C ASP A 71 1.61 -17.04 3.97
N PRO A 72 1.45 -18.16 3.25
CA PRO A 72 0.14 -18.69 2.98
C PRO A 72 -0.34 -19.61 4.10
N TYR A 73 0.54 -20.06 5.02
CA TYR A 73 0.13 -20.96 6.10
C TYR A 73 -0.85 -20.25 7.04
N SER A 74 -0.53 -19.03 7.45
CA SER A 74 -1.25 -18.28 8.49
C SER A 74 -0.82 -16.81 8.46
N GLN A 75 -0.44 -16.28 7.29
CA GLN A 75 -0.27 -14.85 7.09
C GLN A 75 0.79 -14.28 8.04
N LYS A 76 1.86 -15.06 8.27
CA LYS A 76 3.10 -14.52 8.79
C LYS A 76 3.55 -13.48 7.79
N VAL A 77 3.72 -12.25 8.24
CA VAL A 77 4.47 -11.27 7.47
C VAL A 77 5.88 -11.80 7.36
N ASN A 78 6.38 -11.89 6.13
CA ASN A 78 7.75 -12.28 5.86
C ASN A 78 8.57 -11.01 5.87
N LYS A 79 8.25 -10.02 5.02
CA LYS A 79 8.97 -8.75 4.95
C LYS A 79 8.02 -7.62 4.52
N ILE A 80 8.41 -6.37 4.76
CA ILE A 80 7.73 -5.18 4.25
C ILE A 80 8.81 -4.27 3.70
N ALA A 81 8.56 -3.59 2.58
CA ALA A 81 9.38 -2.48 2.09
C ALA A 81 8.47 -1.48 1.40
N ILE A 82 8.22 -0.37 2.08
CA ILE A 82 7.70 0.85 1.50
C ILE A 82 8.66 1.29 0.38
N LEU A 83 8.11 1.45 -0.83
CA LEU A 83 8.84 1.72 -2.05
C LEU A 83 8.48 3.13 -2.51
N GLU A 84 9.33 3.77 -3.30
CA GLU A 84 9.07 5.06 -3.90
C GLU A 84 9.49 5.01 -5.36
N GLU A 85 8.69 5.64 -6.22
CA GLU A 85 9.14 5.93 -7.57
C GLU A 85 10.03 7.19 -7.53
N TYR A 86 10.95 7.34 -8.48
CA TYR A 86 11.70 8.56 -8.75
C TYR A 86 11.89 8.70 -10.26
N GLN A 87 12.24 9.91 -10.71
CA GLN A 87 12.23 10.33 -12.11
C GLN A 87 13.40 11.28 -12.35
N GLY A 1 -12.90 15.53 -8.22
CA GLY A 1 -13.26 15.66 -6.80
C GLY A 1 -13.55 14.33 -6.14
N GLU A 2 -12.59 13.41 -6.07
CA GLU A 2 -12.46 12.42 -5.01
C GLU A 2 -10.98 12.03 -4.98
N GLU A 3 -10.54 11.34 -3.93
CA GLU A 3 -9.24 10.67 -3.94
C GLU A 3 -9.42 9.21 -4.31
N THR A 4 -10.41 8.54 -3.71
CA THR A 4 -10.62 7.10 -3.88
C THR A 4 -12.12 6.79 -3.87
N PRO A 5 -12.56 5.70 -4.53
CA PRO A 5 -13.97 5.40 -4.70
C PRO A 5 -14.60 4.81 -3.43
N LEU A 6 -13.82 4.14 -2.58
CA LEU A 6 -14.26 3.68 -1.27
C LEU A 6 -14.08 4.84 -0.31
N VAL A 7 -15.03 5.77 -0.37
CA VAL A 7 -15.04 7.00 0.42
C VAL A 7 -15.27 6.70 1.91
N THR A 8 -15.71 5.50 2.30
CA THR A 8 -16.11 5.21 3.67
C THR A 8 -15.35 3.99 4.21
N ALA A 9 -15.48 3.68 5.51
CA ALA A 9 -14.77 2.58 6.16
C ALA A 9 -15.58 1.28 6.07
N ARG A 10 -15.65 0.70 4.87
CA ARG A 10 -16.31 -0.57 4.60
C ARG A 10 -15.40 -1.42 3.72
N HIS A 11 -15.56 -2.73 3.83
CA HIS A 11 -15.24 -3.75 2.84
C HIS A 11 -13.89 -3.61 2.14
N MET A 12 -12.82 -4.14 2.74
CA MET A 12 -11.45 -4.00 2.26
C MET A 12 -10.74 -5.37 2.21
N SER A 13 -9.47 -5.40 1.82
CA SER A 13 -8.65 -6.60 1.75
C SER A 13 -8.17 -7.03 3.15
N LYS A 14 -7.33 -8.08 3.18
CA LYS A 14 -6.57 -8.48 4.36
C LYS A 14 -5.51 -7.43 4.71
N TRP A 15 -4.78 -6.93 3.71
CA TRP A 15 -3.52 -6.19 3.90
C TRP A 15 -3.65 -4.71 3.53
N GLU A 16 -4.86 -4.25 3.22
CA GLU A 16 -5.13 -2.91 2.72
C GLU A 16 -4.64 -1.86 3.73
N GLU A 17 -5.15 -1.90 4.97
CA GLU A 17 -4.77 -0.92 5.97
C GLU A 17 -3.28 -0.94 6.21
N ILE A 18 -2.68 -2.14 6.33
CA ILE A 18 -1.25 -2.33 6.57
C ILE A 18 -0.45 -1.61 5.47
N ALA A 19 -0.91 -1.64 4.22
CA ALA A 19 -0.32 -0.84 3.17
C ALA A 19 -0.49 0.65 3.46
N VAL A 20 -1.73 1.13 3.63
CA VAL A 20 -2.02 2.55 3.83
C VAL A 20 -1.21 3.17 5.00
N LYS A 21 -1.17 2.53 6.18
CA LYS A 21 -0.41 3.09 7.30
C LYS A 21 1.05 3.21 6.96
N GLU A 22 1.71 2.17 6.46
CA GLU A 22 3.12 2.27 6.11
C GLU A 22 3.34 3.39 5.09
N ALA A 23 2.48 3.47 4.07
CA ALA A 23 2.53 4.47 3.01
C ALA A 23 2.34 5.92 3.52
N LYS A 24 1.84 6.15 4.74
CA LYS A 24 1.78 7.49 5.33
C LYS A 24 2.91 7.66 6.35
N LYS A 25 3.15 6.67 7.23
CA LYS A 25 4.13 6.83 8.31
C LYS A 25 5.55 6.97 7.77
N ARG A 26 5.93 6.19 6.76
CA ARG A 26 7.27 6.25 6.16
C ARG A 26 7.52 7.55 5.39
N TYR A 27 6.58 8.49 5.32
CA TYR A 27 6.70 9.67 4.46
C TYR A 27 6.30 10.89 5.31
N PRO A 28 7.17 11.29 6.24
CA PRO A 28 6.90 12.40 7.15
C PRO A 28 6.84 13.75 6.44
N LEU A 29 7.45 13.86 5.25
CA LEU A 29 7.53 15.10 4.48
C LEU A 29 6.23 15.36 3.70
N ALA A 30 5.41 14.32 3.49
CA ALA A 30 4.42 14.26 2.42
C ALA A 30 3.13 13.63 2.93
N GLN A 31 2.06 13.69 2.14
CA GLN A 31 0.70 13.37 2.62
C GLN A 31 0.10 12.28 1.76
N VAL A 32 -0.51 11.30 2.42
CA VAL A 32 -1.25 10.19 1.83
C VAL A 32 -2.62 10.67 1.34
N LEU A 33 -3.03 10.25 0.14
CA LEU A 33 -4.31 10.57 -0.47
C LEU A 33 -4.68 9.54 -1.55
N PHE A 34 -4.36 8.26 -1.34
CA PHE A 34 -4.82 7.19 -2.24
C PHE A 34 -4.84 5.86 -1.47
N LYS A 35 -5.39 4.80 -2.09
CA LYS A 35 -5.42 3.40 -1.62
C LYS A 35 -6.25 2.55 -2.59
N GLN A 36 -5.61 1.73 -3.41
CA GLN A 36 -6.24 0.70 -4.24
C GLN A 36 -5.34 -0.54 -4.34
N LYS A 37 -5.92 -1.73 -4.42
CA LYS A 37 -5.18 -2.98 -4.67
C LYS A 37 -5.11 -3.21 -6.17
N VAL A 38 -3.94 -3.57 -6.70
CA VAL A 38 -3.73 -3.66 -8.14
C VAL A 38 -2.85 -4.87 -8.53
N TRP A 39 -2.73 -5.86 -7.64
CA TRP A 39 -2.16 -7.18 -7.95
C TRP A 39 -2.81 -8.23 -7.04
N ASP A 40 -2.90 -9.49 -7.46
CA ASP A 40 -3.10 -10.65 -6.58
C ASP A 40 -2.44 -11.85 -7.21
N ARG A 41 -1.51 -12.49 -6.48
CA ARG A 41 -0.89 -13.76 -6.81
C ARG A 41 -0.66 -14.51 -5.51
N LYS A 42 -0.12 -15.73 -5.57
CA LYS A 42 0.60 -16.35 -4.47
C LYS A 42 1.91 -16.89 -4.99
N ARG A 43 2.84 -17.15 -4.09
CA ARG A 43 4.06 -17.88 -4.34
C ARG A 43 3.86 -19.31 -3.82
N LYS A 44 4.90 -20.13 -3.90
CA LYS A 44 4.82 -21.55 -3.53
C LYS A 44 4.68 -21.66 -2.01
N ASP A 45 5.58 -21.01 -1.30
CA ASP A 45 5.91 -21.25 0.11
C ASP A 45 5.71 -19.94 0.89
N GLU A 46 5.26 -18.89 0.21
CA GLU A 46 5.13 -17.52 0.65
C GLU A 46 4.12 -16.86 -0.31
N ALA A 47 3.84 -15.57 -0.14
CA ALA A 47 3.02 -14.74 -1.00
C ALA A 47 3.51 -13.29 -0.86
N VAL A 48 3.13 -12.44 -1.80
CA VAL A 48 3.38 -11.00 -1.72
C VAL A 48 2.13 -10.32 -2.25
N LYS A 49 1.63 -9.30 -1.56
CA LYS A 49 0.50 -8.49 -2.00
C LYS A 49 0.95 -7.05 -1.81
N GLN A 50 1.73 -6.55 -2.77
CA GLN A 50 2.12 -5.16 -2.82
C GLN A 50 0.93 -4.31 -3.24
N TYR A 51 1.03 -3.00 -3.02
CA TYR A 51 0.04 -2.04 -3.46
C TYR A 51 0.75 -0.89 -4.16
N HIS A 52 -0.01 -0.05 -4.87
CA HIS A 52 0.41 1.26 -5.35
C HIS A 52 -0.36 2.24 -4.49
N LEU A 53 0.27 3.31 -4.03
CA LEU A 53 -0.40 4.49 -3.51
C LEU A 53 0.30 5.71 -4.12
N THR A 54 -0.28 6.89 -3.93
CA THR A 54 0.12 8.15 -4.55
C THR A 54 0.01 9.21 -3.45
N LEU A 55 1.13 9.85 -3.13
CA LEU A 55 1.29 10.90 -2.11
C LEU A 55 1.55 12.28 -2.76
N ARG A 56 1.48 13.37 -1.97
CA ARG A 56 1.81 14.71 -2.46
C ARG A 56 2.74 15.43 -1.48
N GLU A 57 3.68 16.21 -2.02
CA GLU A 57 4.73 16.96 -1.33
C GLU A 57 4.51 18.39 -1.78
N GLY A 58 3.94 19.21 -0.90
CA GLY A 58 3.69 20.61 -1.15
C GLY A 58 2.79 20.80 -2.36
N SER A 59 3.39 20.97 -3.53
CA SER A 59 2.76 21.25 -4.81
C SER A 59 3.08 20.18 -5.88
N LYS A 60 3.93 19.19 -5.59
CA LYS A 60 4.09 18.01 -6.45
C LYS A 60 3.21 16.88 -5.93
N GLU A 61 2.89 15.92 -6.79
CA GLU A 61 2.22 14.66 -6.50
C GLU A 61 3.04 13.56 -7.21
N PHE A 62 3.07 12.34 -6.67
CA PHE A 62 3.98 11.27 -7.13
C PHE A 62 3.52 9.91 -6.62
N GLY A 63 4.15 8.81 -7.05
CA GLY A 63 3.73 7.45 -6.75
C GLY A 63 4.72 6.68 -5.88
N VAL A 64 4.19 5.79 -5.03
CA VAL A 64 4.96 4.85 -4.21
C VAL A 64 4.43 3.41 -4.32
N PHE A 65 5.29 2.43 -3.99
CA PHE A 65 5.00 0.99 -4.06
C PHE A 65 5.42 0.24 -2.77
N VAL A 66 4.55 0.23 -1.77
CA VAL A 66 4.65 -0.64 -0.58
C VAL A 66 4.78 -2.12 -0.94
N THR A 67 5.54 -2.89 -0.15
CA THR A 67 5.90 -4.28 -0.43
C THR A 67 5.68 -5.17 0.80
N ILE A 68 4.56 -5.88 0.85
CA ILE A 68 4.15 -6.75 1.95
C ILE A 68 4.41 -8.21 1.53
N SER A 69 5.44 -8.84 2.09
CA SER A 69 5.66 -10.28 1.99
C SER A 69 4.96 -10.98 3.15
N PHE A 70 4.12 -11.98 2.86
CA PHE A 70 3.34 -12.66 3.89
C PHE A 70 3.20 -14.14 3.54
N ASP A 71 2.92 -14.95 4.55
CA ASP A 71 2.80 -16.40 4.41
C ASP A 71 1.42 -16.77 3.86
N PRO A 72 1.29 -17.80 3.02
CA PRO A 72 0.01 -18.40 2.68
C PRO A 72 -0.49 -19.37 3.76
N TYR A 73 0.41 -19.87 4.62
CA TYR A 73 0.13 -20.74 5.74
C TYR A 73 -0.97 -20.16 6.65
N SER A 74 -0.75 -18.99 7.25
CA SER A 74 -1.66 -18.44 8.28
C SER A 74 -1.51 -16.92 8.40
N GLN A 75 -1.20 -16.25 7.28
CA GLN A 75 -1.12 -14.80 7.13
C GLN A 75 -0.24 -14.21 8.24
N LYS A 76 0.97 -14.75 8.37
CA LYS A 76 2.05 -14.06 9.06
C LYS A 76 2.71 -13.18 8.03
N VAL A 77 2.77 -11.88 8.26
CA VAL A 77 3.60 -11.01 7.45
C VAL A 77 5.06 -11.35 7.81
N ASN A 78 5.81 -11.80 6.83
CA ASN A 78 7.19 -12.19 7.05
C ASN A 78 8.03 -10.93 7.13
N LYS A 79 7.90 -10.02 6.16
CA LYS A 79 8.63 -8.77 6.12
C LYS A 79 7.78 -7.71 5.41
N ILE A 80 8.10 -6.43 5.62
CA ILE A 80 7.49 -5.30 4.92
C ILE A 80 8.65 -4.42 4.48
N ALA A 81 8.56 -3.87 3.27
CA ALA A 81 9.40 -2.79 2.77
C ALA A 81 8.48 -1.78 2.08
N ILE A 82 9.05 -0.63 1.71
CA ILE A 82 8.35 0.50 1.14
C ILE A 82 9.21 0.98 -0.02
N LEU A 83 8.63 1.37 -1.15
CA LEU A 83 9.38 1.83 -2.33
C LEU A 83 8.81 3.19 -2.77
N GLU A 84 9.64 4.06 -3.32
CA GLU A 84 9.25 5.35 -3.89
C GLU A 84 9.85 5.48 -5.28
N GLU A 85 9.03 5.97 -6.20
CA GLU A 85 9.42 6.38 -7.54
C GLU A 85 10.14 7.73 -7.46
N TYR A 86 10.93 8.11 -8.46
CA TYR A 86 11.42 9.46 -8.70
C TYR A 86 11.91 9.51 -10.13
N GLN A 87 11.94 10.71 -10.71
CA GLN A 87 12.36 11.01 -12.07
C GLN A 87 12.39 12.54 -12.21
N GLY A 1 -13.53 16.18 -5.06
CA GLY A 1 -13.02 15.87 -3.73
C GLY A 1 -13.33 14.42 -3.40
N GLU A 2 -12.34 13.54 -3.49
CA GLU A 2 -12.48 12.10 -3.38
C GLU A 2 -11.38 11.57 -2.46
N GLU A 3 -11.65 10.49 -1.73
CA GLU A 3 -10.73 9.93 -0.74
C GLU A 3 -10.16 8.58 -1.14
N THR A 4 -10.70 7.95 -2.18
CA THR A 4 -10.22 6.67 -2.70
C THR A 4 -10.52 6.61 -4.21
N PRO A 5 -9.80 5.77 -4.99
CA PRO A 5 -10.09 5.52 -6.40
C PRO A 5 -11.32 4.62 -6.61
N LEU A 6 -11.78 3.97 -5.54
CA LEU A 6 -13.04 3.29 -5.40
C LEU A 6 -13.67 3.82 -4.12
N VAL A 7 -14.47 4.88 -4.25
CA VAL A 7 -15.30 5.33 -3.15
C VAL A 7 -16.34 4.24 -2.86
N THR A 8 -16.79 3.49 -3.88
CA THR A 8 -17.66 2.34 -3.70
C THR A 8 -16.86 1.19 -3.07
N ALA A 9 -16.87 1.14 -1.74
CA ALA A 9 -16.68 -0.02 -0.88
C ALA A 9 -16.96 0.42 0.56
N ARG A 10 -16.98 -0.53 1.50
CA ARG A 10 -17.15 -0.25 2.93
C ARG A 10 -16.31 -1.23 3.77
N HIS A 11 -15.30 -1.85 3.17
CA HIS A 11 -14.43 -2.83 3.81
C HIS A 11 -12.97 -2.56 3.49
N MET A 12 -12.07 -3.22 4.21
CA MET A 12 -10.65 -3.23 3.97
C MET A 12 -10.13 -4.66 4.05
N SER A 13 -9.11 -4.94 3.24
CA SER A 13 -8.32 -6.15 3.22
C SER A 13 -7.51 -6.28 4.51
N LYS A 14 -6.93 -7.45 4.75
CA LYS A 14 -5.98 -7.65 5.84
C LYS A 14 -4.85 -6.62 5.77
N TRP A 15 -4.24 -6.47 4.59
CA TRP A 15 -2.99 -5.76 4.44
C TRP A 15 -3.16 -4.28 4.12
N GLU A 16 -4.40 -3.79 3.98
CA GLU A 16 -4.71 -2.39 3.70
C GLU A 16 -4.05 -1.50 4.75
N GLU A 17 -4.45 -1.63 6.03
CA GLU A 17 -3.94 -0.73 7.05
C GLU A 17 -2.43 -0.83 7.25
N ILE A 18 -1.82 -1.99 7.00
CA ILE A 18 -0.37 -2.15 7.11
C ILE A 18 0.29 -1.34 5.99
N ALA A 19 -0.19 -1.47 4.75
CA ALA A 19 0.32 -0.68 3.65
C ALA A 19 0.14 0.81 3.92
N VAL A 20 -1.07 1.24 4.30
CA VAL A 20 -1.39 2.63 4.59
C VAL A 20 -0.46 3.15 5.69
N LYS A 21 -0.35 2.46 6.83
CA LYS A 21 0.48 2.91 7.95
C LYS A 21 1.93 3.08 7.51
N GLU A 22 2.52 2.11 6.80
CA GLU A 22 3.88 2.26 6.33
C GLU A 22 4.01 3.44 5.35
N ALA A 23 3.13 3.50 4.35
CA ALA A 23 3.14 4.50 3.28
C ALA A 23 2.72 5.90 3.76
N LYS A 24 2.38 6.11 5.03
CA LYS A 24 2.17 7.44 5.61
C LYS A 24 3.27 7.72 6.63
N LYS A 25 3.66 6.72 7.44
CA LYS A 25 4.62 6.94 8.52
C LYS A 25 5.98 7.34 7.95
N ARG A 26 6.43 6.66 6.88
CA ARG A 26 7.72 6.91 6.26
C ARG A 26 7.80 8.23 5.50
N TYR A 27 6.75 9.05 5.50
CA TYR A 27 6.59 10.16 4.56
C TYR A 27 6.16 11.40 5.35
N PRO A 28 7.10 12.02 6.09
CA PRO A 28 6.84 13.16 6.95
C PRO A 28 6.70 14.46 6.17
N LEU A 29 7.25 14.51 4.95
CA LEU A 29 7.10 15.68 4.07
C LEU A 29 5.76 15.65 3.33
N ALA A 30 5.06 14.50 3.34
CA ALA A 30 3.94 14.24 2.46
C ALA A 30 2.75 13.64 3.24
N GLN A 31 1.65 13.38 2.56
CA GLN A 31 0.43 12.81 3.14
C GLN A 31 -0.15 11.84 2.13
N VAL A 32 -0.79 10.77 2.57
CA VAL A 32 -1.48 9.83 1.66
C VAL A 32 -2.96 10.22 1.49
N LEU A 33 -3.50 9.99 0.29
CA LEU A 33 -4.85 10.40 -0.12
C LEU A 33 -5.53 9.34 -1.00
N PHE A 34 -4.95 8.15 -1.15
CA PHE A 34 -5.30 7.16 -2.18
C PHE A 34 -5.05 5.77 -1.61
N LYS A 35 -5.93 4.78 -1.85
CA LYS A 35 -5.79 3.41 -1.34
C LYS A 35 -6.17 2.44 -2.48
N GLN A 36 -5.22 1.72 -3.09
CA GLN A 36 -5.38 1.07 -4.41
C GLN A 36 -4.56 -0.23 -4.50
N LYS A 37 -5.23 -1.32 -4.87
CA LYS A 37 -4.73 -2.70 -5.00
C LYS A 37 -3.79 -2.87 -6.21
N VAL A 38 -3.05 -3.99 -6.26
CA VAL A 38 -2.27 -4.43 -7.42
C VAL A 38 -2.60 -5.91 -7.74
N TRP A 39 -1.77 -6.57 -8.55
CA TRP A 39 -1.67 -8.01 -8.69
C TRP A 39 -1.47 -8.68 -7.32
N ASP A 40 -2.45 -9.46 -6.84
CA ASP A 40 -2.30 -10.26 -5.64
C ASP A 40 -1.99 -11.69 -6.08
N ARG A 41 -0.89 -12.30 -5.62
CA ARG A 41 -0.51 -13.67 -6.01
C ARG A 41 0.15 -14.43 -4.87
N LYS A 42 0.35 -15.75 -5.02
CA LYS A 42 1.03 -16.58 -4.03
C LYS A 42 1.99 -17.60 -4.66
N ARG A 43 2.74 -18.30 -3.82
CA ARG A 43 3.86 -19.19 -4.10
C ARG A 43 3.80 -20.36 -3.12
N LYS A 44 4.80 -21.26 -3.16
CA LYS A 44 4.90 -22.50 -2.41
C LYS A 44 4.59 -22.34 -0.92
N ASP A 45 5.09 -21.27 -0.29
CA ASP A 45 4.87 -20.99 1.13
C ASP A 45 4.65 -19.50 1.36
N GLU A 46 4.48 -18.69 0.32
CA GLU A 46 4.61 -17.23 0.42
C GLU A 46 3.60 -16.56 -0.49
N ALA A 47 3.39 -15.26 -0.31
CA ALA A 47 2.39 -14.46 -1.00
C ALA A 47 2.82 -13.00 -1.01
N VAL A 48 2.27 -12.26 -1.97
CA VAL A 48 2.54 -10.85 -2.18
C VAL A 48 1.26 -10.18 -2.67
N LYS A 49 1.05 -8.91 -2.31
CA LYS A 49 -0.03 -8.09 -2.84
C LYS A 49 0.19 -6.65 -2.39
N GLN A 50 1.15 -5.98 -3.04
CA GLN A 50 1.46 -4.58 -2.77
C GLN A 50 0.22 -3.69 -3.00
N TYR A 51 0.39 -2.43 -2.65
CA TYR A 51 -0.56 -1.37 -2.96
C TYR A 51 0.20 -0.28 -3.71
N HIS A 52 -0.53 0.46 -4.54
CA HIS A 52 -0.02 1.64 -5.22
C HIS A 52 -0.54 2.86 -4.48
N LEU A 53 0.00 3.16 -3.29
CA LEU A 53 -0.43 4.38 -2.59
C LEU A 53 0.12 5.61 -3.30
N THR A 54 -0.41 6.77 -3.00
CA THR A 54 -0.13 7.99 -3.76
C THR A 54 -0.14 9.13 -2.76
N LEU A 55 0.99 9.82 -2.72
CA LEU A 55 1.26 10.87 -1.74
C LEU A 55 1.11 12.26 -2.37
N ARG A 56 0.94 13.27 -1.51
CA ARG A 56 0.96 14.69 -1.84
C ARG A 56 1.91 15.40 -0.89
N GLU A 57 2.88 16.12 -1.44
CA GLU A 57 3.92 16.85 -0.73
C GLU A 57 3.81 18.32 -1.12
N GLY A 58 3.04 19.11 -0.37
CA GLY A 58 2.87 20.53 -0.60
C GLY A 58 2.17 20.77 -1.93
N SER A 59 2.94 21.15 -2.96
CA SER A 59 2.51 21.44 -4.32
C SER A 59 3.02 20.39 -5.32
N LYS A 60 3.48 19.23 -4.85
CA LYS A 60 3.83 18.06 -5.67
C LYS A 60 2.87 16.91 -5.34
N GLU A 61 2.66 15.99 -6.28
CA GLU A 61 2.00 14.70 -6.11
C GLU A 61 2.97 13.64 -6.71
N PHE A 62 3.00 12.41 -6.18
CA PHE A 62 3.80 11.29 -6.68
C PHE A 62 3.17 9.97 -6.22
N GLY A 63 3.21 8.96 -7.09
CA GLY A 63 2.74 7.62 -6.76
C GLY A 63 3.87 6.81 -6.15
N VAL A 64 3.54 5.90 -5.24
CA VAL A 64 4.52 5.02 -4.60
C VAL A 64 4.03 3.57 -4.47
N PHE A 65 4.88 2.67 -3.97
CA PHE A 65 4.55 1.27 -3.71
C PHE A 65 5.10 0.78 -2.36
N VAL A 66 4.63 -0.36 -1.88
CA VAL A 66 4.86 -0.89 -0.53
C VAL A 66 4.93 -2.40 -0.63
N THR A 67 6.11 -2.99 -0.43
CA THR A 67 6.25 -4.43 -0.59
C THR A 67 5.81 -5.04 0.75
N ILE A 68 5.15 -6.20 0.68
CA ILE A 68 4.71 -6.96 1.83
C ILE A 68 4.95 -8.41 1.40
N SER A 69 5.96 -9.07 1.96
CA SER A 69 6.24 -10.48 1.72
C SER A 69 5.63 -11.24 2.89
N PHE A 70 4.58 -12.00 2.66
CA PHE A 70 3.80 -12.63 3.72
C PHE A 70 3.46 -14.05 3.30
N ASP A 71 2.70 -14.76 4.13
CA ASP A 71 2.42 -16.18 3.94
C ASP A 71 0.94 -16.43 3.64
N PRO A 72 0.63 -17.42 2.77
CA PRO A 72 -0.73 -17.78 2.41
C PRO A 72 -1.25 -18.86 3.37
N TYR A 73 -0.43 -19.34 4.31
CA TYR A 73 -0.78 -20.36 5.29
C TYR A 73 -1.75 -19.77 6.30
N SER A 74 -1.34 -18.66 6.93
CA SER A 74 -1.86 -18.16 8.18
C SER A 74 -1.75 -16.63 8.26
N GLN A 75 -1.13 -15.97 7.27
CA GLN A 75 -0.68 -14.59 7.36
C GLN A 75 0.35 -14.45 8.50
N LYS A 76 1.55 -15.00 8.32
CA LYS A 76 2.75 -14.34 8.86
C LYS A 76 3.21 -13.36 7.81
N VAL A 77 3.70 -12.20 8.19
CA VAL A 77 4.43 -11.29 7.32
C VAL A 77 5.91 -11.40 7.63
N ASN A 78 6.65 -11.82 6.63
CA ASN A 78 8.05 -12.15 6.74
C ASN A 78 8.88 -10.90 6.61
N LYS A 79 8.58 -10.03 5.64
CA LYS A 79 9.29 -8.76 5.49
C LYS A 79 8.36 -7.69 4.92
N ILE A 80 8.70 -6.42 5.16
CA ILE A 80 7.96 -5.26 4.70
C ILE A 80 9.00 -4.20 4.32
N ALA A 81 8.83 -3.55 3.16
CA ALA A 81 9.68 -2.47 2.67
C ALA A 81 8.82 -1.47 1.89
N ILE A 82 9.40 -0.33 1.53
CA ILE A 82 8.71 0.83 1.01
C ILE A 82 9.45 1.36 -0.21
N LEU A 83 8.77 1.46 -1.35
CA LEU A 83 9.28 1.99 -2.62
C LEU A 83 8.70 3.38 -2.82
N GLU A 84 9.29 4.13 -3.74
CA GLU A 84 8.72 5.32 -4.32
C GLU A 84 8.84 5.20 -5.83
N GLU A 85 8.05 5.99 -6.55
CA GLU A 85 8.39 6.33 -7.92
C GLU A 85 9.31 7.57 -7.94
N TYR A 86 10.03 7.75 -9.04
CA TYR A 86 10.81 8.92 -9.42
C TYR A 86 10.82 8.96 -10.96
N GLN A 87 11.32 10.04 -11.56
CA GLN A 87 11.36 10.20 -13.02
C GLN A 87 12.71 10.73 -13.42
N GLY A 1 -15.32 15.34 -8.59
CA GLY A 1 -15.07 15.13 -7.16
C GLY A 1 -14.92 13.64 -6.91
N GLU A 2 -13.77 13.18 -6.43
CA GLU A 2 -13.40 11.77 -6.42
C GLU A 2 -12.58 11.53 -5.14
N GLU A 3 -13.02 10.63 -4.25
CA GLU A 3 -12.22 10.28 -3.08
C GLU A 3 -11.06 9.37 -3.47
N THR A 4 -11.37 8.18 -3.98
CA THR A 4 -10.42 7.15 -4.36
C THR A 4 -10.99 6.35 -5.53
N PRO A 5 -10.18 5.59 -6.28
CA PRO A 5 -10.64 4.79 -7.41
C PRO A 5 -11.41 3.53 -6.98
N LEU A 6 -11.58 3.30 -5.67
CA LEU A 6 -12.19 2.08 -5.17
C LEU A 6 -13.70 2.18 -5.33
N VAL A 7 -14.20 1.67 -6.45
CA VAL A 7 -15.62 1.52 -6.74
C VAL A 7 -16.29 0.56 -5.74
N THR A 8 -15.51 -0.32 -5.10
CA THR A 8 -16.00 -1.24 -4.09
C THR A 8 -16.44 -0.45 -2.85
N ALA A 9 -17.48 -0.92 -2.19
CA ALA A 9 -17.86 -0.51 -0.85
C ALA A 9 -16.86 -1.06 0.19
N ARG A 10 -17.27 -1.01 1.44
CA ARG A 10 -16.54 -1.21 2.69
C ARG A 10 -15.79 -2.54 2.90
N HIS A 11 -15.62 -3.38 1.88
CA HIS A 11 -14.71 -4.51 1.96
C HIS A 11 -13.29 -4.06 1.60
N MET A 12 -12.58 -3.52 2.59
CA MET A 12 -11.13 -3.39 2.56
C MET A 12 -10.49 -4.77 2.84
N SER A 13 -9.20 -4.80 3.18
CA SER A 13 -8.34 -5.97 3.22
C SER A 13 -7.65 -6.08 4.59
N LYS A 14 -6.86 -7.13 4.81
CA LYS A 14 -5.98 -7.23 5.99
C LYS A 14 -4.86 -6.19 5.88
N TRP A 15 -4.05 -6.32 4.84
CA TRP A 15 -2.75 -5.66 4.74
C TRP A 15 -2.86 -4.20 4.28
N GLU A 16 -4.06 -3.74 3.93
CA GLU A 16 -4.27 -2.39 3.41
C GLU A 16 -3.88 -1.35 4.45
N GLU A 17 -4.26 -1.62 5.70
CA GLU A 17 -4.15 -0.63 6.74
C GLU A 17 -2.68 -0.42 7.06
N ILE A 18 -1.93 -1.52 7.07
CA ILE A 18 -0.50 -1.67 7.30
C ILE A 18 0.27 -1.04 6.14
N ALA A 19 -0.25 -1.13 4.92
CA ALA A 19 0.30 -0.36 3.82
C ALA A 19 0.16 1.13 4.09
N VAL A 20 -1.04 1.61 4.42
CA VAL A 20 -1.29 3.05 4.54
C VAL A 20 -0.44 3.66 5.67
N LYS A 21 -0.16 2.95 6.77
CA LYS A 21 0.69 3.51 7.82
C LYS A 21 2.14 3.61 7.36
N GLU A 22 2.75 2.56 6.80
CA GLU A 22 4.14 2.65 6.36
C GLU A 22 4.31 3.76 5.32
N ALA A 23 3.28 3.99 4.50
CA ALA A 23 3.23 5.02 3.47
C ALA A 23 3.16 6.45 4.02
N LYS A 24 3.06 6.64 5.35
CA LYS A 24 3.32 7.92 6.00
C LYS A 24 4.55 7.88 6.91
N LYS A 25 4.78 6.73 7.57
CA LYS A 25 5.86 6.56 8.54
C LYS A 25 7.22 6.73 7.87
N ARG A 26 7.37 6.28 6.62
CA ARG A 26 8.61 6.40 5.86
C ARG A 26 8.69 7.74 5.10
N TYR A 27 7.79 8.70 5.35
CA TYR A 27 7.65 9.90 4.54
C TYR A 27 7.44 11.10 5.46
N PRO A 28 8.51 11.60 6.08
CA PRO A 28 8.44 12.78 6.92
C PRO A 28 8.20 14.06 6.13
N LEU A 29 8.57 14.12 4.85
CA LEU A 29 8.44 15.36 4.05
C LEU A 29 7.02 15.58 3.53
N ALA A 30 6.13 14.57 3.64
CA ALA A 30 4.93 14.50 2.83
C ALA A 30 3.74 14.01 3.64
N GLN A 31 2.52 14.13 3.11
CA GLN A 31 1.31 13.57 3.70
C GLN A 31 0.78 12.49 2.79
N VAL A 32 0.41 11.34 3.35
CA VAL A 32 -0.46 10.41 2.64
C VAL A 32 -1.88 10.99 2.66
N LEU A 33 -2.68 10.76 1.62
CA LEU A 33 -4.07 11.19 1.48
C LEU A 33 -4.82 10.33 0.45
N PHE A 34 -4.36 9.08 0.23
CA PHE A 34 -4.89 8.22 -0.82
C PHE A 34 -4.68 6.75 -0.44
N LYS A 35 -5.32 5.84 -1.19
CA LYS A 35 -5.40 4.40 -0.92
C LYS A 35 -6.08 3.69 -2.09
N GLN A 36 -5.33 2.90 -2.87
CA GLN A 36 -5.90 2.04 -3.92
C GLN A 36 -5.25 0.65 -3.99
N LYS A 37 -5.89 -0.25 -4.75
CA LYS A 37 -5.51 -1.66 -4.89
C LYS A 37 -4.44 -1.78 -5.99
N VAL A 38 -3.87 -2.98 -6.12
CA VAL A 38 -3.03 -3.40 -7.25
C VAL A 38 -3.39 -4.87 -7.56
N TRP A 39 -2.76 -5.50 -8.56
CA TRP A 39 -2.84 -6.94 -8.83
C TRP A 39 -2.47 -7.74 -7.59
N ASP A 40 -3.19 -8.83 -7.31
CA ASP A 40 -3.06 -9.67 -6.12
C ASP A 40 -3.01 -11.13 -6.55
N ARG A 41 -2.05 -11.91 -6.03
CA ARG A 41 -1.85 -13.31 -6.39
C ARG A 41 -0.96 -14.00 -5.35
N LYS A 42 -1.14 -15.30 -5.17
CA LYS A 42 -0.45 -16.09 -4.14
C LYS A 42 0.61 -17.02 -4.76
N ARG A 43 1.56 -17.47 -3.96
CA ARG A 43 2.70 -18.33 -4.33
C ARG A 43 2.57 -19.65 -3.58
N LYS A 44 3.62 -20.47 -3.48
CA LYS A 44 3.51 -21.75 -2.79
C LYS A 44 3.44 -21.52 -1.27
N ASP A 45 4.29 -20.66 -0.74
CA ASP A 45 4.50 -20.36 0.67
C ASP A 45 4.83 -18.88 0.85
N GLU A 46 4.38 -18.05 -0.08
CA GLU A 46 4.35 -16.61 0.05
C GLU A 46 3.09 -16.13 -0.65
N ALA A 47 2.76 -14.86 -0.49
CA ALA A 47 1.62 -14.21 -1.09
C ALA A 47 1.97 -12.74 -1.31
N VAL A 48 1.40 -12.15 -2.35
CA VAL A 48 1.73 -10.80 -2.77
C VAL A 48 0.43 -10.06 -3.07
N LYS A 49 0.40 -8.80 -2.61
CA LYS A 49 -0.60 -7.79 -2.86
C LYS A 49 0.02 -6.51 -2.32
N GLN A 50 0.78 -5.80 -3.13
CA GLN A 50 1.21 -4.45 -2.81
C GLN A 50 -0.02 -3.53 -2.90
N TYR A 51 0.12 -2.30 -2.43
CA TYR A 51 -0.86 -1.24 -2.56
C TYR A 51 -0.16 -0.06 -3.20
N HIS A 52 -0.94 0.81 -3.84
CA HIS A 52 -0.47 2.10 -4.30
C HIS A 52 -1.18 3.13 -3.44
N LEU A 53 -0.43 4.06 -2.85
CA LEU A 53 -0.94 5.22 -2.15
C LEU A 53 -0.32 6.46 -2.82
N THR A 54 -0.88 7.66 -2.59
CA THR A 54 -0.36 8.92 -3.13
C THR A 54 0.04 9.80 -1.95
N LEU A 55 1.34 10.09 -1.81
CA LEU A 55 1.83 11.19 -0.98
C LEU A 55 1.60 12.55 -1.66
N ARG A 56 1.61 13.64 -0.89
CA ARG A 56 1.67 15.03 -1.30
C ARG A 56 2.85 15.65 -0.57
N GLU A 57 3.77 16.28 -1.28
CA GLU A 57 4.91 16.98 -0.70
C GLU A 57 4.81 18.40 -1.23
N GLY A 58 4.45 19.34 -0.35
CA GLY A 58 4.24 20.74 -0.69
C GLY A 58 3.14 20.89 -1.74
N SER A 59 3.54 21.01 -3.00
CA SER A 59 2.66 21.15 -4.14
C SER A 59 2.96 20.12 -5.23
N LYS A 60 3.68 19.04 -4.93
CA LYS A 60 3.74 17.84 -5.75
C LYS A 60 2.77 16.83 -5.15
N GLU A 61 2.28 15.91 -5.97
CA GLU A 61 1.64 14.66 -5.59
C GLU A 61 2.31 13.62 -6.47
N PHE A 62 2.52 12.44 -5.90
CA PHE A 62 3.31 11.36 -6.47
C PHE A 62 2.78 10.06 -5.88
N GLY A 63 3.14 8.90 -6.42
CA GLY A 63 2.68 7.61 -5.92
C GLY A 63 3.80 6.83 -5.24
N VAL A 64 3.44 5.94 -4.32
CA VAL A 64 4.35 5.00 -3.67
C VAL A 64 3.76 3.59 -3.65
N PHE A 65 4.63 2.58 -3.52
CA PHE A 65 4.21 1.21 -3.24
C PHE A 65 4.69 0.78 -1.86
N VAL A 66 4.10 -0.31 -1.37
CA VAL A 66 4.41 -0.92 -0.09
C VAL A 66 4.55 -2.42 -0.34
N THR A 67 5.78 -2.91 -0.28
CA THR A 67 6.12 -4.30 -0.48
C THR A 67 5.82 -5.05 0.80
N ILE A 68 4.91 -6.02 0.74
CA ILE A 68 4.52 -6.86 1.88
C ILE A 68 4.68 -8.30 1.38
N SER A 69 5.82 -8.94 1.63
CA SER A 69 5.93 -10.38 1.49
C SER A 69 5.22 -10.95 2.69
N PHE A 70 4.12 -11.68 2.51
CA PHE A 70 3.46 -12.36 3.61
C PHE A 70 3.25 -13.83 3.28
N ASP A 71 2.78 -14.57 4.27
CA ASP A 71 2.69 -16.01 4.24
C ASP A 71 1.23 -16.44 4.03
N PRO A 72 0.97 -17.51 3.25
CA PRO A 72 -0.38 -17.96 2.98
C PRO A 72 -0.91 -18.95 4.03
N TYR A 73 -0.05 -19.51 4.88
CA TYR A 73 -0.43 -20.50 5.87
C TYR A 73 -1.24 -19.83 6.97
N SER A 74 -0.79 -18.65 7.44
CA SER A 74 -1.20 -18.07 8.70
C SER A 74 -1.24 -16.54 8.64
N GLN A 75 -0.79 -15.91 7.55
CA GLN A 75 -0.52 -14.46 7.52
C GLN A 75 0.44 -14.08 8.65
N LYS A 76 1.56 -14.81 8.75
CA LYS A 76 2.79 -14.12 9.12
C LYS A 76 3.06 -13.14 7.98
N VAL A 77 3.66 -12.01 8.29
CA VAL A 77 4.37 -11.24 7.30
C VAL A 77 5.83 -11.65 7.40
N ASN A 78 6.46 -11.78 6.24
CA ASN A 78 7.75 -12.43 6.06
C ASN A 78 8.85 -11.41 5.84
N LYS A 79 8.55 -10.30 5.16
CA LYS A 79 9.29 -9.04 5.22
C LYS A 79 8.41 -7.91 4.69
N ILE A 80 8.68 -6.68 5.14
CA ILE A 80 8.05 -5.46 4.62
C ILE A 80 9.17 -4.53 4.15
N ALA A 81 9.00 -3.93 2.98
CA ALA A 81 9.84 -2.89 2.40
C ALA A 81 8.95 -1.82 1.77
N ILE A 82 9.53 -0.69 1.38
CA ILE A 82 8.83 0.49 0.85
C ILE A 82 9.48 0.87 -0.48
N LEU A 83 8.74 1.52 -1.38
CA LEU A 83 9.16 1.86 -2.73
C LEU A 83 8.54 3.23 -3.05
N GLU A 84 9.18 4.03 -3.88
CA GLU A 84 8.66 5.33 -4.29
C GLU A 84 8.73 5.45 -5.81
N GLU A 85 7.74 6.13 -6.38
CA GLU A 85 7.78 6.50 -7.78
C GLU A 85 8.81 7.62 -7.96
N TYR A 86 9.43 7.72 -9.14
CA TYR A 86 10.53 8.67 -9.42
C TYR A 86 10.79 8.90 -10.91
N GLN A 87 9.90 8.34 -11.69
CA GLN A 87 9.72 8.37 -13.13
C GLN A 87 10.73 7.51 -13.85
N GLY A 1 -13.85 17.85 -0.62
CA GLY A 1 -13.82 17.14 0.66
C GLY A 1 -14.40 15.75 0.50
N GLU A 2 -13.57 14.76 0.17
CA GLU A 2 -13.89 13.34 0.12
C GLU A 2 -12.60 12.59 0.47
N GLU A 3 -12.69 11.33 0.90
CA GLU A 3 -11.51 10.50 1.20
C GLU A 3 -10.89 9.97 -0.08
N THR A 4 -11.53 9.03 -0.76
CA THR A 4 -10.98 8.32 -1.91
C THR A 4 -12.11 7.98 -2.88
N PRO A 5 -11.81 7.58 -4.14
CA PRO A 5 -12.81 7.28 -5.15
C PRO A 5 -13.41 5.89 -4.92
N LEU A 6 -14.24 5.73 -3.90
CA LEU A 6 -14.81 4.48 -3.44
C LEU A 6 -16.20 4.71 -2.84
N VAL A 7 -17.01 5.43 -3.61
CA VAL A 7 -18.43 5.68 -3.43
C VAL A 7 -19.21 4.40 -3.07
N THR A 8 -18.69 3.23 -3.46
CA THR A 8 -19.23 1.96 -2.99
C THR A 8 -18.10 0.92 -3.05
N ALA A 9 -17.09 1.05 -2.19
CA ALA A 9 -16.08 0.01 -2.06
C ALA A 9 -15.47 0.05 -0.67
N ARG A 10 -16.23 -0.49 0.28
CA ARG A 10 -15.93 -0.50 1.71
C ARG A 10 -15.29 -1.79 2.18
N HIS A 11 -15.43 -2.89 1.43
CA HIS A 11 -14.72 -4.13 1.76
C HIS A 11 -13.32 -4.05 1.20
N MET A 12 -12.29 -4.16 2.06
CA MET A 12 -10.88 -4.18 1.67
C MET A 12 -10.16 -5.37 2.32
N SER A 13 -8.92 -5.63 1.90
CA SER A 13 -8.19 -6.89 2.15
C SER A 13 -7.43 -6.86 3.48
N LYS A 14 -7.04 -8.02 4.04
CA LYS A 14 -6.30 -8.09 5.31
C LYS A 14 -5.11 -7.11 5.37
N TRP A 15 -4.32 -7.07 4.31
CA TRP A 15 -3.07 -6.32 4.27
C TRP A 15 -3.28 -4.84 3.91
N GLU A 16 -4.52 -4.39 3.68
CA GLU A 16 -4.76 -3.06 3.14
C GLU A 16 -4.33 -2.01 4.15
N GLU A 17 -4.77 -2.15 5.39
CA GLU A 17 -4.60 -1.12 6.35
C GLU A 17 -3.15 -0.97 6.72
N ILE A 18 -2.39 -2.08 6.70
CA ILE A 18 -0.96 -2.16 6.88
C ILE A 18 -0.31 -1.32 5.77
N ALA A 19 -0.70 -1.55 4.51
CA ALA A 19 -0.12 -0.83 3.40
C ALA A 19 -0.40 0.68 3.48
N VAL A 20 -1.59 1.11 3.93
CA VAL A 20 -1.85 2.54 4.07
C VAL A 20 -0.89 3.11 5.10
N LYS A 21 -0.76 2.54 6.31
CA LYS A 21 0.01 3.21 7.35
C LYS A 21 1.48 3.32 6.98
N GLU A 22 2.09 2.33 6.32
CA GLU A 22 3.48 2.46 5.91
C GLU A 22 3.64 3.66 4.97
N ALA A 23 2.85 3.70 3.89
CA ALA A 23 2.92 4.75 2.88
C ALA A 23 2.52 6.13 3.43
N LYS A 24 1.77 6.23 4.54
CA LYS A 24 1.46 7.52 5.15
C LYS A 24 2.53 7.92 6.18
N LYS A 25 3.20 6.96 6.84
CA LYS A 25 4.03 7.24 8.01
C LYS A 25 5.47 7.49 7.62
N ARG A 26 6.04 6.67 6.74
CA ARG A 26 7.42 6.79 6.24
C ARG A 26 7.67 8.09 5.47
N TYR A 27 6.66 8.96 5.34
CA TYR A 27 6.59 10.09 4.46
C TYR A 27 6.08 11.21 5.36
N PRO A 28 6.99 11.88 6.07
CA PRO A 28 6.70 13.07 6.84
C PRO A 28 6.80 14.31 5.96
N LEU A 29 7.45 14.21 4.79
CA LEU A 29 7.55 15.24 3.78
C LEU A 29 6.68 14.79 2.61
N ALA A 30 5.46 14.32 2.89
CA ALA A 30 4.37 14.19 1.95
C ALA A 30 3.12 13.77 2.72
N GLN A 31 1.98 13.69 2.02
CA GLN A 31 0.73 13.13 2.48
C GLN A 31 0.26 12.12 1.45
N VAL A 32 -0.60 11.19 1.85
CA VAL A 32 -1.18 10.23 0.93
C VAL A 32 -2.59 10.68 0.51
N LEU A 33 -2.89 10.61 -0.78
CA LEU A 33 -4.18 11.02 -1.35
C LEU A 33 -5.06 9.82 -1.72
N PHE A 34 -4.51 8.60 -1.74
CA PHE A 34 -5.08 7.47 -2.46
C PHE A 34 -5.05 6.20 -1.60
N LYS A 35 -5.91 5.21 -1.85
CA LYS A 35 -5.97 3.94 -1.11
C LYS A 35 -6.48 2.81 -2.00
N GLN A 36 -5.61 2.15 -2.76
CA GLN A 36 -6.00 1.06 -3.67
C GLN A 36 -4.95 -0.05 -3.69
N LYS A 37 -5.39 -1.27 -3.38
CA LYS A 37 -4.67 -2.50 -3.68
C LYS A 37 -4.70 -2.68 -5.18
N VAL A 38 -3.57 -3.08 -5.76
CA VAL A 38 -3.46 -3.28 -7.20
C VAL A 38 -2.90 -4.66 -7.55
N TRP A 39 -2.44 -5.45 -6.56
CA TRP A 39 -1.72 -6.69 -6.83
C TRP A 39 -1.91 -7.70 -5.69
N ASP A 40 -2.46 -8.88 -5.99
CA ASP A 40 -2.80 -9.92 -5.02
C ASP A 40 -2.53 -11.33 -5.56
N ARG A 41 -1.28 -11.60 -5.93
CA ARG A 41 -0.80 -12.94 -6.31
C ARG A 41 -0.58 -13.82 -5.06
N LYS A 42 -0.09 -15.06 -5.22
CA LYS A 42 0.42 -15.87 -4.12
C LYS A 42 1.57 -16.75 -4.61
N ARG A 43 2.31 -17.40 -3.71
CA ARG A 43 3.24 -18.50 -4.01
C ARG A 43 2.62 -19.80 -3.48
N LYS A 44 3.33 -20.93 -3.53
CA LYS A 44 2.82 -22.17 -2.91
C LYS A 44 2.96 -22.07 -1.39
N ASP A 45 4.01 -21.42 -0.91
CA ASP A 45 4.46 -21.48 0.47
C ASP A 45 4.75 -20.08 1.03
N GLU A 46 4.53 -19.05 0.22
CA GLU A 46 4.72 -17.66 0.58
C GLU A 46 3.63 -16.88 -0.17
N ALA A 47 3.55 -15.58 0.05
CA ALA A 47 2.57 -14.72 -0.54
C ALA A 47 3.13 -13.30 -0.49
N VAL A 48 2.61 -12.45 -1.35
CA VAL A 48 2.99 -11.05 -1.43
C VAL A 48 1.69 -10.34 -1.79
N LYS A 49 1.40 -9.22 -1.13
CA LYS A 49 0.27 -8.34 -1.40
C LYS A 49 0.91 -6.98 -1.64
N GLN A 50 0.61 -6.29 -2.75
CA GLN A 50 1.32 -5.07 -3.11
C GLN A 50 0.31 -4.01 -3.52
N TYR A 51 0.65 -2.77 -3.18
CA TYR A 51 -0.21 -1.59 -3.24
C TYR A 51 0.64 -0.47 -3.81
N HIS A 52 -0.06 0.55 -4.32
CA HIS A 52 0.49 1.71 -4.99
C HIS A 52 -0.37 2.86 -4.48
N LEU A 53 0.20 3.77 -3.70
CA LEU A 53 -0.49 4.97 -3.23
C LEU A 53 0.20 6.18 -3.85
N THR A 54 -0.57 7.19 -4.25
CA THR A 54 -0.03 8.48 -4.64
C THR A 54 0.26 9.28 -3.36
N LEU A 55 1.47 9.85 -3.25
CA LEU A 55 1.81 10.87 -2.26
C LEU A 55 1.79 12.26 -2.93
N ARG A 56 1.67 13.32 -2.13
CA ARG A 56 1.84 14.73 -2.51
C ARG A 56 2.76 15.37 -1.49
N GLU A 57 3.76 16.12 -1.94
CA GLU A 57 4.51 17.06 -1.14
C GLU A 57 4.53 18.39 -1.88
N GLY A 58 3.94 19.42 -1.27
CA GLY A 58 4.04 20.81 -1.71
C GLY A 58 3.45 20.99 -3.09
N SER A 59 4.28 21.01 -4.12
CA SER A 59 3.91 21.22 -5.52
C SER A 59 4.29 20.02 -6.41
N LYS A 60 4.37 18.80 -5.84
CA LYS A 60 4.60 17.56 -6.55
C LYS A 60 3.66 16.50 -6.01
N GLU A 61 3.09 15.70 -6.91
CA GLU A 61 2.56 14.38 -6.64
C GLU A 61 3.56 13.37 -7.19
N PHE A 62 3.71 12.23 -6.52
CA PHE A 62 4.58 11.13 -6.92
C PHE A 62 3.93 9.84 -6.42
N GLY A 63 4.09 8.75 -7.16
CA GLY A 63 3.65 7.46 -6.66
C GLY A 63 4.69 6.88 -5.71
N VAL A 64 4.25 6.04 -4.78
CA VAL A 64 5.13 5.11 -4.09
C VAL A 64 4.47 3.73 -4.10
N PHE A 65 5.25 2.70 -3.79
CA PHE A 65 4.78 1.33 -3.76
C PHE A 65 5.15 0.68 -2.43
N VAL A 66 4.44 -0.41 -2.11
CA VAL A 66 4.44 -1.03 -0.79
C VAL A 66 4.68 -2.51 -1.00
N THR A 67 5.64 -3.09 -0.27
CA THR A 67 6.12 -4.45 -0.45
C THR A 67 5.90 -5.20 0.86
N ILE A 68 4.99 -6.18 0.87
CA ILE A 68 4.57 -6.93 2.04
C ILE A 68 4.74 -8.40 1.64
N SER A 69 5.76 -9.06 2.16
CA SER A 69 6.02 -10.49 1.95
C SER A 69 5.45 -11.22 3.17
N PHE A 70 4.56 -12.20 2.99
CA PHE A 70 3.89 -12.89 4.09
C PHE A 70 3.73 -14.37 3.76
N ASP A 71 3.32 -15.20 4.73
CA ASP A 71 3.19 -16.64 4.52
C ASP A 71 1.69 -16.97 4.41
N PRO A 72 1.27 -17.89 3.53
CA PRO A 72 -0.12 -18.33 3.46
C PRO A 72 -0.47 -19.35 4.55
N TYR A 73 0.52 -19.99 5.18
CA TYR A 73 0.34 -20.93 6.27
C TYR A 73 -0.46 -20.21 7.36
N SER A 74 0.05 -19.06 7.85
CA SER A 74 -0.54 -18.39 9.01
C SER A 74 -0.42 -16.85 8.99
N GLN A 75 -0.08 -16.21 7.87
CA GLN A 75 0.01 -14.75 7.76
C GLN A 75 0.97 -14.21 8.80
N LYS A 76 2.05 -14.97 9.01
CA LYS A 76 3.27 -14.39 9.50
C LYS A 76 3.78 -13.51 8.38
N VAL A 77 4.33 -12.37 8.73
CA VAL A 77 4.90 -11.40 7.80
C VAL A 77 6.39 -11.72 7.76
N ASN A 78 6.91 -12.03 6.58
CA ASN A 78 8.26 -12.51 6.38
C ASN A 78 9.21 -11.34 6.21
N LYS A 79 8.83 -10.35 5.40
CA LYS A 79 9.47 -9.03 5.35
C LYS A 79 8.42 -7.97 5.04
N ILE A 80 8.77 -6.71 5.30
CA ILE A 80 8.05 -5.53 4.83
C ILE A 80 9.10 -4.55 4.30
N ALA A 81 8.83 -3.87 3.19
CA ALA A 81 9.63 -2.77 2.66
C ALA A 81 8.72 -1.74 1.96
N ILE A 82 9.27 -0.59 1.59
CA ILE A 82 8.60 0.51 0.90
C ILE A 82 9.50 0.93 -0.27
N LEU A 83 8.92 1.39 -1.37
CA LEU A 83 9.58 1.74 -2.62
C LEU A 83 9.09 3.11 -3.02
N GLU A 84 9.97 3.99 -3.48
CA GLU A 84 9.64 5.35 -3.89
C GLU A 84 9.91 5.49 -5.38
N GLU A 85 8.97 6.09 -6.10
CA GLU A 85 9.18 6.50 -7.48
C GLU A 85 9.97 7.81 -7.51
N TYR A 86 10.53 8.13 -8.67
CA TYR A 86 11.28 9.34 -9.00
C TYR A 86 11.19 9.53 -10.51
N GLN A 87 11.48 10.73 -11.00
CA GLN A 87 11.50 11.08 -12.42
C GLN A 87 12.26 12.40 -12.60
#